data_5AM9
#
_entry.id   5AM9
#
_cell.length_a   73.348
_cell.length_b   101.800
_cell.length_c   113.950
_cell.angle_alpha   85.04
_cell.angle_beta   85.55
_cell.angle_gamma   81.88
#
_symmetry.space_group_name_H-M   'P 1'
#
loop_
_entity.id
_entity.type
_entity.pdbx_description
1 polymer 'ANGIOTENSIN-CONVERTING ENZYME'
2 branched beta-L-fucopyranose-(1-6)-2-acetamido-2-deoxy-beta-D-glucopyranose
3 branched 2-acetamido-2-deoxy-beta-D-glucopyranose-(1-4)-2-acetamido-2-deoxy-beta-D-glucopyranose
4 branched alpha-D-mannopyranose-(1-4)-2-acetamido-2-deoxy-beta-D-glucopyranose-(1-4)-2-acetamido-2-deoxy-beta-D-glucopyranose
5 branched alpha-L-fucopyranose-(1-6)-2-acetamido-2-deoxy-beta-D-glucopyranose
6 branched beta-D-mannopyranose-(1-4)-2-acetamido-2-deoxy-beta-D-glucopyranose-(1-4)-[alpha-L-fucopyranose-(1-6)]2-acetamido-2-deoxy-beta-D-glucopyranose
7 non-polymer GLUTAMINE
8 non-polymer LYSINE
9 non-polymer 'ZINC ION'
10 non-polymer 'CHLORIDE ION'
11 non-polymer 'SODIUM ION'
12 non-polymer DI(HYDROXYETHYL)ETHER
13 non-polymer 'HEXAETHYLENE GLYCOL'
14 non-polymer 'GLUTAMIC ACID'
15 non-polymer VALINE
16 non-polymer 'CALCIUM ION'
17 water water
#
_entity_poly.entity_id   1
_entity_poly.type   'polypeptide(L)'
_entity_poly.pdbx_seq_one_letter_code
;LDPGLQPGQFSADEAGAQLFAQSYQSSAEQVLFQSVAASWAHDTNITAENARRQEEAALLSQEFAEAWGQKAKELYEPIW
QQFTDPQLRRIIGAVRTLGSANLPLAKRQQYNALLSQMSRIYSTAKVCLPQKTATCWSLDPDLTNILASSRSYAMLLFAW
EGWHNAAGIPLKPLYEDFTALSNEAYKQDGFTDTGAYWRSWYNSPTFEDDLEHLYQQLEPLYLNLHAFVRRALHRRYGDR
YINLRGPIPAHLLGDMWAQSWENIYDMVVPFPDKPNLDVTSTMLQQGWQATHMFRVAEEFFTSLELSPMPPEFWEGSMLE
KPADGREVVCHASAWDFYNRKDFRIKQCTRVTMDQLSTVHHEMGHIQYYLQYKDLPVSLRRGANPGFHEAIGDVLALSVS
TPEHLHKIGLLDRVTNDTESDINYLLKMALEKIAFLPFGYLVDQWRWGVFSGRTPPSRYNFDWWYLRTKYQGICPPVTRN
ETHFDAGAKFHVPNVTPYIRYFVSFVLQFQFHEALCKEAGYEGPLHQCDIYRSTKAGAKLRKVLRAGSSRPWQEVLKDMV
GLDALDAQPLLKYFQLVTQWLQEQNQQNGEVLGWPEYQWHPPLPDNYPEGIDLVTDEAEASKFVEEYDL
;
_entity_poly.pdbx_strand_id   A,B,C,D
#
loop_
_chem_comp.id
_chem_comp.type
_chem_comp.name
_chem_comp.formula
BMA D-saccharide, beta linking beta-D-mannopyranose 'C6 H12 O6'
CA non-polymer 'CALCIUM ION' 'Ca 2'
CL non-polymer 'CHLORIDE ION' 'Cl -1'
FUC L-saccharide, alpha linking alpha-L-fucopyranose 'C6 H12 O5'
FUL L-saccharide, beta linking beta-L-fucopyranose 'C6 H12 O5'
MAN D-saccharide, alpha linking alpha-D-mannopyranose 'C6 H12 O6'
NA non-polymer 'SODIUM ION' 'Na 1'
NAG D-saccharide, beta linking 2-acetamido-2-deoxy-beta-D-glucopyranose 'C8 H15 N O6'
P6G non-polymer 'HEXAETHYLENE GLYCOL' 'C12 H26 O7'
PEG non-polymer DI(HYDROXYETHYL)ETHER 'C4 H10 O3'
ZN non-polymer 'ZINC ION' 'Zn 2'
#
# COMPACT_ATOMS: atom_id res chain seq x y z
N LEU A 1 5.91 19.63 4.10
CA LEU A 1 6.79 18.57 3.53
C LEU A 1 7.12 17.56 4.61
N ASP A 2 6.89 16.27 4.33
CA ASP A 2 7.27 15.20 5.25
C ASP A 2 8.73 15.35 5.69
N PRO A 3 9.00 15.19 6.99
CA PRO A 3 10.36 15.22 7.53
C PRO A 3 11.39 14.36 6.79
N GLY A 4 10.99 13.19 6.33
CA GLY A 4 11.88 12.29 5.55
C GLY A 4 12.32 12.82 4.20
N LEU A 5 11.57 13.77 3.66
CA LEU A 5 11.90 14.47 2.40
C LEU A 5 12.60 15.84 2.62
N GLN A 6 12.83 16.22 3.88
CA GLN A 6 13.47 17.47 4.23
C GLN A 6 15.00 17.31 4.17
N PRO A 7 15.73 18.31 3.65
CA PRO A 7 17.19 18.20 3.70
C PRO A 7 17.74 18.35 5.13
N GLY A 8 18.69 17.49 5.52
CA GLY A 8 19.36 17.58 6.82
C GLY A 8 20.58 18.48 6.76
N GLN A 9 21.60 18.15 7.57
CA GLN A 9 22.80 18.99 7.73
C GLN A 9 23.93 18.46 6.88
N PHE A 10 24.59 19.36 6.17
CA PHE A 10 25.74 19.02 5.32
C PHE A 10 26.76 20.14 5.41
N SER A 11 28.04 19.76 5.37
CA SER A 11 29.11 20.73 5.44
C SER A 11 29.16 21.60 4.19
N ALA A 12 29.59 22.86 4.35
CA ALA A 12 29.64 23.82 3.24
C ALA A 12 30.98 23.74 2.50
N ASP A 13 31.29 22.54 1.99
CA ASP A 13 32.53 22.26 1.23
C ASP A 13 32.20 21.24 0.15
N GLU A 14 33.11 21.01 -0.80
CA GLU A 14 32.82 20.13 -1.93
C GLU A 14 32.43 18.70 -1.47
N ALA A 15 33.08 18.22 -0.42
CA ALA A 15 32.81 16.88 0.15
C ALA A 15 31.37 16.76 0.66
N GLY A 16 30.96 17.75 1.45
CA GLY A 16 29.57 17.83 1.94
C GLY A 16 28.53 17.95 0.83
N ALA A 17 28.86 18.71 -0.22
CA ALA A 17 28.01 18.84 -1.39
C ALA A 17 27.76 17.49 -2.07
N GLN A 18 28.79 16.62 -2.10
CA GLN A 18 28.60 15.24 -2.60
C GLN A 18 27.56 14.48 -1.81
N LEU A 19 27.62 14.63 -0.48
CA LEU A 19 26.68 14.00 0.41
C LEU A 19 25.30 14.61 0.25
N PHE A 20 25.25 15.93 0.12
CA PHE A 20 23.99 16.64 -0.14
C PHE A 20 23.33 16.10 -1.43
N ALA A 21 24.11 16.00 -2.49
CA ALA A 21 23.63 15.52 -3.78
C ALA A 21 23.07 14.10 -3.68
N GLN A 22 23.79 13.25 -2.93
CA GLN A 22 23.33 11.88 -2.70
C GLN A 22 22.05 11.82 -1.88
N SER A 23 21.93 12.70 -0.88
CA SER A 23 20.72 12.73 -0.08
C SER A 23 19.53 13.29 -0.87
N TYR A 24 19.77 14.33 -1.68
CA TYR A 24 18.75 14.84 -2.61
C TYR A 24 18.23 13.71 -3.52
N GLN A 25 19.14 13.02 -4.17
CA GLN A 25 18.82 11.86 -5.06
C GLN A 25 17.90 10.84 -4.37
N SER A 26 18.23 10.53 -3.13
CA SER A 26 17.53 9.57 -2.29
C SER A 26 16.05 9.89 -2.06
N SER A 27 15.68 11.17 -2.04
CA SER A 27 14.28 11.57 -1.90
C SER A 27 13.66 12.02 -3.23
N ALA A 28 14.47 12.46 -4.20
CA ALA A 28 13.95 13.04 -5.44
C ALA A 28 13.13 12.04 -6.28
N GLU A 29 13.57 10.77 -6.36
CA GLU A 29 12.86 9.78 -7.20
C GLU A 29 11.39 9.62 -6.79
N GLN A 30 11.12 9.56 -5.49
CA GLN A 30 9.74 9.45 -4.98
C GLN A 30 8.91 10.67 -5.40
N VAL A 31 9.48 11.86 -5.26
CA VAL A 31 8.75 13.10 -5.50
C VAL A 31 8.50 13.30 -6.99
N LEU A 32 9.53 13.08 -7.80
CA LEU A 32 9.39 13.16 -9.26
C LEU A 32 8.43 12.07 -9.78
N PHE A 33 8.53 10.85 -9.26
CA PHE A 33 7.61 9.78 -9.67
C PHE A 33 6.13 10.11 -9.42
N GLN A 34 5.81 10.64 -8.24
CA GLN A 34 4.40 10.93 -7.94
C GLN A 34 3.84 12.05 -8.84
N SER A 35 4.71 12.98 -9.20
CA SER A 35 4.38 14.02 -10.17
C SER A 35 4.17 13.47 -11.60
N VAL A 36 5.11 12.64 -12.08
CA VAL A 36 4.96 12.04 -13.42
C VAL A 36 3.74 11.12 -13.47
N ALA A 37 3.51 10.31 -12.42
CA ALA A 37 2.31 9.44 -12.38
C ALA A 37 1.00 10.23 -12.46
N ALA A 38 0.91 11.32 -11.70
CA ALA A 38 -0.25 12.20 -11.74
C ALA A 38 -0.48 12.83 -13.12
N SER A 39 0.60 13.21 -13.78
CA SER A 39 0.49 13.85 -15.11
C SER A 39 0.05 12.82 -16.10
N TRP A 40 0.57 11.61 -15.98
CA TRP A 40 0.21 10.52 -16.85
C TRP A 40 -1.29 10.22 -16.74
N ALA A 41 -1.76 10.04 -15.52
CA ALA A 41 -3.18 9.78 -15.24
C ALA A 41 -4.08 10.89 -15.79
N HIS A 42 -3.60 12.13 -15.76
CA HIS A 42 -4.33 13.25 -16.39
C HIS A 42 -4.30 13.17 -17.92
N ASP A 43 -3.10 13.07 -18.48
CA ASP A 43 -2.91 13.14 -19.94
C ASP A 43 -3.51 11.97 -20.73
N THR A 44 -3.69 10.82 -20.07
CA THR A 44 -4.36 9.68 -20.70
C THR A 44 -5.84 9.63 -20.30
N ASN A 45 -6.35 10.65 -19.62
CA ASN A 45 -7.71 10.64 -19.08
C ASN A 45 -8.03 12.04 -18.51
N ILE A 46 -8.26 12.99 -19.41
CA ILE A 46 -8.41 14.40 -18.98
C ILE A 46 -9.77 14.55 -18.25
N THR A 47 -9.73 14.84 -16.96
CA THR A 47 -10.91 15.16 -16.18
C THR A 47 -10.53 16.22 -15.18
N ALA A 48 -11.52 16.88 -14.61
CA ALA A 48 -11.28 17.91 -13.60
C ALA A 48 -10.62 17.30 -12.35
N GLU A 49 -11.03 16.08 -12.01
CA GLU A 49 -10.49 15.40 -10.85
C GLU A 49 -9.03 15.02 -11.08
N ASN A 50 -8.72 14.54 -12.28
CA ASN A 50 -7.32 14.24 -12.57
C ASN A 50 -6.40 15.46 -12.63
N ALA A 51 -6.94 16.60 -13.07
CA ALA A 51 -6.17 17.83 -13.07
C ALA A 51 -5.92 18.28 -11.65
N ARG A 52 -6.95 18.16 -10.81
CA ARG A 52 -6.81 18.47 -9.39
C ARG A 52 -5.69 17.65 -8.77
N ARG A 53 -5.69 16.33 -9.04
CA ARG A 53 -4.66 15.45 -8.50
C ARG A 53 -3.27 15.84 -9.03
N GLN A 54 -3.18 16.17 -10.31
CA GLN A 54 -1.90 16.54 -10.92
C GLN A 54 -1.37 17.83 -10.28
N GLU A 55 -2.27 18.78 -10.08
CA GLU A 55 -1.92 20.03 -9.42
C GLU A 55 -1.46 19.83 -7.97
N GLU A 56 -2.10 18.91 -7.26
CA GLU A 56 -1.71 18.57 -5.89
C GLU A 56 -0.29 18.03 -5.89
N ALA A 57 0.00 17.10 -6.80
CA ALA A 57 1.35 16.56 -6.97
C ALA A 57 2.37 17.63 -7.36
N ALA A 58 1.96 18.53 -8.25
CA ALA A 58 2.85 19.61 -8.71
C ALA A 58 3.26 20.48 -7.53
N LEU A 59 2.31 20.75 -6.62
CA LEU A 59 2.60 21.53 -5.37
C LEU A 59 3.59 20.85 -4.41
N LEU A 60 3.45 19.55 -4.23
CA LEU A 60 4.40 18.79 -3.45
C LEU A 60 5.79 18.91 -4.11
N SER A 61 5.89 18.73 -5.42
CA SER A 61 7.18 18.92 -6.11
C SER A 61 7.78 20.31 -5.88
N GLN A 62 6.96 21.35 -5.91
CA GLN A 62 7.44 22.70 -5.64
C GLN A 62 7.93 22.88 -4.18
N GLU A 63 7.15 22.38 -3.23
CA GLU A 63 7.59 22.34 -1.82
C GLU A 63 8.97 21.70 -1.66
N PHE A 64 9.13 20.53 -2.26
CA PHE A 64 10.40 19.79 -2.25
C PHE A 64 11.53 20.61 -2.88
N ALA A 65 11.29 21.19 -4.04
CA ALA A 65 12.31 21.94 -4.76
C ALA A 65 12.70 23.19 -3.99
N GLU A 66 11.71 23.85 -3.36
CA GLU A 66 12.03 24.98 -2.47
C GLU A 66 12.96 24.54 -1.34
N ALA A 67 12.61 23.46 -0.64
CA ALA A 67 13.36 23.06 0.56
C ALA A 67 14.81 22.74 0.19
N TRP A 68 15.00 21.99 -0.89
CA TRP A 68 16.34 21.59 -1.30
C TRP A 68 17.08 22.72 -2.01
N GLY A 69 16.38 23.48 -2.84
CA GLY A 69 16.99 24.61 -3.53
C GLY A 69 17.49 25.68 -2.58
N GLN A 70 16.66 26.09 -1.62
CA GLN A 70 17.11 26.98 -0.54
C GLN A 70 18.34 26.43 0.18
N LYS A 71 18.33 25.13 0.48
CA LYS A 71 19.45 24.54 1.21
C LYS A 71 20.73 24.60 0.36
N ALA A 72 20.64 24.16 -0.89
CA ALA A 72 21.73 24.26 -1.87
C ALA A 72 22.39 25.64 -1.92
N LYS A 73 21.58 26.70 -1.98
CA LYS A 73 22.09 28.08 -2.03
C LYS A 73 22.72 28.52 -0.71
N GLU A 74 22.04 28.22 0.38
CA GLU A 74 22.52 28.53 1.72
C GLU A 74 23.88 27.91 1.97
N LEU A 75 24.05 26.63 1.60
CA LEU A 75 25.34 25.94 1.78
C LEU A 75 26.39 26.30 0.72
N TYR A 76 25.98 26.38 -0.55
CA TYR A 76 26.92 26.30 -1.68
C TYR A 76 26.90 27.41 -2.73
N GLU A 77 25.99 28.37 -2.65
CA GLU A 77 25.82 29.34 -3.78
C GLU A 77 27.13 30.05 -4.19
N PRO A 78 27.92 30.55 -3.22
CA PRO A 78 29.23 31.07 -3.66
C PRO A 78 30.10 29.96 -4.32
N ILE A 79 30.51 28.99 -3.52
CA ILE A 79 31.56 28.02 -3.87
C ILE A 79 31.25 26.97 -4.94
N TRP A 80 29.98 26.65 -5.20
CA TRP A 80 29.64 25.50 -6.09
C TRP A 80 30.26 25.57 -7.46
N GLN A 81 30.35 26.76 -8.04
CA GLN A 81 30.90 26.92 -9.40
C GLN A 81 32.38 26.58 -9.49
N GLN A 82 33.08 26.66 -8.36
CA GLN A 82 34.51 26.32 -8.25
C GLN A 82 34.81 24.84 -7.93
N PHE A 83 33.78 23.99 -7.78
CA PHE A 83 34.00 22.57 -7.50
C PHE A 83 34.72 21.88 -8.65
N THR A 84 35.59 20.93 -8.32
CA THR A 84 36.40 20.14 -9.28
C THR A 84 35.65 19.03 -9.98
N ASP A 85 34.54 18.60 -9.41
CA ASP A 85 33.78 17.50 -9.97
C ASP A 85 32.71 18.16 -10.87
N PRO A 86 32.82 17.95 -12.20
CA PRO A 86 31.85 18.58 -13.12
C PRO A 86 30.41 18.03 -13.01
N GLN A 87 30.23 16.75 -12.69
CA GLN A 87 28.89 16.21 -12.44
C GLN A 87 28.25 16.83 -11.19
N LEU A 88 29.04 16.99 -10.14
CA LEU A 88 28.57 17.61 -8.92
C LEU A 88 28.17 19.05 -9.20
N ARG A 89 28.97 19.78 -9.98
CA ARG A 89 28.63 21.16 -10.32
C ARG A 89 27.27 21.22 -11.00
N ARG A 90 27.06 20.33 -11.97
CA ARG A 90 25.80 20.25 -12.71
C ARG A 90 24.61 19.90 -11.82
N ILE A 91 24.80 19.01 -10.84
CA ILE A 91 23.71 18.65 -9.94
C ILE A 91 23.34 19.81 -9.07
N ILE A 92 24.33 20.41 -8.42
CA ILE A 92 24.10 21.53 -7.53
C ILE A 92 23.53 22.72 -8.31
N GLY A 93 24.08 22.97 -9.51
CA GLY A 93 23.53 23.96 -10.46
C GLY A 93 22.04 23.78 -10.72
N ALA A 94 21.61 22.55 -10.98
CA ALA A 94 20.20 22.24 -11.17
C ALA A 94 19.36 22.46 -9.89
N VAL A 95 19.85 21.98 -8.75
CA VAL A 95 19.05 22.06 -7.53
C VAL A 95 18.83 23.50 -7.05
N ARG A 96 19.80 24.38 -7.27
CA ARG A 96 19.66 25.78 -6.84
C ARG A 96 18.68 26.61 -7.68
N THR A 97 18.24 26.08 -8.82
CA THR A 97 17.21 26.69 -9.70
C THR A 97 15.83 26.22 -9.24
N LEU A 98 15.07 27.08 -8.57
CA LEU A 98 13.76 26.69 -8.04
C LEU A 98 12.60 26.77 -9.04
N GLY A 99 12.74 27.57 -10.11
CA GLY A 99 11.65 27.80 -11.07
C GLY A 99 10.39 28.22 -10.35
N SER A 100 9.26 27.60 -10.71
CA SER A 100 7.94 27.95 -10.14
C SER A 100 7.84 27.82 -8.61
N ALA A 101 8.74 27.06 -7.99
CA ALA A 101 8.82 26.97 -6.53
C ALA A 101 9.29 28.28 -5.88
N ASN A 102 9.81 29.24 -6.67
CA ASN A 102 10.02 30.61 -6.17
C ASN A 102 8.74 31.39 -5.91
N LEU A 103 7.65 31.00 -6.54
CA LEU A 103 6.41 31.75 -6.39
C LEU A 103 5.80 31.50 -5.01
N PRO A 104 5.15 32.52 -4.45
CA PRO A 104 4.36 32.25 -3.25
C PRO A 104 3.23 31.25 -3.52
N LEU A 105 2.73 30.68 -2.44
CA LEU A 105 1.80 29.56 -2.54
C LEU A 105 0.60 29.81 -3.47
N ALA A 106 -0.04 30.96 -3.33
CA ALA A 106 -1.24 31.27 -4.10
C ALA A 106 -0.92 31.32 -5.61
N LYS A 107 0.22 31.92 -5.94
CA LYS A 107 0.68 31.95 -7.32
C LYS A 107 1.13 30.61 -7.82
N ARG A 108 1.72 29.75 -6.97
CA ARG A 108 2.06 28.39 -7.39
C ARG A 108 0.78 27.71 -7.86
N GLN A 109 -0.25 27.80 -7.04
CA GLN A 109 -1.57 27.23 -7.37
C GLN A 109 -2.15 27.81 -8.65
N GLN A 110 -2.03 29.12 -8.81
CA GLN A 110 -2.49 29.77 -10.04
C GLN A 110 -1.74 29.23 -11.30
N TYR A 111 -0.41 29.19 -11.20
CA TYR A 111 0.47 28.63 -12.21
C TYR A 111 0.13 27.16 -12.58
N ASN A 112 0.00 26.32 -11.58
CA ASN A 112 -0.31 24.92 -11.81
C ASN A 112 -1.69 24.77 -12.50
N ALA A 113 -2.65 25.57 -12.07
CA ALA A 113 -3.98 25.52 -12.66
C ALA A 113 -3.96 26.00 -14.12
N LEU A 114 -3.13 27.00 -14.41
CA LEU A 114 -3.03 27.50 -15.80
C LEU A 114 -2.51 26.41 -16.69
N LEU A 115 -1.52 25.64 -16.22
CA LEU A 115 -0.96 24.55 -17.01
C LEU A 115 -2.05 23.52 -17.28
N SER A 116 -2.85 23.15 -16.27
CA SER A 116 -3.95 22.19 -16.47
C SER A 116 -4.96 22.70 -17.48
N GLN A 117 -5.37 23.95 -17.32
CA GLN A 117 -6.44 24.48 -18.17
C GLN A 117 -5.98 24.71 -19.60
N MET A 118 -4.74 25.17 -19.78
CA MET A 118 -4.20 25.31 -21.15
C MET A 118 -4.13 23.96 -21.80
N SER A 119 -3.67 22.94 -21.07
CA SER A 119 -3.57 21.60 -21.64
C SER A 119 -4.93 21.11 -22.04
N ARG A 120 -5.94 21.32 -21.17
CA ARG A 120 -7.31 20.91 -21.46
C ARG A 120 -7.83 21.56 -22.73
N ILE A 121 -7.68 22.88 -22.82
CA ILE A 121 -8.24 23.63 -23.93
C ILE A 121 -7.68 23.13 -25.27
N TYR A 122 -6.35 23.01 -25.36
CA TYR A 122 -5.72 22.54 -26.58
C TYR A 122 -6.15 21.10 -26.92
N SER A 123 -6.05 20.18 -25.97
CA SER A 123 -6.24 18.76 -26.30
C SER A 123 -7.73 18.34 -26.40
N THR A 124 -8.67 19.16 -25.91
CA THR A 124 -10.13 18.88 -26.07
C THR A 124 -10.83 19.79 -27.09
N ALA A 125 -10.11 20.70 -27.73
CA ALA A 125 -10.72 21.58 -28.73
C ALA A 125 -11.20 20.78 -29.94
N LYS A 126 -12.34 21.20 -30.49
CA LYS A 126 -13.01 20.54 -31.61
C LYS A 126 -13.51 21.52 -32.67
N VAL A 127 -13.65 21.05 -33.90
CA VAL A 127 -14.30 21.80 -34.97
C VAL A 127 -15.62 21.13 -35.36
N CYS A 128 -16.75 21.84 -35.16
CA CYS A 128 -18.10 21.32 -35.44
C CYS A 128 -18.60 21.82 -36.80
N LEU A 129 -19.21 20.92 -37.58
CA LEU A 129 -19.39 21.11 -39.04
C LEU A 129 -20.73 21.73 -39.40
N THR A 135 -21.76 15.99 -34.49
CA THR A 135 -20.52 15.56 -35.14
C THR A 135 -19.50 16.72 -35.15
N CYS A 136 -18.41 16.57 -34.38
CA CYS A 136 -17.33 17.55 -34.35
C CYS A 136 -16.00 16.85 -34.56
N TRP A 137 -15.11 17.49 -35.31
CA TRP A 137 -13.80 16.95 -35.61
C TRP A 137 -12.75 17.24 -34.54
N SER A 138 -11.99 16.20 -34.17
CA SER A 138 -10.85 16.35 -33.27
C SER A 138 -9.60 16.64 -34.13
N LEU A 139 -8.56 17.20 -33.51
CA LEU A 139 -7.31 17.44 -34.23
C LEU A 139 -6.74 16.11 -34.76
N ASP A 140 -6.67 15.13 -33.88
CA ASP A 140 -6.10 13.82 -34.19
C ASP A 140 -7.20 12.78 -33.91
N PRO A 141 -7.72 12.07 -34.91
CA PRO A 141 -7.23 11.99 -36.29
C PRO A 141 -7.79 12.96 -37.32
N ASP A 142 -8.96 13.54 -37.05
CA ASP A 142 -9.81 14.09 -38.13
C ASP A 142 -9.15 15.22 -38.92
N LEU A 143 -8.81 16.31 -38.24
CA LEU A 143 -8.25 17.50 -38.87
C LEU A 143 -6.86 17.21 -39.41
N THR A 144 -6.08 16.38 -38.74
CA THR A 144 -4.77 15.98 -39.25
C THR A 144 -4.95 15.30 -40.63
N ASN A 145 -5.90 14.35 -40.71
CA ASN A 145 -6.17 13.58 -41.94
C ASN A 145 -6.65 14.49 -43.07
N ILE A 146 -7.54 15.42 -42.74
CA ILE A 146 -8.00 16.38 -43.74
C ILE A 146 -6.84 17.23 -44.28
N LEU A 147 -6.02 17.79 -43.37
CA LEU A 147 -4.88 18.61 -43.78
C LEU A 147 -3.88 17.80 -44.61
N ALA A 148 -3.68 16.54 -44.22
CA ALA A 148 -2.79 15.64 -44.94
C ALA A 148 -3.26 15.25 -46.35
N SER A 149 -4.56 15.02 -46.56
CA SER A 149 -5.00 14.40 -47.82
C SER A 149 -6.08 15.10 -48.64
N SER A 150 -6.89 15.98 -48.03
CA SER A 150 -7.83 16.74 -48.81
C SER A 150 -7.09 17.70 -49.72
N ARG A 151 -7.51 17.74 -50.99
CA ARG A 151 -7.08 18.74 -51.95
C ARG A 151 -8.21 19.70 -52.32
N SER A 152 -9.23 19.77 -51.47
CA SER A 152 -10.28 20.77 -51.62
C SER A 152 -9.86 22.02 -50.86
N TYR A 153 -9.69 23.12 -51.60
CA TYR A 153 -9.28 24.39 -51.01
C TYR A 153 -10.21 24.77 -49.87
N ALA A 154 -11.52 24.67 -50.11
CA ALA A 154 -12.53 25.09 -49.14
C ALA A 154 -12.59 24.20 -47.91
N MET A 155 -12.45 22.90 -48.11
CA MET A 155 -12.39 21.96 -47.00
C MET A 155 -11.19 22.26 -46.11
N LEU A 156 -10.04 22.41 -46.76
CA LEU A 156 -8.79 22.68 -46.10
C LEU A 156 -8.91 23.98 -45.27
N LEU A 157 -9.53 25.01 -45.88
CA LEU A 157 -9.71 26.28 -45.21
C LEU A 157 -10.58 26.16 -43.98
N PHE A 158 -11.71 25.48 -44.12
CA PHE A 158 -12.61 25.26 -43.00
C PHE A 158 -11.90 24.57 -41.84
N ALA A 159 -11.13 23.54 -42.15
CA ALA A 159 -10.34 22.81 -41.16
C ALA A 159 -9.29 23.71 -40.45
N TRP A 160 -8.50 24.40 -41.27
CA TRP A 160 -7.45 25.32 -40.79
C TRP A 160 -8.02 26.43 -39.91
N GLU A 161 -9.02 27.13 -40.44
CA GLU A 161 -9.67 28.22 -39.71
C GLU A 161 -10.38 27.75 -38.46
N GLY A 162 -11.06 26.60 -38.57
CA GLY A 162 -11.80 26.07 -37.44
C GLY A 162 -10.87 25.70 -36.32
N TRP A 163 -9.76 25.03 -36.65
CA TRP A 163 -8.82 24.63 -35.63
C TRP A 163 -8.21 25.87 -34.93
N HIS A 164 -7.68 26.79 -35.73
CA HIS A 164 -7.00 27.97 -35.16
C HIS A 164 -7.91 28.77 -34.25
N ASN A 165 -9.14 28.99 -34.69
CA ASN A 165 -10.14 29.70 -33.86
C ASN A 165 -10.50 28.93 -32.57
N ALA A 166 -10.78 27.64 -32.71
CA ALA A 166 -11.20 26.80 -31.56
C ALA A 166 -10.12 26.67 -30.49
N ALA A 167 -8.90 26.36 -30.89
CA ALA A 167 -7.81 26.18 -29.94
C ALA A 167 -7.23 27.50 -29.47
N GLY A 168 -7.01 28.44 -30.39
CA GLY A 168 -6.26 29.67 -30.12
C GLY A 168 -6.98 30.67 -29.25
N ILE A 169 -8.20 31.01 -29.64
CA ILE A 169 -8.92 32.11 -29.03
C ILE A 169 -9.09 31.96 -27.51
N PRO A 170 -9.61 30.81 -27.05
CA PRO A 170 -9.77 30.69 -25.60
C PRO A 170 -8.46 30.61 -24.80
N LEU A 171 -7.33 30.27 -25.44
CA LEU A 171 -6.07 30.20 -24.74
C LEU A 171 -5.45 31.55 -24.39
N LYS A 172 -5.75 32.59 -25.16
CA LYS A 172 -5.02 33.85 -25.05
C LYS A 172 -4.92 34.46 -23.64
N PRO A 173 -6.06 34.64 -22.93
CA PRO A 173 -5.98 35.19 -21.55
C PRO A 173 -5.14 34.33 -20.60
N LEU A 174 -5.26 33.00 -20.70
CA LEU A 174 -4.47 32.10 -19.88
C LEU A 174 -2.99 32.22 -20.17
N TYR A 175 -2.64 32.31 -21.46
CA TYR A 175 -1.26 32.39 -21.86
C TYR A 175 -0.59 33.65 -21.35
N GLU A 176 -1.34 34.76 -21.36
CA GLU A 176 -0.85 36.01 -20.79
C GLU A 176 -0.48 35.86 -19.33
N ASP A 177 -1.41 35.30 -18.57
CA ASP A 177 -1.19 35.08 -17.14
C ASP A 177 -0.05 34.11 -16.87
N PHE A 178 0.02 33.04 -17.65
CA PHE A 178 1.13 32.08 -17.53
C PHE A 178 2.47 32.78 -17.74
N THR A 179 2.57 33.58 -18.81
CA THR A 179 3.83 34.22 -19.17
C THR A 179 4.32 35.10 -17.99
N ALA A 180 3.43 35.91 -17.41
CA ALA A 180 3.78 36.76 -16.27
C ALA A 180 4.29 35.96 -15.04
N LEU A 181 3.60 34.87 -14.71
CA LEU A 181 3.99 34.03 -13.57
C LEU A 181 5.31 33.28 -13.76
N SER A 182 5.48 32.74 -14.96
CA SER A 182 6.69 32.07 -15.33
C SER A 182 7.86 33.04 -15.20
N ASN A 183 7.74 34.23 -15.78
CA ASN A 183 8.78 35.24 -15.68
C ASN A 183 9.04 35.63 -14.22
N GLU A 184 7.99 35.88 -13.44
CA GLU A 184 8.19 36.17 -12.00
C GLU A 184 9.03 35.08 -11.31
N ALA A 185 8.74 33.83 -11.65
CA ALA A 185 9.38 32.67 -11.02
C ALA A 185 10.88 32.60 -11.33
N TYR A 186 11.19 32.71 -12.62
CA TYR A 186 12.55 32.58 -13.08
C TYR A 186 13.45 33.79 -12.83
N LYS A 187 12.88 34.99 -12.68
CA LYS A 187 13.68 36.15 -12.22
C LYS A 187 14.37 35.89 -10.88
N GLN A 188 13.69 35.20 -9.97
CA GLN A 188 14.25 34.85 -8.67
C GLN A 188 15.41 33.85 -8.73
N ASP A 189 15.57 33.16 -9.86
CA ASP A 189 16.74 32.34 -10.14
C ASP A 189 17.90 33.08 -10.83
N GLY A 190 17.74 34.36 -11.12
CA GLY A 190 18.79 35.15 -11.75
C GLY A 190 18.63 35.44 -13.22
N PHE A 191 17.55 34.92 -13.85
CA PHE A 191 17.34 35.10 -15.30
C PHE A 191 16.48 36.32 -15.59
N THR A 192 16.77 37.04 -16.68
CA THR A 192 15.98 38.25 -17.02
C THR A 192 14.55 37.92 -17.41
N ASP A 193 14.36 36.75 -18.02
CA ASP A 193 13.03 36.22 -18.32
C ASP A 193 13.14 34.68 -18.55
N THR A 194 12.00 34.04 -18.69
CA THR A 194 11.96 32.58 -18.90
C THR A 194 12.68 32.12 -20.16
N GLY A 195 12.62 32.94 -21.19
CA GLY A 195 13.38 32.68 -22.40
C GLY A 195 14.87 32.57 -22.16
N ALA A 196 15.43 33.46 -21.33
CA ALA A 196 16.84 33.38 -20.93
C ALA A 196 17.13 32.06 -20.22
N TYR A 197 16.21 31.60 -19.37
CA TYR A 197 16.39 30.34 -18.67
C TYR A 197 16.41 29.19 -19.68
N TRP A 198 15.46 29.16 -20.60
CA TRP A 198 15.43 28.10 -21.62
C TRP A 198 16.70 28.09 -22.48
N ARG A 199 17.13 29.26 -22.93
CA ARG A 199 18.37 29.36 -23.73
C ARG A 199 19.63 28.93 -22.95
N SER A 200 19.64 29.07 -21.63
CA SER A 200 20.80 28.73 -20.80
C SER A 200 21.17 27.24 -20.86
N TRP A 201 20.20 26.39 -21.21
CA TRP A 201 20.42 24.95 -21.35
C TRP A 201 21.49 24.60 -22.40
N TYR A 202 21.71 25.48 -23.36
CA TYR A 202 22.71 25.25 -24.39
C TYR A 202 24.14 25.68 -23.99
N ASN A 203 24.27 26.37 -22.85
CA ASN A 203 25.55 26.79 -22.31
C ASN A 203 26.48 27.38 -23.38
N SER A 204 25.97 28.33 -24.15
CA SER A 204 26.73 29.01 -25.20
C SER A 204 26.44 30.48 -25.12
N PRO A 205 27.46 31.31 -24.85
CA PRO A 205 27.21 32.77 -24.85
C PRO A 205 26.84 33.31 -26.23
N THR A 206 27.01 32.51 -27.26
CA THR A 206 26.76 32.95 -28.63
C THR A 206 25.61 32.16 -29.31
N PHE A 207 24.75 31.52 -28.51
CA PHE A 207 23.67 30.64 -29.02
C PHE A 207 22.84 31.29 -30.13
N GLU A 208 22.30 32.47 -29.86
CA GLU A 208 21.41 33.13 -30.83
C GLU A 208 22.11 33.50 -32.15
N ASP A 209 23.34 34.02 -32.09
CA ASP A 209 24.12 34.29 -33.32
C ASP A 209 24.45 33.01 -34.06
N ASP A 210 24.76 31.95 -33.32
CA ASP A 210 25.12 30.65 -33.91
C ASP A 210 23.94 30.05 -34.68
N LEU A 211 22.73 30.12 -34.11
CA LEU A 211 21.50 29.68 -34.78
C LEU A 211 21.25 30.52 -36.05
N GLU A 212 21.48 31.83 -35.96
CA GLU A 212 21.30 32.70 -37.11
C GLU A 212 22.25 32.36 -38.25
N HIS A 213 23.53 32.08 -37.93
CA HIS A 213 24.51 31.70 -38.95
CA HIS A 213 24.49 31.70 -38.97
C HIS A 213 24.11 30.38 -39.60
N LEU A 214 23.69 29.41 -38.79
CA LEU A 214 23.21 28.14 -39.33
C LEU A 214 22.06 28.41 -40.29
N TYR A 215 21.08 29.18 -39.85
CA TYR A 215 19.92 29.43 -40.71
C TYR A 215 20.29 30.14 -42.04
N GLN A 216 21.24 31.06 -42.02
CA GLN A 216 21.70 31.69 -43.26
C GLN A 216 22.25 30.70 -44.29
N GLN A 217 22.92 29.66 -43.82
CA GLN A 217 23.36 28.59 -44.73
C GLN A 217 22.21 27.72 -45.26
N LEU A 218 21.21 27.50 -44.42
CA LEU A 218 20.09 26.65 -44.78
C LEU A 218 19.04 27.33 -45.61
N GLU A 219 18.87 28.65 -45.45
CA GLU A 219 17.80 29.40 -46.13
C GLU A 219 17.70 29.16 -47.65
N PRO A 220 18.83 29.21 -48.38
CA PRO A 220 18.68 28.99 -49.85
C PRO A 220 18.05 27.64 -50.22
N LEU A 221 18.31 26.59 -49.45
CA LEU A 221 17.66 25.30 -49.64
C LEU A 221 16.16 25.43 -49.46
N TYR A 222 15.74 26.10 -48.38
CA TYR A 222 14.33 26.37 -48.14
C TYR A 222 13.69 27.19 -49.27
N LEU A 223 14.34 28.28 -49.67
CA LEU A 223 13.78 29.16 -50.71
C LEU A 223 13.50 28.41 -52.01
N ASN A 224 14.39 27.50 -52.36
CA ASN A 224 14.25 26.69 -53.58
C ASN A 224 13.17 25.64 -53.47
N LEU A 225 13.09 24.98 -52.31
CA LEU A 225 12.02 24.04 -52.04
C LEU A 225 10.69 24.76 -52.08
N HIS A 226 10.62 25.88 -51.38
CA HIS A 226 9.41 26.71 -51.32
C HIS A 226 8.94 27.09 -52.73
N ALA A 227 9.84 27.61 -53.55
CA ALA A 227 9.46 28.06 -54.91
C ALA A 227 8.97 26.92 -55.80
N PHE A 228 9.63 25.78 -55.72
CA PHE A 228 9.23 24.55 -56.42
C PHE A 228 7.85 24.05 -55.97
N VAL A 229 7.62 24.02 -54.66
CA VAL A 229 6.32 23.61 -54.16
C VAL A 229 5.22 24.59 -54.53
N ARG A 230 5.49 25.89 -54.38
CA ARG A 230 4.52 26.93 -54.78
C ARG A 230 4.06 26.80 -56.26
N ARG A 231 4.99 26.50 -57.15
CA ARG A 231 4.65 26.29 -58.58
C ARG A 231 3.66 25.14 -58.77
N ALA A 232 3.89 24.01 -58.11
CA ALA A 232 2.96 22.87 -58.14
C ALA A 232 1.58 23.26 -57.63
N LEU A 233 1.57 24.00 -56.51
CA LEU A 233 0.29 24.51 -55.95
C LEU A 233 -0.41 25.43 -56.93
N HIS A 234 0.35 26.28 -57.61
CA HIS A 234 -0.21 27.14 -58.66
C HIS A 234 -0.87 26.36 -59.79
N ARG A 235 -0.22 25.29 -60.24
CA ARG A 235 -0.80 24.37 -61.22
C ARG A 235 -2.09 23.71 -60.71
N ARG A 236 -2.13 23.34 -59.43
CA ARG A 236 -3.27 22.67 -58.85
C ARG A 236 -4.44 23.61 -58.56
N TYR A 237 -4.17 24.76 -57.95
CA TYR A 237 -5.23 25.64 -57.45
C TYR A 237 -5.45 26.91 -58.28
N GLY A 238 -4.51 27.25 -59.16
CA GLY A 238 -4.69 28.40 -60.07
C GLY A 238 -4.29 29.73 -59.48
N ASP A 239 -4.25 30.72 -60.37
CA ASP A 239 -3.70 32.03 -60.11
C ASP A 239 -4.47 32.87 -59.07
N ARG A 240 -5.74 32.58 -58.91
CA ARG A 240 -6.57 33.23 -57.89
C ARG A 240 -6.10 32.92 -56.45
N TYR A 241 -5.69 31.67 -56.21
CA TYR A 241 -5.36 31.20 -54.87
C TYR A 241 -3.86 31.13 -54.58
N ILE A 242 -3.01 31.15 -55.62
CA ILE A 242 -1.56 31.05 -55.45
C ILE A 242 -0.89 32.19 -56.21
N ASN A 243 -0.03 32.93 -55.51
CA ASN A 243 0.72 34.04 -56.05
C ASN A 243 2.14 33.53 -56.17
N LEU A 244 2.64 33.47 -57.40
CA LEU A 244 4.00 32.99 -57.66
C LEU A 244 5.08 33.91 -57.14
N ARG A 245 4.74 35.11 -56.66
CA ARG A 245 5.73 36.01 -55.99
C ARG A 245 5.28 36.41 -54.60
N GLY A 246 4.36 35.65 -54.04
CA GLY A 246 3.79 35.93 -52.74
C GLY A 246 3.90 34.72 -51.83
N PRO A 247 3.54 34.89 -50.55
CA PRO A 247 3.59 33.78 -49.61
C PRO A 247 2.60 32.72 -49.99
N ILE A 248 2.84 31.48 -49.55
CA ILE A 248 1.92 30.37 -49.84
C ILE A 248 0.81 30.37 -48.80
N PRO A 249 -0.46 30.22 -49.22
CA PRO A 249 -1.49 30.09 -48.19
C PRO A 249 -1.23 28.92 -47.21
N ALA A 250 -1.31 29.21 -45.89
CA ALA A 250 -0.82 28.33 -44.81
C ALA A 250 -1.49 26.95 -44.64
N HIS A 251 -2.55 26.70 -45.40
CA HIS A 251 -3.40 25.51 -45.25
C HIS A 251 -3.19 24.47 -46.35
N LEU A 252 -2.26 24.71 -47.27
CA LEU A 252 -2.12 23.90 -48.50
C LEU A 252 -0.94 22.95 -48.53
N LEU A 253 -0.16 22.88 -47.44
CA LEU A 253 1.14 22.21 -47.43
C LEU A 253 1.15 20.90 -46.64
N GLY A 254 -0.04 20.34 -46.39
CA GLY A 254 -0.18 18.98 -45.90
C GLY A 254 -0.29 18.79 -44.41
N ASP A 255 -0.37 19.92 -43.70
CA ASP A 255 -0.07 19.96 -42.27
C ASP A 255 -0.71 21.23 -41.69
N MET A 256 -1.30 21.10 -40.52
CA MET A 256 -2.02 22.18 -39.89
C MET A 256 -1.15 23.43 -39.69
N TRP A 257 0.16 23.25 -39.46
CA TRP A 257 1.10 24.36 -39.19
C TRP A 257 2.05 24.63 -40.34
N ALA A 258 1.80 23.98 -41.48
CA ALA A 258 2.67 24.01 -42.64
C ALA A 258 4.12 23.71 -42.28
N GLN A 259 4.29 22.87 -41.26
CA GLN A 259 5.59 22.69 -40.65
C GLN A 259 6.45 21.65 -41.32
N SER A 260 5.80 20.68 -41.93
CA SER A 260 6.50 19.79 -42.83
C SER A 260 5.54 19.39 -43.94
N TRP A 261 6.10 19.13 -45.11
CA TRP A 261 5.34 19.10 -46.35
C TRP A 261 5.24 17.72 -47.03
N GLU A 262 5.63 16.67 -46.32
CA GLU A 262 5.65 15.31 -46.89
C GLU A 262 4.29 14.83 -47.37
N ASN A 263 3.20 15.30 -46.75
CA ASN A 263 1.87 14.87 -47.17
C ASN A 263 1.41 15.41 -48.52
N ILE A 264 2.13 16.38 -49.10
CA ILE A 264 1.90 16.80 -50.49
C ILE A 264 2.94 16.26 -51.46
N TYR A 265 3.68 15.23 -51.07
CA TYR A 265 4.63 14.57 -51.99
C TYR A 265 3.97 14.08 -53.28
N ASP A 266 2.75 13.54 -53.19
CA ASP A 266 2.04 13.04 -54.37
C ASP A 266 1.60 14.12 -55.37
N MET A 267 1.54 15.38 -54.95
CA MET A 267 1.38 16.51 -55.87
C MET A 267 2.66 17.00 -56.54
N VAL A 268 3.83 16.76 -55.96
CA VAL A 268 5.08 17.38 -56.43
C VAL A 268 6.18 16.42 -56.85
N VAL A 269 6.01 15.14 -56.58
CA VAL A 269 6.95 14.11 -57.05
C VAL A 269 7.25 14.34 -58.54
N PRO A 270 8.53 14.58 -58.91
CA PRO A 270 8.85 14.84 -60.35
C PRO A 270 8.62 13.66 -61.32
N PHE A 271 8.95 12.46 -60.86
CA PHE A 271 8.96 11.26 -61.66
C PHE A 271 7.96 10.23 -61.08
N PRO A 272 6.64 10.49 -61.23
CA PRO A 272 5.60 9.67 -60.56
C PRO A 272 5.47 8.23 -61.04
N ASP A 273 5.89 7.95 -62.27
CA ASP A 273 6.01 6.58 -62.80
C ASP A 273 6.94 5.66 -61.98
N LYS A 274 7.86 6.25 -61.21
CA LYS A 274 8.78 5.50 -60.34
C LYS A 274 8.05 4.87 -59.17
N PRO A 275 8.71 3.96 -58.42
CA PRO A 275 8.05 3.40 -57.23
C PRO A 275 7.62 4.47 -56.23
N ASN A 276 6.43 4.28 -55.68
CA ASN A 276 5.85 5.20 -54.71
C ASN A 276 6.57 5.09 -53.35
N LEU A 277 7.39 6.10 -53.05
CA LEU A 277 8.17 6.11 -51.81
C LEU A 277 7.36 6.29 -50.53
N ASP A 278 6.09 6.68 -50.67
CA ASP A 278 5.16 6.65 -49.56
C ASP A 278 4.60 5.24 -49.43
N VAL A 279 5.05 4.56 -48.39
CA VAL A 279 4.70 3.17 -48.15
C VAL A 279 3.43 2.98 -47.32
N THR A 280 2.65 4.04 -47.08
CA THR A 280 1.43 3.96 -46.26
C THR A 280 0.45 2.87 -46.76
N SER A 281 0.17 2.85 -48.06
CA SER A 281 -0.84 1.90 -48.61
C SER A 281 -0.43 0.45 -48.38
N THR A 282 0.88 0.20 -48.51
CA THR A 282 1.46 -1.11 -48.21
C THR A 282 1.34 -1.47 -46.73
N MET A 283 1.61 -0.51 -45.85
CA MET A 283 1.43 -0.74 -44.42
C MET A 283 -0.01 -1.15 -44.11
N LEU A 284 -0.96 -0.41 -44.70
CA LEU A 284 -2.39 -0.73 -44.52
C LEU A 284 -2.75 -2.11 -45.11
N GLN A 285 -2.32 -2.37 -46.34
CA GLN A 285 -2.63 -3.65 -47.01
C GLN A 285 -2.06 -4.86 -46.22
N GLN A 286 -0.85 -4.73 -45.66
CA GLN A 286 -0.23 -5.80 -44.89
C GLN A 286 -0.75 -5.93 -43.47
N GLY A 287 -1.67 -5.06 -43.05
CA GLY A 287 -2.28 -5.16 -41.73
C GLY A 287 -1.46 -4.65 -40.55
N TRP A 288 -0.55 -3.71 -40.81
CA TRP A 288 0.21 -3.08 -39.70
C TRP A 288 -0.74 -2.36 -38.73
N GLN A 289 -0.54 -2.60 -37.45
CA GLN A 289 -1.18 -1.85 -36.37
C GLN A 289 -0.09 -1.04 -35.65
N ALA A 290 -0.52 -0.22 -34.70
CA ALA A 290 0.38 0.58 -33.86
C ALA A 290 1.49 -0.27 -33.24
N THR A 291 1.07 -1.36 -32.61
CA THR A 291 1.99 -2.22 -31.88
C THR A 291 3.11 -2.81 -32.78
N HIS A 292 2.77 -3.10 -34.04
CA HIS A 292 3.76 -3.59 -35.01
C HIS A 292 4.79 -2.52 -35.31
N MET A 293 4.32 -1.27 -35.43
CA MET A 293 5.20 -0.15 -35.73
C MET A 293 6.21 0.01 -34.59
N PHE A 294 5.75 -0.06 -33.35
CA PHE A 294 6.63 0.01 -32.17
C PHE A 294 7.63 -1.15 -32.10
N ARG A 295 7.18 -2.33 -32.47
CA ARG A 295 8.06 -3.52 -32.48
C ARG A 295 9.13 -3.42 -33.54
N VAL A 296 8.75 -2.91 -34.72
CA VAL A 296 9.68 -2.72 -35.80
C VAL A 296 10.71 -1.65 -35.42
N ALA A 297 10.27 -0.57 -34.76
CA ALA A 297 11.22 0.43 -34.22
C ALA A 297 12.16 -0.18 -33.19
N GLU A 298 11.58 -0.86 -32.21
CA GLU A 298 12.37 -1.54 -31.20
C GLU A 298 13.47 -2.42 -31.79
N GLU A 299 13.15 -3.16 -32.85
CA GLU A 299 14.12 -4.09 -33.40
C GLU A 299 15.32 -3.38 -34.06
N PHE A 300 15.09 -2.17 -34.57
CA PHE A 300 16.17 -1.35 -35.10
C PHE A 300 17.10 -1.00 -33.93
N PHE A 301 16.54 -0.58 -32.80
CA PHE A 301 17.36 -0.31 -31.63
C PHE A 301 18.17 -1.54 -31.20
N THR A 302 17.54 -2.70 -31.10
CA THR A 302 18.28 -3.91 -30.66
C THR A 302 19.35 -4.35 -31.68
N SER A 303 19.12 -4.10 -32.98
CA SER A 303 20.09 -4.39 -34.03
C SER A 303 21.39 -3.64 -33.83
N LEU A 304 21.29 -2.46 -33.25
CA LEU A 304 22.45 -1.68 -32.84
C LEU A 304 23.02 -2.11 -31.48
N GLU A 305 22.50 -3.19 -30.88
CA GLU A 305 22.83 -3.57 -29.49
C GLU A 305 22.49 -2.53 -28.43
N LEU A 306 21.45 -1.74 -28.70
CA LEU A 306 20.84 -0.88 -27.70
C LEU A 306 19.68 -1.67 -27.11
N SER A 307 19.03 -1.13 -26.07
CA SER A 307 18.10 -1.90 -25.27
C SER A 307 16.72 -2.05 -25.89
N PRO A 308 16.11 -3.24 -25.72
CA PRO A 308 14.71 -3.39 -26.08
C PRO A 308 13.84 -2.66 -25.05
N MET A 309 12.58 -2.43 -25.38
CA MET A 309 11.65 -1.84 -24.44
C MET A 309 11.32 -2.83 -23.34
N PRO A 310 11.35 -2.39 -22.05
CA PRO A 310 11.01 -3.33 -20.99
C PRO A 310 9.49 -3.67 -20.90
N PRO A 311 9.13 -4.74 -20.20
CA PRO A 311 7.71 -5.11 -20.09
C PRO A 311 6.83 -3.99 -19.56
N GLU A 312 7.37 -3.14 -18.71
CA GLU A 312 6.65 -2.01 -18.13
C GLU A 312 6.24 -1.02 -19.19
N PHE A 313 7.03 -0.92 -20.24
CA PHE A 313 6.68 -0.08 -21.38
C PHE A 313 5.46 -0.59 -22.12
N TRP A 314 5.48 -1.88 -22.47
CA TRP A 314 4.38 -2.49 -23.22
C TRP A 314 3.09 -2.57 -22.40
N GLU A 315 3.21 -2.81 -21.10
CA GLU A 315 2.01 -2.89 -20.25
C GLU A 315 1.45 -1.53 -19.89
N GLY A 316 2.30 -0.50 -19.81
CA GLY A 316 1.85 0.83 -19.34
C GLY A 316 1.55 1.83 -20.40
N SER A 317 2.11 1.66 -21.59
CA SER A 317 2.03 2.69 -22.62
C SER A 317 0.63 2.81 -23.19
N MET A 318 0.36 3.96 -23.78
CA MET A 318 -0.87 4.22 -24.52
C MET A 318 -0.47 4.40 -25.97
N LEU A 319 -0.56 3.33 -26.74
CA LEU A 319 -0.08 3.28 -28.12
C LEU A 319 -1.14 3.56 -29.17
N GLU A 320 -2.38 3.76 -28.72
CA GLU A 320 -3.50 4.07 -29.60
C GLU A 320 -4.47 5.00 -28.89
N LYS A 321 -5.19 5.82 -29.65
CA LYS A 321 -6.27 6.62 -29.09
C LYS A 321 -7.34 5.73 -28.44
N PRO A 322 -7.69 5.99 -27.18
CA PRO A 322 -8.74 5.18 -26.53
C PRO A 322 -10.08 5.23 -27.29
N ALA A 323 -10.65 4.06 -27.58
CA ALA A 323 -11.95 3.93 -28.22
C ALA A 323 -13.14 4.03 -27.25
N ASP A 324 -12.90 4.18 -25.94
CA ASP A 324 -13.99 4.38 -24.95
C ASP A 324 -14.46 5.85 -24.99
N GLY A 325 -14.89 6.44 -23.88
CA GLY A 325 -15.23 7.87 -23.87
C GLY A 325 -14.07 8.89 -23.79
N ARG A 326 -12.90 8.44 -23.30
CA ARG A 326 -11.90 9.31 -22.70
C ARG A 326 -11.39 10.45 -23.59
N GLU A 327 -11.27 11.64 -23.01
CA GLU A 327 -10.49 12.72 -23.62
C GLU A 327 -9.02 12.45 -23.22
N VAL A 328 -8.11 12.47 -24.20
CA VAL A 328 -6.68 12.34 -23.94
C VAL A 328 -5.88 13.43 -24.65
N VAL A 329 -4.64 13.60 -24.23
CA VAL A 329 -3.64 14.37 -24.97
C VAL A 329 -3.09 13.42 -26.02
N CYS A 330 -3.45 13.64 -27.27
CA CYS A 330 -2.97 12.76 -28.34
C CYS A 330 -1.55 13.07 -28.78
N HIS A 331 -1.06 14.28 -28.52
CA HIS A 331 0.21 14.71 -29.05
C HIS A 331 1.27 13.74 -28.53
N ALA A 332 2.04 13.16 -29.43
CA ALA A 332 2.99 12.08 -29.07
C ALA A 332 4.06 12.54 -28.09
N SER A 333 4.26 11.77 -27.03
CA SER A 333 5.31 12.06 -26.05
C SER A 333 5.82 10.78 -25.38
N ALA A 334 7.02 10.89 -24.82
CA ALA A 334 7.82 9.82 -24.23
C ALA A 334 8.10 10.16 -22.79
N TRP A 335 7.90 9.22 -21.91
CA TRP A 335 7.79 9.50 -20.47
C TRP A 335 8.81 8.73 -19.65
N ASP A 336 9.56 9.47 -18.82
CA ASP A 336 10.47 8.94 -17.78
C ASP A 336 9.81 9.15 -16.44
N PHE A 337 9.57 8.06 -15.71
CA PHE A 337 8.94 8.20 -14.40
C PHE A 337 9.94 8.39 -13.27
N TYR A 338 11.24 8.44 -13.56
CA TYR A 338 12.30 8.66 -12.59
C TYR A 338 12.46 7.58 -11.51
N ASN A 339 11.93 6.39 -11.77
CA ASN A 339 12.10 5.28 -10.83
C ASN A 339 12.93 4.15 -11.42
N ARG A 340 13.62 4.41 -12.54
CA ARG A 340 14.41 3.42 -13.30
C ARG A 340 13.66 2.16 -13.81
N LYS A 341 12.34 2.14 -13.80
CA LYS A 341 11.54 0.95 -14.15
C LYS A 341 10.42 1.27 -15.17
N ASP A 342 9.70 2.35 -14.92
CA ASP A 342 8.59 2.77 -15.76
C ASP A 342 8.97 3.82 -16.79
N PHE A 343 8.82 3.45 -18.06
CA PHE A 343 9.08 4.28 -19.22
C PHE A 343 7.95 4.04 -20.22
N ARG A 344 7.33 5.10 -20.73
CA ARG A 344 6.15 4.92 -21.56
C ARG A 344 6.05 5.94 -22.68
N ILE A 345 5.42 5.50 -23.76
CA ILE A 345 4.97 6.40 -24.81
C ILE A 345 3.44 6.56 -24.78
N LYS A 346 3.00 7.79 -25.05
CA LYS A 346 1.59 8.17 -25.15
C LYS A 346 1.43 8.78 -26.49
N GLN A 347 0.89 8.00 -27.43
CA GLN A 347 0.72 8.42 -28.82
C GLN A 347 -0.60 7.85 -29.37
N CYS A 348 -1.37 8.69 -30.07
CA CYS A 348 -2.57 8.25 -30.76
C CYS A 348 -2.19 7.77 -32.14
N THR A 349 -1.41 6.69 -32.15
CA THR A 349 -0.75 6.19 -33.36
C THR A 349 -1.75 5.89 -34.49
N ARG A 350 -1.42 6.35 -35.70
CA ARG A 350 -2.16 6.03 -36.91
C ARG A 350 -1.21 5.29 -37.81
N VAL A 351 -1.76 4.43 -38.66
CA VAL A 351 -0.94 3.60 -39.53
C VAL A 351 -0.62 4.39 -40.79
N THR A 352 0.44 5.19 -40.72
CA THR A 352 1.03 5.87 -41.87
C THR A 352 2.57 5.85 -41.79
N MET A 353 3.23 6.15 -42.91
CA MET A 353 4.70 6.25 -42.96
C MET A 353 5.24 7.39 -42.09
N ASP A 354 4.63 8.58 -42.15
CA ASP A 354 5.08 9.67 -41.26
C ASP A 354 4.90 9.30 -39.76
N GLN A 355 3.87 8.54 -39.41
CA GLN A 355 3.69 8.06 -38.03
C GLN A 355 4.75 7.04 -37.60
N LEU A 356 5.21 6.21 -38.54
CA LEU A 356 6.31 5.27 -38.28
C LEU A 356 7.58 6.03 -37.85
N SER A 357 7.88 7.13 -38.53
CA SER A 357 9.00 8.00 -38.14
C SER A 357 8.76 8.62 -36.76
N THR A 358 7.52 9.03 -36.51
CA THR A 358 7.17 9.56 -35.20
C THR A 358 7.38 8.49 -34.11
N VAL A 359 6.98 7.26 -34.37
CA VAL A 359 7.21 6.17 -33.41
C VAL A 359 8.70 6.04 -33.08
N HIS A 360 9.55 6.07 -34.11
CA HIS A 360 11.00 6.07 -33.92
C HIS A 360 11.50 7.28 -33.09
N HIS A 361 10.99 8.47 -33.44
CA HIS A 361 11.25 9.70 -32.68
C HIS A 361 11.02 9.50 -31.19
N GLU A 362 9.82 9.04 -30.85
CA GLU A 362 9.47 8.83 -29.45
C GLU A 362 10.29 7.71 -28.80
N MET A 363 10.54 6.64 -29.53
CA MET A 363 11.38 5.57 -29.00
C MET A 363 12.84 5.96 -28.76
N GLY A 364 13.37 6.89 -29.55
CA GLY A 364 14.65 7.52 -29.26
C GLY A 364 14.68 8.20 -27.90
N HIS A 365 13.61 8.90 -27.55
CA HIS A 365 13.52 9.47 -26.21
C HIS A 365 13.59 8.36 -25.15
N ILE A 366 12.82 7.28 -25.35
CA ILE A 366 12.77 6.19 -24.40
C ILE A 366 14.18 5.55 -24.30
N GLN A 367 14.86 5.35 -25.42
CA GLN A 367 16.17 4.72 -25.39
C GLN A 367 17.16 5.56 -24.55
N TYR A 368 17.08 6.88 -24.68
CA TYR A 368 17.91 7.76 -23.85
C TYR A 368 17.60 7.53 -22.37
N TYR A 369 16.32 7.46 -22.03
CA TYR A 369 15.91 7.22 -20.65
C TYR A 369 16.48 5.88 -20.13
N LEU A 370 16.46 4.85 -20.96
CA LEU A 370 16.92 3.52 -20.53
C LEU A 370 18.42 3.53 -20.31
N GLN A 371 19.14 4.25 -21.15
CA GLN A 371 20.59 4.27 -21.08
C GLN A 371 21.17 5.12 -19.94
N TYR A 372 20.48 6.19 -19.53
CA TYR A 372 20.99 7.06 -18.44
C TYR A 372 20.26 6.91 -17.11
N LYS A 373 19.49 5.84 -16.97
CA LYS A 373 18.64 5.66 -15.78
C LYS A 373 19.43 5.51 -14.47
N ASP A 374 20.68 5.08 -14.55
CA ASP A 374 21.50 4.95 -13.35
C ASP A 374 22.26 6.19 -12.96
N LEU A 375 22.18 7.27 -13.73
CA LEU A 375 22.71 8.56 -13.31
C LEU A 375 21.83 9.19 -12.22
N PRO A 376 22.42 10.08 -11.40
CA PRO A 376 21.56 10.86 -10.50
C PRO A 376 20.48 11.62 -11.29
N VAL A 377 19.32 11.83 -10.69
CA VAL A 377 18.17 12.36 -11.41
C VAL A 377 18.45 13.65 -12.14
N SER A 378 19.23 14.54 -11.55
CA SER A 378 19.52 15.83 -12.16
C SER A 378 20.22 15.69 -13.51
N LEU A 379 20.90 14.58 -13.73
CA LEU A 379 21.64 14.33 -14.97
C LEU A 379 20.89 13.42 -15.98
N ARG A 380 19.64 13.07 -15.68
CA ARG A 380 18.78 12.34 -16.60
C ARG A 380 18.11 13.32 -17.61
N ARG A 381 18.93 13.84 -18.52
CA ARG A 381 18.52 14.73 -19.59
C ARG A 381 19.46 14.48 -20.76
N GLY A 382 19.16 15.07 -21.91
CA GLY A 382 20.03 14.98 -23.06
C GLY A 382 21.25 15.86 -22.81
N ALA A 383 22.30 15.67 -23.60
CA ALA A 383 23.46 16.53 -23.44
C ALA A 383 23.01 17.98 -23.61
N ASN A 384 22.11 18.18 -24.56
CA ASN A 384 21.20 19.31 -24.53
C ASN A 384 19.84 18.86 -25.09
N PRO A 385 18.81 19.71 -25.03
CA PRO A 385 17.51 19.16 -25.44
C PRO A 385 17.42 18.78 -26.91
N GLY A 386 18.24 19.38 -27.77
CA GLY A 386 18.33 18.95 -29.17
C GLY A 386 18.86 17.55 -29.39
N PHE A 387 19.79 17.13 -28.53
CA PHE A 387 20.28 15.75 -28.55
C PHE A 387 19.11 14.81 -28.32
N HIS A 388 18.26 15.14 -27.34
CA HIS A 388 17.15 14.25 -26.99
C HIS A 388 16.20 14.08 -28.16
N GLU A 389 15.97 15.17 -28.91
CA GLU A 389 15.11 15.16 -30.08
C GLU A 389 15.68 14.49 -31.32
N ALA A 390 17.01 14.48 -31.44
CA ALA A 390 17.69 13.93 -32.62
C ALA A 390 17.79 12.39 -32.69
N ILE A 391 17.77 11.71 -31.52
CA ILE A 391 18.13 10.27 -31.40
C ILE A 391 17.26 9.38 -32.30
N GLY A 392 15.94 9.46 -32.14
CA GLY A 392 15.02 8.66 -32.93
C GLY A 392 15.03 9.01 -34.40
N ASP A 393 15.19 10.31 -34.67
CA ASP A 393 15.23 10.83 -36.04
C ASP A 393 16.40 10.26 -36.83
N VAL A 394 17.52 10.04 -36.12
CA VAL A 394 18.72 9.44 -36.74
C VAL A 394 18.38 8.04 -37.26
N LEU A 395 17.82 7.20 -36.41
CA LEU A 395 17.39 5.89 -36.84
C LEU A 395 16.39 5.99 -38.00
N ALA A 396 15.44 6.92 -37.91
CA ALA A 396 14.41 7.09 -38.96
C ALA A 396 15.00 7.43 -40.34
N LEU A 397 16.09 8.18 -40.38
CA LEU A 397 16.78 8.45 -41.65
C LEU A 397 17.23 7.14 -42.35
N SER A 398 17.80 6.20 -41.60
CA SER A 398 18.12 4.85 -42.14
C SER A 398 16.86 4.10 -42.60
N VAL A 399 15.83 4.10 -41.76
CA VAL A 399 14.58 3.37 -42.02
C VAL A 399 13.92 3.86 -43.30
N SER A 400 13.96 5.18 -43.52
CA SER A 400 13.34 5.81 -44.70
C SER A 400 13.95 5.45 -46.06
N THR A 401 15.20 5.01 -46.07
CA THR A 401 15.89 4.73 -47.33
C THR A 401 15.16 3.62 -48.07
N PRO A 402 14.97 3.77 -49.40
CA PRO A 402 14.37 2.70 -50.20
C PRO A 402 15.01 1.33 -49.94
N GLU A 403 16.32 1.26 -49.76
CA GLU A 403 16.97 -0.01 -49.44
C GLU A 403 16.47 -0.59 -48.10
N HIS A 404 16.41 0.21 -47.05
CA HIS A 404 15.92 -0.32 -45.78
C HIS A 404 14.46 -0.73 -45.84
N LEU A 405 13.65 0.07 -46.55
CA LEU A 405 12.23 -0.19 -46.69
C LEU A 405 11.99 -1.54 -47.42
N HIS A 406 12.82 -1.80 -48.42
CA HIS A 406 12.83 -3.08 -49.09
C HIS A 406 13.15 -4.20 -48.12
N LYS A 407 14.20 -4.05 -47.30
CA LYS A 407 14.56 -5.07 -46.29
C LYS A 407 13.39 -5.39 -45.37
N ILE A 408 12.58 -4.40 -45.03
CA ILE A 408 11.45 -4.65 -44.12
C ILE A 408 10.11 -4.87 -44.83
N GLY A 409 10.13 -5.12 -46.14
CA GLY A 409 8.95 -5.60 -46.85
C GLY A 409 7.96 -4.52 -47.27
N LEU A 410 8.39 -3.26 -47.18
CA LEU A 410 7.52 -2.12 -47.48
C LEU A 410 7.76 -1.52 -48.87
N LEU A 411 8.75 -2.02 -49.61
CA LEU A 411 9.08 -1.51 -50.95
C LEU A 411 9.79 -2.55 -51.83
N ASP A 412 9.49 -2.59 -53.12
CA ASP A 412 10.22 -3.44 -54.10
C ASP A 412 11.48 -2.72 -54.63
N ARG A 413 12.57 -3.49 -54.81
CA ARG A 413 13.92 -2.92 -55.05
C ARG A 413 13.93 -1.88 -56.16
N VAL A 414 14.19 -0.62 -55.77
CA VAL A 414 14.10 0.51 -56.70
C VAL A 414 15.36 0.56 -57.55
N THR A 415 15.23 0.98 -58.80
CA THR A 415 16.40 1.13 -59.67
C THR A 415 17.26 2.23 -59.05
N ASN A 416 18.48 1.87 -58.66
CA ASN A 416 19.43 2.86 -58.18
C ASN A 416 19.87 3.72 -59.36
N ASP A 417 19.08 4.74 -59.67
CA ASP A 417 19.37 5.71 -60.74
C ASP A 417 19.08 7.13 -60.25
N THR A 418 19.50 8.13 -61.03
CA THR A 418 19.43 9.51 -60.56
C THR A 418 18.00 10.03 -60.36
N GLU A 419 17.02 9.43 -61.05
CA GLU A 419 15.63 9.87 -60.95
C GLU A 419 14.95 9.39 -59.66
N SER A 420 15.29 8.18 -59.20
CA SER A 420 14.79 7.66 -57.93
C SER A 420 15.47 8.36 -56.73
N ASP A 421 16.76 8.65 -56.89
CA ASP A 421 17.49 9.47 -55.92
C ASP A 421 16.84 10.84 -55.70
N ILE A 422 16.50 11.54 -56.78
CA ILE A 422 15.86 12.86 -56.72
C ILE A 422 14.48 12.75 -56.06
N ASN A 423 13.70 11.73 -56.42
CA ASN A 423 12.40 11.50 -55.79
C ASN A 423 12.52 11.37 -54.28
N TYR A 424 13.46 10.53 -53.84
CA TYR A 424 13.67 10.23 -52.43
C TYR A 424 14.17 11.47 -51.68
N LEU A 425 15.21 12.13 -52.20
CA LEU A 425 15.72 13.33 -51.55
C LEU A 425 14.70 14.48 -51.52
N LEU A 426 13.81 14.57 -52.52
CA LEU A 426 12.73 15.53 -52.47
C LEU A 426 11.75 15.24 -51.34
N LYS A 427 11.42 13.95 -51.18
CA LYS A 427 10.49 13.55 -50.14
C LYS A 427 11.11 13.92 -48.79
N MET A 428 12.40 13.57 -48.63
CA MET A 428 13.12 13.92 -47.40
C MET A 428 13.20 15.42 -47.18
N ALA A 429 13.40 16.18 -48.26
CA ALA A 429 13.43 17.63 -48.16
C ALA A 429 12.09 18.21 -47.70
N LEU A 430 10.99 17.65 -48.14
CA LEU A 430 9.68 18.09 -47.69
C LEU A 430 9.50 17.85 -46.18
N GLU A 431 10.09 16.77 -45.69
CA GLU A 431 10.05 16.40 -44.27
C GLU A 431 11.03 17.22 -43.40
N LYS A 432 12.26 17.43 -43.89
CA LYS A 432 13.34 18.00 -43.11
C LYS A 432 13.64 19.48 -43.38
N ILE A 433 13.74 19.86 -44.66
CA ILE A 433 14.10 21.22 -45.03
C ILE A 433 12.96 22.18 -44.82
N ALA A 434 11.74 21.78 -45.18
CA ALA A 434 10.57 22.61 -44.93
C ALA A 434 10.35 23.01 -43.45
N PHE A 435 10.76 22.14 -42.54
CA PHE A 435 10.62 22.34 -41.12
C PHE A 435 11.54 23.41 -40.58
N LEU A 436 12.74 23.56 -41.19
CA LEU A 436 13.78 24.40 -40.65
C LEU A 436 13.28 25.80 -40.25
N PRO A 437 12.59 26.52 -41.15
CA PRO A 437 12.11 27.87 -40.72
C PRO A 437 11.15 27.85 -39.54
N PHE A 438 10.25 26.87 -39.52
CA PHE A 438 9.29 26.72 -38.43
C PHE A 438 9.96 26.34 -37.12
N GLY A 439 10.88 25.37 -37.18
CA GLY A 439 11.71 25.02 -36.04
C GLY A 439 12.42 26.20 -35.42
N TYR A 440 12.88 27.11 -36.28
CA TYR A 440 13.62 28.29 -35.87
C TYR A 440 12.72 29.37 -35.31
N LEU A 441 11.55 29.60 -35.91
CA LEU A 441 10.74 30.79 -35.60
C LEU A 441 9.90 30.68 -34.32
N VAL A 442 9.51 29.46 -33.93
CA VAL A 442 8.54 29.34 -32.81
C VAL A 442 9.08 29.97 -31.52
N ASP A 443 10.30 29.60 -31.16
CA ASP A 443 10.93 30.19 -29.97
C ASP A 443 11.40 31.62 -30.18
N GLN A 444 11.64 32.08 -31.42
CA GLN A 444 11.81 33.52 -31.61
C GLN A 444 10.58 34.28 -31.16
N TRP A 445 9.39 33.75 -31.48
CA TRP A 445 8.14 34.34 -31.02
C TRP A 445 8.03 34.32 -29.50
N ARG A 446 8.24 33.15 -28.91
CA ARG A 446 8.11 33.03 -27.45
C ARG A 446 9.13 33.83 -26.68
N TRP A 447 10.38 33.87 -27.18
CA TRP A 447 11.44 34.65 -26.57
C TRP A 447 11.04 36.12 -26.52
N GLY A 448 10.46 36.63 -27.60
CA GLY A 448 9.92 38.00 -27.63
C GLY A 448 8.74 38.20 -26.68
N VAL A 449 7.87 37.20 -26.59
CA VAL A 449 6.82 37.23 -25.61
C VAL A 449 7.38 37.26 -24.17
N PHE A 450 8.30 36.36 -23.84
CA PHE A 450 8.86 36.32 -22.48
C PHE A 450 9.63 37.58 -22.13
N SER A 451 10.33 38.15 -23.11
CA SER A 451 11.13 39.36 -22.90
C SER A 451 10.27 40.62 -22.79
N GLY A 452 8.98 40.54 -23.14
CA GLY A 452 8.15 41.72 -23.21
C GLY A 452 8.20 42.50 -24.51
N ARG A 453 9.08 42.14 -25.45
CA ARG A 453 9.10 42.79 -26.77
C ARG A 453 7.74 42.63 -27.50
N THR A 454 7.10 41.48 -27.31
CA THR A 454 5.80 41.18 -27.84
C THR A 454 4.77 41.07 -26.72
N PRO A 455 4.04 42.17 -26.44
CA PRO A 455 2.95 42.08 -25.48
C PRO A 455 1.73 41.41 -26.09
N PRO A 456 0.71 41.08 -25.26
CA PRO A 456 -0.54 40.50 -25.75
C PRO A 456 -1.19 41.21 -26.92
N SER A 457 -1.08 42.56 -26.95
CA SER A 457 -1.68 43.33 -28.03
C SER A 457 -1.01 43.08 -29.38
N ARG A 458 0.16 42.45 -29.39
CA ARG A 458 0.83 42.05 -30.64
C ARG A 458 1.17 40.53 -30.79
N TYR A 459 0.59 39.64 -29.98
CA TYR A 459 0.83 38.19 -30.13
C TYR A 459 0.65 37.66 -31.54
N ASN A 460 -0.45 38.02 -32.20
CA ASN A 460 -0.74 37.51 -33.56
C ASN A 460 0.00 38.24 -34.66
N PHE A 461 0.11 39.56 -34.52
CA PHE A 461 0.88 40.40 -35.43
C PHE A 461 2.31 39.88 -35.53
N ASP A 462 2.95 39.64 -34.38
CA ASP A 462 4.35 39.20 -34.36
C ASP A 462 4.51 37.73 -34.77
N TRP A 463 3.55 36.87 -34.41
CA TRP A 463 3.50 35.50 -34.95
C TRP A 463 3.49 35.52 -36.50
N TRP A 464 2.54 36.20 -37.10
CA TRP A 464 2.45 36.20 -38.55
C TRP A 464 3.58 36.94 -39.24
N TYR A 465 4.14 37.96 -38.59
CA TYR A 465 5.39 38.56 -39.08
C TYR A 465 6.46 37.47 -39.25
N LEU A 466 6.65 36.67 -38.21
CA LEU A 466 7.68 35.61 -38.20
C LEU A 466 7.36 34.47 -39.17
N ARG A 467 6.10 34.06 -39.21
CA ARG A 467 5.64 33.01 -40.10
C ARG A 467 5.88 33.39 -41.56
N THR A 468 5.59 34.64 -41.92
CA THR A 468 5.86 35.16 -43.25
C THR A 468 7.36 35.31 -43.49
N LYS A 469 8.08 35.90 -42.53
CA LYS A 469 9.53 36.14 -42.65
C LYS A 469 10.31 34.88 -42.96
N TYR A 470 10.03 33.80 -42.21
CA TYR A 470 10.80 32.56 -42.31
C TYR A 470 10.18 31.51 -43.24
N GLN A 471 8.89 31.21 -43.07
CA GLN A 471 8.23 30.18 -43.88
C GLN A 471 7.66 30.67 -45.23
N GLY A 472 7.48 31.97 -45.39
CA GLY A 472 6.86 32.46 -46.59
C GLY A 472 5.44 31.95 -46.74
N ILE A 473 4.70 31.97 -45.64
CA ILE A 473 3.29 31.64 -45.67
C ILE A 473 2.45 32.82 -45.17
N CYS A 474 1.16 32.75 -45.46
CA CYS A 474 0.20 33.75 -45.08
C CYS A 474 -1.11 33.05 -44.70
N PRO A 475 -1.85 33.63 -43.73
CA PRO A 475 -3.08 33.04 -43.31
C PRO A 475 -4.09 33.12 -44.45
N PRO A 476 -4.88 32.06 -44.66
CA PRO A 476 -5.81 32.02 -45.79
C PRO A 476 -7.15 32.71 -45.53
N VAL A 477 -7.37 33.17 -44.30
CA VAL A 477 -8.46 34.07 -43.96
C VAL A 477 -7.86 35.20 -43.09
N THR A 478 -8.54 36.34 -43.04
CA THR A 478 -8.00 37.46 -42.28
C THR A 478 -7.92 37.13 -40.80
N ARG A 479 -6.80 37.51 -40.17
CA ARG A 479 -6.63 37.34 -38.72
C ARG A 479 -6.47 38.73 -38.08
N ASN A 480 -6.68 38.79 -36.78
CA ASN A 480 -6.57 39.99 -35.97
C ASN A 480 -6.19 39.55 -34.56
N GLU A 481 -6.09 40.45 -33.60
CA GLU A 481 -5.59 40.12 -32.26
C GLU A 481 -6.57 39.43 -31.33
N THR A 482 -7.82 39.27 -31.73
CA THR A 482 -8.70 38.33 -31.04
C THR A 482 -8.18 36.90 -31.29
N HIS A 483 -7.62 36.65 -32.46
CA HIS A 483 -7.00 35.35 -32.75
C HIS A 483 -5.68 35.19 -32.04
N PHE A 484 -5.36 33.95 -31.65
CA PHE A 484 -4.11 33.63 -31.00
C PHE A 484 -3.57 32.38 -31.64
N ASP A 485 -3.04 32.56 -32.83
CA ASP A 485 -2.67 31.47 -33.72
C ASP A 485 -1.46 30.67 -33.25
N ALA A 486 -0.58 31.31 -32.50
CA ALA A 486 0.52 30.58 -31.84
C ALA A 486 -0.05 29.55 -30.88
N GLY A 487 -1.14 29.92 -30.22
CA GLY A 487 -1.76 29.04 -29.25
C GLY A 487 -2.36 27.77 -29.83
N ALA A 488 -2.58 27.73 -31.15
CA ALA A 488 -3.06 26.51 -31.84
C ALA A 488 -2.00 25.49 -32.22
N LYS A 489 -0.77 25.71 -31.78
CA LYS A 489 0.31 24.73 -31.92
C LYS A 489 0.59 24.11 -30.55
N PHE A 490 0.67 22.78 -30.46
CA PHE A 490 0.73 22.09 -29.15
C PHE A 490 1.68 22.70 -28.13
N HIS A 491 2.90 22.99 -28.57
CA HIS A 491 3.98 23.27 -27.68
C HIS A 491 3.80 24.56 -26.92
N VAL A 492 2.99 25.47 -27.46
CA VAL A 492 2.76 26.75 -26.81
C VAL A 492 1.91 26.60 -25.53
N PRO A 493 0.63 26.17 -25.64
CA PRO A 493 -0.15 25.91 -24.41
C PRO A 493 0.42 24.81 -23.49
N ASN A 494 1.18 23.86 -24.04
CA ASN A 494 1.81 22.82 -23.22
C ASN A 494 3.21 23.18 -22.77
N VAL A 495 3.63 24.44 -23.01
CA VAL A 495 4.88 24.97 -22.48
C VAL A 495 6.06 24.03 -22.67
N THR A 496 6.21 23.54 -23.90
CA THR A 496 7.35 22.74 -24.31
C THR A 496 8.20 23.59 -25.25
N PRO A 497 9.46 23.86 -24.88
CA PRO A 497 10.35 24.64 -25.72
C PRO A 497 10.50 24.00 -27.12
N TYR A 498 10.83 24.81 -28.11
CA TYR A 498 10.83 24.41 -29.52
C TYR A 498 12.18 24.45 -30.23
N ILE A 499 13.11 25.30 -29.79
CA ILE A 499 14.39 25.48 -30.50
C ILE A 499 15.20 24.18 -30.57
N ARG A 500 14.98 23.31 -29.58
CA ARG A 500 15.45 21.92 -29.59
C ARG A 500 15.22 21.18 -30.92
N TYR A 501 14.09 21.43 -31.58
CA TYR A 501 13.78 20.74 -32.83
C TYR A 501 14.58 21.33 -34.00
N PHE A 502 14.85 22.64 -33.97
CA PHE A 502 15.72 23.22 -34.97
C PHE A 502 17.15 22.69 -34.78
N VAL A 503 17.63 22.71 -33.54
CA VAL A 503 18.93 22.14 -33.20
C VAL A 503 19.01 20.68 -33.62
N SER A 504 17.98 19.92 -33.29
CA SER A 504 17.88 18.53 -33.65
C SER A 504 17.93 18.32 -35.14
N PHE A 505 17.23 19.13 -35.92
CA PHE A 505 17.22 18.87 -37.38
C PHE A 505 18.57 19.08 -38.05
N VAL A 506 19.43 19.90 -37.44
CA VAL A 506 20.82 20.08 -37.92
C VAL A 506 21.69 18.90 -37.42
N LEU A 507 21.69 18.73 -36.11
CA LEU A 507 22.44 17.72 -35.39
C LEU A 507 22.23 16.29 -35.92
N GLN A 508 21.00 15.96 -36.32
CA GLN A 508 20.71 14.58 -36.72
C GLN A 508 21.49 14.15 -37.98
N PHE A 509 21.77 15.12 -38.85
CA PHE A 509 22.63 14.82 -40.02
C PHE A 509 24.10 14.74 -39.65
N GLN A 510 24.52 15.47 -38.62
CA GLN A 510 25.85 15.28 -38.09
C GLN A 510 25.99 13.90 -37.48
N PHE A 511 24.99 13.49 -36.71
CA PHE A 511 24.98 12.17 -36.08
C PHE A 511 25.03 11.10 -37.17
N HIS A 512 24.13 11.22 -38.14
CA HIS A 512 23.99 10.26 -39.22
C HIS A 512 25.31 10.05 -39.96
N GLU A 513 25.98 11.15 -40.33
CA GLU A 513 27.28 11.09 -40.99
C GLU A 513 28.33 10.37 -40.14
N ALA A 514 28.42 10.72 -38.87
CA ALA A 514 29.40 10.10 -37.99
C ALA A 514 29.11 8.61 -37.83
N LEU A 515 27.83 8.24 -37.67
CA LEU A 515 27.46 6.84 -37.47
C LEU A 515 27.64 5.97 -38.71
N CYS A 516 27.29 6.52 -39.86
CA CYS A 516 27.51 5.88 -41.15
C CYS A 516 28.99 5.56 -41.42
N LYS A 517 29.85 6.52 -41.13
CA LYS A 517 31.30 6.33 -41.23
C LYS A 517 31.81 5.30 -40.21
N GLU A 518 31.33 5.37 -38.97
CA GLU A 518 31.69 4.37 -37.96
C GLU A 518 31.21 2.97 -38.35
N ALA A 519 30.11 2.89 -39.08
CA ALA A 519 29.60 1.61 -39.58
C ALA A 519 30.41 1.04 -40.75
N GLY A 520 31.29 1.86 -41.34
CA GLY A 520 32.12 1.45 -42.46
C GLY A 520 31.39 1.59 -43.78
N TYR A 521 30.30 2.36 -43.81
CA TYR A 521 29.58 2.60 -45.05
C TYR A 521 30.36 3.61 -45.87
N GLU A 522 30.47 3.38 -47.18
CA GLU A 522 31.28 4.25 -48.07
C GLU A 522 30.55 4.83 -49.28
N GLY A 523 29.27 4.50 -49.46
CA GLY A 523 28.46 5.13 -50.48
C GLY A 523 28.05 6.56 -50.15
N PRO A 524 27.10 7.08 -50.92
CA PRO A 524 26.60 8.44 -50.66
C PRO A 524 25.79 8.49 -49.36
N LEU A 525 25.94 9.60 -48.64
CA LEU A 525 25.39 9.76 -47.29
C LEU A 525 23.90 9.39 -47.23
N HIS A 526 23.16 9.82 -48.24
CA HIS A 526 21.71 9.69 -48.24
C HIS A 526 21.18 8.28 -48.55
N GLN A 527 22.07 7.34 -48.87
CA GLN A 527 21.71 5.93 -49.06
C GLN A 527 22.30 5.06 -47.94
N CYS A 528 22.88 5.70 -46.91
CA CYS A 528 23.40 4.95 -45.77
C CYS A 528 22.28 4.32 -44.94
N ASP A 529 22.55 3.12 -44.44
CA ASP A 529 21.66 2.45 -43.51
C ASP A 529 22.56 1.91 -42.41
N ILE A 530 22.43 2.47 -41.21
CA ILE A 530 23.19 1.94 -40.06
C ILE A 530 22.62 0.65 -39.43
N TYR A 531 21.51 0.14 -39.95
CA TYR A 531 20.88 -1.09 -39.43
C TYR A 531 21.92 -2.17 -39.14
N ARG A 532 21.89 -2.74 -37.94
CA ARG A 532 22.79 -3.85 -37.57
C ARG A 532 24.26 -3.47 -37.41
N SER A 533 24.62 -2.19 -37.52
CA SER A 533 25.99 -1.80 -37.23
C SER A 533 26.16 -1.72 -35.72
N THR A 534 26.84 -2.71 -35.13
CA THR A 534 27.09 -2.74 -33.70
C THR A 534 28.13 -1.69 -33.30
N LYS A 535 29.04 -1.35 -34.21
CA LYS A 535 29.97 -0.22 -33.99
C LYS A 535 29.22 1.13 -33.93
N ALA A 536 28.30 1.36 -34.85
CA ALA A 536 27.48 2.58 -34.83
C ALA A 536 26.71 2.64 -33.50
N GLY A 537 26.14 1.50 -33.13
CA GLY A 537 25.43 1.36 -31.86
C GLY A 537 26.26 1.71 -30.64
N ALA A 538 27.52 1.27 -30.62
CA ALA A 538 28.41 1.56 -29.50
C ALA A 538 28.75 3.06 -29.44
N LYS A 539 28.86 3.70 -30.59
CA LYS A 539 29.13 5.14 -30.66
C LYS A 539 27.93 5.97 -30.16
N LEU A 540 26.73 5.62 -30.63
CA LEU A 540 25.48 6.21 -30.12
C LEU A 540 25.25 5.93 -28.64
N ARG A 541 25.56 4.70 -28.20
CA ARG A 541 25.40 4.33 -26.79
C ARG A 541 26.24 5.20 -25.87
N LYS A 542 27.48 5.55 -26.27
CA LYS A 542 28.31 6.46 -25.46
C LYS A 542 27.63 7.83 -25.26
N VAL A 543 27.00 8.35 -26.28
CA VAL A 543 26.23 9.61 -26.15
C VAL A 543 25.11 9.42 -25.15
N LEU A 544 24.30 8.37 -25.33
CA LEU A 544 23.11 8.20 -24.50
C LEU A 544 23.40 8.01 -23.04
N ARG A 545 24.45 7.24 -22.73
CA ARG A 545 24.80 6.98 -21.34
C ARG A 545 25.38 8.20 -20.65
N ALA A 546 25.82 9.22 -21.39
CA ALA A 546 26.37 10.43 -20.79
C ALA A 546 25.31 11.31 -20.15
N GLY A 547 24.07 11.23 -20.63
CA GLY A 547 23.00 12.07 -20.10
C GLY A 547 23.44 13.51 -20.22
N SER A 548 23.28 14.29 -19.15
CA SER A 548 23.80 15.67 -19.12
C SER A 548 25.01 15.78 -18.19
N SER A 549 25.73 14.68 -18.00
CA SER A 549 26.88 14.64 -17.09
C SER A 549 28.06 15.47 -17.60
N ARG A 550 28.16 15.67 -18.92
CA ARG A 550 29.27 16.36 -19.54
C ARG A 550 28.78 17.46 -20.50
N PRO A 551 29.63 18.47 -20.78
CA PRO A 551 29.24 19.51 -21.74
C PRO A 551 28.92 18.93 -23.13
N TRP A 552 27.81 19.40 -23.72
CA TRP A 552 27.36 18.82 -25.01
C TRP A 552 28.40 18.98 -26.13
N GLN A 553 29.19 20.04 -26.04
CA GLN A 553 30.23 20.32 -27.04
C GLN A 553 31.27 19.23 -27.02
N GLU A 554 31.69 18.83 -25.83
CA GLU A 554 32.63 17.70 -25.68
C GLU A 554 32.02 16.36 -26.11
N VAL A 555 30.74 16.11 -25.76
CA VAL A 555 30.07 14.86 -26.15
C VAL A 555 29.95 14.79 -27.68
N LEU A 556 29.63 15.92 -28.30
CA LEU A 556 29.54 15.99 -29.74
C LEU A 556 30.92 15.76 -30.38
N LYS A 557 31.96 16.35 -29.80
CA LYS A 557 33.32 16.18 -30.30
C LYS A 557 33.71 14.69 -30.32
N ASP A 558 33.55 13.99 -29.20
CA ASP A 558 33.85 12.53 -29.14
C ASP A 558 33.06 11.75 -30.16
N MET A 559 31.82 12.16 -30.41
CA MET A 559 30.97 11.47 -31.36
C MET A 559 31.29 11.77 -32.84
N VAL A 560 31.43 13.04 -33.16
CA VAL A 560 31.39 13.50 -34.55
C VAL A 560 32.70 14.12 -35.07
N GLY A 561 33.62 14.50 -34.17
CA GLY A 561 34.90 15.12 -34.54
C GLY A 561 34.89 16.64 -34.55
N LEU A 562 33.77 17.22 -34.15
CA LEU A 562 33.56 18.66 -34.17
C LEU A 562 32.78 19.01 -32.89
N ASP A 563 33.12 20.13 -32.27
CA ASP A 563 32.49 20.51 -30.98
C ASP A 563 31.34 21.53 -31.14
N ALA A 564 30.74 21.57 -32.33
CA ALA A 564 29.78 22.62 -32.69
C ALA A 564 28.72 22.07 -33.63
N LEU A 565 27.57 22.76 -33.65
CA LEU A 565 26.54 22.54 -34.64
C LEU A 565 27.08 22.96 -36.00
N ASP A 566 26.85 22.13 -37.00
CA ASP A 566 27.41 22.31 -38.32
C ASP A 566 26.36 21.88 -39.35
N ALA A 567 26.04 22.78 -40.26
CA ALA A 567 25.09 22.51 -41.34
C ALA A 567 25.64 21.63 -42.47
N GLN A 568 26.95 21.49 -42.56
CA GLN A 568 27.56 20.87 -43.75
C GLN A 568 27.07 19.42 -43.95
N PRO A 569 26.96 18.64 -42.87
CA PRO A 569 26.42 17.28 -43.08
C PRO A 569 25.02 17.26 -43.69
N LEU A 570 24.17 18.21 -43.31
CA LEU A 570 22.85 18.33 -43.95
C LEU A 570 22.98 18.71 -45.42
N LEU A 571 23.86 19.66 -45.72
CA LEU A 571 24.02 20.12 -47.10
C LEU A 571 24.54 19.00 -47.98
N LYS A 572 25.47 18.22 -47.43
CA LYS A 572 26.04 17.06 -48.11
C LYS A 572 24.98 15.98 -48.38
N TYR A 573 24.16 15.68 -47.38
CA TYR A 573 23.06 14.74 -47.58
C TYR A 573 22.15 15.18 -48.71
N PHE A 574 21.78 16.46 -48.74
CA PHE A 574 20.79 16.93 -49.72
C PHE A 574 21.35 17.44 -51.06
N GLN A 575 22.67 17.54 -51.20
CA GLN A 575 23.30 18.26 -52.34
C GLN A 575 22.67 18.02 -53.74
N LEU A 576 22.30 16.79 -54.06
CA LEU A 576 21.78 16.48 -55.40
C LEU A 576 20.39 17.09 -55.64
N VAL A 577 19.51 17.05 -54.63
CA VAL A 577 18.20 17.68 -54.80
C VAL A 577 18.31 19.21 -54.66
N THR A 578 19.27 19.69 -53.87
CA THR A 578 19.58 21.13 -53.82
C THR A 578 19.91 21.64 -55.22
N GLN A 579 20.83 20.95 -55.87
CA GLN A 579 21.28 21.31 -57.21
C GLN A 579 20.09 21.21 -58.20
N TRP A 580 19.36 20.11 -58.11
CA TRP A 580 18.24 19.87 -59.02
C TRP A 580 17.10 20.90 -58.89
N LEU A 581 16.70 21.21 -57.66
CA LEU A 581 15.61 22.19 -57.42
C LEU A 581 15.96 23.58 -57.96
N GLN A 582 17.21 23.95 -57.78
CA GLN A 582 17.77 25.19 -58.27
C GLN A 582 17.68 25.29 -59.79
N GLU A 583 18.00 24.19 -60.47
CA GLU A 583 17.91 24.11 -61.93
C GLU A 583 16.45 24.14 -62.39
N GLN A 584 15.57 23.43 -61.69
CA GLN A 584 14.13 23.49 -62.00
C GLN A 584 13.56 24.89 -61.86
N ASN A 585 13.95 25.55 -60.77
CA ASN A 585 13.46 26.89 -60.48
C ASN A 585 13.96 27.93 -61.50
N GLN A 586 15.25 27.89 -61.84
CA GLN A 586 15.79 28.76 -62.90
C GLN A 586 15.13 28.53 -64.27
N GLN A 587 14.98 27.27 -64.68
CA GLN A 587 14.28 26.94 -65.92
C GLN A 587 12.85 27.47 -65.96
N ASN A 588 12.13 27.35 -64.84
CA ASN A 588 10.79 27.92 -64.76
C ASN A 588 10.73 29.44 -64.47
N GLY A 589 11.90 30.09 -64.38
CA GLY A 589 11.99 31.51 -64.11
C GLY A 589 11.28 31.94 -62.84
N GLU A 590 11.46 31.16 -61.76
CA GLU A 590 10.83 31.48 -60.47
C GLU A 590 11.50 32.66 -59.77
N VAL A 591 10.72 33.44 -59.02
CA VAL A 591 11.32 34.31 -58.01
C VAL A 591 11.50 33.48 -56.75
N LEU A 592 12.73 33.45 -56.23
CA LEU A 592 13.01 32.87 -54.95
C LEU A 592 12.62 33.90 -53.88
N GLY A 593 11.64 33.54 -53.07
CA GLY A 593 11.14 34.40 -52.01
C GLY A 593 9.71 34.81 -52.31
N TRP A 594 9.24 35.81 -51.56
CA TRP A 594 7.86 36.24 -51.58
C TRP A 594 7.84 37.77 -51.41
N PRO A 595 8.39 38.50 -52.39
CA PRO A 595 8.51 39.95 -52.31
C PRO A 595 7.17 40.67 -52.25
N GLU A 596 6.10 40.03 -52.74
CA GLU A 596 4.76 40.53 -52.53
C GLU A 596 4.30 40.05 -51.15
N TYR A 597 4.96 40.62 -50.14
CA TYR A 597 4.81 40.19 -48.74
C TYR A 597 3.43 40.48 -48.14
N GLN A 598 2.65 41.35 -48.78
CA GLN A 598 1.34 41.77 -48.30
C GLN A 598 0.20 40.86 -48.81
N TRP A 599 0.50 39.98 -49.75
CA TRP A 599 -0.52 39.23 -50.45
C TRP A 599 -1.20 38.20 -49.57
N HIS A 600 -2.53 38.18 -49.59
CA HIS A 600 -3.33 37.09 -49.04
C HIS A 600 -4.32 36.56 -50.11
N PRO A 601 -4.66 35.26 -50.07
CA PRO A 601 -5.65 34.77 -51.04
C PRO A 601 -7.05 35.28 -50.74
N PRO A 602 -7.94 35.33 -51.76
CA PRO A 602 -9.33 35.67 -51.48
C PRO A 602 -10.07 34.48 -50.87
N LEU A 603 -11.26 34.73 -50.33
CA LEU A 603 -12.15 33.64 -49.90
C LEU A 603 -12.68 32.84 -51.10
N PRO A 604 -12.84 31.52 -50.96
CA PRO A 604 -13.59 30.81 -52.02
C PRO A 604 -15.04 31.27 -52.08
N ASP A 605 -15.68 31.04 -53.23
CA ASP A 605 -17.05 31.54 -53.46
C ASP A 605 -18.01 30.85 -52.48
N ASN A 606 -18.90 31.64 -51.86
CA ASN A 606 -19.89 31.14 -50.90
C ASN A 606 -19.28 30.40 -49.70
N TYR A 607 -18.18 30.92 -49.17
CA TYR A 607 -17.56 30.38 -47.97
C TYR A 607 -18.13 31.10 -46.74
N PRO A 608 -18.59 30.39 -45.70
CA PRO A 608 -18.76 28.93 -45.63
C PRO A 608 -20.16 28.47 -46.06
N LEU B 1 -21.15 -14.44 69.15
CA LEU B 1 -20.23 -15.55 68.74
C LEU B 1 -20.06 -16.53 69.90
N ASP B 2 -20.29 -17.82 69.64
CA ASP B 2 -20.12 -18.87 70.63
C ASP B 2 -18.74 -18.70 71.25
N PRO B 3 -18.65 -18.71 72.59
CA PRO B 3 -17.35 -18.48 73.25
C PRO B 3 -16.21 -19.45 72.83
N GLY B 4 -16.59 -20.69 72.47
CA GLY B 4 -15.63 -21.68 71.98
C GLY B 4 -14.97 -21.35 70.65
N LEU B 5 -15.53 -20.36 69.93
CA LEU B 5 -14.97 -19.83 68.69
C LEU B 5 -14.26 -18.49 68.90
N GLN B 6 -14.16 -18.03 70.14
CA GLN B 6 -13.52 -16.76 70.46
C GLN B 6 -12.07 -17.04 70.82
N PRO B 7 -11.16 -16.07 70.64
CA PRO B 7 -9.78 -16.36 70.98
C PRO B 7 -9.57 -16.37 72.50
N GLY B 8 -8.65 -17.22 72.93
CA GLY B 8 -8.17 -17.21 74.29
C GLY B 8 -7.02 -16.21 74.48
N GLN B 9 -6.05 -16.65 75.29
CA GLN B 9 -4.95 -15.82 75.78
C GLN B 9 -3.68 -16.20 75.03
N PHE B 10 -3.01 -15.25 74.40
CA PHE B 10 -1.76 -15.55 73.66
C PHE B 10 -0.72 -14.49 73.94
N SER B 11 0.55 -14.90 74.01
CA SER B 11 1.65 -13.94 74.22
C SER B 11 1.91 -13.09 72.98
N ALA B 12 2.32 -11.83 73.20
CA ALA B 12 2.61 -10.87 72.13
C ALA B 12 4.03 -11.06 71.64
N ASP B 13 4.28 -12.18 70.98
CA ASP B 13 5.62 -12.50 70.41
C ASP B 13 5.39 -13.63 69.42
N GLU B 14 6.46 -14.05 68.74
CA GLU B 14 6.33 -15.08 67.70
C GLU B 14 5.85 -16.42 68.25
N ALA B 15 6.31 -16.78 69.46
CA ALA B 15 5.84 -18.00 70.16
C ALA B 15 4.32 -18.00 70.30
N GLY B 16 3.80 -16.88 70.80
CA GLY B 16 2.35 -16.69 70.95
C GLY B 16 1.58 -16.75 69.64
N ALA B 17 2.10 -16.03 68.63
CA ALA B 17 1.49 -15.95 67.32
C ALA B 17 1.36 -17.32 66.67
N GLN B 18 2.34 -18.21 66.84
CA GLN B 18 2.22 -19.59 66.30
C GLN B 18 1.02 -20.29 66.91
N LEU B 19 0.84 -20.13 68.23
CA LEU B 19 -0.29 -20.75 68.93
C LEU B 19 -1.60 -20.08 68.53
N PHE B 20 -1.59 -18.76 68.37
CA PHE B 20 -2.75 -18.01 67.91
C PHE B 20 -3.18 -18.54 66.53
N ALA B 21 -2.21 -18.71 65.64
CA ALA B 21 -2.50 -19.17 64.30
C ALA B 21 -3.13 -20.56 64.34
N GLN B 22 -2.61 -21.48 65.16
CA GLN B 22 -3.17 -22.84 65.25
C GLN B 22 -4.57 -22.82 65.83
N SER B 23 -4.79 -22.00 66.85
CA SER B 23 -6.12 -21.86 67.45
C SER B 23 -7.11 -21.19 66.47
N TYR B 24 -6.68 -20.11 65.83
CA TYR B 24 -7.45 -19.50 64.78
C TYR B 24 -7.93 -20.54 63.75
N GLN B 25 -6.99 -21.30 63.21
CA GLN B 25 -7.33 -22.26 62.18
C GLN B 25 -8.38 -23.27 62.67
N SER B 26 -8.22 -23.71 63.92
CA SER B 26 -9.15 -24.71 64.45
C SER B 26 -10.63 -24.22 64.41
N SER B 27 -10.86 -22.99 64.85
CA SER B 27 -12.20 -22.39 64.77
C SER B 27 -12.58 -21.85 63.37
N ALA B 28 -11.64 -21.25 62.64
CA ALA B 28 -11.85 -20.79 61.25
C ALA B 28 -12.43 -21.84 60.31
N GLU B 29 -11.92 -23.07 60.37
CA GLU B 29 -12.45 -24.15 59.53
C GLU B 29 -13.93 -24.44 59.80
N GLN B 30 -14.37 -24.26 61.04
CA GLN B 30 -15.78 -24.46 61.36
C GLN B 30 -16.64 -23.30 60.85
N VAL B 31 -16.13 -22.09 61.05
CA VAL B 31 -16.83 -20.88 60.67
C VAL B 31 -16.88 -20.77 59.13
N LEU B 32 -15.75 -20.98 58.47
CA LEU B 32 -15.73 -21.03 57.00
C LEU B 32 -16.64 -22.11 56.43
N PHE B 33 -16.57 -23.31 57.00
CA PHE B 33 -17.42 -24.41 56.55
C PHE B 33 -18.91 -24.08 56.62
N GLN B 34 -19.40 -23.58 57.78
CA GLN B 34 -20.85 -23.23 57.88
C GLN B 34 -21.21 -22.12 56.87
N SER B 35 -20.31 -21.17 56.67
CA SER B 35 -20.55 -20.10 55.71
C SER B 35 -20.63 -20.64 54.26
N VAL B 36 -19.67 -21.48 53.88
CA VAL B 36 -19.68 -22.07 52.53
C VAL B 36 -20.88 -23.00 52.36
N ALA B 37 -21.19 -23.79 53.38
CA ALA B 37 -22.34 -24.69 53.34
C ALA B 37 -23.64 -23.90 53.08
N ALA B 38 -23.82 -22.81 53.79
CA ALA B 38 -25.03 -21.98 53.66
C ALA B 38 -25.07 -21.31 52.31
N SER B 39 -23.94 -20.82 51.83
CA SER B 39 -23.88 -20.33 50.45
C SER B 39 -24.22 -21.40 49.41
N TRP B 40 -23.73 -22.64 49.58
CA TRP B 40 -24.05 -23.74 48.66
C TRP B 40 -25.56 -24.00 48.64
N ALA B 41 -26.16 -24.02 49.83
CA ALA B 41 -27.57 -24.30 49.96
C ALA B 41 -28.41 -23.24 49.28
N HIS B 42 -27.98 -21.98 49.34
CA HIS B 42 -28.67 -20.91 48.65
C HIS B 42 -28.44 -20.96 47.15
N ASP B 43 -27.17 -21.05 46.75
CA ASP B 43 -26.82 -21.03 45.31
C ASP B 43 -27.33 -22.21 44.50
N THR B 44 -27.59 -23.36 45.14
CA THR B 44 -28.21 -24.48 44.45
C THR B 44 -29.72 -24.58 44.71
N ASN B 45 -30.29 -23.56 45.38
CA ASN B 45 -31.71 -23.54 45.77
C ASN B 45 -32.10 -22.14 46.27
N ILE B 46 -32.27 -21.21 45.34
CA ILE B 46 -32.43 -19.82 45.73
C ILE B 46 -33.83 -19.65 46.28
N THR B 47 -33.94 -19.37 47.59
CA THR B 47 -35.22 -19.04 48.26
C THR B 47 -34.99 -17.97 49.33
N ALA B 48 -36.07 -17.35 49.79
CA ALA B 48 -35.93 -16.32 50.83
C ALA B 48 -35.32 -16.94 52.10
N GLU B 49 -35.73 -18.17 52.42
CA GLU B 49 -35.29 -18.82 53.64
C GLU B 49 -33.80 -19.21 53.59
N ASN B 50 -33.35 -19.72 52.44
CA ASN B 50 -31.91 -20.01 52.26
C ASN B 50 -31.07 -18.76 52.27
N ALA B 51 -31.62 -17.67 51.77
CA ALA B 51 -30.94 -16.39 51.83
C ALA B 51 -30.81 -15.93 53.30
N ARG B 52 -31.90 -16.09 54.04
CA ARG B 52 -31.86 -15.74 55.46
C ARG B 52 -30.78 -16.55 56.20
N ARG B 53 -30.71 -17.85 55.94
CA ARG B 53 -29.68 -18.73 56.55
C ARG B 53 -28.25 -18.31 56.17
N GLN B 54 -28.06 -17.93 54.92
CA GLN B 54 -26.73 -17.53 54.44
C GLN B 54 -26.33 -16.21 55.09
N GLU B 55 -27.29 -15.29 55.23
CA GLU B 55 -27.04 -14.03 55.92
C GLU B 55 -26.72 -14.25 57.40
N GLU B 56 -27.46 -15.15 58.04
CA GLU B 56 -27.12 -15.60 59.40
C GLU B 56 -25.64 -16.06 59.48
N ALA B 57 -25.26 -16.91 58.54
CA ALA B 57 -23.91 -17.46 58.52
C ALA B 57 -22.86 -16.38 58.25
N ALA B 58 -23.20 -15.39 57.42
CA ALA B 58 -22.29 -14.29 57.11
C ALA B 58 -22.07 -13.43 58.33
N LEU B 59 -23.15 -13.18 59.07
CA LEU B 59 -23.09 -12.37 60.28
C LEU B 59 -22.17 -13.03 61.34
N LEU B 60 -22.28 -14.35 61.46
CA LEU B 60 -21.42 -15.12 62.34
C LEU B 60 -19.94 -14.98 61.93
N SER B 61 -19.66 -15.12 60.64
CA SER B 61 -18.31 -14.93 60.11
C SER B 61 -17.79 -13.51 60.34
N GLN B 62 -18.65 -12.50 60.24
CA GLN B 62 -18.20 -11.15 60.60
C GLN B 62 -17.82 -11.03 62.08
N GLU B 63 -18.64 -11.58 62.99
CA GLU B 63 -18.32 -11.58 64.43
C GLU B 63 -16.99 -12.32 64.67
N PHE B 64 -16.77 -13.42 63.94
CA PHE B 64 -15.54 -14.20 64.05
C PHE B 64 -14.34 -13.38 63.60
N ALA B 65 -14.46 -12.80 62.41
CA ALA B 65 -13.42 -11.98 61.83
C ALA B 65 -13.06 -10.79 62.71
N GLU B 66 -14.05 -10.17 63.34
CA GLU B 66 -13.76 -9.06 64.24
C GLU B 66 -13.06 -9.55 65.51
N ALA B 67 -13.53 -10.65 66.09
CA ALA B 67 -12.93 -11.14 67.35
C ALA B 67 -11.43 -11.48 67.12
N TRP B 68 -11.15 -12.29 66.11
CA TRP B 68 -9.79 -12.74 65.90
C TRP B 68 -8.97 -11.62 65.29
N GLY B 69 -9.62 -10.80 64.47
CA GLY B 69 -9.00 -9.65 63.85
C GLY B 69 -8.54 -8.62 64.84
N GLN B 70 -9.39 -8.25 65.78
CA GLN B 70 -8.99 -7.30 66.81
C GLN B 70 -7.92 -7.91 67.70
N LYS B 71 -8.06 -9.19 68.06
CA LYS B 71 -7.03 -9.85 68.88
C LYS B 71 -5.69 -9.84 68.18
N ALA B 72 -5.66 -10.20 66.90
CA ALA B 72 -4.44 -10.11 66.09
C ALA B 72 -3.78 -8.73 66.12
N LYS B 73 -4.56 -7.67 66.03
CA LYS B 73 -4.02 -6.30 66.06
C LYS B 73 -3.47 -5.91 67.42
N GLU B 74 -4.28 -6.17 68.43
CA GLU B 74 -3.91 -5.90 69.82
C GLU B 74 -2.56 -6.56 70.22
N LEU B 75 -2.36 -7.82 69.81
CA LEU B 75 -1.16 -8.57 70.19
C LEU B 75 0.04 -8.39 69.25
N TYR B 76 -0.21 -8.23 67.95
CA TYR B 76 0.83 -8.43 66.93
C TYR B 76 1.11 -7.27 65.99
N GLU B 77 0.34 -6.17 66.09
CA GLU B 77 0.45 -5.02 65.16
C GLU B 77 1.88 -4.48 65.00
N PRO B 78 2.58 -4.20 66.12
CA PRO B 78 3.93 -3.67 65.94
C PRO B 78 4.94 -4.65 65.35
N ILE B 79 4.68 -5.96 65.42
CA ILE B 79 5.71 -7.02 65.28
C ILE B 79 5.52 -8.12 64.22
N TRP B 80 4.29 -8.36 63.75
CA TRP B 80 4.02 -9.46 62.80
C TRP B 80 4.83 -9.39 61.49
N GLN B 81 5.13 -8.18 61.02
CA GLN B 81 5.95 -7.99 59.80
C GLN B 81 7.40 -8.44 59.95
N GLN B 82 7.92 -8.55 61.18
CA GLN B 82 9.29 -9.08 61.41
C GLN B 82 9.36 -10.55 61.90
N PHE B 83 8.24 -11.25 61.99
CA PHE B 83 8.29 -12.66 62.35
C PHE B 83 9.16 -13.41 61.35
N THR B 84 9.90 -14.40 61.87
CA THR B 84 10.82 -15.24 61.06
C THR B 84 10.11 -16.24 60.12
N ASP B 85 8.89 -16.65 60.49
CA ASP B 85 8.16 -17.67 59.72
C ASP B 85 7.34 -16.90 58.69
N PRO B 86 7.65 -17.06 57.38
CA PRO B 86 6.91 -16.32 56.34
C PRO B 86 5.42 -16.73 56.19
N GLN B 87 5.08 -17.98 56.53
CA GLN B 87 3.67 -18.42 56.56
C GLN B 87 2.95 -17.65 57.64
N LEU B 88 3.56 -17.62 58.81
CA LEU B 88 2.97 -16.94 59.97
C LEU B 88 2.72 -15.46 59.65
N ARG B 89 3.70 -14.78 59.08
CA ARG B 89 3.52 -13.41 58.62
C ARG B 89 2.25 -13.22 57.79
N ARG B 90 2.05 -14.12 56.82
CA ARG B 90 0.90 -14.03 55.92
C ARG B 90 -0.41 -14.38 56.64
N ILE B 91 -0.39 -15.35 57.53
CA ILE B 91 -1.58 -15.70 58.30
C ILE B 91 -2.04 -14.49 59.09
N ILE B 92 -1.14 -13.87 59.84
CA ILE B 92 -1.53 -12.72 60.64
C ILE B 92 -1.95 -11.54 59.79
N GLY B 93 -1.25 -11.30 58.69
CA GLY B 93 -1.61 -10.24 57.75
C GLY B 93 -3.03 -10.37 57.19
N ALA B 94 -3.40 -11.60 56.86
CA ALA B 94 -4.77 -11.94 56.47
C ALA B 94 -5.76 -11.69 57.60
N VAL B 95 -5.49 -12.26 58.78
CA VAL B 95 -6.41 -12.19 59.90
C VAL B 95 -6.66 -10.75 60.38
N ARG B 96 -5.65 -9.89 60.33
CA ARG B 96 -5.85 -8.49 60.75
C ARG B 96 -6.68 -7.63 59.77
N THR B 97 -6.97 -8.15 58.58
CA THR B 97 -7.87 -7.51 57.63
C THR B 97 -9.31 -7.93 57.95
N LEU B 98 -10.11 -6.99 58.43
CA LEU B 98 -11.50 -7.27 58.86
C LEU B 98 -12.55 -7.17 57.75
N GLY B 99 -12.35 -6.31 56.76
CA GLY B 99 -13.33 -6.13 55.65
C GLY B 99 -14.69 -5.73 56.18
N SER B 100 -15.73 -6.43 55.74
CA SER B 100 -17.11 -6.10 56.14
C SER B 100 -17.33 -6.20 57.66
N ALA B 101 -16.46 -6.92 58.39
CA ALA B 101 -16.55 -7.01 59.86
C ALA B 101 -16.21 -5.68 60.55
N ASN B 102 -15.59 -4.75 59.83
CA ASN B 102 -15.45 -3.40 60.34
C ASN B 102 -16.78 -2.65 60.43
N LEU B 103 -17.81 -3.06 59.69
CA LEU B 103 -19.10 -2.35 59.75
C LEU B 103 -19.82 -2.63 61.09
N PRO B 104 -20.58 -1.66 61.63
CA PRO B 104 -21.46 -1.98 62.77
C PRO B 104 -22.60 -2.87 62.32
N LEU B 105 -23.28 -3.45 63.30
CA LEU B 105 -24.27 -4.49 63.08
C LEU B 105 -25.28 -4.17 61.96
N ALA B 106 -25.94 -3.01 62.06
CA ALA B 106 -26.99 -2.61 61.11
C ALA B 106 -26.47 -2.54 59.66
N LYS B 107 -25.22 -2.10 59.49
CA LYS B 107 -24.58 -2.06 58.17
C LYS B 107 -24.06 -3.41 57.71
N ARG B 108 -23.71 -4.30 58.63
CA ARG B 108 -23.40 -5.66 58.26
C ARG B 108 -24.65 -6.33 57.70
N GLN B 109 -25.73 -6.24 58.45
CA GLN B 109 -27.03 -6.75 58.00
C GLN B 109 -27.41 -6.23 56.62
N GLN B 110 -27.31 -4.91 56.43
CA GLN B 110 -27.61 -4.28 55.16
C GLN B 110 -26.67 -4.79 54.04
N TYR B 111 -25.36 -4.80 54.33
CA TYR B 111 -24.38 -5.34 53.39
C TYR B 111 -24.68 -6.79 52.99
N ASN B 112 -24.96 -7.67 53.96
CA ASN B 112 -25.26 -9.07 53.64
C ASN B 112 -26.57 -9.24 52.89
N ALA B 113 -27.57 -8.40 53.21
CA ALA B 113 -28.84 -8.43 52.48
C ALA B 113 -28.65 -8.02 51.02
N LEU B 114 -27.85 -6.98 50.79
CA LEU B 114 -27.51 -6.55 49.43
C LEU B 114 -26.86 -7.63 48.56
N LEU B 115 -25.88 -8.36 49.11
CA LEU B 115 -25.27 -9.47 48.42
C LEU B 115 -26.31 -10.51 48.04
N SER B 116 -27.21 -10.83 48.96
CA SER B 116 -28.27 -11.80 48.68
C SER B 116 -29.20 -11.30 47.60
N GLN B 117 -29.70 -10.07 47.80
N GLN B 117 -29.71 -10.09 47.75
CA GLN B 117 -30.64 -9.42 46.89
CA GLN B 117 -30.68 -9.60 46.78
C GLN B 117 -30.06 -9.32 45.46
C GLN B 117 -30.05 -9.37 45.40
N MET B 118 -28.81 -8.87 45.35
CA MET B 118 -28.11 -8.74 44.04
C MET B 118 -27.92 -10.07 43.36
N SER B 119 -27.53 -11.08 44.14
CA SER B 119 -27.37 -12.42 43.64
C SER B 119 -28.67 -12.98 43.09
N ARG B 120 -29.75 -12.85 43.85
CA ARG B 120 -31.08 -13.30 43.39
C ARG B 120 -31.51 -12.62 42.10
N ILE B 121 -31.39 -11.30 42.04
CA ILE B 121 -31.88 -10.56 40.90
C ILE B 121 -31.16 -11.04 39.65
N TYR B 122 -29.83 -11.14 39.71
CA TYR B 122 -29.05 -11.62 38.59
C TYR B 122 -29.45 -13.05 38.17
N SER B 123 -29.47 -13.98 39.13
CA SER B 123 -29.62 -15.40 38.83
C SER B 123 -31.07 -15.85 38.61
N THR B 124 -32.07 -15.01 38.94
CA THR B 124 -33.47 -15.32 38.65
C THR B 124 -34.13 -14.45 37.55
N ALA B 125 -33.40 -13.48 37.01
CA ALA B 125 -33.95 -12.59 36.01
C ALA B 125 -34.29 -13.37 34.73
N LYS B 126 -35.39 -13.02 34.08
CA LYS B 126 -35.88 -13.76 32.91
C LYS B 126 -36.24 -12.76 31.85
N VAL B 127 -36.27 -13.21 30.60
CA VAL B 127 -36.78 -12.39 29.50
C VAL B 127 -38.05 -13.08 28.97
N CYS B 128 -39.18 -12.39 29.11
CA CYS B 128 -40.48 -12.90 28.65
C CYS B 128 -40.87 -12.32 27.29
N LEU B 129 -41.54 -13.14 26.49
CA LEU B 129 -41.90 -12.80 25.11
C LEU B 129 -43.22 -12.00 25.07
N PRO B 130 -43.73 -11.70 23.85
CA PRO B 130 -45.06 -11.09 23.66
C PRO B 130 -46.21 -11.93 24.28
N GLN B 131 -46.18 -13.26 24.08
CA GLN B 131 -47.09 -14.21 24.76
C GLN B 131 -46.90 -14.23 26.29
N THR B 135 -42.45 -21.12 29.28
CA THR B 135 -41.97 -20.14 30.24
C THR B 135 -41.26 -18.95 29.54
N CYS B 136 -40.82 -18.00 30.36
CA CYS B 136 -39.91 -16.96 29.91
C CYS B 136 -38.50 -17.56 29.77
N TRP B 137 -37.59 -16.82 29.15
CA TRP B 137 -36.24 -17.29 28.93
C TRP B 137 -35.24 -16.94 30.05
N SER B 138 -34.50 -17.94 30.54
CA SER B 138 -33.43 -17.70 31.50
C SER B 138 -32.13 -17.45 30.75
N LEU B 139 -31.16 -16.85 31.41
CA LEU B 139 -29.83 -16.62 30.81
C LEU B 139 -29.19 -17.93 30.36
N ASP B 140 -29.24 -18.91 31.25
CA ASP B 140 -28.62 -20.22 31.05
C ASP B 140 -29.69 -21.29 31.26
N PRO B 141 -30.09 -22.01 30.21
CA PRO B 141 -29.44 -22.10 28.89
C PRO B 141 -29.98 -21.19 27.77
N ASP B 142 -31.13 -20.57 27.96
CA ASP B 142 -31.89 -20.06 26.82
C ASP B 142 -31.18 -18.92 26.08
N LEU B 143 -30.93 -17.81 26.78
CA LEU B 143 -30.34 -16.64 26.15
C LEU B 143 -28.91 -16.91 25.71
N THR B 144 -28.20 -17.70 26.50
CA THR B 144 -26.85 -18.15 26.15
C THR B 144 -26.85 -18.85 24.81
N ASN B 145 -27.78 -19.78 24.62
CA ASN B 145 -27.89 -20.52 23.32
C ASN B 145 -28.25 -19.60 22.13
N ILE B 146 -29.18 -18.69 22.35
CA ILE B 146 -29.58 -17.70 21.33
C ILE B 146 -28.38 -16.82 20.92
N LEU B 147 -27.68 -16.25 21.90
CA LEU B 147 -26.49 -15.44 21.60
C LEU B 147 -25.44 -16.25 20.84
N ALA B 148 -25.28 -17.54 21.19
CA ALA B 148 -24.29 -18.40 20.53
C ALA B 148 -24.65 -18.82 19.10
N SER B 149 -25.93 -19.07 18.82
CA SER B 149 -26.28 -19.70 17.55
C SER B 149 -27.32 -19.00 16.67
N SER B 150 -28.15 -18.10 17.19
CA SER B 150 -29.06 -17.35 16.32
C SER B 150 -28.28 -16.38 15.42
N ARG B 151 -28.65 -16.35 14.14
CA ARG B 151 -28.10 -15.40 13.20
C ARG B 151 -29.18 -14.42 12.73
N SER B 152 -30.25 -14.32 13.51
CA SER B 152 -31.30 -13.34 13.28
C SER B 152 -30.98 -12.07 14.11
N TYR B 153 -30.69 -10.96 13.42
CA TYR B 153 -30.34 -9.72 14.09
C TYR B 153 -31.39 -9.34 15.14
N ALA B 154 -32.67 -9.51 14.80
CA ALA B 154 -33.76 -9.11 15.66
C ALA B 154 -33.95 -10.05 16.85
N MET B 155 -33.67 -11.33 16.69
CA MET B 155 -33.79 -12.26 17.81
C MET B 155 -32.67 -11.98 18.81
N LEU B 156 -31.47 -11.77 18.28
CA LEU B 156 -30.30 -11.43 19.08
C LEU B 156 -30.54 -10.16 19.89
N LEU B 157 -31.10 -9.15 19.22
CA LEU B 157 -31.37 -7.86 19.84
C LEU B 157 -32.35 -8.01 20.97
N PHE B 158 -33.42 -8.77 20.72
CA PHE B 158 -34.44 -9.02 21.74
C PHE B 158 -33.84 -9.69 22.98
N ALA B 159 -33.04 -10.73 22.75
CA ALA B 159 -32.31 -11.38 23.84
C ALA B 159 -31.34 -10.41 24.56
N TRP B 160 -30.53 -9.67 23.81
CA TRP B 160 -29.52 -8.75 24.40
C TRP B 160 -30.18 -7.64 25.21
N GLU B 161 -31.13 -6.97 24.58
CA GLU B 161 -31.86 -5.93 25.25
C GLU B 161 -32.66 -6.48 26.42
N GLY B 162 -33.40 -7.55 26.19
CA GLY B 162 -34.18 -8.14 27.26
C GLY B 162 -33.33 -8.44 28.49
N TRP B 163 -32.17 -9.06 28.28
CA TRP B 163 -31.33 -9.45 29.40
C TRP B 163 -30.75 -8.21 30.13
N HIS B 164 -30.14 -7.31 29.38
CA HIS B 164 -29.55 -6.12 29.99
C HIS B 164 -30.57 -5.30 30.76
N ASN B 165 -31.78 -5.15 30.21
CA ASN B 165 -32.83 -4.47 30.95
C ASN B 165 -33.30 -5.23 32.21
N ALA B 166 -33.50 -6.54 32.10
CA ALA B 166 -34.08 -7.31 33.23
C ALA B 166 -33.12 -7.45 34.39
N ALA B 167 -31.84 -7.68 34.10
CA ALA B 167 -30.84 -7.82 35.15
C ALA B 167 -30.36 -6.46 35.66
N GLY B 168 -30.04 -5.56 34.73
CA GLY B 168 -29.36 -4.31 35.06
C GLY B 168 -30.16 -3.30 35.82
N ILE B 169 -31.35 -3.00 35.31
CA ILE B 169 -32.18 -1.91 35.83
C ILE B 169 -32.44 -2.06 37.34
N PRO B 170 -32.91 -3.25 37.77
CA PRO B 170 -33.19 -3.34 39.20
C PRO B 170 -31.94 -3.43 40.09
N LEU B 171 -30.78 -3.76 39.53
CA LEU B 171 -29.55 -3.88 40.34
C LEU B 171 -28.98 -2.54 40.81
N LYS B 172 -29.22 -1.47 40.06
CA LYS B 172 -28.46 -0.24 40.28
C LYS B 172 -28.63 0.36 41.67
N PRO B 173 -29.88 0.48 42.17
CA PRO B 173 -29.93 1.12 43.51
C PRO B 173 -29.17 0.31 44.56
N LEU B 174 -29.25 -1.01 44.44
CA LEU B 174 -28.55 -1.91 45.33
C LEU B 174 -27.05 -1.77 45.18
N TYR B 175 -26.58 -1.71 43.94
CA TYR B 175 -25.15 -1.66 43.69
C TYR B 175 -24.54 -0.38 44.26
N GLU B 176 -25.27 0.74 44.15
CA GLU B 176 -24.83 1.99 44.75
C GLU B 176 -24.65 1.83 46.24
N ASP B 177 -25.62 1.25 46.92
CA ASP B 177 -25.56 1.04 48.38
C ASP B 177 -24.45 0.08 48.74
N PHE B 178 -24.28 -0.97 47.95
CA PHE B 178 -23.18 -1.92 48.19
C PHE B 178 -21.81 -1.22 48.14
N THR B 179 -21.59 -0.44 47.08
CA THR B 179 -20.32 0.25 46.87
C THR B 179 -19.98 1.16 48.06
N ALA B 180 -20.94 1.95 48.53
CA ALA B 180 -20.70 2.81 49.72
C ALA B 180 -20.30 1.96 50.94
N LEU B 181 -21.04 0.89 51.22
CA LEU B 181 -20.76 0.06 52.41
C LEU B 181 -19.41 -0.67 52.32
N SER B 182 -19.12 -1.23 51.16
CA SER B 182 -17.86 -1.92 50.96
C SER B 182 -16.69 -0.95 51.21
N ASN B 183 -16.75 0.25 50.64
CA ASN B 183 -15.72 1.27 50.83
C ASN B 183 -15.55 1.69 52.28
N GLU B 184 -16.67 1.87 52.99
CA GLU B 184 -16.61 2.20 54.41
C GLU B 184 -15.93 1.05 55.19
N ALA B 185 -16.23 -0.19 54.81
CA ALA B 185 -15.63 -1.34 55.45
C ALA B 185 -14.10 -1.35 55.24
N TYR B 186 -13.66 -1.26 53.99
CA TYR B 186 -12.23 -1.38 53.71
C TYR B 186 -11.40 -0.14 54.08
N LYS B 187 -12.02 1.03 54.15
CA LYS B 187 -11.32 2.23 54.65
C LYS B 187 -10.77 2.01 56.07
N GLN B 188 -11.52 1.27 56.88
CA GLN B 188 -11.08 0.98 58.25
C GLN B 188 -9.94 -0.06 58.37
N ASP B 189 -9.64 -0.80 57.29
CA ASP B 189 -8.40 -1.57 57.18
C ASP B 189 -7.27 -0.73 56.54
N GLY B 190 -7.50 0.56 56.28
CA GLY B 190 -6.45 1.46 55.71
C GLY B 190 -6.33 1.55 54.19
N PHE B 191 -7.28 1.02 53.45
CA PHE B 191 -7.32 1.19 51.99
C PHE B 191 -8.14 2.43 51.61
N THR B 192 -7.73 3.18 50.58
CA THR B 192 -8.50 4.38 50.17
C THR B 192 -9.87 4.00 49.66
N ASP B 193 -9.97 2.80 49.04
CA ASP B 193 -11.24 2.25 48.61
C ASP B 193 -11.12 0.72 48.37
N THR B 194 -12.28 0.07 48.14
CA THR B 194 -12.29 -1.38 47.96
C THR B 194 -11.40 -1.84 46.79
N GLY B 195 -11.34 -1.05 45.74
CA GLY B 195 -10.50 -1.36 44.59
C GLY B 195 -9.03 -1.40 44.91
N ALA B 196 -8.58 -0.47 45.75
CA ALA B 196 -7.21 -0.52 46.28
C ALA B 196 -6.93 -1.80 47.08
N TYR B 197 -7.90 -2.27 47.86
CA TYR B 197 -7.75 -3.56 48.55
C TYR B 197 -7.61 -4.72 47.55
N TRP B 198 -8.50 -4.74 46.56
CA TRP B 198 -8.49 -5.81 45.58
C TRP B 198 -7.14 -5.84 44.83
N ARG B 199 -6.62 -4.68 44.45
CA ARG B 199 -5.31 -4.62 43.77
C ARG B 199 -4.12 -5.03 44.66
N SER B 200 -4.24 -4.82 45.98
CA SER B 200 -3.18 -5.16 46.91
C SER B 200 -2.82 -6.65 46.89
N TRP B 201 -3.76 -7.51 46.52
CA TRP B 201 -3.49 -8.94 46.36
C TRP B 201 -2.33 -9.30 45.43
N TYR B 202 -2.05 -8.45 44.46
CA TYR B 202 -0.94 -8.65 43.53
C TYR B 202 0.43 -8.19 44.09
N ASN B 203 0.45 -7.55 45.26
CA ASN B 203 1.70 -7.17 45.90
C ASN B 203 2.74 -6.55 44.94
N SER B 204 2.30 -5.52 44.24
CA SER B 204 3.08 -4.88 43.19
C SER B 204 2.75 -3.40 43.13
N PRO B 205 3.70 -2.53 43.49
CA PRO B 205 3.40 -1.08 43.46
C PRO B 205 3.17 -0.53 42.03
N THR B 206 3.57 -1.28 41.03
CA THR B 206 3.45 -0.88 39.63
C THR B 206 2.31 -1.66 38.86
N PHE B 207 1.37 -2.25 39.60
CA PHE B 207 0.36 -3.15 39.02
C PHE B 207 -0.40 -2.53 37.84
N GLU B 208 -0.94 -1.35 38.03
CA GLU B 208 -1.75 -0.72 36.98
C GLU B 208 -0.95 -0.33 35.73
N ASP B 209 0.24 0.24 35.94
CA ASP B 209 1.16 0.54 34.83
C ASP B 209 1.59 -0.71 34.11
N ASP B 210 1.87 -1.77 34.86
CA ASP B 210 2.31 -3.01 34.25
C ASP B 210 1.23 -3.62 33.36
N LEU B 211 -0.01 -3.58 33.85
CA LEU B 211 -1.15 -4.05 33.05
C LEU B 211 -1.30 -3.25 31.78
N GLU B 212 -1.20 -1.92 31.90
CA GLU B 212 -1.32 -1.03 30.75
C GLU B 212 -0.26 -1.31 29.70
N HIS B 213 0.98 -1.56 30.12
CA HIS B 213 2.04 -1.86 29.17
CA HIS B 213 2.09 -1.90 29.20
C HIS B 213 1.78 -3.21 28.48
N LEU B 214 1.28 -4.21 29.22
CA LEU B 214 0.88 -5.48 28.63
C LEU B 214 -0.18 -5.22 27.60
N TYR B 215 -1.23 -4.47 27.96
CA TYR B 215 -2.28 -4.25 26.99
C TYR B 215 -1.81 -3.56 25.70
N GLN B 216 -0.90 -2.60 25.80
CA GLN B 216 -0.31 -1.97 24.60
C GLN B 216 0.32 -3.00 23.65
N GLN B 217 0.95 -4.05 24.15
CA GLN B 217 1.54 -5.07 23.28
C GLN B 217 0.49 -5.95 22.65
N LEU B 218 -0.60 -6.16 23.38
CA LEU B 218 -1.67 -7.04 22.91
C LEU B 218 -2.67 -6.38 21.98
N GLU B 219 -2.88 -5.07 22.17
CA GLU B 219 -3.91 -4.34 21.41
C GLU B 219 -3.87 -4.52 19.90
N PRO B 220 -2.68 -4.44 19.26
CA PRO B 220 -2.70 -4.62 17.80
C PRO B 220 -3.27 -5.97 17.36
N LEU B 221 -3.03 -7.02 18.15
CA LEU B 221 -3.64 -8.33 17.87
C LEU B 221 -5.15 -8.25 17.91
N TYR B 222 -5.70 -7.57 18.92
CA TYR B 222 -7.15 -7.39 19.02
C TYR B 222 -7.68 -6.55 17.85
N LEU B 223 -7.02 -5.44 17.54
CA LEU B 223 -7.53 -4.53 16.49
C LEU B 223 -7.63 -5.29 15.17
N ASN B 224 -6.65 -6.14 14.88
CA ASN B 224 -6.68 -6.92 13.64
C ASN B 224 -7.77 -8.01 13.65
N LEU B 225 -7.92 -8.73 14.75
CA LEU B 225 -9.05 -9.67 14.89
C LEU B 225 -10.38 -8.98 14.70
N HIS B 226 -10.55 -7.86 15.40
CA HIS B 226 -11.78 -7.06 15.33
C HIS B 226 -12.14 -6.66 13.89
N ALA B 227 -11.17 -6.15 13.15
CA ALA B 227 -11.41 -5.69 11.78
C ALA B 227 -11.80 -6.86 10.86
N PHE B 228 -11.11 -7.97 11.00
CA PHE B 228 -11.39 -9.19 10.25
C PHE B 228 -12.79 -9.72 10.54
N VAL B 229 -13.18 -9.76 11.81
CA VAL B 229 -14.51 -10.29 12.23
C VAL B 229 -15.61 -9.33 11.79
N ARG B 230 -15.37 -8.02 12.02
CA ARG B 230 -16.31 -6.97 11.55
C ARG B 230 -16.63 -7.16 10.06
N ARG B 231 -15.60 -7.41 9.27
CA ARG B 231 -15.78 -7.62 7.83
C ARG B 231 -16.72 -8.82 7.54
N ALA B 232 -16.45 -9.93 8.21
CA ALA B 232 -17.30 -11.12 8.14
C ALA B 232 -18.75 -10.83 8.56
N LEU B 233 -18.90 -10.05 9.64
CA LEU B 233 -20.25 -9.60 10.05
C LEU B 233 -20.93 -8.72 8.99
N HIS B 234 -20.16 -7.83 8.39
CA HIS B 234 -20.66 -7.00 7.32
C HIS B 234 -21.19 -7.83 6.14
N ARG B 235 -20.49 -8.90 5.77
CA ARG B 235 -20.95 -9.78 4.69
C ARG B 235 -22.27 -10.47 5.07
N ARG B 236 -22.43 -10.78 6.35
CA ARG B 236 -23.65 -11.43 6.83
C ARG B 236 -24.83 -10.49 7.06
N TYR B 237 -24.63 -9.40 7.80
CA TYR B 237 -25.74 -8.53 8.19
C TYR B 237 -25.91 -7.32 7.28
N GLY B 238 -24.90 -7.01 6.49
CA GLY B 238 -24.97 -5.89 5.56
C GLY B 238 -24.71 -4.52 6.14
N ASP B 239 -24.64 -3.57 5.21
CA ASP B 239 -24.25 -2.21 5.48
C ASP B 239 -25.17 -1.47 6.44
N ARG B 240 -26.43 -1.85 6.51
CA ARG B 240 -27.38 -1.24 7.43
C ARG B 240 -26.96 -1.40 8.91
N TYR B 241 -26.46 -2.59 9.23
CA TYR B 241 -26.22 -2.96 10.61
C TYR B 241 -24.77 -3.05 11.01
N ILE B 242 -23.87 -2.99 10.03
CA ILE B 242 -22.45 -3.06 10.27
C ILE B 242 -21.79 -1.90 9.56
N ASN B 243 -21.07 -1.12 10.36
CA ASN B 243 -20.30 0.00 9.89
C ASN B 243 -18.84 -0.43 9.89
N LEU B 244 -18.26 -0.53 8.69
CA LEU B 244 -16.89 -0.94 8.54
C LEU B 244 -15.88 0.01 9.17
N ARG B 245 -16.27 1.22 9.56
CA ARG B 245 -15.37 2.12 10.27
C ARG B 245 -15.89 2.50 11.65
N GLY B 246 -16.80 1.68 12.17
CA GLY B 246 -17.47 1.95 13.43
C GLY B 246 -17.41 0.76 14.39
N PRO B 247 -17.89 0.96 15.62
CA PRO B 247 -17.97 -0.15 16.58
C PRO B 247 -18.94 -1.24 16.14
N ILE B 248 -18.65 -2.49 16.51
CA ILE B 248 -19.52 -3.64 16.20
C ILE B 248 -20.71 -3.62 17.17
N PRO B 249 -21.95 -3.82 16.69
CA PRO B 249 -23.04 -3.96 17.65
C PRO B 249 -22.78 -5.11 18.64
N ALA B 250 -23.03 -4.83 19.93
CA ALA B 250 -22.58 -5.69 21.06
C ALA B 250 -23.21 -7.06 21.15
N HIS B 251 -24.26 -7.28 20.38
CA HIS B 251 -25.07 -8.51 20.42
C HIS B 251 -24.73 -9.50 19.32
N LEU B 252 -23.74 -9.22 18.48
CA LEU B 252 -23.51 -10.05 17.27
C LEU B 252 -22.28 -10.95 17.33
N LEU B 253 -21.65 -11.07 18.50
CA LEU B 253 -20.34 -11.74 18.59
C LEU B 253 -20.33 -13.09 19.31
N GLY B 254 -21.50 -13.68 19.52
CA GLY B 254 -21.63 -15.06 20.01
C GLY B 254 -21.93 -15.23 21.48
N ASP B 255 -22.01 -14.12 22.18
CA ASP B 255 -21.87 -14.10 23.61
C ASP B 255 -22.62 -12.85 24.11
N MET B 256 -23.33 -12.98 25.24
CA MET B 256 -24.10 -11.90 25.78
C MET B 256 -23.27 -10.64 26.07
N TRP B 257 -21.99 -10.81 26.41
CA TRP B 257 -21.11 -9.68 26.76
C TRP B 257 -20.07 -9.39 25.69
N ALA B 258 -20.17 -10.09 24.55
CA ALA B 258 -19.20 -10.01 23.46
C ALA B 258 -17.79 -10.27 23.95
N GLN B 259 -17.70 -11.10 25.00
CA GLN B 259 -16.43 -11.26 25.71
C GLN B 259 -15.52 -12.27 25.07
N SER B 260 -16.10 -13.23 24.38
CA SER B 260 -15.35 -14.08 23.51
C SER B 260 -16.26 -14.54 22.38
N TRP B 261 -15.61 -14.80 21.25
CA TRP B 261 -16.28 -14.83 19.98
C TRP B 261 -16.21 -16.19 19.31
N GLU B 262 -15.80 -17.21 20.05
CA GLU B 262 -15.70 -18.56 19.50
C GLU B 262 -17.03 -19.09 18.95
N ASN B 263 -18.17 -18.63 19.46
CA ASN B 263 -19.47 -19.06 18.93
C ASN B 263 -19.82 -18.57 17.53
N ILE B 264 -19.11 -17.57 17.00
CA ILE B 264 -19.28 -17.18 15.60
C ILE B 264 -18.16 -17.69 14.72
N TYR B 265 -17.39 -18.68 15.17
CA TYR B 265 -16.33 -19.28 14.37
C TYR B 265 -16.82 -19.73 12.98
N ASP B 266 -18.03 -20.28 12.93
CA ASP B 266 -18.55 -20.78 11.65
C ASP B 266 -18.75 -19.70 10.58
N MET B 267 -18.89 -18.44 10.99
CA MET B 267 -19.05 -17.32 10.09
C MET B 267 -17.74 -16.72 9.63
N VAL B 268 -16.68 -16.86 10.41
CA VAL B 268 -15.41 -16.20 10.11
C VAL B 268 -14.28 -17.17 9.75
N VAL B 269 -14.52 -18.47 9.85
CA VAL B 269 -13.49 -19.49 9.60
C VAL B 269 -12.73 -19.20 8.30
N PRO B 270 -11.41 -18.98 8.37
CA PRO B 270 -10.63 -18.60 7.17
C PRO B 270 -10.72 -19.55 5.99
N PHE B 271 -10.64 -20.85 6.26
CA PHE B 271 -10.60 -21.90 5.24
C PHE B 271 -11.73 -22.89 5.54
N PRO B 272 -12.96 -22.52 5.14
CA PRO B 272 -14.15 -23.32 5.47
C PRO B 272 -14.14 -24.72 4.88
N ASP B 273 -13.33 -24.95 3.83
CA ASP B 273 -13.21 -26.28 3.21
C ASP B 273 -12.56 -27.32 4.10
N LYS B 274 -11.83 -26.88 5.12
CA LYS B 274 -11.10 -27.80 6.01
C LYS B 274 -12.08 -28.39 7.03
N PRO B 275 -11.67 -29.45 7.75
CA PRO B 275 -12.60 -30.05 8.74
C PRO B 275 -12.88 -29.16 9.96
N ASN B 276 -14.06 -29.36 10.52
CA ASN B 276 -14.62 -28.46 11.51
C ASN B 276 -13.93 -28.63 12.86
N LEU B 277 -13.16 -27.61 13.26
CA LEU B 277 -12.46 -27.63 14.55
C LEU B 277 -13.33 -27.37 15.78
N ASP B 278 -14.61 -27.03 15.59
CA ASP B 278 -15.57 -26.99 16.70
C ASP B 278 -16.21 -28.37 16.77
N VAL B 279 -15.84 -29.12 17.80
CA VAL B 279 -16.27 -30.52 17.96
C VAL B 279 -17.64 -30.69 18.65
N THR B 280 -18.37 -29.59 18.87
CA THR B 280 -19.68 -29.62 19.54
C THR B 280 -20.64 -30.63 18.89
N SER B 281 -20.78 -30.57 17.56
CA SER B 281 -21.71 -31.47 16.86
C SER B 281 -21.31 -32.94 17.05
N THR B 282 -20.01 -33.22 17.06
CA THR B 282 -19.52 -34.57 17.35
C THR B 282 -19.81 -35.04 18.79
N MET B 283 -19.64 -34.15 19.77
CA MET B 283 -20.00 -34.46 21.17
C MET B 283 -21.47 -34.83 21.32
N LEU B 284 -22.34 -34.05 20.68
CA LEU B 284 -23.77 -34.31 20.65
C LEU B 284 -24.08 -35.62 19.93
N GLN B 285 -23.45 -35.82 18.78
CA GLN B 285 -23.67 -37.04 17.99
C GLN B 285 -23.25 -38.28 18.79
N GLN B 286 -22.11 -38.21 19.49
CA GLN B 286 -21.67 -39.34 20.31
C GLN B 286 -22.41 -39.48 21.63
N GLY B 287 -23.35 -38.59 21.96
CA GLY B 287 -24.13 -38.70 23.21
C GLY B 287 -23.39 -38.30 24.49
N TRP B 288 -22.41 -37.40 24.40
CA TRP B 288 -21.70 -36.96 25.62
C TRP B 288 -22.69 -36.29 26.55
N GLN B 289 -22.43 -36.42 27.84
CA GLN B 289 -23.21 -35.77 28.89
C GLN B 289 -22.25 -35.12 29.84
N ALA B 290 -22.77 -34.34 30.79
CA ALA B 290 -21.93 -33.64 31.78
C ALA B 290 -20.94 -34.57 32.47
N THR B 291 -21.43 -35.71 32.93
CA THR B 291 -20.58 -36.70 33.58
C THR B 291 -19.37 -37.10 32.75
N HIS B 292 -19.57 -37.38 31.47
CA HIS B 292 -18.45 -37.69 30.57
C HIS B 292 -17.45 -36.54 30.49
N MET B 293 -17.97 -35.32 30.39
CA MET B 293 -17.11 -34.15 30.27
C MET B 293 -16.22 -34.02 31.48
N PHE B 294 -16.82 -34.16 32.66
CA PHE B 294 -16.07 -34.08 33.89
C PHE B 294 -15.09 -35.26 34.06
N ARG B 295 -15.48 -36.45 33.64
CA ARG B 295 -14.56 -37.61 33.76
C ARG B 295 -13.38 -37.51 32.80
N VAL B 296 -13.64 -36.98 31.61
CA VAL B 296 -12.58 -36.77 30.64
C VAL B 296 -11.62 -35.67 31.13
N ALA B 297 -12.17 -34.59 31.71
CA ALA B 297 -11.33 -33.55 32.34
C ALA B 297 -10.46 -34.17 33.45
N GLU B 298 -11.10 -34.88 34.38
CA GLU B 298 -10.40 -35.59 35.43
C GLU B 298 -9.23 -36.43 34.92
N GLU B 299 -9.46 -37.22 33.87
CA GLU B 299 -8.43 -38.12 33.38
C GLU B 299 -7.22 -37.38 32.79
N PHE B 300 -7.41 -36.16 32.28
CA PHE B 300 -6.26 -35.31 31.89
C PHE B 300 -5.41 -35.00 33.13
N PHE B 301 -6.05 -34.59 34.22
CA PHE B 301 -5.32 -34.29 35.43
C PHE B 301 -4.57 -35.54 35.96
N THR B 302 -5.22 -36.69 35.98
CA THR B 302 -4.55 -37.91 36.45
C THR B 302 -3.46 -38.36 35.46
N SER B 303 -3.58 -38.03 34.18
CA SER B 303 -2.49 -38.31 33.21
C SER B 303 -1.18 -37.62 33.59
N LEU B 304 -1.31 -36.46 34.23
CA LEU B 304 -0.17 -35.70 34.72
C LEU B 304 0.28 -36.12 36.11
N GLU B 305 -0.28 -37.21 36.64
CA GLU B 305 -0.16 -37.56 38.04
C GLU B 305 -0.53 -36.48 39.05
N LEU B 306 -1.58 -35.73 38.73
CA LEU B 306 -2.23 -34.87 39.70
C LEU B 306 -3.42 -35.68 40.22
N SER B 307 -4.11 -35.12 41.20
CA SER B 307 -5.13 -35.86 41.93
C SER B 307 -6.44 -36.05 41.19
N PRO B 308 -7.04 -37.25 41.35
CA PRO B 308 -8.39 -37.38 40.86
C PRO B 308 -9.36 -36.57 41.73
N MET B 309 -10.59 -36.36 41.26
CA MET B 309 -11.62 -35.77 42.10
C MET B 309 -12.03 -36.80 43.15
N PRO B 310 -12.09 -36.42 44.45
CA PRO B 310 -12.50 -37.36 45.49
C PRO B 310 -14.02 -37.74 45.44
N PRO B 311 -14.41 -38.80 46.16
CA PRO B 311 -15.82 -39.18 46.26
C PRO B 311 -16.76 -38.05 46.63
N GLU B 312 -16.34 -37.22 47.59
CA GLU B 312 -17.15 -36.08 48.04
C GLU B 312 -17.45 -35.08 46.93
N PHE B 313 -16.57 -34.97 45.94
CA PHE B 313 -16.79 -34.13 44.75
C PHE B 313 -17.95 -34.70 43.91
N TRP B 314 -17.89 -35.99 43.60
CA TRP B 314 -18.95 -36.61 42.76
C TRP B 314 -20.28 -36.69 43.51
N GLU B 315 -20.24 -36.96 44.79
CA GLU B 315 -21.47 -37.08 45.56
C GLU B 315 -22.14 -35.72 45.79
N GLY B 316 -21.34 -34.65 45.93
CA GLY B 316 -21.83 -33.34 46.32
C GLY B 316 -22.08 -32.34 45.20
N SER B 317 -21.41 -32.51 44.06
CA SER B 317 -21.41 -31.47 43.03
C SER B 317 -22.76 -31.37 42.32
N MET B 318 -23.09 -30.18 41.82
CA MET B 318 -24.22 -29.99 40.93
C MET B 318 -23.67 -29.80 39.53
N LEU B 319 -23.79 -30.83 38.70
CA LEU B 319 -23.15 -30.83 37.37
C LEU B 319 -24.11 -30.52 36.21
N GLU B 320 -25.41 -30.50 36.51
CA GLU B 320 -26.44 -30.14 35.55
C GLU B 320 -27.41 -29.18 36.22
N LYS B 321 -28.06 -28.34 35.42
CA LYS B 321 -29.16 -27.51 35.92
C LYS B 321 -30.29 -28.41 36.46
N PRO B 322 -30.73 -28.20 37.71
CA PRO B 322 -31.82 -29.03 38.25
C PRO B 322 -33.10 -29.04 37.39
N ALA B 323 -33.69 -30.21 37.22
CA ALA B 323 -34.91 -30.37 36.41
C ALA B 323 -36.20 -30.16 37.20
N ASP B 324 -36.14 -30.02 38.52
CA ASP B 324 -37.31 -29.64 39.33
C ASP B 324 -37.69 -28.15 39.20
N GLY B 325 -37.04 -27.41 38.28
CA GLY B 325 -37.46 -26.06 37.94
C GLY B 325 -36.99 -24.98 38.90
N ARG B 326 -36.69 -25.35 40.16
CA ARG B 326 -36.21 -24.43 41.21
C ARG B 326 -35.02 -23.57 40.76
N GLU B 327 -34.87 -22.43 41.42
CA GLU B 327 -33.93 -21.42 40.96
C GLU B 327 -32.55 -21.78 41.48
N VAL B 328 -31.53 -21.67 40.62
CA VAL B 328 -30.14 -21.78 41.02
C VAL B 328 -29.28 -20.68 40.42
N VAL B 329 -28.09 -20.52 40.99
CA VAL B 329 -27.03 -19.74 40.34
C VAL B 329 -26.37 -20.69 39.36
N CYS B 330 -26.64 -20.49 38.08
CA CYS B 330 -26.02 -21.32 37.06
C CYS B 330 -24.57 -20.99 36.75
N HIS B 331 -24.09 -19.80 37.11
CA HIS B 331 -22.76 -19.35 36.68
C HIS B 331 -21.74 -20.30 37.27
N ALA B 332 -20.90 -20.91 36.44
CA ALA B 332 -20.04 -22.00 36.90
C ALA B 332 -19.10 -21.54 37.98
N SER B 333 -18.96 -22.35 39.04
CA SER B 333 -18.01 -22.05 40.12
C SER B 333 -17.45 -23.32 40.80
N ALA B 334 -16.30 -23.17 41.41
CA ALA B 334 -15.62 -24.24 42.12
C ALA B 334 -15.50 -23.87 43.60
N TRP B 335 -15.84 -24.85 44.45
CA TRP B 335 -16.06 -24.61 45.87
C TRP B 335 -15.10 -25.41 46.74
N ASP B 336 -14.40 -24.68 47.61
CA ASP B 336 -13.61 -25.25 48.73
C ASP B 336 -14.40 -25.00 50.03
N PHE B 337 -14.76 -26.07 50.73
CA PHE B 337 -15.50 -25.92 51.99
C PHE B 337 -14.61 -25.75 53.22
N TYR B 338 -13.30 -25.62 53.01
CA TYR B 338 -12.33 -25.42 54.08
C TYR B 338 -12.31 -26.47 55.19
N ASN B 339 -12.74 -27.68 54.88
CA ASN B 339 -12.65 -28.81 55.81
C ASN B 339 -11.75 -29.92 55.30
N ARG B 340 -11.01 -29.67 54.22
CA ARG B 340 -10.03 -30.61 53.66
C ARG B 340 -10.65 -31.88 53.04
N LYS B 341 -11.97 -31.87 52.88
CA LYS B 341 -12.73 -33.04 52.42
C LYS B 341 -13.75 -32.71 51.33
N ASP B 342 -14.55 -31.66 51.53
CA ASP B 342 -15.58 -31.28 50.59
C ASP B 342 -15.10 -30.22 49.60
N PHE B 343 -15.15 -30.61 48.33
CA PHE B 343 -14.78 -29.79 47.21
C PHE B 343 -15.82 -30.10 46.11
N ARG B 344 -16.38 -29.05 45.50
CA ARG B 344 -17.51 -29.19 44.58
C ARG B 344 -17.46 -28.18 43.45
N ILE B 345 -17.98 -28.60 42.30
CA ILE B 345 -18.32 -27.72 41.22
C ILE B 345 -19.85 -27.60 41.13
N LYS B 346 -20.35 -26.38 40.87
CA LYS B 346 -21.76 -26.08 40.62
C LYS B 346 -21.80 -25.45 39.23
N GLN B 347 -22.21 -26.23 38.22
CA GLN B 347 -22.23 -25.78 36.84
C GLN B 347 -23.48 -26.34 36.14
N CYS B 348 -24.20 -25.48 35.43
CA CYS B 348 -25.36 -25.89 34.63
C CYS B 348 -24.87 -26.34 33.26
N THR B 349 -24.16 -27.45 33.29
CA THR B 349 -23.33 -27.87 32.16
C THR B 349 -24.18 -28.16 30.96
N ARG B 350 -23.73 -27.65 29.82
CA ARG B 350 -24.29 -27.95 28.52
C ARG B 350 -23.22 -28.65 27.69
N VAL B 351 -23.69 -29.48 26.77
CA VAL B 351 -22.80 -30.29 25.99
C VAL B 351 -22.33 -29.48 24.77
N THR B 352 -21.23 -28.72 24.97
CA THR B 352 -20.58 -27.98 23.90
C THR B 352 -19.08 -28.02 24.12
N MET B 353 -18.33 -27.71 23.08
CA MET B 353 -16.87 -27.63 23.20
C MET B 353 -16.43 -26.52 24.16
N ASP B 354 -17.03 -25.34 24.07
CA ASP B 354 -16.70 -24.26 25.04
C ASP B 354 -17.05 -24.62 26.50
N GLN B 355 -18.11 -25.39 26.70
CA GLN B 355 -18.40 -25.93 28.03
C GLN B 355 -17.37 -26.94 28.48
N LEU B 356 -16.81 -27.69 27.55
CA LEU B 356 -15.76 -28.64 27.92
C LEU B 356 -14.54 -27.91 28.47
N SER B 357 -14.23 -26.75 27.88
CA SER B 357 -13.16 -25.89 28.41
C SER B 357 -13.50 -25.32 29.78
N THR B 358 -14.75 -24.94 29.98
CA THR B 358 -15.22 -24.41 31.26
C THR B 358 -15.11 -25.50 32.34
N VAL B 359 -15.46 -26.73 31.98
CA VAL B 359 -15.24 -27.86 32.90
C VAL B 359 -13.77 -27.94 33.33
N HIS B 360 -12.87 -27.79 32.38
CA HIS B 360 -11.43 -27.81 32.70
C HIS B 360 -11.06 -26.65 33.59
N HIS B 361 -11.60 -25.47 33.28
CA HIS B 361 -11.36 -24.26 34.06
C HIS B 361 -11.73 -24.47 35.53
N GLU B 362 -12.94 -24.94 35.76
CA GLU B 362 -13.41 -25.14 37.12
C GLU B 362 -12.66 -26.28 37.82
N MET B 363 -12.36 -27.34 37.10
CA MET B 363 -11.64 -28.45 37.71
C MET B 363 -10.20 -28.04 38.03
N GLY B 364 -9.66 -27.07 37.30
CA GLY B 364 -8.38 -26.43 37.67
C GLY B 364 -8.41 -25.78 39.05
N HIS B 365 -9.51 -25.11 39.37
CA HIS B 365 -9.69 -24.55 40.72
C HIS B 365 -9.70 -25.67 41.75
N ILE B 366 -10.45 -26.75 41.46
CA ILE B 366 -10.57 -27.85 42.37
C ILE B 366 -9.22 -28.48 42.62
N GLN B 367 -8.42 -28.68 41.56
CA GLN B 367 -7.11 -29.27 41.70
C GLN B 367 -6.25 -28.42 42.64
N TYR B 368 -6.29 -27.09 42.48
CA TYR B 368 -5.57 -26.20 43.39
C TYR B 368 -5.98 -26.50 44.85
N TYR B 369 -7.29 -26.58 45.09
CA TYR B 369 -7.81 -26.86 46.45
C TYR B 369 -7.27 -28.17 47.04
N LEU B 370 -7.23 -29.21 46.20
CA LEU B 370 -6.79 -30.54 46.61
C LEU B 370 -5.29 -30.52 46.97
N GLN B 371 -4.51 -29.78 46.20
CA GLN B 371 -3.08 -29.71 46.41
C GLN B 371 -2.66 -28.88 47.61
N TYR B 372 -3.42 -27.81 47.95
CA TYR B 372 -3.04 -26.98 49.09
C TYR B 372 -3.85 -27.20 50.36
N LYS B 373 -4.63 -28.27 50.42
CA LYS B 373 -5.61 -28.47 51.50
C LYS B 373 -4.97 -28.57 52.86
N ASP B 374 -3.68 -28.98 52.93
CA ASP B 374 -3.02 -29.13 54.20
C ASP B 374 -2.30 -27.87 54.64
N LEU B 375 -2.35 -26.81 53.85
CA LEU B 375 -1.82 -25.53 54.30
C LEU B 375 -2.69 -24.91 55.37
N PRO B 376 -2.10 -24.01 56.16
CA PRO B 376 -2.97 -23.24 57.04
C PRO B 376 -4.09 -22.57 56.22
N VAL B 377 -5.28 -22.49 56.81
CA VAL B 377 -6.48 -22.08 56.09
C VAL B 377 -6.33 -20.69 55.40
N SER B 378 -5.62 -19.75 56.05
CA SER B 378 -5.41 -18.42 55.48
C SER B 378 -4.57 -18.47 54.21
N LEU B 379 -3.82 -19.57 54.01
CA LEU B 379 -2.96 -19.72 52.83
C LEU B 379 -3.54 -20.59 51.72
N ARG B 380 -4.78 -21.03 51.87
CA ARG B 380 -5.47 -21.85 50.87
C ARG B 380 -6.07 -20.90 49.83
N ARG B 381 -5.19 -20.35 48.99
CA ARG B 381 -5.51 -19.33 47.98
C ARG B 381 -4.49 -19.52 46.90
N GLY B 382 -4.71 -18.91 45.75
CA GLY B 382 -3.69 -18.95 44.68
C GLY B 382 -2.50 -18.09 45.08
N ALA B 383 -1.35 -18.32 44.45
CA ALA B 383 -0.19 -17.42 44.61
C ALA B 383 -0.60 -15.95 44.35
N ASN B 384 -1.40 -15.75 43.31
CA ASN B 384 -2.32 -14.63 43.25
C ASN B 384 -3.60 -15.10 42.57
N PRO B 385 -4.64 -14.25 42.52
CA PRO B 385 -5.91 -14.77 41.96
C PRO B 385 -5.86 -15.20 40.49
N GLY B 386 -4.98 -14.58 39.70
CA GLY B 386 -4.76 -14.98 38.32
C GLY B 386 -4.20 -16.37 38.14
N PHE B 387 -3.34 -16.80 39.05
CA PHE B 387 -2.82 -18.17 39.06
C PHE B 387 -3.99 -19.17 39.12
N HIS B 388 -4.89 -18.94 40.07
CA HIS B 388 -6.06 -19.79 40.28
C HIS B 388 -6.87 -19.90 38.99
N GLU B 389 -7.04 -18.76 38.31
CA GLU B 389 -7.81 -18.74 37.07
C GLU B 389 -7.10 -19.40 35.88
N ALA B 390 -5.77 -19.47 35.88
CA ALA B 390 -5.00 -20.01 34.77
C ALA B 390 -4.91 -21.54 34.73
N ILE B 391 -5.04 -22.22 35.86
CA ILE B 391 -4.64 -23.65 35.95
C ILE B 391 -5.41 -24.52 34.96
N GLY B 392 -6.72 -24.45 35.01
CA GLY B 392 -7.55 -25.27 34.12
C GLY B 392 -7.43 -24.84 32.66
N ASP B 393 -7.30 -23.53 32.45
CA ASP B 393 -7.15 -22.99 31.10
C ASP B 393 -5.87 -23.52 30.41
N VAL B 394 -4.82 -23.71 31.20
CA VAL B 394 -3.57 -24.31 30.68
C VAL B 394 -3.80 -25.73 30.15
N LEU B 395 -4.49 -26.58 30.90
CA LEU B 395 -4.82 -27.93 30.40
C LEU B 395 -5.75 -27.86 29.20
N ALA B 396 -6.75 -26.96 29.26
CA ALA B 396 -7.68 -26.80 28.15
C ALA B 396 -7.01 -26.42 26.84
N LEU B 397 -5.92 -25.64 26.90
CA LEU B 397 -5.11 -25.35 25.69
C LEU B 397 -4.58 -26.63 25.01
N SER B 398 -4.07 -27.56 25.81
CA SER B 398 -3.61 -28.85 25.30
C SER B 398 -4.79 -29.67 24.74
N VAL B 399 -5.89 -29.68 25.49
CA VAL B 399 -7.11 -30.39 25.08
C VAL B 399 -7.67 -29.93 23.74
N SER B 400 -7.62 -28.63 23.47
CA SER B 400 -8.16 -28.05 22.24
C SER B 400 -7.39 -28.36 20.96
N THR B 401 -6.15 -28.82 21.06
CA THR B 401 -5.32 -29.03 19.87
C THR B 401 -6.00 -30.11 19.03
N PRO B 402 -5.98 -29.98 17.69
CA PRO B 402 -6.52 -31.05 16.84
C PRO B 402 -5.97 -32.44 17.14
N GLU B 403 -4.68 -32.57 17.41
CA GLU B 403 -4.09 -33.86 17.72
C GLU B 403 -4.67 -34.43 19.01
N HIS B 404 -4.86 -33.59 20.04
CA HIS B 404 -5.46 -34.12 21.27
C HIS B 404 -6.93 -34.50 21.10
N LEU B 405 -7.70 -33.67 20.39
CA LEU B 405 -9.10 -33.98 20.09
C LEU B 405 -9.21 -35.33 19.33
N HIS B 406 -8.24 -35.58 18.44
CA HIS B 406 -8.16 -36.84 17.74
C HIS B 406 -7.93 -38.00 18.69
N LYS B 407 -6.99 -37.85 19.63
CA LYS B 407 -6.72 -38.87 20.66
C LYS B 407 -7.97 -39.23 21.43
N ILE B 408 -8.85 -38.26 21.70
CA ILE B 408 -10.06 -38.53 22.49
C ILE B 408 -11.32 -38.77 21.66
N GLY B 409 -11.15 -39.02 20.36
CA GLY B 409 -12.23 -39.47 19.50
C GLY B 409 -13.15 -38.37 19.00
N LEU B 410 -12.75 -37.10 19.16
CA LEU B 410 -13.62 -36.00 18.83
C LEU B 410 -13.34 -35.36 17.48
N LEU B 411 -12.30 -35.83 16.78
CA LEU B 411 -11.89 -35.24 15.50
C LEU B 411 -11.11 -36.28 14.71
N ASP B 412 -11.44 -36.46 13.44
CA ASP B 412 -10.58 -37.21 12.52
C ASP B 412 -9.26 -36.46 12.37
N ARG B 413 -8.19 -37.21 12.13
CA ARG B 413 -6.86 -36.61 12.08
C ARG B 413 -6.79 -35.52 11.00
N VAL B 414 -6.40 -34.32 11.42
CA VAL B 414 -6.30 -33.19 10.48
C VAL B 414 -4.96 -33.31 9.79
N THR B 415 -4.87 -32.83 8.56
CA THR B 415 -3.59 -32.74 7.89
C THR B 415 -2.85 -31.54 8.50
N ASN B 416 -1.55 -31.69 8.67
CA ASN B 416 -0.74 -30.67 9.28
C ASN B 416 -0.24 -29.68 8.24
N ASP B 417 -1.12 -28.81 7.78
CA ASP B 417 -0.78 -27.82 6.77
C ASP B 417 -1.04 -26.40 7.30
N THR B 418 -0.62 -25.40 6.53
CA THR B 418 -0.66 -24.01 6.98
C THR B 418 -2.10 -23.54 7.16
N GLU B 419 -3.00 -23.96 6.27
CA GLU B 419 -4.42 -23.57 6.36
C GLU B 419 -5.16 -24.12 7.60
N SER B 420 -4.87 -25.35 8.00
CA SER B 420 -5.39 -25.93 9.26
C SER B 420 -4.83 -25.22 10.49
N ASP B 421 -3.55 -24.85 10.42
CA ASP B 421 -2.87 -24.10 11.49
C ASP B 421 -3.50 -22.70 11.67
N ILE B 422 -3.81 -22.05 10.56
CA ILE B 422 -4.50 -20.75 10.58
C ILE B 422 -5.91 -20.86 11.16
N ASN B 423 -6.66 -21.87 10.69
CA ASN B 423 -8.01 -22.14 11.18
C ASN B 423 -8.04 -22.32 12.71
N TYR B 424 -7.18 -23.22 13.20
CA TYR B 424 -7.06 -23.47 14.64
C TYR B 424 -6.65 -22.19 15.42
N LEU B 425 -5.61 -21.50 14.94
CA LEU B 425 -5.16 -20.29 15.61
C LEU B 425 -6.22 -19.18 15.56
N LEU B 426 -6.97 -19.09 14.46
CA LEU B 426 -8.06 -18.13 14.43
C LEU B 426 -9.14 -18.50 15.45
N LYS B 427 -9.54 -19.78 15.49
CA LYS B 427 -10.50 -20.21 16.49
C LYS B 427 -10.04 -19.88 17.91
N MET B 428 -8.75 -20.08 18.17
CA MET B 428 -8.19 -19.80 19.50
C MET B 428 -8.12 -18.30 19.78
N ALA B 429 -7.90 -17.50 18.75
CA ALA B 429 -7.91 -16.03 18.90
C ALA B 429 -9.30 -15.51 19.27
N LEU B 430 -10.33 -16.11 18.69
CA LEU B 430 -11.70 -15.72 19.03
C LEU B 430 -11.99 -16.01 20.50
N GLU B 431 -11.39 -17.08 21.02
CA GLU B 431 -11.55 -17.45 22.42
C GLU B 431 -10.67 -16.62 23.35
N LYS B 432 -9.43 -16.33 22.95
CA LYS B 432 -8.46 -15.76 23.86
C LYS B 432 -8.18 -14.29 23.61
N ILE B 433 -7.91 -13.92 22.37
CA ILE B 433 -7.56 -12.55 22.04
C ILE B 433 -8.78 -11.62 22.14
N ALA B 434 -9.95 -12.09 21.70
CA ALA B 434 -11.15 -11.28 21.82
C ALA B 434 -11.48 -10.91 23.26
N PHE B 435 -11.15 -11.81 24.18
CA PHE B 435 -11.40 -11.58 25.59
C PHE B 435 -10.55 -10.49 26.23
N LEU B 436 -9.31 -10.31 25.74
CA LEU B 436 -8.34 -9.41 26.38
C LEU B 436 -8.88 -8.01 26.75
N PRO B 437 -9.50 -7.29 25.79
CA PRO B 437 -10.04 -5.97 26.16
C PRO B 437 -11.07 -6.01 27.25
N PHE B 438 -11.97 -6.98 27.19
CA PHE B 438 -13.03 -7.13 28.20
C PHE B 438 -12.43 -7.52 29.54
N GLY B 439 -11.53 -8.51 29.55
CA GLY B 439 -10.81 -8.87 30.74
C GLY B 439 -10.16 -7.68 31.44
N TYR B 440 -9.63 -6.76 30.63
CA TYR B 440 -8.94 -5.59 31.09
C TYR B 440 -9.87 -4.47 31.56
N LEU B 441 -10.97 -4.23 30.86
CA LEU B 441 -11.83 -3.07 31.14
C LEU B 441 -12.77 -3.23 32.34
N VAL B 442 -13.19 -4.46 32.67
CA VAL B 442 -14.26 -4.60 33.69
C VAL B 442 -13.86 -3.96 35.01
N ASP B 443 -12.69 -4.33 35.54
CA ASP B 443 -12.19 -3.70 36.76
C ASP B 443 -11.66 -2.28 36.61
N GLN B 444 -11.30 -1.84 35.39
CA GLN B 444 -11.10 -0.40 35.18
C GLN B 444 -12.39 0.32 35.51
N TRP B 445 -13.52 -0.24 35.07
CA TRP B 445 -14.80 0.36 35.39
C TRP B 445 -15.05 0.33 36.91
N ARG B 446 -14.84 -0.82 37.51
CA ARG B 446 -15.18 -1.01 38.92
C ARG B 446 -14.25 -0.22 39.85
N TRP B 447 -12.98 -0.15 39.50
CA TRP B 447 -12.03 0.67 40.24
C TRP B 447 -12.40 2.16 40.23
N GLY B 448 -12.85 2.66 39.10
CA GLY B 448 -13.39 4.02 39.04
C GLY B 448 -14.64 4.23 39.87
N VAL B 449 -15.55 3.25 39.87
CA VAL B 449 -16.72 3.33 40.74
C VAL B 449 -16.30 3.35 42.21
N PHE B 450 -15.46 2.38 42.61
CA PHE B 450 -15.00 2.34 44.01
C PHE B 450 -14.25 3.60 44.44
N SER B 451 -13.49 4.20 43.53
CA SER B 451 -12.70 5.40 43.87
C SER B 451 -13.55 6.67 43.90
N GLY B 452 -14.78 6.63 43.38
CA GLY B 452 -15.63 7.83 43.30
C GLY B 452 -15.47 8.59 41.98
N ARG B 453 -14.49 8.23 41.16
CA ARG B 453 -14.29 8.82 39.83
C ARG B 453 -15.54 8.61 38.93
N THR B 454 -16.22 7.48 39.14
CA THR B 454 -17.46 7.17 38.46
C THR B 454 -18.60 7.08 39.49
N PRO B 455 -19.37 8.17 39.66
CA PRO B 455 -20.52 8.15 40.56
C PRO B 455 -21.71 7.48 39.89
N PRO B 456 -22.76 7.18 40.65
CA PRO B 456 -23.98 6.59 40.06
C PRO B 456 -24.46 7.26 38.77
N SER B 457 -24.39 8.58 38.73
CA SER B 457 -24.86 9.36 37.60
C SER B 457 -24.06 9.13 36.31
N ARG B 458 -22.90 8.46 36.41
CA ARG B 458 -22.12 8.05 35.23
C ARG B 458 -21.77 6.55 35.14
N TYR B 459 -22.46 5.68 35.86
CA TYR B 459 -22.20 4.19 35.74
C TYR B 459 -22.25 3.66 34.30
N ASN B 460 -23.30 4.02 33.58
CA ASN B 460 -23.48 3.49 32.23
C ASN B 460 -22.66 4.27 31.21
N PHE B 461 -22.62 5.60 31.36
CA PHE B 461 -21.79 6.47 30.51
C PHE B 461 -20.32 6.00 30.52
N ASP B 462 -19.77 5.73 31.69
CA ASP B 462 -18.40 5.25 31.81
C ASP B 462 -18.21 3.80 31.38
N TRP B 463 -19.19 2.95 31.68
CA TRP B 463 -19.15 1.56 31.20
C TRP B 463 -19.04 1.52 29.67
N TRP B 464 -19.91 2.26 28.99
CA TRP B 464 -19.91 2.26 27.52
C TRP B 464 -18.73 3.00 26.94
N TYR B 465 -18.19 3.99 27.67
CA TYR B 465 -16.94 4.58 27.26
C TYR B 465 -15.86 3.49 27.17
N LEU B 466 -15.74 2.73 28.23
CA LEU B 466 -14.69 1.71 28.31
C LEU B 466 -14.93 0.58 27.30
N ARG B 467 -16.18 0.16 27.17
CA ARG B 467 -16.57 -0.88 26.20
C ARG B 467 -16.24 -0.49 24.77
N THR B 468 -16.59 0.74 24.40
CA THR B 468 -16.21 1.26 23.08
C THR B 468 -14.68 1.44 22.95
N LYS B 469 -14.06 2.08 23.94
CA LYS B 469 -12.60 2.32 23.91
C LYS B 469 -11.79 1.03 23.65
N TYR B 470 -12.13 -0.02 24.39
CA TYR B 470 -11.31 -1.26 24.42
C TYR B 470 -11.82 -2.33 23.46
N GLN B 471 -13.09 -2.67 23.56
CA GLN B 471 -13.69 -3.69 22.71
C GLN B 471 -14.12 -3.20 21.31
N GLY B 472 -14.35 -1.90 21.14
CA GLY B 472 -14.85 -1.40 19.84
C GLY B 472 -16.23 -1.92 19.55
N ILE B 473 -17.09 -1.93 20.57
CA ILE B 473 -18.48 -2.29 20.40
C ILE B 473 -19.37 -1.14 20.79
N CYS B 474 -20.63 -1.23 20.38
CA CYS B 474 -21.64 -0.26 20.78
C CYS B 474 -22.94 -0.99 21.13
N PRO B 475 -23.76 -0.39 21.99
CA PRO B 475 -25.02 -1.02 22.31
C PRO B 475 -25.96 -0.91 21.12
N PRO B 476 -26.71 -1.99 20.81
CA PRO B 476 -27.58 -1.99 19.63
C PRO B 476 -28.91 -1.27 19.79
N VAL B 477 -29.23 -0.85 21.02
CA VAL B 477 -30.32 0.07 21.29
C VAL B 477 -29.74 1.14 22.18
N THR B 478 -30.38 2.30 22.17
CA THR B 478 -29.99 3.44 22.98
C THR B 478 -30.05 3.07 24.48
N ARG B 479 -29.07 3.55 25.24
CA ARG B 479 -29.03 3.36 26.70
C ARG B 479 -28.92 4.74 27.34
N ASN B 480 -29.34 4.80 28.60
CA ASN B 480 -29.29 5.96 29.45
C ASN B 480 -28.94 5.48 30.86
N GLU B 481 -28.86 6.40 31.82
CA GLU B 481 -28.43 6.06 33.16
C GLU B 481 -29.46 5.33 34.03
N THR B 482 -30.68 5.13 33.54
CA THR B 482 -31.57 4.15 34.18
C THR B 482 -31.09 2.72 33.95
N HIS B 483 -30.53 2.47 32.77
CA HIS B 483 -29.86 1.20 32.48
C HIS B 483 -28.57 1.07 33.27
N PHE B 484 -28.25 -0.15 33.69
CA PHE B 484 -27.00 -0.41 34.44
C PHE B 484 -26.37 -1.66 33.83
N ASP B 485 -25.76 -1.46 32.67
CA ASP B 485 -25.36 -2.59 31.85
C ASP B 485 -24.19 -3.40 32.43
N ALA B 486 -23.34 -2.76 33.24
CA ALA B 486 -22.36 -3.47 34.03
C ALA B 486 -23.01 -4.51 34.95
N GLY B 487 -24.19 -4.18 35.48
CA GLY B 487 -24.90 -5.05 36.36
C GLY B 487 -25.37 -6.34 35.74
N ALA B 488 -25.44 -6.38 34.40
CA ALA B 488 -25.87 -7.55 33.64
C ALA B 488 -24.79 -8.59 33.41
N LYS B 489 -23.62 -8.36 33.99
CA LYS B 489 -22.49 -9.28 33.93
C LYS B 489 -22.32 -9.92 35.31
N PHE B 490 -22.33 -11.25 35.39
CA PHE B 490 -22.34 -11.98 36.69
C PHE B 490 -21.50 -11.33 37.77
N HIS B 491 -20.25 -11.05 37.43
CA HIS B 491 -19.23 -10.73 38.42
C HIS B 491 -19.49 -9.43 39.16
N VAL B 492 -20.28 -8.53 38.56
CA VAL B 492 -20.59 -7.24 39.18
C VAL B 492 -21.59 -7.40 40.36
N PRO B 493 -22.83 -7.89 40.15
CA PRO B 493 -23.71 -8.11 41.32
C PRO B 493 -23.24 -9.21 42.27
N ASN B 494 -22.45 -10.15 41.76
CA ASN B 494 -21.88 -11.20 42.61
C ASN B 494 -20.49 -10.89 43.19
N VAL B 495 -20.05 -9.64 43.08
CA VAL B 495 -18.88 -9.11 43.76
C VAL B 495 -17.61 -9.99 43.65
N THR B 496 -17.35 -10.47 42.43
CA THR B 496 -16.19 -11.21 42.10
C THR B 496 -15.27 -10.34 41.22
N PRO B 497 -14.02 -10.09 41.66
CA PRO B 497 -13.09 -9.26 40.91
C PRO B 497 -12.76 -9.92 39.58
N TYR B 498 -12.41 -9.09 38.61
CA TYR B 498 -12.25 -9.52 37.22
C TYR B 498 -10.84 -9.48 36.67
N ILE B 499 -9.97 -8.61 37.20
CA ILE B 499 -8.66 -8.43 36.56
C ILE B 499 -7.84 -9.72 36.56
N ARG B 500 -8.13 -10.60 37.53
CA ARG B 500 -7.62 -11.96 37.57
C ARG B 500 -7.68 -12.69 36.23
N TYR B 501 -8.75 -12.43 35.46
CA TYR B 501 -8.95 -13.11 34.18
C TYR B 501 -8.06 -12.54 33.10
N PHE B 502 -7.85 -11.22 33.12
CA PHE B 502 -6.84 -10.63 32.22
C PHE B 502 -5.45 -11.19 32.57
N VAL B 503 -5.09 -11.15 33.86
CA VAL B 503 -3.84 -11.76 34.33
C VAL B 503 -3.73 -13.22 33.90
N SER B 504 -4.80 -13.99 34.07
CA SER B 504 -4.81 -15.38 33.66
C SER B 504 -4.59 -15.57 32.18
N PHE B 505 -5.19 -14.74 31.34
CA PHE B 505 -5.10 -14.98 29.89
C PHE B 505 -3.70 -14.72 29.33
N VAL B 506 -2.89 -13.95 30.05
CA VAL B 506 -1.48 -13.77 29.73
C VAL B 506 -0.64 -14.89 30.36
N LEU B 507 -0.83 -15.07 31.66
CA LEU B 507 -0.11 -16.05 32.43
C LEU B 507 -0.25 -17.49 31.89
N GLN B 508 -1.43 -17.86 31.42
CA GLN B 508 -1.63 -19.27 30.99
C GLN B 508 -0.72 -19.65 29.81
N PHE B 509 -0.38 -18.68 28.95
CA PHE B 509 0.57 -18.93 27.85
C PHE B 509 2.00 -19.06 28.35
N GLN B 510 2.35 -18.30 29.40
CA GLN B 510 3.63 -18.49 30.09
C GLN B 510 3.71 -19.86 30.73
N PHE B 511 2.64 -20.26 31.42
CA PHE B 511 2.56 -21.58 32.02
C PHE B 511 2.66 -22.66 30.92
N HIS B 512 1.94 -22.45 29.83
CA HIS B 512 1.88 -23.42 28.73
C HIS B 512 3.27 -23.64 28.13
N GLU B 513 3.93 -22.54 27.78
CA GLU B 513 5.33 -22.60 27.33
C GLU B 513 6.25 -23.38 28.29
N ALA B 514 6.23 -23.03 29.58
CA ALA B 514 7.08 -23.69 30.57
C ALA B 514 6.77 -25.21 30.71
N LEU B 515 5.48 -25.59 30.71
CA LEU B 515 5.12 -26.99 30.88
C LEU B 515 5.45 -27.80 29.62
N CYS B 516 5.22 -27.19 28.46
CA CYS B 516 5.58 -27.79 27.19
C CYS B 516 7.09 -28.06 27.07
N LYS B 517 7.90 -27.09 27.48
CA LYS B 517 9.36 -27.29 27.55
C LYS B 517 9.74 -28.42 28.53
N GLU B 518 9.18 -28.41 29.73
CA GLU B 518 9.45 -29.44 30.72
C GLU B 518 9.02 -30.85 30.22
N ALA B 519 7.98 -30.90 29.40
CA ALA B 519 7.51 -32.15 28.82
C ALA B 519 8.42 -32.66 27.69
N GLY B 520 9.46 -31.90 27.32
CA GLY B 520 10.32 -32.25 26.19
C GLY B 520 9.70 -32.03 24.81
N TYR B 521 8.59 -31.31 24.74
CA TYR B 521 7.97 -30.99 23.47
C TYR B 521 8.85 -29.97 22.72
N GLU B 522 9.06 -30.22 21.42
CA GLU B 522 9.98 -29.41 20.59
C GLU B 522 9.36 -28.82 19.31
N GLY B 523 8.07 -28.99 19.10
CA GLY B 523 7.37 -28.41 17.95
C GLY B 523 6.86 -27.00 18.21
N PRO B 524 6.01 -26.48 17.30
CA PRO B 524 5.36 -25.17 17.47
C PRO B 524 4.56 -25.14 18.78
N LEU B 525 4.71 -24.06 19.54
CA LEU B 525 4.05 -23.94 20.85
C LEU B 525 2.55 -24.24 20.80
N HIS B 526 1.90 -23.76 19.75
CA HIS B 526 0.44 -23.96 19.60
C HIS B 526 0.01 -25.39 19.24
N GLN B 527 0.95 -26.29 18.97
CA GLN B 527 0.63 -27.72 18.75
C GLN B 527 1.03 -28.58 19.95
N CYS B 528 1.53 -27.95 21.02
CA CYS B 528 1.90 -28.70 22.21
C CYS B 528 0.69 -29.34 22.88
N ASP B 529 0.85 -30.59 23.32
CA ASP B 529 -0.10 -31.26 24.20
C ASP B 529 0.71 -31.86 25.35
N ILE B 530 0.47 -31.40 26.58
CA ILE B 530 1.20 -31.93 27.71
C ILE B 530 0.59 -33.23 28.28
N TYR B 531 -0.50 -33.70 27.71
CA TYR B 531 -1.15 -34.94 28.15
C TYR B 531 -0.12 -36.03 28.45
N ARG B 532 -0.25 -36.67 29.60
CA ARG B 532 0.62 -37.79 29.99
C ARG B 532 2.08 -37.41 30.31
N SER B 533 2.39 -36.11 30.43
CA SER B 533 3.71 -35.70 30.89
C SER B 533 3.72 -35.60 32.39
N THR B 534 4.32 -36.60 33.02
CA THR B 534 4.43 -36.64 34.45
C THR B 534 5.40 -35.55 34.92
N LYS B 535 6.39 -35.19 34.10
CA LYS B 535 7.29 -34.08 34.43
C LYS B 535 6.59 -32.72 34.44
N ALA B 536 5.78 -32.46 33.41
CA ALA B 536 4.98 -31.22 33.41
C ALA B 536 4.07 -31.22 34.64
N GLY B 537 3.49 -32.39 34.94
CA GLY B 537 2.67 -32.55 36.15
C GLY B 537 3.37 -32.16 37.44
N ALA B 538 4.61 -32.65 37.64
CA ALA B 538 5.40 -32.35 38.83
C ALA B 538 5.68 -30.86 38.94
N LYS B 539 5.99 -30.25 37.81
CA LYS B 539 6.22 -28.83 37.75
C LYS B 539 4.98 -27.99 38.08
N LEU B 540 3.81 -28.40 37.60
CA LEU B 540 2.57 -27.68 37.98
C LEU B 540 2.19 -27.93 39.45
N ARG B 541 2.41 -29.15 39.91
CA ARG B 541 2.09 -29.51 41.29
C ARG B 541 2.83 -28.67 42.31
N LYS B 542 4.07 -28.31 42.00
CA LYS B 542 4.88 -27.50 42.89
C LYS B 542 4.25 -26.11 43.09
N VAL B 543 3.77 -25.51 42.00
CA VAL B 543 2.98 -24.27 42.09
C VAL B 543 1.73 -24.50 42.98
N LEU B 544 0.98 -25.57 42.71
CA LEU B 544 -0.33 -25.75 43.35
C LEU B 544 -0.22 -25.95 44.84
N ARG B 545 0.76 -26.75 45.26
CA ARG B 545 1.01 -27.03 46.67
CA ARG B 545 1.00 -27.04 46.67
C ARG B 545 1.45 -25.79 47.48
N ALA B 546 2.01 -24.79 46.79
CA ALA B 546 2.47 -23.55 47.45
C ALA B 546 1.36 -22.67 48.06
N GLY B 547 0.15 -22.76 47.51
CA GLY B 547 -0.91 -21.83 47.88
C GLY B 547 -0.44 -20.39 47.76
N SER B 548 -0.68 -19.62 48.82
CA SER B 548 -0.17 -18.24 48.91
C SER B 548 0.98 -18.12 49.92
N SER B 549 1.72 -19.22 50.15
CA SER B 549 2.85 -19.25 51.09
C SER B 549 4.01 -18.37 50.65
N ARG B 550 4.22 -18.29 49.34
CA ARG B 550 5.35 -17.59 48.77
C ARG B 550 4.92 -16.44 47.87
N PRO B 551 5.74 -15.37 47.80
CA PRO B 551 5.45 -14.30 46.84
C PRO B 551 5.22 -14.88 45.44
N TRP B 552 4.21 -14.38 44.73
CA TRP B 552 3.88 -15.00 43.45
C TRP B 552 4.99 -14.84 42.43
N GLN B 553 5.68 -13.71 42.50
CA GLN B 553 6.83 -13.42 41.63
C GLN B 553 7.90 -14.50 41.75
N GLU B 554 8.11 -15.02 42.95
CA GLU B 554 9.10 -16.10 43.16
C GLU B 554 8.58 -17.45 42.68
N VAL B 555 7.29 -17.74 42.90
CA VAL B 555 6.68 -19.00 42.44
C VAL B 555 6.73 -19.02 40.91
N LEU B 556 6.40 -17.89 40.28
CA LEU B 556 6.48 -17.76 38.81
C LEU B 556 7.90 -17.95 38.28
N LYS B 557 8.87 -17.33 38.95
CA LYS B 557 10.30 -17.46 38.59
C LYS B 557 10.74 -18.93 38.56
N ASP B 558 10.40 -19.67 39.61
CA ASP B 558 10.72 -21.10 39.69
C ASP B 558 10.09 -21.88 38.54
N MET B 559 8.83 -21.59 38.23
CA MET B 559 8.09 -22.30 37.20
C MET B 559 8.56 -21.98 35.78
N VAL B 560 8.60 -20.70 35.42
CA VAL B 560 8.83 -20.30 34.03
C VAL B 560 10.15 -19.59 33.76
N GLY B 561 10.94 -19.32 34.81
CA GLY B 561 12.25 -18.69 34.64
C GLY B 561 12.20 -17.17 34.62
N LEU B 562 11.03 -16.61 34.87
CA LEU B 562 10.86 -15.15 34.86
C LEU B 562 9.98 -14.77 36.05
N ASP B 563 10.21 -13.61 36.64
CA ASP B 563 9.46 -13.18 37.83
C ASP B 563 8.34 -12.15 37.53
N ALA B 564 7.94 -12.03 36.28
CA ALA B 564 6.94 -11.05 35.90
C ALA B 564 5.97 -11.62 34.85
N LEU B 565 4.78 -11.03 34.81
CA LEU B 565 3.85 -11.23 33.71
C LEU B 565 4.54 -10.78 32.44
N ASP B 566 4.38 -11.55 31.38
CA ASP B 566 5.08 -11.30 30.13
C ASP B 566 4.18 -11.81 29.01
N ALA B 567 3.95 -10.95 28.02
CA ALA B 567 3.13 -11.26 26.89
C ALA B 567 3.83 -12.10 25.81
N GLN B 568 5.13 -12.30 25.91
CA GLN B 568 5.85 -12.95 24.81
C GLN B 568 5.33 -14.34 24.48
N PRO B 569 5.09 -15.18 25.50
CA PRO B 569 4.55 -16.52 25.18
C PRO B 569 3.19 -16.49 24.45
N LEU B 570 2.25 -15.66 24.91
CA LEU B 570 1.02 -15.43 24.14
C LEU B 570 1.33 -14.97 22.69
N LEU B 571 2.21 -13.99 22.52
CA LEU B 571 2.54 -13.53 21.16
C LEU B 571 3.14 -14.63 20.30
N LYS B 572 4.07 -15.39 20.88
CA LYS B 572 4.70 -16.52 20.18
C LYS B 572 3.68 -17.60 19.78
N TYR B 573 2.72 -17.88 20.67
CA TYR B 573 1.64 -18.82 20.37
C TYR B 573 0.86 -18.41 19.15
N PHE B 574 0.43 -17.14 19.09
CA PHE B 574 -0.43 -16.68 18.00
C PHE B 574 0.29 -16.11 16.77
N GLN B 575 1.60 -15.97 16.85
CA GLN B 575 2.43 -15.35 15.79
C GLN B 575 1.94 -15.58 14.36
N LEU B 576 1.70 -16.84 14.01
CA LEU B 576 1.29 -17.17 12.64
C LEU B 576 -0.03 -16.52 12.23
N VAL B 577 -1.02 -16.49 13.13
CA VAL B 577 -2.31 -15.90 12.78
C VAL B 577 -2.28 -14.37 12.93
N THR B 578 -1.43 -13.87 13.83
CA THR B 578 -1.20 -12.44 13.98
C THR B 578 -0.70 -11.86 12.65
N GLN B 579 0.31 -12.50 12.08
CA GLN B 579 0.84 -12.15 10.76
C GLN B 579 -0.23 -12.29 9.68
N TRP B 580 -0.92 -13.42 9.67
CA TRP B 580 -1.91 -13.70 8.64
C TRP B 580 -3.01 -12.64 8.64
N LEU B 581 -3.56 -12.34 9.82
CA LEU B 581 -4.64 -11.35 9.95
C LEU B 581 -4.21 -9.94 9.51
N GLN B 582 -3.01 -9.56 9.89
CA GLN B 582 -2.44 -8.25 9.51
C GLN B 582 -2.41 -8.13 7.97
N GLU B 583 -1.94 -9.19 7.30
CA GLU B 583 -1.91 -9.26 5.83
C GLU B 583 -3.31 -9.23 5.22
N GLN B 584 -4.24 -10.04 5.73
CA GLN B 584 -5.60 -10.08 5.18
C GLN B 584 -6.24 -8.70 5.25
N ASN B 585 -6.06 -8.02 6.38
CA ASN B 585 -6.69 -6.74 6.60
C ASN B 585 -6.13 -5.69 5.61
N GLN B 586 -4.81 -5.64 5.50
CA GLN B 586 -4.15 -4.75 4.52
C GLN B 586 -4.69 -4.99 3.10
N GLN B 587 -4.75 -6.25 2.69
CA GLN B 587 -5.28 -6.60 1.36
C GLN B 587 -6.73 -6.18 1.11
N ASN B 588 -7.57 -6.25 2.13
CA ASN B 588 -8.96 -5.81 2.01
C ASN B 588 -9.19 -4.34 2.28
N GLY B 589 -8.13 -3.59 2.57
CA GLY B 589 -8.22 -2.15 2.81
C GLY B 589 -8.99 -1.77 4.06
N GLU B 590 -8.88 -2.59 5.12
CA GLU B 590 -9.65 -2.33 6.36
C GLU B 590 -9.10 -1.12 7.06
N VAL B 591 -9.94 -0.38 7.75
CA VAL B 591 -9.48 0.54 8.78
C VAL B 591 -9.40 -0.26 10.10
N LEU B 592 -8.22 -0.27 10.73
CA LEU B 592 -8.05 -0.83 12.06
C LEU B 592 -8.59 0.20 13.05
N GLY B 593 -9.56 -0.20 13.86
CA GLY B 593 -10.18 0.68 14.83
C GLY B 593 -11.57 1.05 14.37
N TRP B 594 -12.13 2.05 15.03
CA TRP B 594 -13.53 2.42 14.86
C TRP B 594 -13.62 3.96 14.99
N PRO B 595 -13.06 4.68 14.01
CA PRO B 595 -13.03 6.16 14.05
C PRO B 595 -14.43 6.81 14.08
N GLU B 596 -15.44 6.11 13.57
CA GLU B 596 -16.83 6.56 13.74
C GLU B 596 -17.39 6.06 15.08
N TYR B 597 -16.84 6.65 16.13
CA TYR B 597 -17.05 6.20 17.52
C TYR B 597 -18.46 6.41 18.02
N GLN B 598 -19.17 7.31 17.38
CA GLN B 598 -20.52 7.72 17.78
C GLN B 598 -21.57 6.81 17.16
N TRP B 599 -21.17 5.96 16.21
CA TRP B 599 -22.13 5.24 15.42
C TRP B 599 -22.84 4.16 16.24
N HIS B 600 -24.16 4.15 16.11
CA HIS B 600 -24.98 3.03 16.59
C HIS B 600 -25.83 2.50 15.41
N PRO B 601 -26.17 1.20 15.44
CA PRO B 601 -27.01 0.69 14.36
C PRO B 601 -28.47 1.14 14.54
N PRO B 602 -29.25 1.17 13.44
CA PRO B 602 -30.67 1.46 13.59
C PRO B 602 -31.44 0.23 14.13
N LEU B 603 -32.67 0.44 14.59
CA LEU B 603 -33.53 -0.65 14.99
C LEU B 603 -34.02 -1.41 13.75
N PRO B 604 -34.22 -2.73 13.88
CA PRO B 604 -34.87 -3.42 12.77
C PRO B 604 -36.31 -2.95 12.59
N ASP B 605 -36.87 -3.17 11.40
CA ASP B 605 -38.25 -2.75 11.15
C ASP B 605 -39.21 -3.62 11.96
N ASN B 606 -40.25 -2.99 12.49
CA ASN B 606 -41.23 -3.64 13.38
C ASN B 606 -40.60 -4.19 14.68
N TYR B 607 -39.67 -3.43 15.26
CA TYR B 607 -39.08 -3.81 16.54
C TYR B 607 -39.78 -3.04 17.68
N PRO B 608 -40.27 -3.73 18.73
CA PRO B 608 -40.21 -5.19 18.90
C PRO B 608 -41.34 -5.90 18.15
N LEU C 1 43.89 -35.31 -46.10
CA LEU C 1 43.53 -34.27 -45.10
C LEU C 1 44.58 -33.16 -45.12
N ASP C 2 44.13 -31.91 -45.21
CA ASP C 2 45.00 -30.76 -45.18
C ASP C 2 45.98 -30.83 -43.96
N PRO C 3 47.26 -30.43 -44.14
CA PRO C 3 48.22 -30.42 -43.02
C PRO C 3 47.76 -29.71 -41.76
N GLY C 4 47.14 -28.54 -41.93
CA GLY C 4 46.60 -27.74 -40.82
C GLY C 4 45.51 -28.43 -40.00
N LEU C 5 44.87 -29.45 -40.59
CA LEU C 5 43.81 -30.22 -39.94
C LEU C 5 44.28 -31.53 -39.31
N GLN C 6 45.57 -31.83 -39.43
CA GLN C 6 46.11 -33.11 -38.97
C GLN C 6 46.54 -33.03 -37.51
N PRO C 7 46.33 -34.11 -36.75
CA PRO C 7 46.83 -34.11 -35.40
C PRO C 7 48.36 -34.17 -35.34
N GLY C 8 48.94 -33.32 -34.49
CA GLY C 8 50.36 -33.32 -34.19
C GLY C 8 50.74 -34.22 -33.02
N GLN C 9 51.78 -33.80 -32.31
CA GLN C 9 52.33 -34.54 -31.20
C GLN C 9 51.78 -34.02 -29.87
N PHE C 10 51.43 -34.93 -28.99
CA PHE C 10 50.96 -34.57 -27.64
C PHE C 10 51.49 -35.62 -26.70
N SER C 11 51.76 -35.23 -25.47
CA SER C 11 52.24 -36.19 -24.47
C SER C 11 51.11 -37.16 -24.08
N ALA C 12 51.50 -38.36 -23.67
CA ALA C 12 50.56 -39.44 -23.33
C ALA C 12 50.17 -39.39 -21.85
N ASP C 13 49.60 -38.27 -21.45
CA ASP C 13 49.16 -38.05 -20.09
C ASP C 13 47.95 -37.11 -20.10
N GLU C 14 47.39 -36.84 -18.94
CA GLU C 14 46.21 -35.98 -18.86
C GLU C 14 46.49 -34.59 -19.37
N ALA C 15 47.63 -34.01 -18.99
CA ALA C 15 48.03 -32.68 -19.45
C ALA C 15 48.13 -32.60 -20.98
N GLY C 16 48.73 -33.62 -21.59
CA GLY C 16 48.77 -33.72 -23.05
C GLY C 16 47.39 -33.82 -23.68
N ALA C 17 46.54 -34.68 -23.11
CA ALA C 17 45.15 -34.86 -23.56
C ALA C 17 44.34 -33.55 -23.56
N GLN C 18 44.54 -32.71 -22.55
CA GLN C 18 43.98 -31.36 -22.55
C GLN C 18 44.45 -30.54 -23.75
N LEU C 19 45.75 -30.59 -24.06
CA LEU C 19 46.26 -29.87 -25.24
C LEU C 19 45.73 -30.48 -26.56
N PHE C 20 45.66 -31.81 -26.62
CA PHE C 20 45.06 -32.55 -27.75
C PHE C 20 43.63 -32.08 -28.03
N ALA C 21 42.84 -31.94 -26.94
CA ALA C 21 41.45 -31.51 -27.04
C ALA C 21 41.33 -30.10 -27.57
N GLN C 22 42.12 -29.18 -27.02
CA GLN C 22 42.17 -27.80 -27.56
C GLN C 22 42.48 -27.79 -29.06
N SER C 23 43.50 -28.54 -29.46
CA SER C 23 43.91 -28.63 -30.87
C SER C 23 42.83 -29.30 -31.75
N TYR C 24 42.24 -30.39 -31.28
CA TYR C 24 41.08 -31.00 -31.96
C TYR C 24 39.97 -29.98 -32.29
N GLN C 25 39.59 -29.22 -31.26
CA GLN C 25 38.50 -28.25 -31.39
C GLN C 25 38.77 -27.27 -32.49
N SER C 26 39.99 -26.74 -32.52
CA SER C 26 40.34 -25.73 -33.49
C SER C 26 40.09 -26.23 -34.95
N SER C 27 40.54 -27.44 -35.25
CA SER C 27 40.35 -28.03 -36.59
C SER C 27 38.95 -28.59 -36.81
N ALA C 28 38.31 -29.09 -35.76
CA ALA C 28 36.98 -29.68 -35.89
C ALA C 28 35.92 -28.66 -36.30
N GLU C 29 36.00 -27.46 -35.75
CA GLU C 29 35.07 -26.40 -36.16
C GLU C 29 35.11 -26.12 -37.66
N GLN C 30 36.30 -26.15 -38.24
CA GLN C 30 36.46 -25.95 -39.68
C GLN C 30 35.83 -27.10 -40.48
N VAL C 31 36.13 -28.34 -40.07
CA VAL C 31 35.66 -29.54 -40.77
C VAL C 31 34.13 -29.70 -40.63
N LEU C 32 33.62 -29.45 -39.45
CA LEU C 32 32.17 -29.51 -39.22
C LEU C 32 31.48 -28.40 -40.01
N PHE C 33 32.02 -27.19 -39.96
CA PHE C 33 31.45 -26.09 -40.73
C PHE C 33 31.29 -26.44 -42.21
N GLN C 34 32.35 -26.96 -42.83
CA GLN C 34 32.31 -27.27 -44.28
C GLN C 34 31.27 -28.39 -44.58
N SER C 35 31.18 -29.34 -43.69
CA SER C 35 30.18 -30.40 -43.78
C SER C 35 28.75 -29.87 -43.62
N VAL C 36 28.52 -29.08 -42.58
CA VAL C 36 27.18 -28.54 -42.34
C VAL C 36 26.80 -27.61 -43.48
N ALA C 37 27.76 -26.79 -43.94
CA ALA C 37 27.47 -25.89 -45.07
C ALA C 37 27.06 -26.67 -46.30
N ALA C 38 27.77 -27.74 -46.57
CA ALA C 38 27.49 -28.56 -47.74
C ALA C 38 26.15 -29.24 -47.61
N SER C 39 25.80 -29.73 -46.42
CA SER C 39 24.47 -30.30 -46.19
C SER C 39 23.36 -29.25 -46.40
N TRP C 40 23.60 -28.03 -45.91
CA TRP C 40 22.68 -26.89 -46.11
C TRP C 40 22.41 -26.62 -47.59
N ALA C 41 23.48 -26.55 -48.37
CA ALA C 41 23.40 -26.31 -49.80
C ALA C 41 22.64 -27.40 -50.50
N HIS C 42 22.73 -28.63 -50.01
CA HIS C 42 21.93 -29.72 -50.56
C HIS C 42 20.46 -29.68 -50.14
N ASP C 43 20.23 -29.56 -48.84
CA ASP C 43 18.85 -29.64 -48.31
C ASP C 43 18.00 -28.43 -48.72
N THR C 44 18.64 -27.31 -49.06
CA THR C 44 17.90 -26.14 -49.55
C THR C 44 17.88 -26.04 -51.07
N ASN C 45 18.36 -27.09 -51.74
CA ASN C 45 18.47 -27.10 -53.17
C ASN C 45 18.97 -28.49 -53.62
N ILE C 46 18.05 -29.44 -53.64
CA ILE C 46 18.41 -30.84 -53.85
C ILE C 46 18.76 -31.03 -55.32
N THR C 47 20.04 -31.23 -55.60
CA THR C 47 20.52 -31.57 -56.93
C THR C 47 21.56 -32.66 -56.83
N ALA C 48 21.76 -33.36 -57.94
CA ALA C 48 22.82 -34.37 -58.01
C ALA C 48 24.17 -33.72 -57.76
N GLU C 49 24.39 -32.49 -58.25
CA GLU C 49 25.67 -31.83 -57.98
C GLU C 49 25.88 -31.49 -56.48
N ASN C 50 24.83 -30.99 -55.83
CA ASN C 50 24.93 -30.63 -54.40
C ASN C 50 25.07 -31.87 -53.53
N ALA C 51 24.50 -33.00 -53.97
CA ALA C 51 24.73 -34.29 -53.29
C ALA C 51 26.20 -34.68 -53.40
N ARG C 52 26.76 -34.51 -54.60
CA ARG C 52 28.16 -34.86 -54.83
C ARG C 52 29.04 -34.03 -53.89
N ARG C 53 28.77 -32.73 -53.82
CA ARG C 53 29.52 -31.84 -52.92
C ARG C 53 29.37 -32.21 -51.44
N GLN C 54 28.18 -32.62 -51.04
CA GLN C 54 27.95 -33.00 -49.66
C GLN C 54 28.70 -34.30 -49.35
N GLU C 55 28.69 -35.24 -50.29
CA GLU C 55 29.39 -36.49 -50.15
C GLU C 55 30.90 -36.28 -50.02
N GLU C 56 31.44 -35.42 -50.85
CA GLU C 56 32.84 -35.02 -50.76
C GLU C 56 33.14 -34.41 -49.37
N ALA C 57 32.28 -33.52 -48.91
CA ALA C 57 32.45 -32.96 -47.56
C ALA C 57 32.38 -34.03 -46.45
N ALA C 58 31.46 -34.98 -46.57
CA ALA C 58 31.38 -36.09 -45.62
C ALA C 58 32.65 -36.94 -45.61
N LEU C 59 33.25 -37.16 -46.79
CA LEU C 59 34.51 -37.91 -46.83
C LEU C 59 35.62 -37.20 -46.08
N LEU C 60 35.71 -35.88 -46.24
CA LEU C 60 36.68 -35.07 -45.50
C LEU C 60 36.45 -35.22 -43.99
N SER C 61 35.19 -35.12 -43.58
CA SER C 61 34.85 -35.31 -42.17
C SER C 61 35.25 -36.69 -41.67
N GLN C 62 35.01 -37.72 -42.46
CA GLN C 62 35.44 -39.07 -42.12
C GLN C 62 36.98 -39.24 -42.05
N GLU C 63 37.71 -38.61 -42.97
CA GLU C 63 39.20 -38.57 -42.88
C GLU C 63 39.64 -37.92 -41.58
N PHE C 64 39.02 -36.77 -41.29
CA PHE C 64 39.32 -36.03 -40.06
C PHE C 64 39.06 -36.89 -38.83
N ALA C 65 37.89 -37.50 -38.75
CA ALA C 65 37.52 -38.30 -37.59
C ALA C 65 38.47 -39.48 -37.40
N GLU C 66 38.83 -40.15 -38.50
CA GLU C 66 39.79 -41.22 -38.43
C GLU C 66 41.15 -40.76 -37.89
N ALA C 67 41.69 -39.68 -38.45
CA ALA C 67 43.00 -39.20 -38.02
C ALA C 67 43.02 -38.90 -36.51
N TRP C 68 42.06 -38.11 -36.06
CA TRP C 68 42.02 -37.69 -34.67
C TRP C 68 41.60 -38.82 -33.72
N GLY C 69 40.73 -39.71 -34.19
CA GLY C 69 40.32 -40.89 -33.44
C GLY C 69 41.48 -41.84 -33.20
N GLN C 70 42.25 -42.12 -34.26
CA GLN C 70 43.40 -43.01 -34.16
C GLN C 70 44.49 -42.40 -33.28
N LYS C 71 44.70 -41.08 -33.39
CA LYS C 71 45.64 -40.41 -32.47
C LYS C 71 45.18 -40.48 -31.01
N ALA C 72 43.89 -40.31 -30.77
CA ALA C 72 43.35 -40.42 -29.41
C ALA C 72 43.62 -41.80 -28.86
N LYS C 73 43.43 -42.82 -29.66
CA LYS C 73 43.69 -44.18 -29.18
C LYS C 73 45.19 -44.47 -29.00
N GLU C 74 46.02 -43.99 -29.94
CA GLU C 74 47.46 -44.16 -29.87
C GLU C 74 48.00 -43.58 -28.55
N LEU C 75 47.56 -42.40 -28.16
CA LEU C 75 48.10 -41.72 -26.98
C LEU C 75 47.39 -42.02 -25.66
N TYR C 76 46.07 -42.24 -25.71
CA TYR C 76 45.24 -42.20 -24.48
C TYR C 76 44.38 -43.43 -24.21
N GLU C 77 44.46 -44.47 -25.04
CA GLU C 77 43.57 -45.61 -24.87
C GLU C 77 43.66 -46.24 -23.47
N PRO C 78 44.89 -46.56 -22.99
CA PRO C 78 44.91 -47.20 -21.65
C PRO C 78 44.63 -46.28 -20.45
N ILE C 79 44.56 -44.97 -20.65
CA ILE C 79 44.53 -44.00 -19.56
C ILE C 79 43.36 -43.01 -19.53
N TRP C 80 42.62 -42.81 -20.62
CA TRP C 80 41.61 -41.71 -20.67
C TRP C 80 40.48 -41.87 -19.65
N GLN C 81 40.11 -43.12 -19.38
CA GLN C 81 39.04 -43.40 -18.41
C GLN C 81 39.39 -43.04 -16.96
N GLN C 82 40.67 -43.03 -16.62
CA GLN C 82 41.10 -42.62 -15.28
C GLN C 82 41.45 -41.14 -15.20
N PHE C 83 41.29 -40.38 -16.29
CA PHE C 83 41.56 -38.93 -16.22
C PHE C 83 40.67 -38.31 -15.14
N THR C 84 41.17 -37.27 -14.49
CA THR C 84 40.50 -36.66 -13.34
C THR C 84 39.43 -35.63 -13.75
N ASP C 85 39.66 -34.94 -14.88
CA ASP C 85 38.68 -34.00 -15.46
C ASP C 85 37.57 -34.78 -16.21
N PRO C 86 36.30 -34.73 -15.70
CA PRO C 86 35.22 -35.50 -16.34
C PRO C 86 34.79 -34.98 -17.72
N GLN C 87 34.92 -33.68 -17.97
CA GLN C 87 34.63 -33.11 -19.27
C GLN C 87 35.62 -33.65 -20.31
N LEU C 88 36.90 -33.66 -19.95
CA LEU C 88 37.93 -34.24 -20.78
C LEU C 88 37.66 -35.69 -21.09
N ARG C 89 37.24 -36.47 -20.10
CA ARG C 89 36.88 -37.88 -20.37
C ARG C 89 35.82 -37.97 -21.46
N ARG C 90 34.81 -37.09 -21.38
CA ARG C 90 33.72 -37.11 -22.39
C ARG C 90 34.22 -36.67 -23.77
N ILE C 91 35.17 -35.73 -23.81
CA ILE C 91 35.71 -35.25 -25.07
C ILE C 91 36.47 -36.38 -25.76
N ILE C 92 37.37 -37.04 -24.99
CA ILE C 92 38.17 -38.13 -25.53
C ILE C 92 37.25 -39.29 -25.94
N GLY C 93 36.28 -39.63 -25.10
CA GLY C 93 35.31 -40.68 -25.43
C GLY C 93 34.60 -40.42 -26.76
N ALA C 94 34.22 -39.17 -27.01
CA ALA C 94 33.58 -38.80 -28.28
C ALA C 94 34.57 -38.90 -29.45
N VAL C 95 35.78 -38.32 -29.30
CA VAL C 95 36.80 -38.33 -30.38
C VAL C 95 37.19 -39.75 -30.81
N ARG C 96 37.30 -40.66 -29.87
CA ARG C 96 37.67 -42.04 -30.20
C ARG C 96 36.54 -42.89 -30.81
N THR C 97 35.32 -42.34 -30.87
CA THR C 97 34.18 -42.98 -31.53
C THR C 97 34.22 -42.58 -33.00
N LEU C 98 34.58 -43.52 -33.87
CA LEU C 98 34.76 -43.21 -35.30
C LEU C 98 33.51 -43.33 -36.18
N GLY C 99 32.58 -44.20 -35.80
CA GLY C 99 31.39 -44.44 -36.61
C GLY C 99 31.71 -44.81 -38.06
N SER C 100 31.11 -44.08 -38.99
CA SER C 100 31.23 -44.40 -40.40
C SER C 100 32.68 -44.26 -40.89
N ALA C 101 33.49 -43.48 -40.18
CA ALA C 101 34.93 -43.41 -40.43
C ALA C 101 35.70 -44.73 -40.21
N ASN C 102 35.11 -45.71 -39.52
CA ASN C 102 35.68 -47.06 -39.45
C ASN C 102 35.62 -47.81 -40.75
N LEU C 103 34.77 -47.40 -41.69
CA LEU C 103 34.61 -48.11 -42.96
C LEU C 103 35.77 -47.72 -43.85
N PRO C 104 36.25 -48.66 -44.70
CA PRO C 104 37.27 -48.27 -45.65
C PRO C 104 36.65 -47.34 -46.70
N LEU C 105 37.50 -46.64 -47.44
CA LEU C 105 37.06 -45.56 -48.33
C LEU C 105 35.91 -46.00 -49.23
N ALA C 106 36.00 -47.18 -49.86
CA ALA C 106 35.01 -47.57 -50.85
C ALA C 106 33.62 -47.73 -50.17
N LYS C 107 33.59 -48.29 -48.97
CA LYS C 107 32.36 -48.39 -48.20
C LYS C 107 31.87 -47.02 -47.66
N ARG C 108 32.79 -46.10 -47.35
CA ARG C 108 32.40 -44.73 -46.96
C ARG C 108 31.68 -44.04 -48.09
N GLN C 109 32.20 -44.19 -49.29
CA GLN C 109 31.54 -43.62 -50.45
C GLN C 109 30.15 -44.25 -50.68
N GLN C 110 30.01 -45.56 -50.48
CA GLN C 110 28.70 -46.24 -50.63
C GLN C 110 27.73 -45.73 -49.58
N TYR C 111 28.20 -45.64 -48.34
CA TYR C 111 27.42 -45.14 -47.21
C TYR C 111 26.93 -43.72 -47.46
N ASN C 112 27.85 -42.83 -47.80
CA ASN C 112 27.50 -41.44 -48.08
C ASN C 112 26.53 -41.31 -49.23
N ALA C 113 26.69 -42.11 -50.28
CA ALA C 113 25.73 -42.07 -51.40
C ALA C 113 24.34 -42.54 -51.01
N LEU C 114 24.28 -43.60 -50.20
CA LEU C 114 22.99 -44.11 -49.73
C LEU C 114 22.23 -43.03 -48.96
N LEU C 115 22.90 -42.30 -48.08
CA LEU C 115 22.24 -41.23 -47.33
C LEU C 115 21.69 -40.15 -48.28
N SER C 116 22.48 -39.76 -49.29
CA SER C 116 22.00 -38.76 -50.26
C SER C 116 20.79 -39.26 -51.00
N GLN C 117 20.88 -40.46 -51.54
CA GLN C 117 19.82 -41.01 -52.36
C GLN C 117 18.53 -41.25 -51.54
N MET C 118 18.65 -41.77 -50.33
CA MET C 118 17.49 -41.87 -49.41
C MET C 118 16.89 -40.53 -49.10
N SER C 119 17.71 -39.51 -48.84
CA SER C 119 17.17 -38.16 -48.64
C SER C 119 16.44 -37.64 -49.89
N ARG C 120 17.05 -37.79 -51.06
CA ARG C 120 16.43 -37.32 -52.27
C ARG C 120 15.06 -38.02 -52.48
N ILE C 121 15.03 -39.33 -52.33
CA ILE C 121 13.79 -40.08 -52.60
C ILE C 121 12.66 -39.56 -51.71
N TYR C 122 12.93 -39.39 -50.40
CA TYR C 122 11.86 -38.96 -49.49
C TYR C 122 11.37 -37.57 -49.82
N SER C 123 12.30 -36.64 -49.96
CA SER C 123 11.94 -35.22 -50.05
C SER C 123 11.49 -34.77 -51.46
N THR C 124 11.63 -35.63 -52.48
CA THR C 124 11.10 -35.35 -53.83
C THR C 124 9.96 -36.27 -54.27
N ALA C 125 9.50 -37.21 -53.43
CA ALA C 125 8.36 -38.06 -53.78
C ALA C 125 7.10 -37.22 -53.92
N LYS C 126 6.25 -37.63 -54.84
CA LYS C 126 5.02 -36.90 -55.18
C LYS C 126 3.91 -37.88 -55.42
N VAL C 127 2.69 -37.39 -55.29
CA VAL C 127 1.50 -38.17 -55.57
C VAL C 127 0.78 -37.48 -56.73
N CYS C 128 0.69 -38.14 -57.88
CA CYS C 128 0.03 -37.53 -59.04
C CYS C 128 -1.42 -38.02 -59.15
N LEU C 129 -2.31 -37.14 -59.63
CA LEU C 129 -3.77 -37.37 -59.63
C LEU C 129 -4.21 -38.23 -60.81
N THR C 135 -0.53 -31.99 -62.49
CA THR C 135 -1.24 -32.03 -61.22
C THR C 135 -0.66 -33.07 -60.22
N CYS C 136 0.50 -32.77 -59.60
CA CYS C 136 1.08 -33.65 -58.56
C CYS C 136 1.26 -32.97 -57.21
N TRP C 137 0.88 -33.68 -56.16
CA TRP C 137 0.92 -33.16 -54.81
C TRP C 137 2.23 -33.48 -54.15
N SER C 138 2.84 -32.47 -53.55
CA SER C 138 3.98 -32.63 -52.66
C SER C 138 3.48 -32.96 -51.24
N LEU C 139 4.35 -33.54 -50.45
CA LEU C 139 4.03 -33.83 -49.04
C LEU C 139 3.75 -32.52 -48.29
N ASP C 140 4.61 -31.53 -48.46
CA ASP C 140 4.48 -30.24 -47.80
C ASP C 140 4.52 -29.19 -48.91
N PRO C 141 3.42 -28.49 -49.20
CA PRO C 141 2.24 -28.36 -48.32
C PRO C 141 1.06 -29.29 -48.57
N ASP C 142 0.98 -29.91 -49.74
CA ASP C 142 -0.30 -30.44 -50.27
C ASP C 142 -0.87 -31.58 -49.46
N LEU C 143 -0.10 -32.66 -49.31
CA LEU C 143 -0.61 -33.85 -48.62
C LEU C 143 -0.79 -33.57 -47.13
N THR C 144 0.11 -32.77 -46.57
CA THR C 144 -0.02 -32.35 -45.19
C THR C 144 -1.35 -31.65 -44.98
N ASN C 145 -1.70 -30.70 -45.85
CA ASN C 145 -2.96 -29.95 -45.73
C ASN C 145 -4.20 -30.83 -45.91
N ILE C 146 -4.12 -31.77 -46.86
CA ILE C 146 -5.20 -32.72 -47.09
C ILE C 146 -5.43 -33.60 -45.83
N LEU C 147 -4.36 -34.19 -45.32
CA LEU C 147 -4.48 -35.04 -44.13
C LEU C 147 -5.05 -34.26 -42.95
N ALA C 148 -4.71 -32.97 -42.81
CA ALA C 148 -5.16 -32.15 -41.67
C ALA C 148 -6.61 -31.65 -41.80
N SER C 149 -7.02 -31.38 -43.03
CA SER C 149 -8.24 -30.61 -43.24
C SER C 149 -9.33 -31.30 -44.07
N SER C 150 -9.02 -32.34 -44.87
CA SER C 150 -10.06 -33.04 -45.60
C SER C 150 -10.92 -33.87 -44.63
N ARG C 151 -12.22 -33.94 -44.88
CA ARG C 151 -13.11 -34.84 -44.13
C ARG C 151 -13.80 -35.72 -45.14
N SER C 152 -13.10 -35.99 -46.24
CA SER C 152 -13.57 -36.87 -47.31
C SER C 152 -12.76 -38.17 -47.21
N TYR C 153 -13.43 -39.26 -46.85
CA TYR C 153 -12.75 -40.53 -46.67
C TYR C 153 -11.88 -40.90 -47.88
N ALA C 154 -12.42 -40.73 -49.08
CA ALA C 154 -11.74 -41.13 -50.33
C ALA C 154 -10.53 -40.22 -50.62
N MET C 155 -10.66 -38.90 -50.43
CA MET C 155 -9.56 -37.97 -50.66
CA MET C 155 -9.56 -37.96 -50.67
C MET C 155 -8.39 -38.31 -49.73
N LEU C 156 -8.71 -38.49 -48.46
CA LEU C 156 -7.73 -38.91 -47.47
C LEU C 156 -7.05 -40.23 -47.83
N LEU C 157 -7.84 -41.19 -48.29
CA LEU C 157 -7.30 -42.48 -48.68
C LEU C 157 -6.31 -42.35 -49.82
N PHE C 158 -6.68 -41.55 -50.82
CA PHE C 158 -5.86 -41.37 -52.01
C PHE C 158 -4.52 -40.74 -51.59
N ALA C 159 -4.57 -39.74 -50.72
CA ALA C 159 -3.36 -39.11 -50.21
C ALA C 159 -2.49 -40.08 -49.41
N TRP C 160 -3.12 -40.86 -48.53
CA TRP C 160 -2.40 -41.83 -47.67
C TRP C 160 -1.73 -42.92 -48.49
N GLU C 161 -2.51 -43.58 -49.33
CA GLU C 161 -1.98 -44.64 -50.19
C GLU C 161 -0.95 -44.13 -51.16
N GLY C 162 -1.26 -43.03 -51.83
CA GLY C 162 -0.31 -42.45 -52.78
C GLY C 162 1.06 -42.12 -52.16
N TRP C 163 1.04 -41.50 -50.97
CA TRP C 163 2.27 -41.11 -50.28
C TRP C 163 3.07 -42.33 -49.84
N HIS C 164 2.41 -43.30 -49.20
CA HIS C 164 3.10 -44.47 -48.72
C HIS C 164 3.72 -45.27 -49.85
N ASN C 165 2.99 -45.49 -50.94
CA ASN C 165 3.58 -46.16 -52.11
C ASN C 165 4.73 -45.39 -52.77
N ALA C 166 4.56 -44.07 -52.92
CA ALA C 166 5.55 -43.28 -53.67
C ALA C 166 6.85 -43.11 -52.91
N ALA C 167 6.78 -42.82 -51.60
CA ALA C 167 7.97 -42.65 -50.78
C ALA C 167 8.62 -43.96 -50.33
N GLY C 168 7.80 -44.92 -49.90
CA GLY C 168 8.31 -46.16 -49.28
C GLY C 168 8.90 -47.18 -50.22
N ILE C 169 8.19 -47.49 -51.30
CA ILE C 169 8.62 -48.58 -52.21
C ILE C 169 10.09 -48.41 -52.66
N PRO C 170 10.45 -47.28 -53.27
CA PRO C 170 11.84 -47.16 -53.75
C PRO C 170 12.91 -47.06 -52.67
N LEU C 171 12.52 -46.74 -51.44
CA LEU C 171 13.51 -46.68 -50.39
C LEU C 171 13.99 -48.06 -49.93
N LYS C 172 13.17 -49.09 -50.10
CA LYS C 172 13.47 -50.37 -49.44
C LYS C 172 14.87 -50.93 -49.75
N PRO C 173 15.27 -51.08 -51.04
CA PRO C 173 16.60 -51.67 -51.27
C PRO C 173 17.73 -50.84 -50.65
N LEU C 174 17.61 -49.51 -50.68
CA LEU C 174 18.66 -48.65 -50.17
C LEU C 174 18.75 -48.80 -48.63
N TYR C 175 17.59 -48.86 -47.98
CA TYR C 175 17.52 -48.96 -46.54
C TYR C 175 18.18 -50.25 -46.03
N GLU C 176 18.02 -51.36 -46.75
CA GLU C 176 18.70 -52.62 -46.40
CA GLU C 176 18.71 -52.63 -46.41
C GLU C 176 20.23 -52.47 -46.45
N ASP C 177 20.71 -51.88 -47.55
CA ASP C 177 22.13 -51.65 -47.75
C ASP C 177 22.68 -50.72 -46.67
N PHE C 178 21.93 -49.63 -46.41
CA PHE C 178 22.31 -48.70 -45.37
C PHE C 178 22.48 -49.39 -44.01
N THR C 179 21.50 -50.20 -43.64
CA THR C 179 21.51 -50.89 -42.35
C THR C 179 22.78 -51.76 -42.18
N ALA C 180 23.12 -52.51 -43.22
CA ALA C 180 24.30 -53.38 -43.15
C ALA C 180 25.59 -52.55 -42.95
N LEU C 181 25.72 -51.45 -43.69
CA LEU C 181 26.93 -50.62 -43.61
C LEU C 181 27.04 -49.88 -42.27
N SER C 182 25.90 -49.38 -41.80
CA SER C 182 25.85 -48.67 -40.54
C SER C 182 26.29 -49.63 -39.43
N ASN C 183 25.73 -50.85 -39.41
CA ASN C 183 26.16 -51.88 -38.43
C ASN C 183 27.63 -52.21 -38.53
N GLU C 184 28.11 -52.39 -39.75
CA GLU C 184 29.54 -52.67 -39.97
C GLU C 184 30.39 -51.59 -39.38
N ALA C 185 29.98 -50.34 -39.56
CA ALA C 185 30.71 -49.21 -39.04
C ALA C 185 30.77 -49.21 -37.50
N TYR C 186 29.62 -49.34 -36.86
CA TYR C 186 29.57 -49.22 -35.39
C TYR C 186 30.06 -50.45 -34.65
N LYS C 187 30.07 -51.60 -35.31
CA LYS C 187 30.66 -52.80 -34.75
C LYS C 187 32.14 -52.59 -34.39
N GLN C 188 32.84 -51.82 -35.23
CA GLN C 188 34.23 -51.44 -34.98
C GLN C 188 34.43 -50.40 -33.88
N ASP C 189 33.38 -49.75 -33.41
CA ASP C 189 33.43 -48.98 -32.15
C ASP C 189 33.05 -49.84 -30.93
N GLY C 190 32.80 -51.15 -31.12
CA GLY C 190 32.45 -52.07 -30.02
C GLY C 190 30.98 -52.32 -29.74
N PHE C 191 30.08 -51.74 -30.55
CA PHE C 191 28.62 -51.95 -30.42
C PHE C 191 28.13 -53.13 -31.25
N THR C 192 27.25 -53.95 -30.67
CA THR C 192 26.71 -55.11 -31.43
C THR C 192 25.89 -54.71 -32.67
N ASP C 193 25.23 -53.56 -32.63
CA ASP C 193 24.59 -53.00 -33.83
C ASP C 193 24.40 -51.50 -33.65
N THR C 194 23.90 -50.85 -34.69
CA THR C 194 23.73 -49.40 -34.63
C THR C 194 22.72 -48.96 -33.54
N GLY C 195 21.66 -49.72 -33.36
CA GLY C 195 20.71 -49.42 -32.27
C GLY C 195 21.33 -49.34 -30.90
N ALA C 196 22.24 -50.26 -30.60
CA ALA C 196 22.95 -50.21 -29.32
C ALA C 196 23.78 -48.95 -29.19
N TYR C 197 24.38 -48.51 -30.28
CA TYR C 197 25.09 -47.23 -30.24
C TYR C 197 24.09 -46.07 -29.98
N TRP C 198 22.99 -46.03 -30.73
CA TRP C 198 21.97 -44.96 -30.50
C TRP C 198 21.50 -44.92 -29.03
N ARG C 199 21.20 -46.10 -28.48
CA ARG C 199 20.75 -46.21 -27.08
C ARG C 199 21.80 -45.78 -26.06
N SER C 200 23.07 -45.97 -26.40
CA SER C 200 24.19 -45.66 -25.49
C SER C 200 24.24 -44.19 -25.13
N TRP C 201 23.64 -43.30 -25.93
CA TRP C 201 23.59 -41.87 -25.62
C TRP C 201 22.84 -41.55 -24.33
N TYR C 202 22.02 -42.50 -23.85
CA TYR C 202 21.21 -42.29 -22.65
C TYR C 202 21.93 -42.68 -21.37
N ASN C 203 23.08 -43.34 -21.50
CA ASN C 203 23.91 -43.79 -20.37
C ASN C 203 23.11 -44.40 -19.24
N SER C 204 22.33 -45.41 -19.59
CA SER C 204 21.45 -46.06 -18.65
C SER C 204 21.39 -47.53 -18.99
N PRO C 205 21.91 -48.39 -18.09
CA PRO C 205 21.78 -49.82 -18.35
C PRO C 205 20.34 -50.35 -18.40
N THR C 206 19.41 -49.61 -17.85
CA THR C 206 18.03 -50.05 -17.78
C THR C 206 17.07 -49.27 -18.76
N PHE C 207 17.65 -48.63 -19.79
CA PHE C 207 16.91 -47.74 -20.69
C PHE C 207 15.63 -48.35 -21.20
N GLU C 208 15.74 -49.50 -21.85
CA GLU C 208 14.58 -50.14 -22.46
C GLU C 208 13.53 -50.52 -21.43
N ASP C 209 13.93 -51.04 -20.27
CA ASP C 209 12.98 -51.32 -19.17
C ASP C 209 12.31 -50.08 -18.64
N ASP C 210 13.07 -48.98 -18.49
CA ASP C 210 12.50 -47.73 -17.97
C ASP C 210 11.48 -47.10 -18.93
N LEU C 211 11.76 -47.18 -20.24
CA LEU C 211 10.81 -46.71 -21.25
C LEU C 211 9.55 -47.54 -21.21
N GLU C 212 9.70 -48.84 -21.13
CA GLU C 212 8.55 -49.72 -21.06
C GLU C 212 7.68 -49.46 -19.83
N HIS C 213 8.30 -49.20 -18.69
CA HIS C 213 7.56 -48.89 -17.47
C HIS C 213 6.84 -47.53 -17.56
N LEU C 214 7.46 -46.54 -18.20
CA LEU C 214 6.78 -45.27 -18.52
C LEU C 214 5.57 -45.53 -19.41
N TYR C 215 5.77 -46.33 -20.48
CA TYR C 215 4.68 -46.56 -21.41
C TYR C 215 3.46 -47.22 -20.71
N GLN C 216 3.70 -48.16 -19.80
CA GLN C 216 2.62 -48.79 -19.04
C GLN C 216 1.79 -47.80 -18.23
N GLN C 217 2.41 -46.77 -17.68
CA GLN C 217 1.67 -45.75 -16.96
C GLN C 217 0.85 -44.88 -17.87
N LEU C 218 1.33 -44.68 -19.11
CA LEU C 218 0.73 -43.75 -20.07
C LEU C 218 -0.35 -44.41 -20.89
N GLU C 219 -0.24 -45.73 -21.07
CA GLU C 219 -1.13 -46.41 -22.00
C GLU C 219 -2.61 -46.23 -21.72
N PRO C 220 -3.05 -46.30 -20.44
CA PRO C 220 -4.49 -46.10 -20.21
C PRO C 220 -5.00 -44.76 -20.76
N LEU C 221 -4.20 -43.69 -20.67
CA LEU C 221 -4.58 -42.37 -21.23
C LEU C 221 -4.75 -42.46 -22.74
N TYR C 222 -3.83 -43.13 -23.41
CA TYR C 222 -3.95 -43.35 -24.86
C TYR C 222 -5.18 -44.19 -25.19
N LEU C 223 -5.36 -45.30 -24.48
CA LEU C 223 -6.54 -46.15 -24.77
C LEU C 223 -7.85 -45.37 -24.66
N ASN C 224 -7.98 -44.53 -23.64
CA ASN C 224 -9.23 -43.75 -23.49
C ASN C 224 -9.40 -42.70 -24.56
N LEU C 225 -8.31 -42.05 -24.94
CA LEU C 225 -8.38 -41.03 -25.97
C LEU C 225 -8.74 -41.69 -27.29
N HIS C 226 -8.13 -42.84 -27.57
CA HIS C 226 -8.36 -43.63 -28.78
C HIS C 226 -9.82 -44.00 -28.93
N ALA C 227 -10.40 -44.56 -27.88
CA ALA C 227 -11.84 -44.98 -27.90
C ALA C 227 -12.79 -43.82 -28.13
N PHE C 228 -12.52 -42.68 -27.48
CA PHE C 228 -13.32 -41.49 -27.61
C PHE C 228 -13.28 -40.94 -29.04
N VAL C 229 -12.08 -40.85 -29.62
CA VAL C 229 -11.94 -40.45 -31.02
C VAL C 229 -12.58 -41.46 -31.99
N ARG C 230 -12.37 -42.74 -31.75
CA ARG C 230 -12.95 -43.77 -32.61
C ARG C 230 -14.49 -43.66 -32.67
N ARG C 231 -15.10 -43.29 -31.55
CA ARG C 231 -16.55 -43.10 -31.48
C ARG C 231 -16.97 -41.96 -32.38
N ALA C 232 -16.24 -40.85 -32.33
CA ALA C 232 -16.54 -39.71 -33.17
C ALA C 232 -16.37 -40.10 -34.64
N LEU C 233 -15.31 -40.85 -34.96
CA LEU C 233 -15.09 -41.28 -36.35
C LEU C 233 -16.20 -42.23 -36.80
N HIS C 234 -16.67 -43.08 -35.91
CA HIS C 234 -17.78 -43.99 -36.22
C HIS C 234 -19.05 -43.22 -36.64
N ARG C 235 -19.43 -42.21 -35.84
N ARG C 235 -19.40 -42.19 -35.88
CA ARG C 235 -20.57 -41.34 -36.15
CA ARG C 235 -20.60 -41.39 -36.15
C ARG C 235 -20.44 -40.71 -37.53
C ARG C 235 -20.47 -40.53 -37.42
N ARG C 236 -19.24 -40.22 -37.82
CA ARG C 236 -18.97 -39.53 -39.07
C ARG C 236 -18.93 -40.42 -40.31
N TYR C 237 -18.17 -41.50 -40.23
CA TYR C 237 -17.83 -42.31 -41.42
C TYR C 237 -18.65 -43.61 -41.52
N GLY C 238 -19.32 -43.99 -40.45
CA GLY C 238 -20.20 -45.12 -40.43
C GLY C 238 -19.53 -46.43 -40.09
N ASP C 239 -20.39 -47.43 -39.87
CA ASP C 239 -19.98 -48.76 -39.43
C ASP C 239 -19.20 -49.54 -40.48
N ARG C 240 -19.37 -49.19 -41.74
CA ARG C 240 -18.61 -49.81 -42.80
C ARG C 240 -17.07 -49.50 -42.71
N TYR C 241 -16.70 -48.28 -42.34
CA TYR C 241 -15.28 -47.85 -42.33
C TYR C 241 -14.67 -47.74 -40.94
N ILE C 242 -15.48 -47.91 -39.89
CA ILE C 242 -15.00 -47.84 -38.52
C ILE C 242 -15.58 -48.98 -37.74
N ASN C 243 -14.70 -49.76 -37.10
CA ASN C 243 -15.05 -50.84 -36.23
C ASN C 243 -14.84 -50.35 -34.80
N LEU C 244 -15.93 -50.26 -34.05
CA LEU C 244 -15.88 -49.82 -32.68
C LEU C 244 -15.08 -50.72 -31.74
N ARG C 245 -14.75 -51.92 -32.19
CA ARG C 245 -13.85 -52.81 -31.46
C ARG C 245 -12.55 -53.13 -32.20
N GLY C 246 -12.21 -52.29 -33.17
CA GLY C 246 -11.09 -52.54 -34.04
C GLY C 246 -10.18 -51.34 -34.13
N PRO C 247 -9.00 -51.54 -34.77
CA PRO C 247 -8.12 -50.42 -35.00
C PRO C 247 -8.75 -49.38 -35.90
N ILE C 248 -8.31 -48.14 -35.73
CA ILE C 248 -8.79 -47.02 -36.53
C ILE C 248 -8.03 -47.01 -37.87
N PRO C 249 -8.73 -46.81 -39.01
CA PRO C 249 -8.00 -46.61 -40.29
C PRO C 249 -6.98 -45.48 -40.21
N ALA C 250 -5.73 -45.77 -40.62
CA ALA C 250 -4.56 -44.93 -40.29
C ALA C 250 -4.54 -43.54 -40.99
N HIS C 251 -5.51 -43.28 -41.85
CA HIS C 251 -5.59 -42.04 -42.64
C HIS C 251 -6.59 -41.01 -42.10
N LEU C 252 -7.24 -41.30 -40.98
CA LEU C 252 -8.38 -40.48 -40.54
C LEU C 252 -8.12 -39.59 -39.32
N LEU C 253 -6.88 -39.48 -38.89
CA LEU C 253 -6.54 -38.86 -37.61
C LEU C 253 -5.75 -37.55 -37.75
N GLY C 254 -5.76 -36.92 -38.93
CA GLY C 254 -5.31 -35.54 -39.10
C GLY C 254 -3.88 -35.40 -39.60
N ASP C 255 -3.22 -36.52 -39.84
CA ASP C 255 -1.78 -36.55 -39.99
C ASP C 255 -1.40 -37.79 -40.83
N MET C 256 -0.37 -37.65 -41.68
CA MET C 256 0.02 -38.74 -42.58
C MET C 256 0.40 -40.03 -41.84
N TRP C 257 0.95 -39.90 -40.63
CA TRP C 257 1.44 -41.02 -39.80
C TRP C 257 0.52 -41.31 -38.60
N ALA C 258 -0.63 -40.65 -38.54
CA ALA C 258 -1.54 -40.73 -37.40
C ALA C 258 -0.82 -40.48 -36.09
N GLN C 259 0.20 -39.64 -36.14
CA GLN C 259 1.16 -39.54 -35.04
C GLN C 259 0.71 -38.51 -34.02
N SER C 260 -0.05 -37.52 -34.47
CA SER C 260 -0.77 -36.65 -33.56
C SER C 260 -2.02 -36.17 -34.23
N TRP C 261 -3.01 -35.90 -33.39
CA TRP C 261 -4.36 -35.85 -33.84
C TRP C 261 -5.03 -34.48 -33.69
N GLU C 262 -4.25 -33.45 -33.38
CA GLU C 262 -4.79 -32.10 -33.17
C GLU C 262 -5.55 -31.54 -34.39
N ASN C 263 -5.19 -32.01 -35.60
CA ASN C 263 -5.89 -31.56 -36.80
C ASN C 263 -7.33 -32.02 -36.97
N ILE C 264 -7.76 -33.02 -36.19
CA ILE C 264 -9.19 -33.38 -36.17
C ILE C 264 -9.89 -32.90 -34.89
N TYR C 265 -9.32 -31.91 -34.22
CA TYR C 265 -9.96 -31.34 -33.03
C TYR C 265 -11.38 -30.89 -33.34
N ASP C 266 -11.56 -30.25 -34.49
CA ASP C 266 -12.89 -29.72 -34.85
C ASP C 266 -13.96 -30.81 -35.11
N MET C 267 -13.53 -32.06 -35.27
CA MET C 267 -14.44 -33.22 -35.35
C MET C 267 -14.78 -33.86 -34.02
N VAL C 268 -14.00 -33.60 -32.98
CA VAL C 268 -14.20 -34.29 -31.69
C VAL C 268 -14.37 -33.35 -30.48
N VAL C 269 -14.35 -32.03 -30.71
CA VAL C 269 -14.41 -31.05 -29.63
C VAL C 269 -15.55 -31.40 -28.65
N PRO C 270 -15.23 -31.60 -27.35
CA PRO C 270 -16.26 -31.94 -26.38
C PRO C 270 -17.40 -30.94 -26.25
N PHE C 271 -17.07 -29.67 -26.16
CA PHE C 271 -18.06 -28.62 -25.89
C PHE C 271 -17.98 -27.56 -26.98
N PRO C 272 -18.63 -27.81 -28.12
CA PRO C 272 -18.55 -26.86 -29.25
C PRO C 272 -19.13 -25.44 -29.01
N ASP C 273 -19.83 -25.19 -27.91
CA ASP C 273 -20.29 -23.82 -27.55
C ASP C 273 -19.22 -22.91 -26.97
N LYS C 274 -18.06 -23.47 -26.60
CA LYS C 274 -17.03 -22.69 -25.92
C LYS C 274 -16.07 -22.02 -26.93
N PRO C 275 -15.07 -21.23 -26.44
CA PRO C 275 -14.21 -20.56 -27.43
C PRO C 275 -13.55 -21.54 -28.39
N ASN C 276 -13.39 -21.13 -29.64
CA ASN C 276 -12.67 -21.93 -30.62
C ASN C 276 -11.18 -21.83 -30.33
N LEU C 277 -10.58 -22.95 -29.89
CA LEU C 277 -9.18 -22.95 -29.45
C LEU C 277 -8.16 -23.12 -30.55
N ASP C 278 -8.64 -23.39 -31.76
CA ASP C 278 -7.81 -23.37 -32.96
C ASP C 278 -7.80 -21.94 -33.49
N VAL C 279 -6.64 -21.30 -33.33
CA VAL C 279 -6.47 -19.91 -33.69
C VAL C 279 -5.97 -19.70 -35.14
N THR C 280 -5.83 -20.77 -35.92
CA THR C 280 -5.35 -20.67 -37.32
C THR C 280 -6.11 -19.63 -38.13
N SER C 281 -7.45 -19.67 -38.10
CA SER C 281 -8.23 -18.67 -38.87
C SER C 281 -7.96 -17.23 -38.44
N THR C 282 -7.80 -16.99 -37.14
CA THR C 282 -7.39 -15.67 -36.65
C THR C 282 -6.00 -15.29 -37.14
N MET C 283 -5.05 -16.23 -37.10
CA MET C 283 -3.70 -15.95 -37.64
C MET C 283 -3.80 -15.49 -39.11
N LEU C 284 -4.63 -16.20 -39.89
CA LEU C 284 -4.83 -15.89 -41.29
C LEU C 284 -5.58 -14.51 -41.48
N GLN C 285 -6.67 -14.29 -40.74
CA GLN C 285 -7.38 -13.02 -40.79
C GLN C 285 -6.46 -11.86 -40.42
N GLN C 286 -5.62 -12.04 -39.42
CA GLN C 286 -4.69 -10.98 -39.03
C GLN C 286 -3.47 -10.78 -39.94
N GLY C 287 -3.31 -11.59 -40.98
CA GLY C 287 -2.15 -11.47 -41.88
C GLY C 287 -0.81 -11.94 -41.33
N TRP C 288 -0.79 -12.92 -40.43
CA TRP C 288 0.47 -13.50 -39.97
C TRP C 288 1.15 -14.20 -41.15
N GLN C 289 2.47 -14.17 -41.14
CA GLN C 289 3.31 -14.79 -42.13
C GLN C 289 4.39 -15.52 -41.33
N ALA C 290 5.19 -16.34 -42.02
CA ALA C 290 6.28 -17.07 -41.37
C ALA C 290 7.14 -16.19 -40.46
N THR C 291 7.60 -15.04 -40.98
CA THR C 291 8.48 -14.20 -40.19
C THR C 291 7.85 -13.76 -38.86
N HIS C 292 6.56 -13.44 -38.87
CA HIS C 292 5.88 -13.02 -37.66
C HIS C 292 5.89 -14.17 -36.65
N MET C 293 5.65 -15.38 -37.14
CA MET C 293 5.64 -16.56 -36.28
C MET C 293 6.99 -16.75 -35.60
N PHE C 294 8.08 -16.63 -36.36
CA PHE C 294 9.41 -16.69 -35.78
C PHE C 294 9.73 -15.53 -34.80
N ARG C 295 9.22 -14.34 -35.10
CA ARG C 295 9.48 -13.16 -34.25
C ARG C 295 8.75 -13.28 -32.93
N VAL C 296 7.52 -13.80 -32.98
CA VAL C 296 6.74 -14.02 -31.76
C VAL C 296 7.39 -15.11 -30.91
N ALA C 297 7.86 -16.20 -31.53
CA ALA C 297 8.62 -17.24 -30.81
C ALA C 297 9.86 -16.67 -30.16
N GLU C 298 10.64 -15.91 -30.94
CA GLU C 298 11.86 -15.26 -30.41
C GLU C 298 11.53 -14.40 -29.19
N GLU C 299 10.46 -13.63 -29.28
CA GLU C 299 10.13 -12.71 -28.17
C GLU C 299 9.76 -13.44 -26.90
N PHE C 300 9.22 -14.66 -27.01
CA PHE C 300 9.01 -15.48 -25.80
C PHE C 300 10.35 -15.81 -25.17
N PHE C 301 11.33 -16.18 -26.01
CA PHE C 301 12.66 -16.49 -25.49
C PHE C 301 13.30 -15.28 -24.82
N THR C 302 13.20 -14.11 -25.42
CA THR C 302 13.81 -12.90 -24.84
C THR C 302 13.04 -12.45 -23.60
N SER C 303 11.75 -12.78 -23.49
CA SER C 303 11.01 -12.48 -22.26
C SER C 303 11.56 -13.24 -21.06
N LEU C 304 12.14 -14.40 -21.32
CA LEU C 304 12.77 -15.22 -20.29
C LEU C 304 14.26 -14.83 -20.10
N GLU C 305 14.73 -13.74 -20.70
CA GLU C 305 16.15 -13.36 -20.68
C GLU C 305 17.08 -14.41 -21.30
N LEU C 306 16.53 -15.15 -22.25
CA LEU C 306 17.31 -16.01 -23.11
C LEU C 306 17.69 -15.17 -24.32
N SER C 307 18.50 -15.72 -25.25
CA SER C 307 19.00 -14.92 -26.37
C SER C 307 18.05 -14.73 -27.54
N PRO C 308 18.09 -13.55 -28.18
CA PRO C 308 17.39 -13.42 -29.42
C PRO C 308 18.14 -14.23 -30.49
N MET C 309 17.54 -14.36 -31.66
CA MET C 309 18.19 -14.96 -32.82
C MET C 309 19.19 -13.95 -33.42
N PRO C 310 20.44 -14.37 -33.72
CA PRO C 310 21.40 -13.41 -34.27
C PRO C 310 21.09 -13.04 -35.72
N PRO C 311 21.73 -11.97 -36.24
CA PRO C 311 21.49 -11.56 -37.59
C PRO C 311 21.79 -12.65 -38.61
N GLU C 312 22.80 -13.47 -38.32
CA GLU C 312 23.12 -14.62 -39.18
C GLU C 312 21.92 -15.59 -39.33
N PHE C 313 21.15 -15.77 -38.26
CA PHE C 313 19.93 -16.61 -38.32
C PHE C 313 18.95 -16.04 -39.30
N TRP C 314 18.66 -14.74 -39.19
CA TRP C 314 17.64 -14.14 -40.04
C TRP C 314 18.10 -14.07 -41.48
N GLU C 315 19.38 -13.77 -41.69
CA GLU C 315 19.88 -13.63 -43.07
C GLU C 315 20.05 -14.95 -43.77
N GLY C 316 20.38 -16.01 -43.04
CA GLY C 316 20.67 -17.30 -43.67
C GLY C 316 19.56 -18.33 -43.65
N SER C 317 18.57 -18.19 -42.77
CA SER C 317 17.54 -19.23 -42.63
C SER C 317 16.63 -19.36 -43.86
N MET C 318 16.01 -20.53 -44.01
CA MET C 318 14.98 -20.75 -45.02
C MET C 318 13.66 -20.93 -44.29
N LEU C 319 12.85 -19.88 -44.25
CA LEU C 319 11.64 -19.86 -43.38
C LEU C 319 10.34 -20.12 -44.13
N GLU C 320 10.41 -20.15 -45.47
CA GLU C 320 9.29 -20.49 -46.32
C GLU C 320 9.77 -21.41 -47.43
N LYS C 321 8.87 -22.24 -47.94
CA LYS C 321 9.17 -23.07 -49.08
C LYS C 321 9.56 -22.18 -50.27
N PRO C 322 10.68 -22.47 -50.95
CA PRO C 322 11.08 -21.59 -52.08
C PRO C 322 10.07 -21.65 -53.22
N ALA C 323 9.70 -20.47 -53.74
CA ALA C 323 8.74 -20.35 -54.83
C ALA C 323 9.38 -20.52 -56.21
N ASP C 324 10.69 -20.74 -56.26
CA ASP C 324 11.44 -20.67 -57.52
C ASP C 324 11.61 -21.91 -58.42
N GLY C 325 10.83 -23.00 -58.32
CA GLY C 325 10.29 -23.60 -57.08
C GLY C 325 11.09 -24.89 -56.97
N ARG C 326 12.39 -24.75 -56.68
CA ARG C 326 13.37 -25.85 -56.65
C ARG C 326 13.07 -26.91 -55.58
N GLU C 327 13.78 -28.03 -55.61
CA GLU C 327 13.50 -29.15 -54.70
C GLU C 327 14.23 -28.85 -53.39
N VAL C 328 13.55 -29.06 -52.25
CA VAL C 328 14.13 -28.86 -50.93
C VAL C 328 13.67 -29.94 -49.97
N VAL C 329 14.42 -30.09 -48.88
CA VAL C 329 13.96 -30.89 -47.73
C VAL C 329 13.12 -29.94 -46.90
N CYS C 330 11.82 -30.12 -46.96
CA CYS C 330 10.90 -29.27 -46.22
C CYS C 330 10.80 -29.61 -44.72
N HIS C 331 11.07 -30.86 -44.36
CA HIS C 331 10.96 -31.31 -42.96
C HIS C 331 11.70 -30.37 -42.02
N ALA C 332 10.99 -29.79 -41.06
CA ALA C 332 11.59 -28.71 -40.25
C ALA C 332 12.85 -29.20 -39.49
N SER C 333 13.92 -28.42 -39.55
CA SER C 333 15.16 -28.74 -38.83
C SER C 333 15.93 -27.45 -38.42
N ALA C 334 16.77 -27.59 -37.40
CA ALA C 334 17.54 -26.54 -36.79
C ALA C 334 19.00 -26.91 -36.86
N TRP C 335 19.81 -25.94 -37.27
CA TRP C 335 21.17 -26.15 -37.73
C TRP C 335 22.19 -25.33 -36.93
N ASP C 336 23.19 -26.05 -36.41
CA ASP C 336 24.38 -25.49 -35.79
C ASP C 336 25.53 -25.70 -36.79
N PHE C 337 26.17 -24.62 -37.23
CA PHE C 337 27.29 -24.70 -38.18
C PHE C 337 28.67 -24.91 -37.51
N TYR C 338 28.68 -24.96 -36.18
CA TYR C 338 29.88 -25.20 -35.39
C TYR C 338 30.95 -24.11 -35.52
N ASN C 339 30.58 -22.92 -35.97
CA ASN C 339 31.51 -21.80 -36.00
C ASN C 339 31.12 -20.73 -34.97
N ARG C 340 30.17 -21.04 -34.08
CA ARG C 340 29.73 -20.12 -33.02
C ARG C 340 29.02 -18.86 -33.53
N LYS C 341 28.76 -18.78 -34.84
CA LYS C 341 28.14 -17.61 -35.49
C LYS C 341 26.90 -17.94 -36.30
N ASP C 342 26.97 -19.00 -37.13
CA ASP C 342 25.87 -19.36 -38.00
C ASP C 342 24.98 -20.44 -37.38
N PHE C 343 23.69 -20.10 -37.30
CA PHE C 343 22.63 -20.95 -36.75
C PHE C 343 21.41 -20.67 -37.61
N ARG C 344 20.71 -21.70 -38.04
CA ARG C 344 19.60 -21.52 -38.99
C ARG C 344 18.48 -22.50 -38.78
N ILE C 345 17.27 -22.06 -39.11
CA ILE C 345 16.13 -22.98 -39.27
C ILE C 345 15.84 -23.12 -40.76
N LYS C 346 15.52 -24.35 -41.16
CA LYS C 346 15.06 -24.69 -42.52
C LYS C 346 13.67 -25.31 -42.38
N GLN C 347 12.63 -24.52 -42.66
CA GLN C 347 11.22 -24.94 -42.49
C GLN C 347 10.38 -24.36 -43.62
N CYS C 348 9.57 -25.21 -44.24
CA CYS C 348 8.59 -24.75 -45.21
C CYS C 348 7.34 -24.28 -44.48
N THR C 349 7.47 -23.14 -43.77
CA THR C 349 6.52 -22.75 -42.76
C THR C 349 5.16 -22.41 -43.37
N ARG C 350 4.10 -22.95 -42.77
CA ARG C 350 2.71 -22.57 -43.14
C ARG C 350 2.10 -21.84 -41.95
N VAL C 351 1.07 -21.03 -42.21
CA VAL C 351 0.44 -20.19 -41.19
C VAL C 351 -0.70 -20.97 -40.54
N THR C 352 -0.33 -21.80 -39.58
CA THR C 352 -1.27 -22.58 -38.79
C THR C 352 -0.85 -22.56 -37.31
N MET C 353 -1.77 -22.96 -36.48
CA MET C 353 -1.48 -23.07 -35.06
C MET C 353 -0.47 -24.19 -34.77
N ASP C 354 -0.62 -25.35 -35.41
CA ASP C 354 0.37 -26.42 -35.12
C ASP C 354 1.76 -26.05 -35.65
N GLN C 355 1.80 -25.25 -36.71
CA GLN C 355 3.09 -24.77 -37.23
C GLN C 355 3.75 -23.75 -36.30
N LEU C 356 2.95 -22.95 -35.61
CA LEU C 356 3.49 -22.03 -34.62
C LEU C 356 4.20 -22.83 -33.52
N SER C 357 3.61 -23.93 -33.10
CA SER C 357 4.31 -24.83 -32.18
C SER C 357 5.59 -25.40 -32.75
N THR C 358 5.58 -25.82 -34.01
CA THR C 358 6.78 -26.28 -34.68
C THR C 358 7.89 -25.22 -34.69
N VAL C 359 7.51 -23.98 -34.99
CA VAL C 359 8.47 -22.86 -34.93
C VAL C 359 9.13 -22.79 -33.55
N HIS C 360 8.33 -22.92 -32.49
CA HIS C 360 8.88 -22.91 -31.14
C HIS C 360 9.80 -24.12 -30.91
N HIS C 361 9.36 -25.31 -31.39
CA HIS C 361 10.18 -26.52 -31.32
C HIS C 361 11.58 -26.30 -31.93
N GLU C 362 11.63 -25.80 -33.14
CA GLU C 362 12.90 -25.57 -33.85
C GLU C 362 13.74 -24.45 -33.21
N MET C 363 13.09 -23.38 -32.79
CA MET C 363 13.80 -22.34 -32.08
C MET C 363 14.35 -22.78 -30.72
N GLY C 364 13.74 -23.76 -30.09
CA GLY C 364 14.31 -24.35 -28.88
C GLY C 364 15.66 -25.02 -29.13
N HIS C 365 15.78 -25.69 -30.29
CA HIS C 365 17.04 -26.20 -30.74
C HIS C 365 18.10 -25.12 -30.92
N ILE C 366 17.69 -24.00 -31.53
CA ILE C 366 18.59 -22.89 -31.81
C ILE C 366 19.02 -22.26 -30.50
N GLN C 367 18.10 -22.12 -29.56
CA GLN C 367 18.46 -21.56 -28.26
C GLN C 367 19.49 -22.40 -27.55
N TYR C 368 19.34 -23.72 -27.57
CA TYR C 368 20.35 -24.64 -27.02
C TYR C 368 21.73 -24.36 -27.68
N TYR C 369 21.77 -24.27 -29.01
CA TYR C 369 23.02 -24.00 -29.72
C TYR C 369 23.67 -22.69 -29.26
N LEU C 370 22.85 -21.64 -29.13
CA LEU C 370 23.36 -20.32 -28.71
C LEU C 370 23.97 -20.36 -27.31
N GLN C 371 23.34 -21.06 -26.40
CA GLN C 371 23.76 -21.15 -25.01
C GLN C 371 25.00 -22.01 -24.74
N TYR C 372 25.25 -23.02 -25.57
CA TYR C 372 26.43 -23.85 -25.35
C TYR C 372 27.52 -23.66 -26.42
N LYS C 373 27.40 -22.61 -27.23
CA LYS C 373 28.31 -22.40 -28.35
C LYS C 373 29.78 -22.26 -27.93
N ASP C 374 30.07 -21.84 -26.70
CA ASP C 374 31.47 -21.71 -26.22
C ASP C 374 32.02 -22.95 -25.49
N LEU C 375 31.25 -24.02 -25.42
CA LEU C 375 31.73 -25.27 -24.90
C LEU C 375 32.65 -25.89 -25.95
N PRO C 376 33.55 -26.80 -25.51
CA PRO C 376 34.24 -27.68 -26.43
C PRO C 376 33.26 -28.34 -27.41
N VAL C 377 33.67 -28.44 -28.67
CA VAL C 377 32.84 -28.89 -29.75
C VAL C 377 32.13 -30.21 -29.43
N SER C 378 32.82 -31.16 -28.78
CA SER C 378 32.27 -32.46 -28.47
C SER C 378 31.12 -32.42 -27.46
N LEU C 379 31.05 -31.36 -26.68
CA LEU C 379 30.01 -31.17 -25.66
C LEU C 379 28.85 -30.26 -26.13
N ARG C 380 28.84 -29.87 -27.41
CA ARG C 380 27.77 -29.06 -27.98
C ARG C 380 26.63 -30.00 -28.45
N ARG C 381 25.94 -30.55 -27.46
CA ARG C 381 24.82 -31.47 -27.64
C ARG C 381 23.93 -31.29 -26.45
N GLY C 382 22.74 -31.84 -26.48
CA GLY C 382 21.86 -31.79 -25.33
C GLY C 382 22.36 -32.77 -24.28
N ALA C 383 21.91 -32.59 -23.04
CA ALA C 383 22.33 -33.51 -21.98
C ALA C 383 22.02 -34.97 -22.37
N ASN C 384 20.87 -35.18 -22.99
CA ASN C 384 20.65 -36.32 -23.88
C ASN C 384 19.79 -35.81 -25.05
N PRO C 385 19.59 -36.61 -26.10
CA PRO C 385 18.86 -36.05 -27.25
C PRO C 385 17.42 -35.63 -26.98
N GLY C 386 16.75 -36.31 -26.04
CA GLY C 386 15.43 -35.89 -25.52
C GLY C 386 15.39 -34.48 -24.94
N PHE C 387 16.44 -34.06 -24.26
CA PHE C 387 16.54 -32.68 -23.75
C PHE C 387 16.44 -31.66 -24.89
N HIS C 388 17.17 -31.94 -25.98
CA HIS C 388 17.19 -31.05 -27.13
C HIS C 388 15.80 -30.89 -27.72
N GLU C 389 15.10 -32.02 -27.86
CA GLU C 389 13.72 -32.02 -28.39
C GLU C 389 12.69 -31.37 -27.51
N ALA C 390 12.93 -31.34 -26.21
CA ALA C 390 11.96 -30.83 -25.25
C ALA C 390 11.88 -29.29 -25.14
N ILE C 391 12.97 -28.59 -25.43
CA ILE C 391 13.11 -27.17 -24.99
C ILE C 391 12.01 -26.28 -25.59
N GLY C 392 11.87 -26.35 -26.91
CA GLY C 392 10.92 -25.52 -27.62
C GLY C 392 9.49 -25.90 -27.28
N ASP C 393 9.26 -27.21 -27.11
CA ASP C 393 7.94 -27.74 -26.74
C ASP C 393 7.50 -27.21 -25.35
N VAL C 394 8.45 -27.02 -24.44
CA VAL C 394 8.13 -26.49 -23.11
C VAL C 394 7.55 -25.10 -23.27
N LEU C 395 8.19 -24.25 -24.06
CA LEU C 395 7.66 -22.90 -24.28
C LEU C 395 6.31 -22.95 -25.00
N ALA C 396 6.18 -23.87 -25.97
CA ALA C 396 4.95 -23.97 -26.72
C ALA C 396 3.78 -24.36 -25.80
N LEU C 397 4.03 -25.16 -24.77
CA LEU C 397 2.98 -25.45 -23.77
C LEU C 397 2.40 -24.15 -23.15
N SER C 398 3.28 -23.19 -22.83
CA SER C 398 2.84 -21.91 -22.28
C SER C 398 2.07 -21.09 -23.32
N VAL C 399 2.60 -21.07 -24.55
CA VAL C 399 2.00 -20.33 -25.65
C VAL C 399 0.55 -20.80 -25.97
N SER C 400 0.34 -22.12 -25.89
CA SER C 400 -0.92 -22.79 -26.22
C SER C 400 -2.07 -22.45 -25.29
N THR C 401 -1.75 -21.99 -24.08
CA THR C 401 -2.81 -21.71 -23.11
C THR C 401 -3.72 -20.61 -23.65
N PRO C 402 -5.04 -20.78 -23.49
CA PRO C 402 -5.97 -19.70 -23.86
C PRO C 402 -5.59 -18.35 -23.25
N GLU C 403 -5.10 -18.33 -22.02
CA GLU C 403 -4.62 -17.10 -21.41
C GLU C 403 -3.43 -16.50 -22.22
N HIS C 404 -2.46 -17.32 -22.59
CA HIS C 404 -1.36 -16.76 -23.38
C HIS C 404 -1.83 -16.30 -24.76
N LEU C 405 -2.67 -17.11 -25.41
CA LEU C 405 -3.18 -16.78 -26.73
C LEU C 405 -3.94 -15.45 -26.70
N HIS C 406 -4.68 -15.22 -25.61
CA HIS C 406 -5.35 -13.93 -25.41
C HIS C 406 -4.32 -12.79 -25.33
N LYS C 407 -3.24 -12.97 -24.57
CA LYS C 407 -2.17 -11.96 -24.47
C LYS C 407 -1.56 -11.55 -25.80
N ILE C 408 -1.49 -12.47 -26.76
CA ILE C 408 -0.86 -12.17 -28.04
C ILE C 408 -1.88 -11.90 -29.15
N GLY C 409 -3.14 -11.66 -28.76
CA GLY C 409 -4.19 -11.20 -29.67
C GLY C 409 -4.80 -12.27 -30.55
N LEU C 410 -4.62 -13.54 -30.20
CA LEU C 410 -5.12 -14.66 -31.02
C LEU C 410 -6.38 -15.33 -30.52
N LEU C 411 -6.82 -15.00 -29.32
CA LEU C 411 -8.04 -15.58 -28.76
C LEU C 411 -8.75 -14.49 -27.97
N ASP C 412 -9.85 -14.04 -28.53
CA ASP C 412 -10.55 -12.88 -28.06
C ASP C 412 -11.29 -13.22 -26.78
N ARG C 413 -12.20 -14.18 -26.90
CA ARG C 413 -12.98 -14.67 -25.74
C ARG C 413 -12.05 -15.30 -24.70
N VAL C 414 -12.41 -15.09 -23.44
CA VAL C 414 -11.68 -15.54 -22.28
C VAL C 414 -12.73 -16.23 -21.39
N THR C 415 -12.40 -17.36 -20.78
CA THR C 415 -13.40 -18.11 -20.01
C THR C 415 -12.66 -19.09 -19.09
N ASN C 416 -13.16 -19.33 -17.88
CA ASN C 416 -12.51 -20.28 -16.95
C ASN C 416 -13.50 -21.21 -16.28
N ASP C 417 -14.10 -22.08 -17.08
CA ASP C 417 -15.12 -23.01 -16.60
C ASP C 417 -14.66 -24.38 -16.93
N THR C 418 -15.38 -25.37 -16.41
CA THR C 418 -14.97 -26.76 -16.52
C THR C 418 -15.06 -27.28 -17.98
N GLU C 419 -16.01 -26.78 -18.76
CA GLU C 419 -16.14 -27.22 -20.16
C GLU C 419 -14.95 -26.72 -21.00
N SER C 420 -14.59 -25.44 -20.82
CA SER C 420 -13.44 -24.86 -21.52
C SER C 420 -12.13 -25.58 -21.20
N ASP C 421 -11.94 -25.94 -19.93
CA ASP C 421 -10.79 -26.73 -19.51
C ASP C 421 -10.74 -28.08 -20.21
N ILE C 422 -11.88 -28.76 -20.27
CA ILE C 422 -11.93 -30.07 -20.91
C ILE C 422 -11.58 -29.91 -22.41
N ASN C 423 -12.13 -28.88 -23.05
CA ASN C 423 -11.84 -28.64 -24.47
C ASN C 423 -10.33 -28.46 -24.68
N TYR C 424 -9.73 -27.59 -23.87
CA TYR C 424 -8.30 -27.33 -23.96
C TYR C 424 -7.45 -28.59 -23.73
N LEU C 425 -7.71 -29.28 -22.61
CA LEU C 425 -6.97 -30.52 -22.29
C LEU C 425 -7.18 -31.61 -23.33
N LEU C 426 -8.37 -31.66 -23.93
CA LEU C 426 -8.61 -32.62 -25.00
C LEU C 426 -7.77 -32.25 -26.23
N LYS C 427 -7.66 -30.98 -26.58
CA LYS C 427 -6.89 -30.54 -27.74
C LYS C 427 -5.41 -30.91 -27.53
N MET C 428 -4.92 -30.65 -26.31
CA MET C 428 -3.54 -30.96 -25.94
C MET C 428 -3.29 -32.46 -25.90
N ALA C 429 -4.30 -33.23 -25.48
CA ALA C 429 -4.17 -34.68 -25.46
C ALA C 429 -4.09 -35.22 -26.89
N LEU C 430 -4.87 -34.65 -27.81
CA LEU C 430 -4.73 -34.98 -29.23
C LEU C 430 -3.30 -34.73 -29.76
N GLU C 431 -2.69 -33.64 -29.32
CA GLU C 431 -1.31 -33.31 -29.74
C GLU C 431 -0.23 -34.17 -29.06
N LYS C 432 -0.38 -34.45 -27.75
CA LYS C 432 0.65 -35.03 -26.93
C LYS C 432 0.45 -36.49 -26.55
N ILE C 433 -0.76 -36.86 -26.11
CA ILE C 433 -1.05 -38.22 -25.70
C ILE C 433 -1.09 -39.16 -26.89
N ALA C 434 -1.71 -38.72 -27.99
CA ALA C 434 -1.77 -39.57 -29.19
C ALA C 434 -0.39 -39.86 -29.80
N PHE C 435 0.56 -38.95 -29.59
CA PHE C 435 1.95 -39.18 -30.07
C PHE C 435 2.68 -40.28 -29.31
N LEU C 436 2.38 -40.44 -28.03
CA LEU C 436 3.17 -41.33 -27.17
C LEU C 436 3.44 -42.73 -27.77
N PRO C 437 2.40 -43.42 -28.22
CA PRO C 437 2.68 -44.74 -28.86
C PRO C 437 3.55 -44.69 -30.10
N PHE C 438 3.37 -43.69 -30.95
CA PHE C 438 4.21 -43.57 -32.14
C PHE C 438 5.64 -43.24 -31.78
N GLY C 439 5.84 -42.26 -30.88
CA GLY C 439 7.17 -41.92 -30.37
C GLY C 439 7.93 -43.10 -29.80
N TYR C 440 7.18 -44.05 -29.22
CA TYR C 440 7.77 -45.23 -28.60
C TYR C 440 8.02 -46.33 -29.60
N LEU C 441 7.13 -46.52 -30.56
CA LEU C 441 7.27 -47.65 -31.49
C LEU C 441 8.33 -47.49 -32.60
N VAL C 442 8.61 -46.26 -33.07
CA VAL C 442 9.42 -46.11 -34.29
C VAL C 442 10.79 -46.77 -34.11
N ASP C 443 11.46 -46.44 -33.00
CA ASP C 443 12.77 -47.04 -32.77
C ASP C 443 12.71 -48.48 -32.27
N GLN C 444 11.57 -48.95 -31.74
CA GLN C 444 11.41 -50.38 -31.53
C GLN C 444 11.55 -51.08 -32.87
N TRP C 445 10.94 -50.52 -33.92
CA TRP C 445 11.06 -51.10 -35.26
C TRP C 445 12.50 -51.04 -35.74
N ARG C 446 13.15 -49.87 -35.65
CA ARG C 446 14.54 -49.74 -36.13
C ARG C 446 15.55 -50.56 -35.35
N TRP C 447 15.39 -50.63 -34.02
CA TRP C 447 16.24 -51.45 -33.18
C TRP C 447 16.17 -52.92 -33.61
N GLY C 448 14.97 -53.43 -33.91
CA GLY C 448 14.82 -54.78 -34.43
C GLY C 448 15.42 -54.99 -35.81
N VAL C 449 15.36 -53.97 -36.65
CA VAL C 449 15.98 -54.02 -37.96
C VAL C 449 17.49 -54.05 -37.81
N PHE C 450 18.05 -53.18 -36.97
CA PHE C 450 19.51 -53.14 -36.77
C PHE C 450 20.05 -54.42 -36.11
N SER C 451 19.28 -55.00 -35.19
CA SER C 451 19.71 -56.25 -34.51
C SER C 451 19.60 -57.50 -35.40
N GLY C 452 18.87 -57.40 -36.53
CA GLY C 452 18.59 -58.57 -37.39
C GLY C 452 17.30 -59.31 -37.05
N ARG C 453 16.65 -58.98 -35.93
CA ARG C 453 15.37 -59.57 -35.55
C ARG C 453 14.32 -59.39 -36.61
N THR C 454 14.37 -58.23 -37.30
CA THR C 454 13.46 -57.91 -38.39
C THR C 454 14.29 -57.83 -39.67
N PRO C 455 14.32 -58.92 -40.45
CA PRO C 455 15.00 -58.86 -41.72
C PRO C 455 14.12 -58.14 -42.73
N PRO C 456 14.67 -57.85 -43.93
CA PRO C 456 13.92 -57.19 -45.00
C PRO C 456 12.62 -57.88 -45.37
N SER C 457 12.61 -59.22 -45.33
CA SER C 457 11.39 -59.98 -45.62
C SER C 457 10.27 -59.75 -44.61
N ARG C 458 10.57 -59.16 -43.45
CA ARG C 458 9.53 -58.73 -42.52
C ARG C 458 9.44 -57.21 -42.19
N TYR C 459 10.09 -56.34 -42.98
CA TYR C 459 10.03 -54.89 -42.71
C TYR C 459 8.61 -54.36 -42.46
N ASN C 460 7.72 -54.67 -43.38
CA ASN C 460 6.37 -54.16 -43.31
C ASN C 460 5.46 -54.93 -42.33
N PHE C 461 5.60 -56.26 -42.31
CA PHE C 461 4.88 -57.13 -41.36
C PHE C 461 5.14 -56.65 -39.92
N ASP C 462 6.41 -56.41 -39.58
CA ASP C 462 6.78 -55.97 -38.25
C ASP C 462 6.43 -54.51 -37.94
N TRP C 463 6.48 -53.65 -38.95
CA TRP C 463 6.05 -52.24 -38.81
C TRP C 463 4.58 -52.19 -38.44
N TRP C 464 3.74 -52.91 -39.20
CA TRP C 464 2.30 -52.90 -38.93
C TRP C 464 1.92 -53.65 -37.67
N TYR C 465 2.73 -54.66 -37.29
CA TYR C 465 2.58 -55.30 -36.01
C TYR C 465 2.67 -54.23 -34.89
N LEU C 466 3.74 -53.44 -34.92
CA LEU C 466 3.99 -52.40 -33.92
C LEU C 466 2.98 -51.26 -34.02
N ARG C 467 2.62 -50.87 -35.25
CA ARG C 467 1.62 -49.79 -35.47
C ARG C 467 0.28 -50.18 -34.85
N THR C 468 -0.14 -51.42 -35.06
CA THR C 468 -1.38 -51.93 -34.42
C THR C 468 -1.24 -52.09 -32.92
N LYS C 469 -0.16 -52.75 -32.50
CA LYS C 469 0.10 -53.01 -31.10
C LYS C 469 0.03 -51.77 -30.23
N TYR C 470 0.69 -50.69 -30.67
CA TYR C 470 0.81 -49.46 -29.85
C TYR C 470 -0.23 -48.43 -30.21
N GLN C 471 -0.38 -48.11 -31.50
CA GLN C 471 -1.30 -47.04 -31.90
C GLN C 471 -2.76 -47.50 -32.10
N GLY C 472 -2.98 -48.80 -32.27
CA GLY C 472 -4.31 -49.30 -32.57
C GLY C 472 -4.86 -48.73 -33.84
N ILE C 473 -4.01 -48.73 -34.88
CA ILE C 473 -4.40 -48.30 -36.19
C ILE C 473 -4.13 -49.45 -37.16
N CYS C 474 -4.75 -49.36 -38.33
CA CYS C 474 -4.58 -50.33 -39.41
C CYS C 474 -4.47 -49.59 -40.75
N PRO C 475 -3.74 -50.17 -41.72
CA PRO C 475 -3.66 -49.55 -43.04
C PRO C 475 -5.01 -49.62 -43.74
N PRO C 476 -5.46 -48.52 -44.36
CA PRO C 476 -6.80 -48.43 -45.00
C PRO C 476 -6.84 -49.00 -46.42
N VAL C 477 -5.71 -49.47 -46.91
CA VAL C 477 -5.65 -50.35 -48.06
C VAL C 477 -4.72 -51.48 -47.69
N THR C 478 -4.85 -52.59 -48.39
CA THR C 478 -4.00 -53.76 -48.14
C THR C 478 -2.52 -53.45 -48.40
N ARG C 479 -1.65 -53.97 -47.54
CA ARG C 479 -0.20 -53.84 -47.71
C ARG C 479 0.41 -55.22 -47.75
N ASN C 480 1.53 -55.37 -48.44
CA ASN C 480 2.31 -56.59 -48.44
C ASN C 480 3.78 -56.18 -48.37
N GLU C 481 4.71 -57.14 -48.51
CA GLU C 481 6.17 -56.83 -48.39
C GLU C 481 6.87 -56.13 -49.55
N THR C 482 6.16 -55.83 -50.62
CA THR C 482 6.63 -54.86 -51.60
C THR C 482 6.56 -53.45 -50.98
N HIS C 483 5.63 -53.21 -50.07
CA HIS C 483 5.54 -51.89 -49.40
C HIS C 483 6.55 -51.78 -48.28
N PHE C 484 7.01 -50.55 -48.05
CA PHE C 484 8.01 -50.26 -47.02
C PHE C 484 7.53 -48.99 -46.34
N ASP C 485 6.47 -49.16 -45.56
CA ASP C 485 5.76 -48.03 -44.99
C ASP C 485 6.53 -47.26 -43.92
N ALA C 486 7.48 -47.91 -43.26
CA ALA C 486 8.39 -47.25 -42.35
C ALA C 486 9.21 -46.18 -43.07
N GLY C 487 9.51 -46.46 -44.34
CA GLY C 487 10.31 -45.55 -45.15
C GLY C 487 9.57 -44.28 -45.53
N ALA C 488 8.23 -44.27 -45.41
CA ALA C 488 7.44 -43.10 -45.72
C ALA C 488 7.36 -42.09 -44.57
N LYS C 489 8.14 -42.34 -43.52
CA LYS C 489 8.26 -41.41 -42.39
C LYS C 489 9.64 -40.79 -42.44
N PHE C 490 9.73 -39.46 -42.46
CA PHE C 490 11.02 -38.73 -42.65
C PHE C 490 12.24 -39.31 -41.95
N HIS C 491 12.12 -39.61 -40.67
CA HIS C 491 13.25 -39.93 -39.83
C HIS C 491 13.95 -41.24 -40.21
N VAL C 492 13.24 -42.12 -40.91
CA VAL C 492 13.80 -43.42 -41.32
C VAL C 492 14.85 -43.27 -42.48
N PRO C 493 14.45 -42.80 -43.67
CA PRO C 493 15.44 -42.55 -44.73
C PRO C 493 16.47 -41.46 -44.38
N ASN C 494 16.09 -40.49 -43.57
CA ASN C 494 17.01 -39.46 -43.11
C ASN C 494 17.79 -39.81 -41.85
N VAL C 495 17.69 -41.04 -41.40
CA VAL C 495 18.58 -41.59 -40.37
C VAL C 495 18.68 -40.71 -39.10
N THR C 496 17.53 -40.26 -38.63
CA THR C 496 17.40 -39.48 -37.42
C THR C 496 16.70 -40.36 -36.40
N PRO C 497 17.36 -40.64 -35.24
CA PRO C 497 16.74 -41.45 -34.19
C PRO C 497 15.44 -40.80 -33.68
N TYR C 498 14.56 -41.66 -33.13
CA TYR C 498 13.19 -41.27 -32.79
C TYR C 498 12.86 -41.33 -31.31
N ILE C 499 13.56 -42.19 -30.54
CA ILE C 499 13.18 -42.39 -29.13
C ILE C 499 13.28 -41.09 -28.34
N ARG C 500 14.19 -40.21 -28.75
CA ARG C 500 14.25 -38.81 -28.28
C ARG C 500 12.91 -38.10 -28.16
N TYR C 501 12.00 -38.38 -29.08
CA TYR C 501 10.72 -37.70 -29.08
C TYR C 501 9.80 -38.28 -28.01
N PHE C 502 9.83 -39.59 -27.80
CA PHE C 502 9.10 -40.19 -26.65
C PHE C 502 9.64 -39.63 -25.32
N VAL C 503 10.96 -39.68 -25.18
CA VAL C 503 11.63 -39.09 -24.01
C VAL C 503 11.24 -37.63 -23.83
N SER C 504 11.28 -36.86 -24.89
CA SER C 504 10.87 -35.46 -24.85
C SER C 504 9.44 -35.24 -24.40
N PHE C 505 8.53 -36.02 -24.94
CA PHE C 505 7.10 -35.82 -24.60
C PHE C 505 6.81 -36.10 -23.11
N VAL C 506 7.62 -36.94 -22.47
CA VAL C 506 7.52 -37.10 -21.02
C VAL C 506 8.26 -35.97 -20.32
N LEU C 507 9.51 -35.76 -20.72
CA LEU C 507 10.40 -34.83 -20.07
C LEU C 507 9.84 -33.41 -20.07
N GLN C 508 9.18 -33.01 -21.14
CA GLN C 508 8.70 -31.63 -21.25
C GLN C 508 7.69 -31.20 -20.18
N PHE C 509 6.89 -32.15 -19.71
CA PHE C 509 5.98 -31.90 -18.59
C PHE C 509 6.75 -31.81 -17.29
N GLN C 510 7.81 -32.60 -17.16
CA GLN C 510 8.69 -32.43 -15.99
C GLN C 510 9.32 -31.04 -15.97
N PHE C 511 9.79 -30.58 -17.13
CA PHE C 511 10.34 -29.22 -17.27
C PHE C 511 9.30 -28.13 -17.00
N HIS C 512 8.11 -28.32 -17.55
CA HIS C 512 7.05 -27.34 -17.44
C HIS C 512 6.67 -27.16 -15.97
N GLU C 513 6.47 -28.28 -15.30
CA GLU C 513 6.22 -28.26 -13.86
C GLU C 513 7.30 -27.50 -13.09
N ALA C 514 8.57 -27.81 -13.33
CA ALA C 514 9.66 -27.18 -12.61
C ALA C 514 9.77 -25.69 -12.89
N LEU C 515 9.61 -25.26 -14.13
CA LEU C 515 9.70 -23.85 -14.48
C LEU C 515 8.49 -23.00 -13.95
N CYS C 516 7.32 -23.59 -14.01
CA CYS C 516 6.09 -23.04 -13.43
C CYS C 516 6.20 -22.82 -11.92
N LYS C 517 6.73 -23.82 -11.22
CA LYS C 517 7.03 -23.68 -9.81
C LYS C 517 8.04 -22.56 -9.56
N GLU C 518 9.13 -22.55 -10.32
CA GLU C 518 10.16 -21.52 -10.21
C GLU C 518 9.64 -20.11 -10.55
N ALA C 519 8.66 -20.03 -11.45
CA ALA C 519 7.98 -18.76 -11.76
C ALA C 519 7.09 -18.25 -10.64
N GLY C 520 6.83 -19.08 -9.64
CA GLY C 520 5.94 -18.72 -8.54
C GLY C 520 4.48 -18.90 -8.92
N TYR C 521 4.20 -19.63 -10.00
CA TYR C 521 2.81 -19.93 -10.39
C TYR C 521 2.22 -21.01 -9.47
N GLU C 522 0.98 -20.84 -9.02
CA GLU C 522 0.36 -21.74 -8.05
C GLU C 522 -0.97 -22.40 -8.49
N GLY C 523 -1.46 -22.05 -9.66
CA GLY C 523 -2.67 -22.62 -10.22
C GLY C 523 -2.48 -24.00 -10.82
N PRO C 524 -3.52 -24.51 -11.47
CA PRO C 524 -3.38 -25.76 -12.16
C PRO C 524 -2.26 -25.71 -13.22
N LEU C 525 -1.55 -26.82 -13.33
CA LEU C 525 -0.34 -26.93 -14.14
C LEU C 525 -0.64 -26.62 -15.59
N HIS C 526 -1.79 -27.07 -16.08
CA HIS C 526 -2.17 -26.84 -17.49
C HIS C 526 -2.60 -25.41 -17.80
N GLN C 527 -2.73 -24.56 -16.78
CA GLN C 527 -2.98 -23.14 -16.98
C GLN C 527 -1.77 -22.25 -16.67
N CYS C 528 -0.62 -22.86 -16.37
CA CYS C 528 0.62 -22.10 -16.25
C CYS C 528 1.11 -21.44 -17.57
N ASP C 529 1.55 -20.19 -17.47
CA ASP C 529 2.27 -19.50 -18.56
C ASP C 529 3.56 -18.92 -18.00
N ILE C 530 4.72 -19.35 -18.50
CA ILE C 530 5.98 -18.87 -17.94
C ILE C 530 6.50 -17.59 -18.58
N TYR C 531 5.74 -17.04 -19.53
CA TYR C 531 6.07 -15.79 -20.22
C TYR C 531 6.49 -14.74 -19.24
N ARG C 532 7.56 -14.04 -19.59
CA ARG C 532 8.13 -13.00 -18.74
C ARG C 532 8.70 -13.43 -17.37
N SER C 533 8.80 -14.71 -17.09
CA SER C 533 9.44 -15.15 -15.86
C SER C 533 10.97 -15.25 -16.01
N THR C 534 11.67 -14.24 -15.52
CA THR C 534 13.13 -14.26 -15.60
C THR C 534 13.72 -15.38 -14.73
N LYS C 535 13.06 -15.79 -13.64
CA LYS C 535 13.54 -16.90 -12.83
C LYS C 535 13.39 -18.24 -13.52
N ALA C 536 12.25 -18.43 -14.18
CA ALA C 536 12.06 -19.61 -15.03
C ALA C 536 13.14 -19.62 -16.08
N GLY C 537 13.34 -18.46 -16.71
CA GLY C 537 14.37 -18.26 -17.72
C GLY C 537 15.74 -18.71 -17.26
N ALA C 538 16.09 -18.33 -16.03
CA ALA C 538 17.42 -18.62 -15.49
C ALA C 538 17.59 -20.10 -15.17
N LYS C 539 16.52 -20.74 -14.72
CA LYS C 539 16.55 -22.15 -14.47
C LYS C 539 16.71 -22.96 -15.78
N LEU C 540 16.01 -22.56 -16.83
CA LEU C 540 16.20 -23.20 -18.15
C LEU C 540 17.60 -22.93 -18.76
N ARG C 541 18.11 -21.70 -18.62
CA ARG C 541 19.43 -21.33 -19.14
C ARG C 541 20.54 -22.20 -18.56
N LYS C 542 20.43 -22.50 -17.27
CA LYS C 542 21.34 -23.41 -16.60
C LYS C 542 21.44 -24.76 -17.34
N VAL C 543 20.29 -25.30 -17.74
CA VAL C 543 20.28 -26.55 -18.50
C VAL C 543 20.95 -26.34 -19.85
N LEU C 544 20.58 -25.29 -20.56
CA LEU C 544 21.06 -25.13 -21.97
C LEU C 544 22.59 -24.95 -22.04
N ARG C 545 23.13 -24.20 -21.07
CA ARG C 545 24.56 -23.90 -20.98
C ARG C 545 25.42 -25.12 -20.67
N ALA C 546 24.82 -26.13 -20.04
CA ALA C 546 25.54 -27.34 -19.69
C ALA C 546 25.90 -28.24 -20.88
N GLY C 547 25.17 -28.13 -21.98
CA GLY C 547 25.35 -29.04 -23.10
C GLY C 547 25.39 -30.48 -22.64
N SER C 548 26.38 -31.24 -23.11
CA SER C 548 26.61 -32.60 -22.66
C SER C 548 27.83 -32.70 -21.73
N SER C 549 28.19 -31.60 -21.09
CA SER C 549 29.34 -31.57 -20.16
C SER C 549 29.15 -32.39 -18.91
N ARG C 550 27.89 -32.62 -18.52
CA ARG C 550 27.57 -33.36 -17.30
C ARG C 550 26.53 -34.46 -17.54
N PRO C 551 26.53 -35.54 -16.74
CA PRO C 551 25.51 -36.59 -16.88
C PRO C 551 24.10 -36.02 -16.84
N TRP C 552 23.25 -36.44 -17.78
CA TRP C 552 21.89 -35.88 -17.87
C TRP C 552 21.04 -36.05 -16.59
N GLN C 553 21.24 -37.17 -15.90
CA GLN C 553 20.53 -37.45 -14.63
C GLN C 553 20.78 -36.37 -13.59
N GLU C 554 22.01 -35.83 -13.55
CA GLU C 554 22.37 -34.77 -12.60
C GLU C 554 21.87 -33.42 -13.04
N VAL C 555 21.87 -33.17 -14.35
CA VAL C 555 21.35 -31.91 -14.89
C VAL C 555 19.84 -31.84 -14.61
N LEU C 556 19.17 -32.96 -14.82
CA LEU C 556 17.73 -33.08 -14.56
C LEU C 556 17.41 -32.88 -13.07
N LYS C 557 18.19 -33.52 -12.19
CA LYS C 557 18.06 -33.40 -10.71
C LYS C 557 18.17 -31.94 -10.29
N ASP C 558 19.17 -31.23 -10.81
CA ASP C 558 19.30 -29.82 -10.52
C ASP C 558 18.05 -29.05 -10.94
N MET C 559 17.48 -29.40 -12.09
CA MET C 559 16.39 -28.61 -12.66
C MET C 559 15.07 -28.91 -11.98
N VAL C 560 14.75 -30.18 -11.80
CA VAL C 560 13.41 -30.60 -11.38
C VAL C 560 13.34 -31.33 -10.05
N GLY C 561 14.46 -31.67 -9.42
CA GLY C 561 14.47 -32.34 -8.11
C GLY C 561 14.48 -33.86 -8.19
N LEU C 562 14.47 -34.41 -9.39
CA LEU C 562 14.50 -35.84 -9.61
C LEU C 562 15.54 -36.15 -10.68
N ASP C 563 16.18 -37.31 -10.54
CA ASP C 563 17.27 -37.71 -11.43
C ASP C 563 16.82 -38.70 -12.52
N ALA C 564 15.52 -38.77 -12.79
CA ALA C 564 14.97 -39.77 -13.72
C ALA C 564 13.78 -39.21 -14.48
N LEU C 565 13.49 -39.84 -15.62
CA LEU C 565 12.27 -39.60 -16.36
C LEU C 565 11.13 -40.04 -15.48
N ASP C 566 10.03 -39.29 -15.52
CA ASP C 566 8.91 -39.53 -14.61
C ASP C 566 7.63 -39.04 -15.32
N ALA C 567 6.62 -39.92 -15.38
CA ALA C 567 5.34 -39.62 -16.02
C ALA C 567 4.38 -38.79 -15.17
N GLN C 568 4.67 -38.63 -13.88
CA GLN C 568 3.71 -38.01 -12.96
C GLN C 568 3.34 -36.56 -13.37
N PRO C 569 4.33 -35.74 -13.76
CA PRO C 569 3.95 -34.39 -14.19
C PRO C 569 2.99 -34.37 -15.39
N LEU C 570 3.22 -35.26 -16.36
CA LEU C 570 2.30 -35.39 -17.49
C LEU C 570 0.92 -35.84 -16.98
N LEU C 571 0.89 -36.81 -16.07
CA LEU C 571 -0.41 -37.29 -15.57
C LEU C 571 -1.18 -36.16 -14.83
N LYS C 572 -0.43 -35.36 -14.07
CA LYS C 572 -0.97 -34.22 -13.33
C LYS C 572 -1.55 -33.14 -14.27
N TYR C 573 -0.82 -32.82 -15.34
CA TYR C 573 -1.28 -31.86 -16.34
C TYR C 573 -2.64 -32.27 -16.94
N PHE C 574 -2.76 -33.54 -17.29
CA PHE C 574 -3.91 -34.07 -17.99
C PHE C 574 -5.04 -34.59 -17.08
N GLN C 575 -4.84 -34.64 -15.77
CA GLN C 575 -5.74 -35.34 -14.84
C GLN C 575 -7.24 -35.14 -15.13
N LEU C 576 -7.66 -33.89 -15.33
CA LEU C 576 -9.08 -33.58 -15.55
C LEU C 576 -9.66 -34.27 -16.77
N VAL C 577 -8.94 -34.30 -17.90
CA VAL C 577 -9.46 -34.90 -19.11
C VAL C 577 -9.29 -36.41 -19.10
N THR C 578 -8.25 -36.90 -18.43
CA THR C 578 -8.10 -38.34 -18.19
C THR C 578 -9.35 -38.88 -17.47
N GLN C 579 -9.76 -38.20 -16.40
CA GLN C 579 -10.99 -38.55 -15.69
C GLN C 579 -12.24 -38.44 -16.60
N TRP C 580 -12.40 -37.30 -17.25
CA TRP C 580 -13.55 -37.05 -18.12
C TRP C 580 -13.67 -38.07 -19.26
N LEU C 581 -12.55 -38.36 -19.92
CA LEU C 581 -12.55 -39.37 -20.98
C LEU C 581 -12.95 -40.78 -20.45
N GLN C 582 -12.41 -41.17 -19.29
CA GLN C 582 -12.79 -42.45 -18.64
C GLN C 582 -14.30 -42.51 -18.44
N GLU C 583 -14.86 -41.44 -17.88
CA GLU C 583 -16.31 -41.33 -17.63
C GLU C 583 -17.11 -41.43 -18.89
N GLN C 584 -16.73 -40.62 -19.88
CA GLN C 584 -17.42 -40.65 -21.18
C GLN C 584 -17.42 -42.02 -21.84
N ASN C 585 -16.26 -42.66 -21.89
CA ASN C 585 -16.17 -44.00 -22.50
C ASN C 585 -16.97 -45.06 -21.74
N GLN C 586 -17.00 -44.99 -20.41
CA GLN C 586 -17.83 -45.93 -19.62
C GLN C 586 -19.32 -45.70 -19.91
N GLN C 587 -19.79 -44.44 -19.86
CA GLN C 587 -21.19 -44.11 -20.18
C GLN C 587 -21.59 -44.65 -21.55
N ASN C 588 -20.70 -44.51 -22.53
CA ASN C 588 -20.95 -44.99 -23.88
C ASN C 588 -20.77 -46.49 -24.05
N GLY C 589 -20.25 -47.19 -23.05
CA GLY C 589 -20.05 -48.64 -23.14
C GLY C 589 -18.95 -49.04 -24.11
N GLU C 590 -17.90 -48.22 -24.19
CA GLU C 590 -16.84 -48.48 -25.16
C GLU C 590 -16.07 -49.72 -24.71
N VAL C 591 -15.48 -50.42 -25.65
CA VAL C 591 -14.39 -51.33 -25.32
C VAL C 591 -13.10 -50.51 -25.46
N LEU C 592 -12.24 -50.56 -24.43
CA LEU C 592 -10.94 -49.93 -24.47
C LEU C 592 -9.99 -50.89 -25.20
N GLY C 593 -9.26 -50.39 -26.18
CA GLY C 593 -8.43 -51.25 -27.02
C GLY C 593 -9.15 -51.62 -28.33
N TRP C 594 -8.55 -52.57 -29.02
CA TRP C 594 -8.97 -52.99 -30.35
C TRP C 594 -8.81 -54.50 -30.40
N PRO C 595 -9.62 -55.24 -29.62
CA PRO C 595 -9.56 -56.70 -29.60
C PRO C 595 -9.82 -57.36 -30.97
N GLU C 596 -10.52 -56.69 -31.89
CA GLU C 596 -10.62 -57.18 -33.27
C GLU C 596 -9.40 -56.71 -34.07
N TYR C 597 -8.26 -57.32 -33.74
CA TYR C 597 -6.95 -56.83 -34.18
C TYR C 597 -6.69 -57.02 -35.67
N GLN C 598 -7.45 -57.89 -36.31
CA GLN C 598 -7.30 -58.30 -37.70
C GLN C 598 -8.08 -57.41 -38.63
N TRP C 599 -9.01 -56.62 -38.08
CA TRP C 599 -9.89 -55.82 -38.90
C TRP C 599 -9.19 -54.70 -39.70
N HIS C 600 -9.59 -54.61 -40.98
CA HIS C 600 -9.20 -53.54 -41.92
C HIS C 600 -10.46 -53.05 -42.65
N PRO C 601 -10.52 -51.74 -42.96
CA PRO C 601 -11.71 -51.25 -43.65
C PRO C 601 -11.71 -51.70 -45.11
N PRO C 602 -12.90 -51.85 -45.72
CA PRO C 602 -12.93 -52.15 -47.16
C PRO C 602 -12.63 -50.87 -47.96
N LEU C 603 -12.39 -51.02 -49.25
CA LEU C 603 -12.26 -49.87 -50.15
C LEU C 603 -13.60 -49.15 -50.32
N PRO C 604 -13.60 -47.81 -50.51
CA PRO C 604 -14.82 -47.12 -50.96
C PRO C 604 -15.27 -47.56 -52.37
N ASP C 605 -16.54 -47.35 -52.67
CA ASP C 605 -17.23 -47.99 -53.82
C ASP C 605 -16.58 -47.90 -55.20
N ASN C 606 -16.33 -46.69 -55.68
CA ASN C 606 -15.57 -46.55 -56.92
C ASN C 606 -14.33 -45.74 -56.60
N TYR C 607 -13.43 -46.39 -55.87
CA TYR C 607 -12.13 -45.86 -55.57
C TYR C 607 -11.14 -46.69 -56.40
N PRO C 608 -10.15 -46.09 -57.07
CA PRO C 608 -9.84 -44.66 -57.10
C PRO C 608 -10.43 -43.88 -58.28
N GLU C 609 -11.09 -44.55 -59.23
CA GLU C 609 -11.75 -43.85 -60.34
C GLU C 609 -12.86 -42.95 -59.75
N GLY C 610 -13.00 -41.73 -60.24
CA GLY C 610 -13.93 -40.80 -59.57
C GLY C 610 -13.34 -40.06 -58.37
N ILE C 611 -12.03 -40.25 -58.12
CA ILE C 611 -11.29 -39.33 -57.28
C ILE C 611 -11.24 -37.95 -57.96
N ASP C 612 -11.29 -37.94 -59.30
CA ASP C 612 -11.40 -36.69 -60.06
C ASP C 612 -12.70 -35.89 -59.74
N LEU C 613 -13.78 -36.58 -59.33
CA LEU C 613 -15.01 -35.91 -58.86
C LEU C 613 -14.86 -35.17 -57.52
N VAL C 614 -13.93 -35.64 -56.67
CA VAL C 614 -13.70 -35.04 -55.34
C VAL C 614 -12.37 -34.27 -55.22
N THR C 615 -11.72 -33.93 -56.36
CA THR C 615 -10.45 -33.17 -56.39
C THR C 615 -10.52 -31.93 -57.32
N ASP C 616 -9.67 -30.95 -57.01
CA ASP C 616 -9.70 -29.58 -57.57
C ASP C 616 -10.97 -28.79 -57.21
N LEU D 1 25.37 32.40 16.90
CA LEU D 1 24.90 33.33 17.96
C LEU D 1 25.87 34.51 17.98
N ASP D 2 25.32 35.71 17.91
CA ASP D 2 26.13 36.93 17.91
C ASP D 2 27.13 36.92 19.09
N PRO D 3 28.41 37.31 18.87
CA PRO D 3 29.44 37.33 19.94
C PRO D 3 28.97 37.94 21.26
N GLY D 4 28.30 39.08 21.18
CA GLY D 4 27.75 39.77 22.36
C GLY D 4 26.74 38.97 23.19
N LEU D 5 26.08 37.98 22.57
CA LEU D 5 25.03 37.22 23.24
C LEU D 5 25.48 35.87 23.79
N GLN D 6 26.74 35.51 23.57
CA GLN D 6 27.29 34.24 24.04
C GLN D 6 27.74 34.33 25.49
N PRO D 7 27.58 33.24 26.25
CA PRO D 7 28.07 33.20 27.64
C PRO D 7 29.61 33.15 27.77
N GLY D 8 30.15 34.04 28.59
CA GLY D 8 31.57 34.05 28.90
C GLY D 8 31.87 33.08 30.01
N GLN D 9 32.89 33.38 30.81
N GLN D 9 32.92 33.39 30.79
CA GLN D 9 33.24 32.49 31.90
CA GLN D 9 33.37 32.58 31.93
C GLN D 9 32.94 33.16 33.24
C GLN D 9 32.88 33.19 33.23
N PHE D 10 32.48 32.33 34.16
CA PHE D 10 32.07 32.76 35.47
C PHE D 10 32.60 31.69 36.40
N SER D 11 32.98 32.16 37.58
CA SER D 11 33.39 31.31 38.65
C SER D 11 32.26 30.34 38.97
N ALA D 12 32.62 29.09 39.27
CA ALA D 12 31.66 28.04 39.65
C ALA D 12 31.12 28.16 41.11
N ASP D 13 30.64 29.37 41.47
CA ASP D 13 30.10 29.70 42.81
C ASP D 13 29.01 30.79 42.75
N GLU D 14 28.35 31.03 43.89
CA GLU D 14 27.23 32.00 43.93
C GLU D 14 27.53 33.44 43.41
N ALA D 15 28.74 33.95 43.68
CA ALA D 15 29.10 35.32 43.26
C ALA D 15 29.22 35.40 41.72
N GLY D 16 29.70 34.31 41.11
CA GLY D 16 29.72 34.22 39.64
C GLY D 16 28.30 34.21 39.09
N ALA D 17 27.51 33.25 39.56
CA ALA D 17 26.09 33.11 39.18
C ALA D 17 25.32 34.44 39.18
N GLN D 18 25.59 35.29 40.16
CA GLN D 18 25.04 36.66 40.17
C GLN D 18 25.49 37.47 38.92
N LEU D 19 26.80 37.48 38.68
CA LEU D 19 27.38 38.13 37.50
C LEU D 19 26.92 37.46 36.22
N PHE D 20 26.74 36.13 36.29
CA PHE D 20 26.19 35.34 35.18
C PHE D 20 24.77 35.83 34.85
N ALA D 21 23.91 35.84 35.88
CA ALA D 21 22.52 36.23 35.70
C ALA D 21 22.40 37.67 35.13
N GLN D 22 23.19 38.61 35.64
CA GLN D 22 23.17 39.99 35.11
C GLN D 22 23.53 40.03 33.62
N SER D 23 24.61 39.32 33.28
CA SER D 23 25.08 39.21 31.89
C SER D 23 24.01 38.56 31.03
N TYR D 24 23.49 37.42 31.49
CA TYR D 24 22.32 36.78 30.87
C TYR D 24 21.19 37.79 30.55
N GLN D 25 20.72 38.49 31.59
CA GLN D 25 19.61 39.41 31.43
C GLN D 25 19.89 40.40 30.31
N SER D 26 21.11 40.92 30.29
CA SER D 26 21.50 41.95 29.33
C SER D 26 21.39 41.44 27.89
N SER D 27 21.71 40.16 27.71
CA SER D 27 21.52 39.49 26.42
C SER D 27 20.08 39.00 26.20
N ALA D 28 19.47 38.40 27.22
CA ALA D 28 18.10 37.86 27.14
C ALA D 28 17.08 38.90 26.69
N GLU D 29 17.17 40.11 27.21
CA GLU D 29 16.25 41.18 26.84
C GLU D 29 16.30 41.46 25.35
N GLN D 30 17.50 41.43 24.77
CA GLN D 30 17.63 41.66 23.33
C GLN D 30 17.06 40.52 22.52
N VAL D 31 17.26 39.30 23.01
CA VAL D 31 16.81 38.08 22.32
C VAL D 31 15.29 37.89 22.48
N LEU D 32 14.78 38.08 23.70
CA LEU D 32 13.34 38.13 23.97
C LEU D 32 12.65 39.22 23.15
N PHE D 33 13.20 40.42 23.17
CA PHE D 33 12.65 41.51 22.38
C PHE D 33 12.56 41.09 20.93
N GLN D 34 13.65 40.62 20.33
CA GLN D 34 13.60 40.33 18.89
C GLN D 34 12.54 39.21 18.57
N SER D 35 12.40 38.26 19.47
CA SER D 35 11.41 37.20 19.34
C SER D 35 9.97 37.75 19.48
N VAL D 36 9.72 38.51 20.55
CA VAL D 36 8.42 39.13 20.74
C VAL D 36 8.07 40.07 19.60
N ALA D 37 9.04 40.88 19.14
CA ALA D 37 8.81 41.76 17.98
C ALA D 37 8.42 41.02 16.69
N ALA D 38 9.15 39.97 16.38
CA ALA D 38 8.83 39.14 15.20
C ALA D 38 7.46 38.48 15.35
N SER D 39 7.14 37.96 16.53
CA SER D 39 5.80 37.39 16.79
C SER D 39 4.73 38.45 16.59
N TRP D 40 4.95 39.66 17.12
CA TRP D 40 4.01 40.78 16.87
C TRP D 40 3.79 41.07 15.42
N ALA D 41 4.87 41.11 14.65
CA ALA D 41 4.73 41.41 13.21
C ALA D 41 3.93 40.34 12.49
N HIS D 42 4.05 39.09 12.93
CA HIS D 42 3.29 37.99 12.34
C HIS D 42 1.83 38.04 12.78
N ASP D 43 1.61 38.12 14.09
CA ASP D 43 0.25 38.03 14.63
C ASP D 43 -0.68 39.21 14.22
N THR D 44 -0.09 40.37 13.88
CA THR D 44 -0.84 41.51 13.38
C THR D 44 -0.81 41.61 11.87
N ASN D 45 -0.28 40.59 11.19
CA ASN D 45 -0.11 40.63 9.75
C ASN D 45 0.40 39.24 9.29
N ILE D 46 -0.52 38.29 9.18
CA ILE D 46 -0.17 36.91 8.93
C ILE D 46 0.17 36.74 7.45
N THR D 47 1.45 36.46 7.19
CA THR D 47 1.98 36.21 5.83
C THR D 47 3.04 35.13 5.93
N ALA D 48 3.33 34.47 4.81
CA ALA D 48 4.37 33.45 4.77
C ALA D 48 5.71 34.06 5.16
N GLU D 49 5.97 35.29 4.70
CA GLU D 49 7.23 35.98 4.99
C GLU D 49 7.38 36.34 6.47
N ASN D 50 6.28 36.68 7.13
CA ASN D 50 6.36 37.03 8.55
C ASN D 50 6.47 35.80 9.40
N ALA D 51 5.91 34.67 8.95
CA ALA D 51 6.14 33.38 9.59
C ALA D 51 7.61 32.97 9.54
N ARG D 52 8.20 33.08 8.34
CA ARG D 52 9.61 32.80 8.14
C ARG D 52 10.47 33.65 9.07
N ARG D 53 10.19 34.95 9.14
CA ARG D 53 10.94 35.82 10.06
C ARG D 53 10.78 35.44 11.54
N GLN D 54 9.55 35.10 11.90
CA GLN D 54 9.27 34.69 13.26
C GLN D 54 9.99 33.39 13.56
N GLU D 55 10.01 32.47 12.60
CA GLU D 55 10.72 31.21 12.77
C GLU D 55 12.22 31.41 12.96
N GLU D 56 12.78 32.32 12.17
CA GLU D 56 14.21 32.66 12.26
C GLU D 56 14.48 33.27 13.64
N ALA D 57 13.60 34.14 14.11
CA ALA D 57 13.74 34.71 15.48
C ALA D 57 13.63 33.64 16.57
N ALA D 58 12.71 32.69 16.39
CA ALA D 58 12.58 31.56 17.29
C ALA D 58 13.83 30.67 17.33
N LEU D 59 14.45 30.40 16.17
CA LEU D 59 15.69 29.60 16.15
C LEU D 59 16.80 30.27 16.93
N LEU D 60 16.89 31.58 16.82
CA LEU D 60 17.88 32.36 17.55
C LEU D 60 17.64 32.22 19.04
N SER D 61 16.39 32.34 19.48
CA SER D 61 16.04 32.14 20.89
C SER D 61 16.45 30.76 21.38
N GLN D 62 16.25 29.75 20.55
CA GLN D 62 16.65 28.40 20.93
C GLN D 62 18.19 28.24 20.97
N GLU D 63 18.86 28.88 20.02
CA GLU D 63 20.31 28.94 20.02
C GLU D 63 20.82 29.62 21.32
N PHE D 64 20.25 30.79 21.62
CA PHE D 64 20.56 31.50 22.84
C PHE D 64 20.34 30.65 24.08
N ALA D 65 19.17 30.00 24.18
CA ALA D 65 18.83 29.19 25.37
C ALA D 65 19.66 27.94 25.51
N GLU D 66 20.03 27.33 24.40
CA GLU D 66 20.97 26.21 24.40
C GLU D 66 22.34 26.61 24.96
N ALA D 67 22.91 27.70 24.46
CA ALA D 67 24.24 28.13 24.88
C ALA D 67 24.25 28.49 26.37
N TRP D 68 23.32 29.35 26.77
CA TRP D 68 23.24 29.78 28.18
C TRP D 68 22.85 28.68 29.11
N GLY D 69 22.00 27.75 28.63
CA GLY D 69 21.65 26.55 29.35
C GLY D 69 22.70 25.48 29.50
N GLN D 70 23.49 25.23 28.46
CA GLN D 70 24.61 24.26 28.59
C GLN D 70 25.73 24.81 29.51
N LYS D 71 25.86 26.13 29.56
CA LYS D 71 26.83 26.81 30.42
C LYS D 71 26.37 26.93 31.85
N ALA D 72 25.10 27.28 32.05
CA ALA D 72 24.50 27.35 33.39
C ALA D 72 24.71 26.00 34.08
N LYS D 73 24.54 24.93 33.33
CA LYS D 73 24.79 23.58 33.81
C LYS D 73 26.26 23.32 34.08
N GLU D 74 27.09 23.40 33.03
CA GLU D 74 28.54 23.22 33.15
C GLU D 74 29.11 23.94 34.38
N LEU D 75 28.67 25.16 34.64
CA LEU D 75 29.18 25.98 35.76
C LEU D 75 28.48 25.81 37.12
N TYR D 76 27.20 25.46 37.11
CA TYR D 76 26.42 25.52 38.32
C TYR D 76 25.58 24.30 38.63
N GLU D 77 25.76 23.17 37.94
CA GLU D 77 24.87 22.01 38.14
C GLU D 77 24.81 21.53 39.60
N PRO D 78 25.97 21.28 40.26
CA PRO D 78 25.92 20.90 41.69
C PRO D 78 25.48 22.01 42.67
N ILE D 79 25.87 23.26 42.41
CA ILE D 79 25.75 24.38 43.40
C ILE D 79 24.47 25.24 43.36
N TRP D 80 23.74 25.23 42.24
CA TRP D 80 22.62 26.17 42.04
C TRP D 80 21.47 25.98 43.07
N GLN D 81 21.10 24.72 43.33
CA GLN D 81 19.99 24.43 44.26
C GLN D 81 20.27 24.82 45.72
N GLN D 82 21.56 24.99 46.05
CA GLN D 82 21.99 25.27 47.40
C GLN D 82 22.40 26.76 47.62
N PHE D 83 22.34 27.61 46.58
CA PHE D 83 22.54 29.09 46.75
C PHE D 83 21.64 29.72 47.82
N THR D 84 22.19 30.67 48.56
CA THR D 84 21.47 31.41 49.60
C THR D 84 20.43 32.37 49.02
N ASP D 85 20.73 32.97 47.86
CA ASP D 85 19.85 33.99 47.30
C ASP D 85 18.73 33.23 46.64
N PRO D 86 17.49 33.38 47.16
CA PRO D 86 16.37 32.59 46.61
C PRO D 86 15.95 33.00 45.19
N GLN D 87 15.94 34.30 44.89
CA GLN D 87 15.61 34.78 43.54
C GLN D 87 16.60 34.23 42.50
N LEU D 88 17.89 34.32 42.85
CA LEU D 88 19.00 33.70 42.11
C LEU D 88 18.79 32.19 41.81
N ARG D 89 18.32 31.39 42.78
CA ARG D 89 18.03 29.97 42.48
C ARG D 89 17.00 29.85 41.36
N ARG D 90 15.96 30.68 41.43
CA ARG D 90 14.87 30.60 40.45
C ARG D 90 15.35 31.11 39.08
N ILE D 91 16.20 32.14 39.07
CA ILE D 91 16.75 32.64 37.83
C ILE D 91 17.51 31.52 37.13
N ILE D 92 18.38 30.83 37.87
CA ILE D 92 19.18 29.71 37.31
C ILE D 92 18.29 28.57 36.85
N GLY D 93 17.34 28.17 37.69
CA GLY D 93 16.35 27.14 37.30
C GLY D 93 15.63 27.43 35.99
N ALA D 94 15.28 28.72 35.77
CA ALA D 94 14.69 29.16 34.49
C ALA D 94 15.68 29.00 33.34
N VAL D 95 16.92 29.40 33.57
CA VAL D 95 17.94 29.43 32.50
C VAL D 95 18.30 28.01 32.02
N ARG D 96 18.34 27.04 32.94
CA ARG D 96 18.74 25.67 32.55
C ARG D 96 17.61 24.75 32.02
N THR D 97 16.39 25.29 31.86
CA THR D 97 15.29 24.56 31.19
C THR D 97 15.41 24.93 29.72
N LEU D 98 15.77 23.96 28.89
CA LEU D 98 16.09 24.20 27.48
C LEU D 98 14.84 24.13 26.61
N GLY D 99 13.89 23.28 26.99
CA GLY D 99 12.65 23.17 26.25
C GLY D 99 12.95 22.71 24.83
N SER D 100 12.33 23.37 23.85
CA SER D 100 12.49 23.05 22.43
C SER D 100 13.96 23.15 21.94
N ALA D 101 14.80 23.92 22.64
CA ALA D 101 16.23 24.00 22.37
C ALA D 101 16.97 22.68 22.62
N ASN D 102 16.35 21.74 23.32
CA ASN D 102 16.86 20.39 23.37
C ASN D 102 16.81 19.65 22.05
N LEU D 103 15.96 20.05 21.12
CA LEU D 103 15.77 19.30 19.88
C LEU D 103 16.97 19.55 18.99
N PRO D 104 17.37 18.53 18.20
CA PRO D 104 18.34 18.82 17.15
C PRO D 104 17.81 19.86 16.16
N LEU D 105 18.73 20.48 15.42
CA LEU D 105 18.38 21.64 14.61
C LEU D 105 17.22 21.41 13.67
N ALA D 106 17.21 20.27 12.99
CA ALA D 106 16.17 19.95 12.01
C ALA D 106 14.79 19.84 12.68
N LYS D 107 14.75 19.22 13.84
CA LYS D 107 13.52 19.12 14.63
C LYS D 107 13.10 20.45 15.26
N ARG D 108 14.05 21.32 15.60
CA ARG D 108 13.71 22.72 16.01
C ARG D 108 12.99 23.45 14.93
N GLN D 109 13.51 23.34 13.71
CA GLN D 109 12.92 24.00 12.55
C GLN D 109 11.53 23.44 12.27
N GLN D 110 11.36 22.12 12.37
CA GLN D 110 10.04 21.49 12.21
C GLN D 110 9.07 21.97 13.30
N TYR D 111 9.55 22.02 14.54
CA TYR D 111 8.73 22.49 15.66
C TYR D 111 8.23 23.92 15.41
N ASN D 112 9.18 24.80 15.10
CA ASN D 112 8.86 26.21 14.84
C ASN D 112 7.92 26.40 13.69
N ALA D 113 8.10 25.65 12.61
CA ALA D 113 7.16 25.71 11.48
C ALA D 113 5.79 25.14 11.82
N LEU D 114 5.73 24.08 12.62
CA LEU D 114 4.43 23.58 13.06
C LEU D 114 3.66 24.67 13.80
N LEU D 115 4.31 25.39 14.72
CA LEU D 115 3.64 26.46 15.48
C LEU D 115 3.05 27.52 14.54
N SER D 116 3.83 27.93 13.52
CA SER D 116 3.33 28.93 12.54
C SER D 116 2.16 28.41 11.75
N GLN D 117 2.25 27.19 11.24
CA GLN D 117 1.16 26.65 10.44
C GLN D 117 -0.15 26.44 11.24
N MET D 118 -0.05 25.95 12.48
CA MET D 118 -1.23 25.80 13.35
C MET D 118 -1.84 27.17 13.64
N SER D 119 -0.99 28.15 13.93
CA SER D 119 -1.45 29.52 14.14
C SER D 119 -2.15 30.06 12.91
N ARG D 120 -1.52 29.93 11.74
CA ARG D 120 -2.15 30.41 10.50
C ARG D 120 -3.51 29.76 10.26
N ILE D 121 -3.56 28.43 10.43
CA ILE D 121 -4.78 27.70 10.16
C ILE D 121 -5.89 28.20 11.09
N TYR D 122 -5.60 28.33 12.38
CA TYR D 122 -6.65 28.77 13.32
C TYR D 122 -7.14 30.17 12.99
N SER D 123 -6.20 31.11 12.79
CA SER D 123 -6.59 32.51 12.69
C SER D 123 -7.03 32.99 11.30
N THR D 124 -6.84 32.16 10.27
CA THR D 124 -7.32 32.44 8.89
C THR D 124 -8.49 31.55 8.42
N ALA D 125 -8.89 30.54 9.21
CA ALA D 125 -10.00 29.70 8.82
C ALA D 125 -11.26 30.54 8.70
N LYS D 126 -12.09 30.19 7.72
CA LYS D 126 -13.34 30.90 7.46
C LYS D 126 -14.45 29.90 7.21
N VAL D 127 -15.68 30.41 7.28
CA VAL D 127 -16.86 29.63 6.96
C VAL D 127 -17.53 30.32 5.79
N CYS D 128 -17.49 29.65 4.64
CA CYS D 128 -18.08 30.18 3.40
C CYS D 128 -19.51 29.69 3.25
N LEU D 129 -20.28 30.42 2.45
CA LEU D 129 -21.74 30.27 2.41
C LEU D 129 -22.21 29.38 1.25
N THR D 133 -24.43 33.71 -2.22
CA THR D 133 -23.41 33.12 -1.35
C THR D 133 -21.98 33.45 -1.84
N ALA D 134 -21.40 34.52 -1.28
CA ALA D 134 -20.09 35.07 -1.71
C ALA D 134 -19.03 35.16 -0.58
N THR D 135 -19.02 36.26 0.18
CA THR D 135 -17.92 36.52 1.15
C THR D 135 -17.98 35.54 2.33
N CYS D 136 -16.81 35.11 2.80
CA CYS D 136 -16.72 34.11 3.88
C CYS D 136 -16.66 34.77 5.26
N TRP D 137 -17.20 34.07 6.25
CA TRP D 137 -17.29 34.59 7.61
C TRP D 137 -16.06 34.24 8.43
N SER D 138 -15.53 35.21 9.16
CA SER D 138 -14.42 34.95 10.07
C SER D 138 -15.00 34.61 11.44
N LEU D 139 -14.19 34.00 12.28
CA LEU D 139 -14.58 33.72 13.68
C LEU D 139 -14.92 35.01 14.42
N ASP D 140 -14.02 35.98 14.32
CA ASP D 140 -14.18 37.27 14.97
C ASP D 140 -14.11 38.34 13.87
N PRO D 141 -15.19 39.09 13.59
CA PRO D 141 -16.42 39.21 14.41
C PRO D 141 -17.60 38.29 14.06
N ASP D 142 -17.62 37.73 12.87
CA ASP D 142 -18.88 37.25 12.27
C ASP D 142 -19.53 36.08 13.01
N LEU D 143 -18.77 35.00 13.19
CA LEU D 143 -19.31 33.82 13.84
C LEU D 143 -19.53 34.07 15.34
N THR D 144 -18.61 34.81 15.97
CA THR D 144 -18.79 35.25 17.35
C THR D 144 -20.14 35.94 17.53
N ASN D 145 -20.48 36.88 16.64
CA ASN D 145 -21.74 37.62 16.73
C ASN D 145 -22.95 36.70 16.54
N ILE D 146 -22.88 35.78 15.58
CA ILE D 146 -23.96 34.85 15.35
C ILE D 146 -24.18 33.97 16.59
N LEU D 147 -23.11 33.36 17.13
CA LEU D 147 -23.22 32.56 18.36
C LEU D 147 -23.79 33.36 19.53
N ALA D 148 -23.45 34.65 19.63
CA ALA D 148 -23.92 35.53 20.72
C ALA D 148 -25.41 35.93 20.61
N SER D 149 -25.85 36.25 19.39
CA SER D 149 -27.16 36.88 19.18
C SER D 149 -28.24 36.08 18.47
N SER D 150 -27.87 35.25 17.50
CA SER D 150 -28.88 34.54 16.73
C SER D 150 -29.65 33.53 17.61
N ARG D 151 -30.98 33.54 17.53
CA ARG D 151 -31.78 32.48 18.12
C ARG D 151 -32.39 31.59 17.03
N SER D 152 -31.74 31.54 15.86
CA SER D 152 -32.07 30.59 14.81
C SER D 152 -31.24 29.32 15.01
N TYR D 153 -31.90 28.22 15.35
CA TYR D 153 -31.20 26.95 15.57
C TYR D 153 -30.30 26.61 14.37
N ALA D 154 -30.84 26.76 13.17
CA ALA D 154 -30.15 26.42 11.94
C ALA D 154 -28.97 27.33 11.65
N MET D 155 -29.12 28.65 11.86
CA MET D 155 -28.00 29.57 11.72
C MET D 155 -26.87 29.25 12.72
N LEU D 156 -27.24 29.05 13.98
CA LEU D 156 -26.28 28.69 14.99
C LEU D 156 -25.53 27.40 14.59
N LEU D 157 -26.29 26.39 14.16
CA LEU D 157 -25.71 25.12 13.70
C LEU D 157 -24.73 25.29 12.55
N PHE D 158 -25.15 26.02 11.53
CA PHE D 158 -24.26 26.35 10.40
C PHE D 158 -22.93 26.98 10.87
N ALA D 159 -23.02 27.92 11.80
CA ALA D 159 -21.85 28.59 12.33
C ALA D 159 -20.97 27.65 13.17
N TRP D 160 -21.61 26.88 14.06
CA TRP D 160 -20.88 25.93 14.92
C TRP D 160 -20.19 24.83 14.11
N GLU D 161 -20.95 24.20 13.23
CA GLU D 161 -20.40 23.12 12.38
C GLU D 161 -19.34 23.64 11.44
N GLY D 162 -19.64 24.73 10.75
CA GLY D 162 -18.69 25.37 9.85
C GLY D 162 -17.36 25.63 10.50
N TRP D 163 -17.40 26.20 11.70
CA TRP D 163 -16.19 26.61 12.36
C TRP D 163 -15.37 25.38 12.82
N HIS D 164 -16.04 24.42 13.46
CA HIS D 164 -15.36 23.21 13.97
C HIS D 164 -14.71 22.40 12.82
N ASN D 165 -15.46 22.23 11.73
CA ASN D 165 -14.91 21.60 10.52
C ASN D 165 -13.75 22.40 9.88
N ALA D 166 -13.92 23.72 9.71
CA ALA D 166 -12.87 24.52 9.03
C ALA D 166 -11.56 24.63 9.83
N ALA D 167 -11.62 24.88 11.15
CA ALA D 167 -10.40 24.99 11.95
C ALA D 167 -9.83 23.62 12.37
N GLY D 168 -10.70 22.73 12.85
CA GLY D 168 -10.27 21.48 13.47
C GLY D 168 -9.65 20.46 12.51
N ILE D 169 -10.35 20.21 11.41
CA ILE D 169 -9.99 19.14 10.52
C ILE D 169 -8.55 19.25 10.05
N PRO D 170 -8.15 20.40 9.44
CA PRO D 170 -6.74 20.50 8.97
C PRO D 170 -5.67 20.57 10.06
N LEU D 171 -6.05 20.94 11.29
CA LEU D 171 -5.08 21.01 12.37
C LEU D 171 -4.60 19.63 12.85
N LYS D 172 -5.42 18.59 12.76
CA LYS D 172 -5.10 17.29 13.41
C LYS D 172 -3.71 16.73 13.07
N PRO D 173 -3.33 16.64 11.77
CA PRO D 173 -1.99 16.08 11.50
C PRO D 173 -0.86 16.91 12.11
N LEU D 174 -0.97 18.24 12.02
CA LEU D 174 0.02 19.11 12.64
C LEU D 174 0.09 18.94 14.17
N TYR D 175 -1.06 18.77 14.81
CA TYR D 175 -1.13 18.72 16.26
C TYR D 175 -0.47 17.43 16.77
N GLU D 176 -0.63 16.34 16.02
CA GLU D 176 0.03 15.07 16.37
C GLU D 176 1.51 15.24 16.37
N ASP D 177 2.03 15.87 15.32
CA ASP D 177 3.48 16.04 15.17
C ASP D 177 4.02 16.96 16.20
N PHE D 178 3.26 18.01 16.52
CA PHE D 178 3.67 18.97 17.53
C PHE D 178 3.84 18.28 18.87
N THR D 179 2.83 17.48 19.24
CA THR D 179 2.79 16.79 20.53
C THR D 179 4.02 15.90 20.72
N ALA D 180 4.34 15.13 19.67
CA ALA D 180 5.50 14.26 19.73
C ALA D 180 6.80 15.04 19.91
N LEU D 181 6.96 16.14 19.18
CA LEU D 181 8.18 16.94 19.27
C LEU D 181 8.28 17.68 20.61
N SER D 182 7.16 18.19 21.10
CA SER D 182 7.12 18.87 22.39
C SER D 182 7.51 17.91 23.50
N ASN D 183 6.92 16.71 23.52
CA ASN D 183 7.34 15.66 24.45
C ASN D 183 8.80 15.30 24.34
N GLU D 184 9.31 15.14 23.12
CA GLU D 184 10.71 14.81 22.94
C GLU D 184 11.62 15.90 23.53
N ALA D 185 11.24 17.16 23.37
CA ALA D 185 11.99 18.28 23.93
C ALA D 185 12.03 18.26 25.46
N TYR D 186 10.86 18.16 26.08
CA TYR D 186 10.78 18.26 27.54
C TYR D 186 11.21 17.00 28.27
N LYS D 187 11.24 15.86 27.56
CA LYS D 187 11.73 14.61 28.12
C LYS D 187 13.21 14.77 28.49
N GLN D 188 13.96 15.50 27.67
CA GLN D 188 15.37 15.77 27.96
C GLN D 188 15.63 16.84 29.04
N ASP D 189 14.59 17.52 29.52
CA ASP D 189 14.69 18.31 30.76
C ASP D 189 14.29 17.46 31.98
N GLY D 190 14.03 16.18 31.79
CA GLY D 190 13.65 15.24 32.87
C GLY D 190 12.15 15.10 33.13
N PHE D 191 11.30 15.76 32.35
CA PHE D 191 9.85 15.59 32.54
C PHE D 191 9.33 14.41 31.73
N THR D 192 8.39 13.64 32.27
CA THR D 192 7.80 12.50 31.53
C THR D 192 7.08 12.91 30.24
N ASP D 193 6.49 14.10 30.24
CA ASP D 193 5.82 14.63 29.05
C ASP D 193 5.61 16.12 29.25
N THR D 194 5.17 16.80 28.23
CA THR D 194 5.03 18.26 28.30
C THR D 194 4.00 18.69 29.37
N GLY D 195 2.96 17.90 29.57
CA GLY D 195 1.97 18.18 30.57
C GLY D 195 2.59 18.26 31.96
N ALA D 196 3.47 17.34 32.29
CA ALA D 196 4.16 17.43 33.60
C ALA D 196 4.99 18.72 33.74
N TYR D 197 5.59 19.17 32.64
CA TYR D 197 6.31 20.42 32.66
C TYR D 197 5.34 21.59 32.89
N TRP D 198 4.26 21.66 32.12
CA TRP D 198 3.25 22.72 32.36
C TRP D 198 2.70 22.72 33.81
N ARG D 199 2.41 21.56 34.39
CA ARG D 199 1.95 21.48 35.76
C ARG D 199 3.03 21.90 36.81
N SER D 200 4.31 21.70 36.49
CA SER D 200 5.41 22.03 37.40
C SER D 200 5.42 23.50 37.81
N TRP D 201 4.82 24.37 37.00
CA TRP D 201 4.73 25.80 37.31
C TRP D 201 3.94 26.16 38.57
N TYR D 202 3.08 25.25 39.06
CA TYR D 202 2.28 25.50 40.27
C TYR D 202 2.97 25.01 41.51
N ASN D 203 4.13 24.38 41.33
CA ASN D 203 4.97 23.94 42.41
C ASN D 203 4.19 23.35 43.58
N SER D 204 3.46 22.30 43.28
CA SER D 204 2.60 21.67 44.25
C SER D 204 2.60 20.20 43.94
N PRO D 205 3.08 19.35 44.87
CA PRO D 205 3.01 17.91 44.52
C PRO D 205 1.58 17.35 44.40
N THR D 206 0.57 18.01 44.98
CA THR D 206 -0.82 17.53 44.96
C THR D 206 -1.77 18.42 44.09
N PHE D 207 -1.21 19.05 43.06
CA PHE D 207 -1.95 19.95 42.17
C PHE D 207 -3.22 19.31 41.62
N GLU D 208 -3.09 18.18 40.95
CA GLU D 208 -4.25 17.57 40.29
C GLU D 208 -5.34 17.16 41.26
N ASP D 209 -4.94 16.54 42.37
CA ASP D 209 -5.88 16.24 43.49
C ASP D 209 -6.53 17.48 44.04
N ASP D 210 -5.74 18.53 44.23
CA ASP D 210 -6.28 19.78 44.77
C ASP D 210 -7.32 20.40 43.82
N LEU D 211 -7.06 20.37 42.51
CA LEU D 211 -8.03 20.87 41.51
C LEU D 211 -9.32 20.03 41.51
N GLU D 212 -9.18 18.71 41.62
CA GLU D 212 -10.33 17.80 41.71
C GLU D 212 -11.22 18.06 42.94
N HIS D 213 -10.60 18.31 44.10
CA HIS D 213 -11.34 18.63 45.32
CA HIS D 213 -11.32 18.67 45.34
C HIS D 213 -12.05 19.99 45.19
N LEU D 214 -11.39 20.96 44.52
CA LEU D 214 -12.06 22.24 44.20
C LEU D 214 -13.27 22.00 43.31
N TYR D 215 -13.11 21.22 42.23
CA TYR D 215 -14.23 21.00 41.33
C TYR D 215 -15.42 20.28 42.02
N GLN D 216 -15.14 19.31 42.90
CA GLN D 216 -16.20 18.66 43.66
C GLN D 216 -17.07 19.68 44.42
N GLN D 217 -16.45 20.74 44.95
CA GLN D 217 -17.19 21.78 45.68
C GLN D 217 -18.03 22.67 44.78
N LEU D 218 -17.54 22.89 43.57
CA LEU D 218 -18.14 23.81 42.62
C LEU D 218 -19.18 23.11 41.75
N GLU D 219 -18.99 21.82 41.52
CA GLU D 219 -19.91 21.08 40.64
C GLU D 219 -21.42 21.25 40.90
N PRO D 220 -21.90 21.14 42.16
CA PRO D 220 -23.36 21.31 42.35
C PRO D 220 -23.89 22.69 41.87
N LEU D 221 -23.08 23.73 41.97
CA LEU D 221 -23.48 25.01 41.45
C LEU D 221 -23.66 24.97 39.95
N TYR D 222 -22.72 24.34 39.25
CA TYR D 222 -22.85 24.16 37.82
C TYR D 222 -24.08 23.34 37.44
N LEU D 223 -24.25 22.19 38.09
CA LEU D 223 -25.41 21.34 37.78
C LEU D 223 -26.73 22.07 37.90
N ASN D 224 -26.87 22.91 38.93
CA ASN D 224 -28.10 23.68 39.11
C ASN D 224 -28.28 24.82 38.07
N LEU D 225 -27.18 25.50 37.74
CA LEU D 225 -27.22 26.52 36.71
C LEU D 225 -27.59 25.88 35.38
N HIS D 226 -26.92 24.76 35.06
CA HIS D 226 -27.16 23.97 33.86
C HIS D 226 -28.65 23.62 33.72
N ALA D 227 -29.27 23.11 34.79
CA ALA D 227 -30.65 22.61 34.72
C ALA D 227 -31.63 23.75 34.47
N PHE D 228 -31.37 24.89 35.09
CA PHE D 228 -32.20 26.07 34.96
C PHE D 228 -32.08 26.64 33.56
N VAL D 229 -30.85 26.75 33.06
CA VAL D 229 -30.64 27.23 31.70
C VAL D 229 -31.25 26.28 30.64
N ARG D 230 -31.07 24.99 30.85
CA ARG D 230 -31.67 23.98 29.95
C ARG D 230 -33.21 24.14 29.87
N ARG D 231 -33.86 24.31 31.02
CA ARG D 231 -35.28 24.62 31.06
C ARG D 231 -35.62 25.93 30.28
N ALA D 232 -34.85 26.99 30.50
CA ALA D 232 -35.11 28.25 29.79
C ALA D 232 -34.97 28.04 28.29
N LEU D 233 -33.97 27.28 27.88
CA LEU D 233 -33.79 26.93 26.48
C LEU D 233 -34.94 26.07 25.95
N HIS D 234 -35.40 25.11 26.74
CA HIS D 234 -36.53 24.24 26.34
C HIS D 234 -37.79 25.06 26.02
N ARG D 235 -38.01 26.11 26.81
CA ARG D 235 -39.19 26.95 26.61
C ARG D 235 -39.14 27.79 25.34
N ARG D 236 -37.96 27.92 24.75
CA ARG D 236 -37.77 28.67 23.51
C ARG D 236 -37.55 27.77 22.29
N TYR D 237 -36.74 26.73 22.43
CA TYR D 237 -36.45 25.82 21.32
C TYR D 237 -37.39 24.61 21.22
N GLY D 238 -38.02 24.24 22.34
CA GLY D 238 -39.00 23.17 22.38
C GLY D 238 -38.38 21.79 22.48
N ASP D 239 -39.22 20.77 22.55
CA ASP D 239 -38.82 19.35 22.71
C ASP D 239 -37.96 18.74 21.63
N ARG D 240 -38.09 19.24 20.42
CA ARG D 240 -37.34 18.70 19.28
C ARG D 240 -35.82 18.87 19.51
N TYR D 241 -35.44 20.02 20.08
CA TYR D 241 -34.05 20.45 20.20
C TYR D 241 -33.47 20.44 21.63
N ILE D 242 -34.30 20.31 22.66
CA ILE D 242 -33.86 20.33 24.03
C ILE D 242 -34.47 19.14 24.72
N ASN D 243 -33.61 18.28 25.24
CA ASN D 243 -34.01 17.16 26.07
C ASN D 243 -33.80 17.55 27.51
N LEU D 244 -34.87 17.59 28.28
CA LEU D 244 -34.82 18.01 29.68
C LEU D 244 -34.04 17.09 30.59
N ARG D 245 -33.67 15.90 30.10
CA ARG D 245 -32.85 14.97 30.85
C ARG D 245 -31.60 14.60 30.06
N GLY D 246 -31.24 15.41 29.08
CA GLY D 246 -30.06 15.15 28.27
C GLY D 246 -29.13 16.35 28.21
N PRO D 247 -27.95 16.16 27.59
CA PRO D 247 -27.01 17.24 27.40
C PRO D 247 -27.61 18.33 26.51
N ILE D 248 -27.14 19.55 26.71
CA ILE D 248 -27.62 20.73 25.98
C ILE D 248 -26.82 20.77 24.68
N PRO D 249 -27.46 20.97 23.52
CA PRO D 249 -26.68 21.10 22.29
C PRO D 249 -25.64 22.22 22.35
N ALA D 250 -24.39 21.91 21.96
CA ALA D 250 -23.23 22.75 22.25
C ALA D 250 -23.18 24.19 21.63
N HIS D 251 -24.13 24.51 20.76
CA HIS D 251 -24.17 25.74 19.98
C HIS D 251 -25.25 26.70 20.44
N LEU D 252 -25.96 26.39 21.52
CA LEU D 252 -27.12 27.18 21.92
C LEU D 252 -26.85 28.10 23.14
N LEU D 253 -25.62 28.19 23.60
CA LEU D 253 -25.30 28.78 24.89
C LEU D 253 -24.62 30.15 24.81
N GLY D 254 -24.58 30.74 23.60
CA GLY D 254 -24.10 32.11 23.41
C GLY D 254 -22.67 32.28 22.90
N ASP D 255 -21.98 31.17 22.71
CA ASP D 255 -20.54 31.18 22.61
C ASP D 255 -20.15 29.94 21.83
N MET D 256 -19.12 30.07 20.99
CA MET D 256 -18.72 28.99 20.11
C MET D 256 -18.31 27.71 20.85
N TRP D 257 -17.81 27.84 22.09
CA TRP D 257 -17.29 26.72 22.88
C TRP D 257 -18.24 26.38 24.02
N ALA D 258 -19.38 27.06 24.08
CA ALA D 258 -20.30 26.99 25.22
C ALA D 258 -19.57 27.26 26.54
N GLN D 259 -18.53 28.12 26.48
CA GLN D 259 -17.64 28.22 27.63
C GLN D 259 -18.10 29.24 28.64
N SER D 260 -18.88 30.21 28.17
CA SER D 260 -19.62 31.05 29.06
C SER D 260 -20.91 31.50 28.37
N TRP D 261 -21.91 31.75 29.20
CA TRP D 261 -23.27 31.80 28.75
C TRP D 261 -23.95 33.16 28.88
N GLU D 262 -23.16 34.20 29.14
CA GLU D 262 -23.71 35.55 29.36
C GLU D 262 -24.52 36.07 28.18
N ASN D 263 -24.21 35.63 26.95
CA ASN D 263 -24.96 36.07 25.78
C ASN D 263 -26.40 35.60 25.65
N ILE D 264 -26.79 34.59 26.44
CA ILE D 264 -28.18 34.13 26.50
C ILE D 264 -28.86 34.59 27.76
N TYR D 265 -28.23 35.54 28.47
CA TYR D 265 -28.82 36.14 29.65
C TYR D 265 -30.27 36.59 29.41
N ASP D 266 -30.53 37.20 28.25
CA ASP D 266 -31.89 37.70 28.00
C ASP D 266 -32.94 36.56 27.98
N MET D 267 -32.51 35.31 27.71
CA MET D 267 -33.40 34.14 27.78
C MET D 267 -33.61 33.56 29.19
N VAL D 268 -32.67 33.85 30.09
CA VAL D 268 -32.57 33.22 31.40
C VAL D 268 -32.95 34.17 32.55
N VAL D 269 -32.83 35.49 32.34
CA VAL D 269 -33.06 36.51 33.37
C VAL D 269 -34.35 36.24 34.17
N PRO D 270 -34.19 35.98 35.49
CA PRO D 270 -35.34 35.61 36.29
C PRO D 270 -36.44 36.64 36.37
N PHE D 271 -36.07 37.90 36.53
CA PHE D 271 -37.01 38.96 36.77
C PHE D 271 -36.79 40.05 35.72
N PRO D 272 -37.32 39.84 34.49
CA PRO D 272 -37.04 40.80 33.38
C PRO D 272 -37.60 42.22 33.61
N ASP D 273 -38.43 42.41 34.63
CA ASP D 273 -38.99 43.73 34.93
C ASP D 273 -38.04 44.67 35.69
N LYS D 274 -36.88 44.18 36.12
CA LYS D 274 -35.90 45.01 36.85
C LYS D 274 -34.95 45.68 35.84
N PRO D 275 -33.96 46.50 36.31
CA PRO D 275 -33.06 47.13 35.33
C PRO D 275 -32.35 46.11 34.42
N ASN D 276 -32.26 46.39 33.14
CA ASN D 276 -31.55 45.54 32.21
C ASN D 276 -30.02 45.58 32.46
N LEU D 277 -29.46 44.48 32.95
CA LEU D 277 -28.04 44.44 33.34
C LEU D 277 -27.05 44.22 32.21
N ASP D 278 -27.52 43.91 31.02
CA ASP D 278 -26.66 43.89 29.86
C ASP D 278 -26.66 45.30 29.27
N VAL D 279 -25.58 46.02 29.49
CA VAL D 279 -25.43 47.40 29.09
C VAL D 279 -24.94 47.53 27.64
N THR D 280 -24.83 46.42 26.90
CA THR D 280 -24.33 46.48 25.52
C THR D 280 -25.14 47.46 24.67
N SER D 281 -26.48 47.39 24.75
CA SER D 281 -27.30 48.27 23.93
C SER D 281 -27.11 49.74 24.33
N THR D 282 -26.85 50.00 25.61
CA THR D 282 -26.53 51.38 26.03
C THR D 282 -25.16 51.84 25.53
N MET D 283 -24.16 50.95 25.57
CA MET D 283 -22.84 51.29 25.02
C MET D 283 -22.99 51.69 23.56
N LEU D 284 -23.75 50.91 22.79
CA LEU D 284 -23.95 51.18 21.38
C LEU D 284 -24.76 52.48 21.16
N GLN D 285 -25.80 52.69 21.94
CA GLN D 285 -26.61 53.92 21.85
C GLN D 285 -25.77 55.18 22.17
N GLN D 286 -24.88 55.09 23.15
CA GLN D 286 -24.00 56.22 23.51
C GLN D 286 -22.77 56.37 22.61
N GLY D 287 -22.57 55.43 21.68
CA GLY D 287 -21.49 55.54 20.71
C GLY D 287 -20.12 55.18 21.24
N TRP D 288 -20.04 54.26 22.21
CA TRP D 288 -18.73 53.80 22.69
C TRP D 288 -17.96 53.18 21.57
N GLN D 289 -16.65 53.31 21.62
CA GLN D 289 -15.75 52.69 20.69
C GLN D 289 -14.67 52.03 21.52
N ALA D 290 -13.82 51.26 20.83
CA ALA D 290 -12.69 50.60 21.47
C ALA D 290 -11.86 51.56 22.32
N THR D 291 -11.50 52.70 21.77
CA THR D 291 -10.71 53.70 22.52
C THR D 291 -11.31 54.03 23.89
N HIS D 292 -12.61 54.30 23.93
CA HIS D 292 -13.31 54.61 25.17
C HIS D 292 -13.23 53.45 26.12
N MET D 293 -13.37 52.23 25.60
CA MET D 293 -13.37 51.04 26.45
C MET D 293 -12.04 50.91 27.12
N PHE D 294 -10.97 51.07 26.32
CA PHE D 294 -9.62 51.07 26.85
C PHE D 294 -9.33 52.20 27.84
N ARG D 295 -9.82 53.43 27.57
CA ARG D 295 -9.57 54.56 28.46
C ARG D 295 -10.31 54.45 29.80
N VAL D 296 -11.54 53.94 29.75
CA VAL D 296 -12.34 53.69 30.92
C VAL D 296 -11.70 52.60 31.82
N ALA D 297 -11.21 51.53 31.22
CA ALA D 297 -10.45 50.49 31.97
C ALA D 297 -9.24 51.09 32.62
N GLU D 298 -8.42 51.78 31.84
CA GLU D 298 -7.22 52.45 32.37
C GLU D 298 -7.58 53.31 33.58
N GLU D 299 -8.68 54.04 33.49
CA GLU D 299 -9.01 54.99 34.57
C GLU D 299 -9.37 54.29 35.88
N PHE D 300 -9.93 53.07 35.78
CA PHE D 300 -10.14 52.22 36.97
C PHE D 300 -8.78 51.87 37.61
N PHE D 301 -7.80 51.51 36.78
CA PHE D 301 -6.48 51.20 37.29
C PHE D 301 -5.87 52.44 37.98
N THR D 302 -6.00 53.61 37.36
CA THR D 302 -5.44 54.83 37.97
C THR D 302 -6.22 55.27 39.18
N SER D 303 -7.51 54.94 39.23
CA SER D 303 -8.31 55.20 40.47
C SER D 303 -7.72 54.51 41.73
N LEU D 304 -7.11 53.35 41.51
CA LEU D 304 -6.46 52.59 42.55
C LEU D 304 -4.98 52.99 42.74
N GLU D 305 -4.55 54.07 42.07
CA GLU D 305 -3.14 54.48 42.04
C GLU D 305 -2.19 53.40 41.51
N LEU D 306 -2.68 52.59 40.58
CA LEU D 306 -1.83 51.74 39.74
C LEU D 306 -1.49 52.55 38.51
N SER D 307 -0.67 52.01 37.61
CA SER D 307 -0.12 52.82 36.53
C SER D 307 -1.05 53.02 35.38
N PRO D 308 -0.96 54.19 34.71
CA PRO D 308 -1.63 54.34 33.46
C PRO D 308 -0.91 53.53 32.37
N MET D 309 -1.53 53.40 31.21
CA MET D 309 -0.86 52.78 30.08
C MET D 309 0.09 53.81 29.47
N PRO D 310 1.35 53.42 29.23
CA PRO D 310 2.31 54.38 28.75
C PRO D 310 2.12 54.76 27.29
N PRO D 311 2.80 55.82 26.83
CA PRO D 311 2.63 56.22 25.43
C PRO D 311 2.85 55.10 24.41
N GLU D 312 3.85 54.25 24.66
CA GLU D 312 4.20 53.13 23.78
C GLU D 312 3.09 52.11 23.64
N PHE D 313 2.29 51.95 24.69
CA PHE D 313 1.08 51.15 24.61
C PHE D 313 0.08 51.71 23.59
N TRP D 314 -0.22 53.00 23.71
CA TRP D 314 -1.22 53.62 22.82
C TRP D 314 -0.73 53.68 21.39
N GLU D 315 0.55 53.93 21.17
CA GLU D 315 1.13 54.04 19.82
C GLU D 315 1.24 52.69 19.12
N GLY D 316 1.57 51.64 19.87
CA GLY D 316 1.82 50.32 19.26
C GLY D 316 0.70 49.30 19.31
N SER D 317 -0.28 49.46 20.20
CA SER D 317 -1.34 48.43 20.38
C SER D 317 -2.25 48.30 19.15
N MET D 318 -2.82 47.11 18.93
CA MET D 318 -3.84 46.93 17.91
C MET D 318 -5.15 46.75 18.66
N LEU D 319 -5.97 47.79 18.72
CA LEU D 319 -7.22 47.79 19.50
C LEU D 319 -8.49 47.52 18.70
N GLU D 320 -8.38 47.51 17.37
CA GLU D 320 -9.47 47.10 16.49
C GLU D 320 -8.92 46.17 15.40
N LYS D 321 -9.79 45.32 14.86
CA LYS D 321 -9.45 44.52 13.70
C LYS D 321 -9.10 45.43 12.49
N PRO D 322 -7.92 45.23 11.85
CA PRO D 322 -7.59 46.05 10.68
C PRO D 322 -8.68 45.99 9.61
N ALA D 323 -9.02 47.16 9.07
CA ALA D 323 -10.00 47.29 7.98
C ALA D 323 -9.37 47.18 6.58
N ASP D 324 -8.07 46.96 6.48
CA ASP D 324 -7.39 46.75 5.19
C ASP D 324 -7.54 45.27 4.71
N GLY D 325 -6.75 44.86 3.73
CA GLY D 325 -6.68 43.43 3.33
C GLY D 325 -5.58 42.71 4.09
N ARG D 326 -5.88 42.28 5.33
CA ARG D 326 -4.87 41.80 6.28
C ARG D 326 -5.41 40.77 7.26
N GLU D 327 -4.77 39.60 7.30
CA GLU D 327 -5.10 38.53 8.24
C GLU D 327 -4.38 38.80 9.56
N VAL D 328 -5.08 38.64 10.69
CA VAL D 328 -4.49 38.81 12.02
C VAL D 328 -4.99 37.72 12.96
N VAL D 329 -4.25 37.52 14.06
CA VAL D 329 -4.71 36.72 15.18
C VAL D 329 -5.59 37.66 15.97
N CYS D 330 -6.89 37.45 15.90
CA CYS D 330 -7.82 38.30 16.62
C CYS D 330 -7.94 37.96 18.10
N HIS D 331 -7.66 36.70 18.44
CA HIS D 331 -7.81 36.31 19.85
C HIS D 331 -7.07 37.29 20.77
N ALA D 332 -7.75 37.80 21.78
CA ALA D 332 -7.19 38.88 22.60
C ALA D 332 -5.97 38.43 23.37
N SER D 333 -4.93 39.27 23.34
CA SER D 333 -3.70 38.97 24.10
C SER D 333 -2.93 40.23 24.49
N ALA D 334 -2.13 40.08 25.53
CA ALA D 334 -1.37 41.17 26.16
C ALA D 334 0.09 40.84 26.04
N TRP D 335 0.90 41.83 25.66
CA TRP D 335 2.27 41.60 25.20
C TRP D 335 3.34 42.40 25.96
N ASP D 336 4.30 41.67 26.56
CA ASP D 336 5.53 42.21 27.14
C ASP D 336 6.67 41.98 26.12
N PHE D 337 7.29 43.07 25.67
CA PHE D 337 8.41 43.02 24.72
C PHE D 337 9.77 42.81 25.43
N TYR D 338 9.77 42.77 26.77
CA TYR D 338 10.95 42.50 27.59
C TYR D 338 12.07 43.56 27.47
N ASN D 339 11.70 44.79 27.14
CA ASN D 339 12.66 45.89 27.07
C ASN D 339 12.32 46.99 28.08
N ARG D 340 11.35 46.72 28.95
CA ARG D 340 10.86 47.63 29.98
C ARG D 340 10.18 48.90 29.46
N LYS D 341 9.85 48.93 28.17
CA LYS D 341 9.26 50.12 27.54
C LYS D 341 8.05 49.81 26.67
N ASP D 342 8.15 48.76 25.83
CA ASP D 342 7.06 48.37 24.96
C ASP D 342 6.15 47.31 25.62
N PHE D 343 4.86 47.66 25.67
CA PHE D 343 3.80 46.83 26.25
C PHE D 343 2.56 47.09 25.39
N ARG D 344 1.91 46.05 24.90
CA ARG D 344 0.81 46.21 23.93
C ARG D 344 -0.32 45.20 24.11
N ILE D 345 -1.53 45.62 23.74
CA ILE D 345 -2.67 44.71 23.60
C ILE D 345 -2.97 44.57 22.10
N LYS D 346 -3.33 43.35 21.75
CA LYS D 346 -3.77 43.01 20.40
C LYS D 346 -5.15 42.37 20.54
N GLN D 347 -6.18 43.15 20.20
CA GLN D 347 -7.57 42.73 20.37
C GLN D 347 -8.42 43.28 19.24
N CYS D 348 -9.20 42.42 18.62
CA CYS D 348 -10.22 42.83 17.65
C CYS D 348 -11.49 43.28 18.37
N THR D 349 -11.36 44.39 19.08
CA THR D 349 -12.39 44.86 20.01
C THR D 349 -13.74 45.13 19.33
N ARG D 350 -14.78 44.56 19.94
CA ARG D 350 -16.16 44.84 19.58
C ARG D 350 -16.81 45.55 20.78
N VAL D 351 -17.81 46.39 20.50
CA VAL D 351 -18.45 47.23 21.51
C VAL D 351 -19.58 46.41 22.16
N THR D 352 -19.21 45.64 23.17
CA THR D 352 -20.15 44.89 23.98
C THR D 352 -19.67 44.92 25.43
N MET D 353 -20.58 44.63 26.34
CA MET D 353 -20.24 44.48 27.75
C MET D 353 -19.20 43.37 27.99
N ASP D 354 -19.38 42.21 27.37
CA ASP D 354 -18.38 41.14 27.61
C ASP D 354 -17.02 41.56 27.09
N GLN D 355 -16.97 42.32 26.00
CA GLN D 355 -15.68 42.86 25.49
C GLN D 355 -15.05 43.88 26.42
N LEU D 356 -15.88 44.67 27.12
CA LEU D 356 -15.40 45.56 28.16
C LEU D 356 -14.69 44.79 29.25
N SER D 357 -15.23 43.64 29.63
CA SER D 357 -14.54 42.76 30.59
C SER D 357 -13.23 42.20 30.06
N THR D 358 -13.24 41.78 28.81
CA THR D 358 -12.04 41.30 28.17
C THR D 358 -10.96 42.41 28.11
N VAL D 359 -11.36 43.64 27.80
CA VAL D 359 -10.43 44.78 27.87
C VAL D 359 -9.78 44.89 29.24
N HIS D 360 -10.59 44.76 30.30
CA HIS D 360 -10.06 44.74 31.67
C HIS D 360 -9.13 43.54 31.90
N HIS D 361 -9.55 42.39 31.37
CA HIS D 361 -8.73 41.17 31.45
C HIS D 361 -7.34 41.39 30.87
N GLU D 362 -7.27 41.94 29.67
CA GLU D 362 -5.99 42.16 29.01
C GLU D 362 -5.18 43.26 29.67
N MET D 363 -5.83 44.34 30.05
CA MET D 363 -5.13 45.39 30.78
C MET D 363 -4.58 44.93 32.15
N GLY D 364 -5.21 43.96 32.80
CA GLY D 364 -4.62 43.30 34.00
C GLY D 364 -3.24 42.68 33.78
N HIS D 365 -3.10 41.97 32.68
CA HIS D 365 -1.82 41.44 32.24
C HIS D 365 -0.81 42.57 32.06
N ILE D 366 -1.22 43.65 31.38
CA ILE D 366 -0.31 44.78 31.11
C ILE D 366 0.11 45.42 32.42
N GLN D 367 -0.82 45.59 33.34
CA GLN D 367 -0.51 46.18 34.62
C GLN D 367 0.53 45.35 35.36
N TYR D 368 0.37 44.01 35.32
CA TYR D 368 1.37 43.11 35.91
C TYR D 368 2.78 43.43 35.32
N TYR D 369 2.85 43.53 33.99
CA TYR D 369 4.10 43.77 33.28
C TYR D 369 4.72 45.10 33.69
N LEU D 370 3.89 46.15 33.81
CA LEU D 370 4.36 47.46 34.26
C LEU D 370 4.94 47.41 35.66
N GLN D 371 4.31 46.67 36.55
CA GLN D 371 4.75 46.62 37.95
C GLN D 371 6.03 45.79 38.18
N TYR D 372 6.30 44.82 37.32
CA TYR D 372 7.47 43.98 37.55
C TYR D 372 8.59 44.15 36.51
N LYS D 373 8.47 45.18 35.67
CA LYS D 373 9.41 45.41 34.58
C LYS D 373 10.88 45.59 35.01
N ASP D 374 11.14 45.99 36.23
CA ASP D 374 12.52 46.15 36.70
C ASP D 374 13.10 44.94 37.45
N LEU D 375 12.33 43.87 37.52
CA LEU D 375 12.83 42.63 38.05
C LEU D 375 13.70 41.99 36.97
N PRO D 376 14.63 41.13 37.38
CA PRO D 376 15.36 40.31 36.43
C PRO D 376 14.40 39.58 35.52
N VAL D 377 14.76 39.52 34.25
CA VAL D 377 13.90 39.06 33.19
C VAL D 377 13.24 37.70 33.47
N SER D 378 13.98 36.79 34.09
CA SER D 378 13.48 35.45 34.43
C SER D 378 12.35 35.45 35.47
N LEU D 379 12.26 36.52 36.26
CA LEU D 379 11.23 36.70 37.28
C LEU D 379 10.02 37.61 36.86
N ARG D 380 9.96 37.99 35.59
CA ARG D 380 8.85 38.77 35.03
C ARG D 380 7.77 37.82 34.55
N ARG D 381 7.07 37.21 35.51
CA ARG D 381 5.94 36.31 35.27
C ARG D 381 5.03 36.48 36.47
N GLY D 382 3.82 35.90 36.41
CA GLY D 382 2.93 35.89 37.58
C GLY D 382 3.45 34.94 38.64
N ALA D 383 3.04 35.13 39.89
CA ALA D 383 3.47 34.21 40.93
C ALA D 383 3.17 32.74 40.51
N ASN D 384 2.03 32.53 39.88
CA ASN D 384 1.81 31.41 38.94
C ASN D 384 0.97 31.94 37.78
N PRO D 385 0.77 31.14 36.69
CA PRO D 385 0.03 31.68 35.57
C PRO D 385 -1.42 32.06 35.88
N GLY D 386 -2.02 31.43 36.90
CA GLY D 386 -3.36 31.80 37.35
C GLY D 386 -3.47 33.22 37.92
N PHE D 387 -2.45 33.64 38.66
CA PHE D 387 -2.37 35.03 39.16
C PHE D 387 -2.48 36.02 38.00
N HIS D 388 -1.70 35.78 36.93
CA HIS D 388 -1.68 36.66 35.76
C HIS D 388 -3.05 36.77 35.12
N GLU D 389 -3.74 35.64 35.03
CA GLU D 389 -5.09 35.62 34.52
C GLU D 389 -6.15 36.29 35.40
N ALA D 390 -5.94 36.35 36.71
CA ALA D 390 -6.94 36.85 37.65
C ALA D 390 -7.00 38.37 37.77
N ILE D 391 -5.91 39.07 37.45
CA ILE D 391 -5.77 40.46 37.83
C ILE D 391 -6.86 41.33 37.20
N GLY D 392 -7.01 41.26 35.89
CA GLY D 392 -7.97 42.07 35.19
C GLY D 392 -9.40 41.68 35.51
N ASP D 393 -9.65 40.38 35.69
CA ASP D 393 -10.96 39.87 36.08
C ASP D 393 -11.41 40.43 37.42
N VAL D 394 -10.48 40.54 38.37
CA VAL D 394 -10.81 41.11 39.69
C VAL D 394 -11.39 42.52 39.54
N LEU D 395 -10.73 43.39 38.80
CA LEU D 395 -11.30 44.76 38.58
C LEU D 395 -12.65 44.67 37.88
N ALA D 396 -12.77 43.83 36.86
CA ALA D 396 -14.03 43.71 36.12
C ALA D 396 -15.20 43.25 37.00
N LEU D 397 -14.94 42.48 38.06
CA LEU D 397 -16.00 42.17 39.03
C LEU D 397 -16.59 43.43 39.66
N SER D 398 -15.73 44.41 40.00
CA SER D 398 -16.22 45.70 40.50
C SER D 398 -16.98 46.47 39.42
N VAL D 399 -16.41 46.51 38.22
CA VAL D 399 -16.99 47.26 37.12
C VAL D 399 -18.41 46.78 36.77
N SER D 400 -18.63 45.46 36.87
CA SER D 400 -19.90 44.80 36.54
C SER D 400 -21.07 45.13 37.46
N THR D 401 -20.78 45.56 38.68
CA THR D 401 -21.84 45.76 39.64
C THR D 401 -22.79 46.85 39.08
N PRO D 402 -24.13 46.70 39.30
CA PRO D 402 -25.09 47.74 38.94
C PRO D 402 -24.71 49.10 39.45
N GLU D 403 -24.21 49.14 40.68
CA GLU D 403 -23.72 50.38 41.28
C GLU D 403 -22.60 51.01 40.45
N HIS D 404 -21.60 50.22 40.05
CA HIS D 404 -20.53 50.80 39.26
C HIS D 404 -20.95 51.24 37.88
N LEU D 405 -21.81 50.45 37.24
CA LEU D 405 -22.28 50.76 35.90
C LEU D 405 -23.07 52.07 35.93
N HIS D 406 -23.78 52.31 37.02
CA HIS D 406 -24.48 53.58 37.22
C HIS D 406 -23.48 54.73 37.30
N LYS D 407 -22.41 54.54 38.08
CA LYS D 407 -21.34 55.57 38.20
C LYS D 407 -20.74 55.96 36.86
N ILE D 408 -20.66 55.04 35.91
CA ILE D 408 -20.08 55.36 34.60
C ILE D 408 -21.10 55.59 33.50
N GLY D 409 -22.35 55.84 33.87
CA GLY D 409 -23.36 56.30 32.91
C GLY D 409 -23.94 55.22 32.03
N LEU D 410 -23.76 53.95 32.41
CA LEU D 410 -24.23 52.81 31.61
C LEU D 410 -25.47 52.10 32.16
N LEU D 411 -25.96 52.51 33.32
CA LEU D 411 -27.22 52.00 33.89
C LEU D 411 -27.91 53.12 34.67
N ASP D 412 -29.00 53.67 34.13
CA ASP D 412 -29.66 54.84 34.76
C ASP D 412 -30.35 54.49 36.08
N ARG D 413 -31.01 53.34 36.10
CA ARG D 413 -31.82 52.92 37.24
C ARG D 413 -30.97 52.19 38.28
N VAL D 414 -31.20 52.50 39.55
CA VAL D 414 -30.57 51.79 40.67
C VAL D 414 -31.70 51.13 41.46
N THR D 415 -31.50 49.88 41.86
CA THR D 415 -32.44 49.17 42.72
C THR D 415 -31.60 48.39 43.70
N ASN D 416 -32.15 48.06 44.87
CA ASN D 416 -31.47 47.16 45.82
C ASN D 416 -32.48 46.22 46.49
N ASP D 417 -32.95 45.25 45.74
CA ASP D 417 -33.99 44.32 46.22
C ASP D 417 -33.54 42.91 45.89
N THR D 418 -34.25 41.92 46.42
CA THR D 418 -33.80 40.54 46.34
C THR D 418 -33.88 40.03 44.89
N GLU D 419 -34.85 40.52 44.12
CA GLU D 419 -34.99 40.13 42.70
C GLU D 419 -33.82 40.67 41.86
N SER D 420 -33.44 41.93 42.08
CA SER D 420 -32.33 42.56 41.37
C SER D 420 -31.04 41.84 41.66
N ASP D 421 -30.88 41.41 42.92
CA ASP D 421 -29.71 40.62 43.30
C ASP D 421 -29.62 39.28 42.61
N ILE D 422 -30.76 38.58 42.53
CA ILE D 422 -30.80 37.28 41.85
C ILE D 422 -30.51 37.48 40.36
N ASN D 423 -31.07 38.53 39.73
CA ASN D 423 -30.75 38.84 38.33
C ASN D 423 -29.24 39.00 38.16
N TYR D 424 -28.64 39.82 39.02
CA TYR D 424 -27.21 40.10 38.91
C TYR D 424 -26.36 38.85 39.12
N LEU D 425 -26.60 38.13 40.21
CA LEU D 425 -25.87 36.91 40.52
C LEU D 425 -26.08 35.82 39.44
N LEU D 426 -27.25 35.79 38.82
CA LEU D 426 -27.49 34.87 37.74
C LEU D 426 -26.65 35.27 36.53
N LYS D 427 -26.59 36.56 36.20
CA LYS D 427 -25.76 37.00 35.08
C LYS D 427 -24.29 36.63 35.31
N MET D 428 -23.80 36.91 36.53
CA MET D 428 -22.41 36.58 36.89
C MET D 428 -22.18 35.06 36.92
N ALA D 429 -23.19 34.29 37.29
CA ALA D 429 -23.10 32.84 37.21
C ALA D 429 -22.92 32.34 35.77
N LEU D 430 -23.66 32.94 34.84
CA LEU D 430 -23.54 32.61 33.41
C LEU D 430 -22.12 32.86 32.88
N GLU D 431 -21.46 33.89 33.42
CA GLU D 431 -20.12 34.27 33.03
C GLU D 431 -19.06 33.43 33.76
N LYS D 432 -19.26 33.17 35.07
CA LYS D 432 -18.20 32.57 35.92
C LYS D 432 -18.44 31.09 36.24
N ILE D 433 -19.64 30.74 36.69
CA ILE D 433 -19.94 29.36 37.02
C ILE D 433 -19.99 28.46 35.79
N ALA D 434 -20.64 28.89 34.71
CA ALA D 434 -20.67 28.09 33.49
C ALA D 434 -19.30 27.77 32.89
N PHE D 435 -18.31 28.62 33.11
CA PHE D 435 -16.93 28.39 32.63
C PHE D 435 -16.18 27.28 33.37
N LEU D 436 -16.48 27.07 34.65
CA LEU D 436 -15.70 26.20 35.51
C LEU D 436 -15.42 24.84 34.90
N PRO D 437 -16.45 24.12 34.42
CA PRO D 437 -16.21 22.81 33.79
C PRO D 437 -15.28 22.87 32.58
N PHE D 438 -15.46 23.89 31.74
CA PHE D 438 -14.62 24.03 30.56
C PHE D 438 -13.17 24.34 30.93
N GLY D 439 -13.00 25.31 31.84
CA GLY D 439 -11.66 25.67 32.33
C GLY D 439 -10.90 24.49 32.91
N TYR D 440 -11.64 23.56 33.52
CA TYR D 440 -11.06 22.39 34.13
C TYR D 440 -10.77 21.31 33.09
N LEU D 441 -11.64 21.15 32.11
CA LEU D 441 -11.54 19.99 31.21
C LEU D 441 -10.49 20.11 30.11
N VAL D 442 -10.20 21.33 29.65
CA VAL D 442 -9.37 21.49 28.44
C VAL D 442 -8.00 20.86 28.68
N ASP D 443 -7.37 21.18 29.80
CA ASP D 443 -6.07 20.59 30.09
C ASP D 443 -6.14 19.15 30.60
N GLN D 444 -7.28 18.67 31.12
CA GLN D 444 -7.42 17.23 31.30
C GLN D 444 -7.30 16.53 29.96
N TRP D 445 -7.96 17.07 28.95
CA TRP D 445 -7.82 16.51 27.60
C TRP D 445 -6.36 16.56 27.15
N ARG D 446 -5.78 17.75 27.22
CA ARG D 446 -4.41 17.96 26.75
C ARG D 446 -3.36 17.15 27.50
N TRP D 447 -3.50 17.07 28.84
CA TRP D 447 -2.60 16.28 29.65
C TRP D 447 -2.67 14.79 29.25
N GLY D 448 -3.85 14.28 28.95
CA GLY D 448 -4.01 12.91 28.43
C GLY D 448 -3.38 12.71 27.08
N VAL D 449 -3.45 13.72 26.22
CA VAL D 449 -2.76 13.67 24.92
C VAL D 449 -1.22 13.62 25.10
N PHE D 450 -0.65 14.53 25.89
CA PHE D 450 0.80 14.52 26.13
C PHE D 450 1.32 13.24 26.78
N SER D 451 0.55 12.67 27.70
CA SER D 451 0.95 11.43 28.39
C SER D 451 0.82 10.19 27.48
N GLY D 452 0.14 10.31 26.33
CA GLY D 452 -0.17 9.16 25.49
C GLY D 452 -1.44 8.39 25.91
N ARG D 453 -2.09 8.77 27.00
CA ARG D 453 -3.39 8.19 27.36
C ARG D 453 -4.46 8.36 26.25
N THR D 454 -4.40 9.49 25.56
CA THR D 454 -5.28 9.82 24.46
C THR D 454 -4.43 9.90 23.19
N PRO D 455 -4.37 8.78 22.44
CA PRO D 455 -3.62 8.82 21.17
C PRO D 455 -4.45 9.54 20.12
N PRO D 456 -3.87 9.84 18.96
CA PRO D 456 -4.61 10.46 17.87
C PRO D 456 -5.90 9.75 17.52
N SER D 457 -5.92 8.43 17.66
CA SER D 457 -7.13 7.66 17.38
C SER D 457 -8.31 7.95 18.31
N ARG D 458 -8.07 8.62 19.42
CA ARG D 458 -9.14 9.01 20.35
C ARG D 458 -9.17 10.51 20.69
N TYR D 459 -8.57 11.36 19.87
CA TYR D 459 -8.58 12.82 20.15
C TYR D 459 -10.00 13.36 20.37
N ASN D 460 -10.91 13.02 19.46
CA ASN D 460 -12.29 13.54 19.49
C ASN D 460 -13.20 12.76 20.42
N PHE D 461 -13.06 11.44 20.45
CA PHE D 461 -13.78 10.59 21.40
C PHE D 461 -13.59 11.06 22.86
N ASP D 462 -12.34 11.30 23.25
CA ASP D 462 -11.99 11.74 24.61
C ASP D 462 -12.36 13.20 24.86
N TRP D 463 -12.28 14.03 23.83
CA TRP D 463 -12.73 15.42 23.94
C TRP D 463 -14.21 15.47 24.27
N TRP D 464 -15.03 14.81 23.44
CA TRP D 464 -16.47 14.78 23.69
C TRP D 464 -16.85 13.98 24.94
N TYR D 465 -16.06 12.97 25.33
CA TYR D 465 -16.28 12.32 26.64
C TYR D 465 -16.20 13.40 27.75
N LEU D 466 -15.13 14.18 27.75
CA LEU D 466 -14.90 15.20 28.77
C LEU D 466 -15.93 16.33 28.69
N ARG D 467 -16.24 16.76 27.48
CA ARG D 467 -17.18 17.87 27.27
C ARG D 467 -18.55 17.50 27.83
N THR D 468 -18.98 16.27 27.57
CA THR D 468 -20.28 15.79 28.10
C THR D 468 -20.20 15.51 29.59
N LYS D 469 -19.12 14.88 30.04
CA LYS D 469 -18.92 14.59 31.48
C LYS D 469 -19.01 15.85 32.34
N TYR D 470 -18.31 16.91 31.92
CA TYR D 470 -18.19 18.12 32.74
C TYR D 470 -19.21 19.19 32.40
N GLN D 471 -19.33 19.54 31.13
CA GLN D 471 -20.28 20.59 30.74
C GLN D 471 -21.73 20.16 30.52
N GLY D 472 -21.98 18.86 30.32
CA GLY D 472 -23.33 18.40 29.95
C GLY D 472 -23.83 18.96 28.65
N ILE D 473 -22.95 18.97 27.65
CA ILE D 473 -23.29 19.36 26.30
C ILE D 473 -22.98 18.20 25.34
N CYS D 474 -23.57 18.31 24.16
CA CYS D 474 -23.39 17.35 23.11
C CYS D 474 -23.21 18.07 21.77
N PRO D 475 -22.46 17.46 20.85
CA PRO D 475 -22.33 18.07 19.52
C PRO D 475 -23.65 18.05 18.78
N PRO D 476 -24.04 19.17 18.12
CA PRO D 476 -25.33 19.20 17.44
C PRO D 476 -25.35 18.56 16.05
N VAL D 477 -24.19 18.11 15.56
CA VAL D 477 -24.10 17.19 14.44
C VAL D 477 -23.20 16.05 14.86
N THR D 478 -23.27 14.95 14.12
CA THR D 478 -22.41 13.78 14.38
C THR D 478 -20.95 14.14 14.13
N ARG D 479 -20.06 13.66 14.99
CA ARG D 479 -18.62 13.83 14.82
C ARG D 479 -17.96 12.45 14.79
N ASN D 480 -16.75 12.38 14.24
CA ASN D 480 -15.94 11.18 14.19
C ASN D 480 -14.48 11.61 14.30
N GLU D 481 -13.52 10.70 14.20
CA GLU D 481 -12.12 11.05 14.43
C GLU D 481 -11.42 11.83 13.31
N THR D 482 -12.09 12.05 12.19
CA THR D 482 -11.59 13.01 11.20
C THR D 482 -11.78 14.42 11.75
N HIS D 483 -12.82 14.61 12.56
CA HIS D 483 -13.00 15.86 13.29
C HIS D 483 -12.02 15.97 14.44
N PHE D 484 -11.58 17.19 14.70
CA PHE D 484 -10.63 17.46 15.75
C PHE D 484 -11.13 18.74 16.45
N ASP D 485 -12.22 18.57 17.19
CA ASP D 485 -12.93 19.70 17.75
C ASP D 485 -12.12 20.48 18.82
N ALA D 486 -11.16 19.82 19.47
CA ALA D 486 -10.27 20.49 20.40
C ALA D 486 -9.42 21.56 19.69
N GLY D 487 -9.05 21.28 18.43
CA GLY D 487 -8.30 22.24 17.64
C GLY D 487 -9.04 23.51 17.24
N ALA D 488 -10.36 23.52 17.32
CA ALA D 488 -11.14 24.71 17.00
C ALA D 488 -11.25 25.66 18.19
N LYS D 489 -10.50 25.40 19.27
CA LYS D 489 -10.42 26.30 20.40
C LYS D 489 -9.04 26.93 20.38
N PHE D 490 -8.96 28.28 20.33
CA PHE D 490 -7.68 29.00 20.15
C PHE D 490 -6.46 28.38 20.83
N HIS D 491 -6.62 28.07 22.11
CA HIS D 491 -5.49 27.78 22.95
C HIS D 491 -4.78 26.46 22.60
N VAL D 492 -5.49 25.57 21.91
CA VAL D 492 -4.94 24.27 21.51
C VAL D 492 -3.87 24.41 20.38
N PRO D 493 -4.26 24.88 19.18
CA PRO D 493 -3.24 25.13 18.16
C PRO D 493 -2.21 26.20 18.51
N ASN D 494 -2.58 27.21 19.31
CA ASN D 494 -1.65 28.23 19.76
C ASN D 494 -0.88 27.90 21.02
N VAL D 495 -1.00 26.65 21.47
CA VAL D 495 -0.16 26.08 22.51
C VAL D 495 -0.08 26.96 23.76
N THR D 496 -1.24 27.40 24.22
CA THR D 496 -1.32 28.18 25.45
C THR D 496 -2.05 27.30 26.46
N PRO D 497 -1.40 27.03 27.61
CA PRO D 497 -2.02 26.19 28.66
C PRO D 497 -3.36 26.76 29.16
N TYR D 498 -4.27 25.90 29.64
CA TYR D 498 -5.63 26.32 29.99
C TYR D 498 -5.98 26.29 31.48
N ILE D 499 -5.29 25.45 32.27
CA ILE D 499 -5.65 25.29 33.69
C ILE D 499 -5.54 26.59 34.48
N ARG D 500 -4.67 27.48 34.02
CA ARG D 500 -4.56 28.85 34.51
C ARG D 500 -5.88 29.60 34.62
N TYR D 501 -6.79 29.32 33.70
CA TYR D 501 -8.11 29.98 33.74
C TYR D 501 -9.01 29.39 34.77
N PHE D 502 -8.98 28.07 34.95
CA PHE D 502 -9.71 27.48 36.10
C PHE D 502 -9.18 28.01 37.43
N VAL D 503 -7.88 28.05 37.58
CA VAL D 503 -7.25 28.58 38.78
C VAL D 503 -7.66 30.02 39.00
N SER D 504 -7.56 30.81 37.93
CA SER D 504 -7.94 32.19 37.98
C SER D 504 -9.38 32.39 38.45
N PHE D 505 -10.29 31.60 37.91
CA PHE D 505 -11.73 31.77 38.24
C PHE D 505 -12.06 31.51 39.73
N VAL D 506 -11.27 30.70 40.39
CA VAL D 506 -11.34 30.52 41.87
C VAL D 506 -10.60 31.63 42.60
N LEU D 507 -9.38 31.90 42.15
CA LEU D 507 -8.50 32.87 42.73
C LEU D 507 -9.07 34.28 42.76
N GLN D 508 -9.72 34.66 41.67
CA GLN D 508 -10.23 36.04 41.55
C GLN D 508 -11.23 36.43 42.62
N PHE D 509 -12.02 35.47 43.10
CA PHE D 509 -12.95 35.69 44.20
C PHE D 509 -12.21 35.83 45.51
N GLN D 510 -11.11 35.07 45.70
CA GLN D 510 -10.23 35.25 46.85
C GLN D 510 -9.63 36.65 46.88
N PHE D 511 -9.13 37.08 45.73
CA PHE D 511 -8.61 38.42 45.55
C PHE D 511 -9.67 39.48 45.82
N HIS D 512 -10.84 39.31 45.23
CA HIS D 512 -11.92 40.30 45.35
C HIS D 512 -12.30 40.46 46.81
N GLU D 513 -12.51 39.33 47.50
CA GLU D 513 -12.82 39.41 48.93
C GLU D 513 -11.76 40.18 49.74
N ALA D 514 -10.48 39.86 49.51
CA ALA D 514 -9.39 40.50 50.26
C ALA D 514 -9.32 41.99 49.93
N LEU D 515 -9.47 42.34 48.67
CA LEU D 515 -9.44 43.74 48.27
C LEU D 515 -10.64 44.54 48.80
N CYS D 516 -11.82 43.93 48.78
CA CYS D 516 -13.02 44.53 49.36
C CYS D 516 -12.86 44.77 50.87
N LYS D 517 -12.29 43.81 51.59
CA LYS D 517 -12.04 43.99 53.02
C LYS D 517 -11.04 45.13 53.25
N GLU D 518 -9.95 45.15 52.48
CA GLU D 518 -8.93 46.18 52.59
C GLU D 518 -9.46 47.57 52.24
N ALA D 519 -10.40 47.63 51.29
CA ALA D 519 -11.09 48.87 50.96
C ALA D 519 -12.01 49.41 52.06
N GLY D 520 -12.30 48.62 53.08
CA GLY D 520 -13.21 49.02 54.14
C GLY D 520 -14.66 48.69 53.85
N TYR D 521 -14.95 48.05 52.71
CA TYR D 521 -16.30 47.75 52.32
C TYR D 521 -16.91 46.71 53.26
N GLU D 522 -18.14 46.95 53.71
CA GLU D 522 -18.82 46.06 54.67
C GLU D 522 -20.14 45.45 54.21
N GLY D 523 -20.63 45.81 53.02
CA GLY D 523 -21.81 45.16 52.45
C GLY D 523 -21.61 43.74 51.91
N PRO D 524 -22.64 43.19 51.23
CA PRO D 524 -22.55 41.88 50.58
C PRO D 524 -21.43 41.86 49.56
N LEU D 525 -20.71 40.75 49.50
CA LEU D 525 -19.49 40.65 48.68
C LEU D 525 -19.76 40.98 47.23
N HIS D 526 -20.91 40.55 46.74
CA HIS D 526 -21.26 40.75 45.32
C HIS D 526 -21.71 42.17 44.97
N GLN D 527 -21.86 43.04 45.97
CA GLN D 527 -22.11 44.46 45.73
C GLN D 527 -20.87 45.33 46.01
N CYS D 528 -19.73 44.72 46.28
CA CYS D 528 -18.48 45.48 46.44
C CYS D 528 -17.97 46.12 45.14
N ASP D 529 -17.54 47.37 45.25
CA ASP D 529 -16.84 48.05 44.17
C ASP D 529 -15.61 48.71 44.77
N ILE D 530 -14.42 48.27 44.36
CA ILE D 530 -13.16 48.80 44.89
C ILE D 530 -12.68 50.08 44.19
N TYR D 531 -13.41 50.55 43.20
CA TYR D 531 -13.13 51.81 42.49
C TYR D 531 -12.70 52.89 43.45
N ARG D 532 -11.61 53.57 43.11
CA ARG D 532 -11.05 54.66 43.91
C ARG D 532 -10.50 54.26 45.29
N SER D 533 -10.38 52.96 45.62
CA SER D 533 -9.74 52.53 46.86
C SER D 533 -8.23 52.43 46.66
N THR D 534 -7.53 53.46 47.11
CA THR D 534 -6.09 53.49 47.07
C THR D 534 -5.48 52.42 47.99
N LYS D 535 -6.16 52.08 49.09
CA LYS D 535 -5.70 50.96 49.93
C LYS D 535 -5.77 49.60 49.22
N ALA D 536 -6.87 49.32 48.53
CA ALA D 536 -6.99 48.09 47.74
C ALA D 536 -5.92 48.05 46.65
N GLY D 537 -5.68 49.19 46.02
CA GLY D 537 -4.65 49.37 45.03
C GLY D 537 -3.26 49.00 45.52
N ALA D 538 -2.88 49.48 46.71
CA ALA D 538 -1.60 49.16 47.32
C ALA D 538 -1.46 47.66 47.65
N LYS D 539 -2.52 47.02 48.14
CA LYS D 539 -2.46 45.58 48.40
C LYS D 539 -2.28 44.78 47.09
N LEU D 540 -2.97 45.19 46.03
CA LEU D 540 -2.81 44.54 44.74
C LEU D 540 -1.39 44.81 44.17
N ARG D 541 -0.89 46.04 44.34
CA ARG D 541 0.43 46.42 43.83
CA ARG D 541 0.45 46.41 43.82
C ARG D 541 1.53 45.49 44.39
N LYS D 542 1.42 45.17 45.67
CA LYS D 542 2.37 44.25 46.31
C LYS D 542 2.43 42.93 45.58
N VAL D 543 1.29 42.36 45.21
CA VAL D 543 1.31 41.12 44.43
C VAL D 543 2.02 41.33 43.09
N LEU D 544 1.66 42.39 42.38
CA LEU D 544 2.13 42.56 41.00
C LEU D 544 3.64 42.77 40.95
N ARG D 545 4.15 43.56 41.89
CA ARG D 545 5.57 43.89 41.93
C ARG D 545 6.47 42.69 42.23
N ALA D 546 5.91 41.66 42.88
CA ALA D 546 6.65 40.45 43.23
C ALA D 546 7.00 39.57 42.04
N GLY D 547 6.24 39.66 40.95
CA GLY D 547 6.47 38.79 39.82
C GLY D 547 6.47 37.35 40.34
N SER D 548 7.48 36.58 39.91
CA SER D 548 7.68 35.22 40.36
C SER D 548 8.90 35.13 41.26
N SER D 549 9.18 36.20 42.01
CA SER D 549 10.33 36.25 42.87
C SER D 549 10.18 35.33 44.08
N ARG D 550 8.93 35.10 44.51
CA ARG D 550 8.61 34.31 45.70
C ARG D 550 7.52 33.26 45.41
N PRO D 551 7.50 32.14 46.18
CA PRO D 551 6.49 31.10 45.98
C PRO D 551 5.09 31.71 45.97
N TRP D 552 4.24 31.28 45.04
CA TRP D 552 2.87 31.84 44.98
C TRP D 552 2.07 31.63 46.26
N GLN D 553 2.30 30.54 46.97
CA GLN D 553 1.58 30.25 48.22
C GLN D 553 1.85 31.33 49.28
N GLU D 554 3.08 31.81 49.33
CA GLU D 554 3.45 32.86 50.27
C GLU D 554 2.89 34.22 49.83
N VAL D 555 2.91 34.50 48.53
CA VAL D 555 2.36 35.75 48.00
C VAL D 555 0.85 35.80 48.26
N LEU D 556 0.17 34.67 48.03
CA LEU D 556 -1.27 34.54 48.29
C LEU D 556 -1.58 34.73 49.78
N LYS D 557 -0.77 34.16 50.66
CA LYS D 557 -0.99 34.28 52.12
C LYS D 557 -0.87 35.74 52.56
N ASP D 558 0.16 36.44 52.10
CA ASP D 558 0.30 37.86 52.35
C ASP D 558 -0.94 38.65 51.90
N MET D 559 -1.55 38.25 50.79
CA MET D 559 -2.64 39.04 50.21
C MET D 559 -3.95 38.75 50.88
N VAL D 560 -4.26 37.46 51.02
CA VAL D 560 -5.59 37.02 51.44
C VAL D 560 -5.67 36.31 52.80
N GLY D 561 -4.54 35.96 53.40
CA GLY D 561 -4.55 35.28 54.69
C GLY D 561 -4.58 33.75 54.63
N LEU D 562 -4.55 33.18 53.42
CA LEU D 562 -4.48 31.73 53.22
C LEU D 562 -3.41 31.41 52.18
N ASP D 563 -2.72 30.27 52.30
CA ASP D 563 -1.64 29.90 51.38
C ASP D 563 -2.08 28.90 50.31
N ALA D 564 -3.39 28.82 50.05
CA ALA D 564 -3.92 27.82 49.13
C ALA D 564 -5.11 28.37 48.34
N LEU D 565 -5.34 27.77 47.19
CA LEU D 565 -6.58 27.94 46.45
C LEU D 565 -7.74 27.49 47.32
N ASP D 566 -8.83 28.25 47.31
CA ASP D 566 -9.96 28.02 48.21
C ASP D 566 -11.24 28.55 47.54
N ALA D 567 -12.26 27.69 47.47
CA ALA D 567 -13.52 27.98 46.79
C ALA D 567 -14.50 28.79 47.61
N GLN D 568 -14.23 28.93 48.91
CA GLN D 568 -15.20 29.55 49.82
C GLN D 568 -15.61 30.99 49.41
N PRO D 569 -14.66 31.84 49.02
CA PRO D 569 -15.08 33.16 48.60
C PRO D 569 -15.97 33.19 47.35
N LEU D 570 -15.70 32.32 46.38
CA LEU D 570 -16.60 32.10 45.25
C LEU D 570 -17.99 31.67 45.76
N LEU D 571 -18.03 30.67 46.62
CA LEU D 571 -19.33 30.20 47.15
C LEU D 571 -20.05 31.30 47.92
N LYS D 572 -19.30 32.06 48.69
CA LYS D 572 -19.88 33.18 49.43
C LYS D 572 -20.48 34.26 48.50
N TYR D 573 -19.75 34.61 47.47
CA TYR D 573 -20.22 35.60 46.47
C TYR D 573 -21.55 35.17 45.85
N PHE D 574 -21.64 33.91 45.47
CA PHE D 574 -22.82 33.37 44.78
C PHE D 574 -23.93 32.78 45.68
N GLN D 575 -23.72 32.74 47.00
CA GLN D 575 -24.65 32.05 47.92
C GLN D 575 -26.15 32.26 47.67
N LEU D 576 -26.57 33.50 47.44
CA LEU D 576 -28.00 33.78 47.25
C LEU D 576 -28.56 33.07 46.04
N VAL D 577 -27.84 33.15 44.92
CA VAL D 577 -28.32 32.51 43.70
C VAL D 577 -28.11 31.00 43.71
N THR D 578 -27.06 30.51 44.36
CA THR D 578 -26.87 29.08 44.55
C THR D 578 -28.13 28.49 45.27
N GLN D 579 -28.53 29.10 46.38
CA GLN D 579 -29.75 28.68 47.09
C GLN D 579 -31.03 28.83 46.24
N TRP D 580 -31.17 29.97 45.58
CA TRP D 580 -32.35 30.24 44.76
C TRP D 580 -32.49 29.25 43.60
N LEU D 581 -31.41 28.99 42.88
CA LEU D 581 -31.43 28.05 41.77
C LEU D 581 -31.83 26.64 42.23
N GLN D 582 -31.27 26.21 43.35
CA GLN D 582 -31.59 24.91 43.93
C GLN D 582 -33.09 24.84 44.24
N GLU D 583 -33.66 25.89 44.83
CA GLU D 583 -35.10 25.93 45.12
C GLU D 583 -35.94 25.91 43.86
N GLN D 584 -35.57 26.74 42.89
CA GLN D 584 -36.31 26.79 41.62
C GLN D 584 -36.31 25.47 40.87
N ASN D 585 -35.14 24.84 40.77
CA ASN D 585 -35.07 23.56 40.10
C ASN D 585 -35.90 22.49 40.80
N GLN D 586 -35.93 22.50 42.15
CA GLN D 586 -36.76 21.55 42.91
C GLN D 586 -38.24 21.79 42.63
N GLN D 587 -38.68 23.04 42.74
CA GLN D 587 -40.05 23.42 42.45
C GLN D 587 -40.49 23.11 41.02
N ASN D 588 -39.56 23.24 40.07
CA ASN D 588 -39.87 22.96 38.66
C ASN D 588 -39.76 21.46 38.30
N GLY D 589 -39.39 20.61 39.25
CA GLY D 589 -39.24 19.17 39.00
C GLY D 589 -38.10 18.77 38.07
N GLU D 590 -36.95 19.45 38.15
CA GLU D 590 -35.86 19.19 37.21
C GLU D 590 -35.13 17.97 37.65
N VAL D 591 -34.53 17.27 36.70
CA VAL D 591 -33.48 16.32 37.03
C VAL D 591 -32.14 17.07 36.85
N LEU D 592 -31.30 16.96 37.86
CA LEU D 592 -29.97 17.50 37.82
C LEU D 592 -29.11 16.51 37.05
N GLY D 593 -28.32 17.01 36.09
CA GLY D 593 -27.49 16.18 35.27
C GLY D 593 -28.19 15.86 33.96
N TRP D 594 -27.61 14.89 33.25
CA TRP D 594 -28.02 14.53 31.90
C TRP D 594 -27.95 13.00 31.78
N PRO D 595 -28.86 12.30 32.47
CA PRO D 595 -28.86 10.83 32.42
C PRO D 595 -29.04 10.23 31.01
N GLU D 596 -29.70 10.96 30.11
CA GLU D 596 -29.80 10.52 28.71
C GLU D 596 -28.54 10.99 27.98
N TYR D 597 -27.42 10.42 28.40
CA TYR D 597 -26.11 10.84 27.95
C TYR D 597 -25.83 10.58 26.45
N GLN D 598 -26.63 9.75 25.80
CA GLN D 598 -26.49 9.45 24.36
C GLN D 598 -27.22 10.43 23.49
N TRP D 599 -28.12 11.23 24.06
CA TRP D 599 -28.99 12.03 23.25
C TRP D 599 -28.22 13.11 22.49
N HIS D 600 -28.52 13.19 21.20
CA HIS D 600 -28.11 14.28 20.33
C HIS D 600 -29.39 14.81 19.63
N PRO D 601 -29.44 16.13 19.35
CA PRO D 601 -30.60 16.69 18.68
C PRO D 601 -30.69 16.24 17.22
N PRO D 602 -31.89 16.27 16.62
CA PRO D 602 -31.97 16.01 15.20
C PRO D 602 -31.50 17.24 14.41
N LEU D 603 -31.29 17.04 13.11
CA LEU D 603 -31.02 18.13 12.18
C LEU D 603 -32.28 18.96 11.87
N PRO D 604 -32.13 20.28 11.69
CA PRO D 604 -33.25 21.05 11.14
C PRO D 604 -33.68 20.52 9.75
N ASP D 605 -34.96 20.75 9.39
CA ASP D 605 -35.44 20.45 8.04
C ASP D 605 -34.63 21.23 7.01
N ASN D 606 -34.22 20.55 5.95
CA ASN D 606 -33.52 21.18 4.81
C ASN D 606 -32.13 21.72 5.12
N TYR D 607 -31.53 21.29 6.24
CA TYR D 607 -30.25 21.84 6.66
C TYR D 607 -29.17 21.31 5.68
N PRO D 608 -28.26 22.14 5.15
CA PRO D 608 -28.14 23.60 5.42
C PRO D 608 -28.88 24.56 4.48
N GLU D 609 -29.62 24.07 3.50
CA GLU D 609 -30.10 24.96 2.43
C GLU D 609 -31.36 25.81 2.73
N GLY D 610 -32.00 25.65 3.90
CA GLY D 610 -33.16 26.48 4.26
C GLY D 610 -32.84 27.72 5.12
N ILE D 611 -31.61 28.21 5.04
CA ILE D 611 -31.15 29.37 5.80
C ILE D 611 -30.85 30.47 4.80
N ASP D 612 -31.19 31.72 5.12
CA ASP D 612 -30.84 32.85 4.24
C ASP D 612 -29.38 33.30 4.34
C1 NAG E . -11.46 39.68 -35.87
C2 NAG E . -12.47 40.70 -35.36
C3 NAG E . -13.89 40.08 -35.32
C4 NAG E . -14.20 39.32 -36.60
C5 NAG E . -13.13 38.26 -36.80
C6 NAG E . -13.39 37.32 -37.96
C7 NAG E . -11.66 42.35 -33.72
C8 NAG E . -11.27 42.68 -32.31
N2 NAG E . -12.09 41.12 -34.01
O3 NAG E . -14.82 41.14 -35.12
O4 NAG E . -15.50 38.72 -36.59
O5 NAG E . -11.91 38.96 -37.04
O6 NAG E . -13.80 38.13 -39.07
O7 NAG E . -11.55 43.20 -34.57
C1 FUL E . -12.96 37.99 -40.23
C2 FUL E . -13.53 39.03 -41.17
O2 FUL E . -13.38 40.32 -40.58
C3 FUL E . -12.86 38.93 -42.54
O3 FUL E . -13.44 39.90 -43.42
C4 FUL E . -13.02 37.52 -43.12
O4 FUL E . -14.37 37.26 -43.51
C5 FUL E . -12.55 36.43 -42.14
C6 FUL E . -13.06 35.04 -42.55
O5 FUL E . -12.99 36.67 -40.78
C1 NAG F . -10.48 8.39 -15.58
C2 NAG F . -10.64 6.92 -15.18
C3 NAG F . -11.77 6.72 -14.17
C4 NAG F . -11.64 7.68 -12.97
C5 NAG F . -11.50 9.12 -13.53
C6 NAG F . -11.31 10.23 -12.47
C7 NAG F . -10.09 5.22 -16.84
C8 NAG F . -10.61 4.51 -18.05
N2 NAG F . -10.92 6.11 -16.33
O3 NAG F . -11.69 5.37 -13.74
O4 NAG F . -12.78 7.54 -12.09
O5 NAG F . -10.34 9.17 -14.38
O6 NAG F . -11.59 11.51 -13.04
O7 NAG F . -9.00 5.01 -16.38
C1 NAG F . -12.51 6.80 -10.86
C2 NAG F . -13.64 7.14 -9.87
C3 NAG F . -13.78 6.14 -8.70
C4 NAG F . -13.71 4.70 -9.16
C5 NAG F . -12.44 4.51 -9.97
C6 NAG F . -12.36 3.09 -10.52
C7 NAG F . -14.09 9.58 -9.74
C8 NAG F . -13.76 10.83 -8.97
N2 NAG F . -13.47 8.47 -9.29
O3 NAG F . -15.03 6.35 -8.05
O4 NAG F . -13.78 3.82 -8.02
O5 NAG F . -12.40 5.39 -11.10
O6 NAG F . -13.42 2.91 -11.47
O7 NAG F . -14.85 9.59 -10.71
C1 NAG G . 23.87 3.55 -56.16
C2 NAG G . 24.64 2.68 -55.16
C3 NAG G . 25.82 3.48 -54.59
C4 NAG G . 26.69 4.05 -55.72
C5 NAG G . 25.84 4.81 -56.75
C6 NAG G . 26.66 5.25 -57.98
C7 NAG G . 23.74 1.04 -53.52
C8 NAG G . 22.65 0.81 -52.50
N2 NAG G . 23.70 2.24 -54.14
O3 NAG G . 26.62 2.66 -53.73
O4 NAG G . 27.65 4.95 -55.16
O5 NAG G . 24.75 4.00 -57.20
O6 NAG G . 25.87 6.07 -58.85
O7 NAG G . 24.61 0.22 -53.71
C1 NAG G . 29.01 4.46 -55.08
C2 NAG G . 29.95 5.64 -54.84
C3 NAG G . 31.41 5.17 -54.75
C4 NAG G . 31.59 3.95 -53.84
C5 NAG G . 30.49 2.89 -54.07
C6 NAG G . 30.55 1.75 -53.07
C7 NAG G . 28.93 7.69 -55.81
C8 NAG G . 28.90 8.62 -56.99
N2 NAG G . 29.79 6.65 -55.88
O3 NAG G . 32.20 6.22 -54.21
O4 NAG G . 32.85 3.34 -54.14
O5 NAG G . 29.19 3.49 -54.04
O6 NAG G . 30.44 2.22 -51.73
O7 NAG G . 28.20 7.89 -54.87
C1 MAN G . 34.04 3.74 -53.38
C2 MAN G . 34.50 2.53 -52.54
C3 MAN G . 35.44 2.93 -51.40
C4 MAN G . 36.13 4.28 -51.68
C5 MAN G . 35.14 5.40 -52.00
C6 MAN G . 35.75 6.45 -52.93
O2 MAN G . 35.17 1.56 -53.37
O3 MAN G . 36.42 1.90 -51.20
O4 MAN G . 36.94 4.66 -50.57
O5 MAN G . 33.91 4.93 -52.58
O6 MAN G . 35.50 7.76 -52.42
C1 NAG H . -34.21 5.54 29.57
C2 NAG H . -35.15 6.65 30.04
C3 NAG H . -36.59 6.19 30.23
C4 NAG H . -37.10 5.32 29.10
C5 NAG H . -36.06 4.22 28.81
C6 NAG H . -36.56 3.33 27.68
C7 NAG H . -34.51 8.33 31.60
C8 NAG H . -34.11 8.81 32.96
N2 NAG H . -34.75 7.07 31.38
O3 NAG H . -37.40 7.36 30.35
O4 NAG H . -38.40 4.79 29.45
O5 NAG H . -34.77 4.80 28.50
O6 NAG H . -35.79 3.52 26.51
O7 NAG H . -34.61 9.05 30.65
C1 FUC H . -36.06 4.77 25.83
C2 FUC H . -34.99 4.95 24.79
C3 FUC H . -35.29 3.98 23.66
C4 FUC H . -36.61 4.40 23.02
C5 FUC H . -37.71 4.19 24.07
C6 FUC H . -39.07 4.67 23.54
O2 FUC H . -33.74 4.73 25.43
O3 FUC H . -34.28 3.95 22.66
O4 FUC H . -36.54 5.77 22.59
O5 FUC H . -37.40 4.87 25.30
C1 NAG I . -34.86 -25.84 48.77
C2 NAG I . -34.87 -27.29 49.20
C3 NAG I . -36.04 -27.58 50.14
C4 NAG I . -36.16 -26.54 51.28
C5 NAG I . -35.92 -25.10 50.81
C6 NAG I . -35.68 -24.12 51.97
C7 NAG I . -33.94 -29.04 47.73
C8 NAG I . -34.17 -29.87 46.49
N2 NAG I . -34.91 -28.18 48.02
O3 NAG I . -35.81 -28.89 50.66
O4 NAG I . -37.47 -26.54 51.88
O5 NAG I . -34.80 -25.03 49.95
O6 NAG I . -36.10 -22.79 51.60
O7 NAG I . -32.92 -29.16 48.38
C1 NAG I . -37.55 -27.33 53.09
C2 NAG I . -38.76 -26.86 53.93
C3 NAG I . -38.96 -27.78 55.15
C4 NAG I . -38.72 -29.28 54.91
C5 NAG I . -37.54 -29.56 53.97
C6 NAG I . -37.44 -31.04 53.56
C7 NAG I . -39.33 -24.43 53.97
C8 NAG I . -38.99 -23.12 54.62
N2 NAG I . -38.61 -25.49 54.40
O3 NAG I . -40.28 -27.59 55.66
O4 NAG I . -38.50 -29.90 56.18
O5 NAG I . -37.62 -28.73 52.80
O6 NAG I . -38.23 -31.32 52.39
O7 NAG I . -40.17 -24.48 53.10
C1 NAG J . 3.48 -29.83 11.63
C2 NAG J . 4.10 -30.71 12.70
C3 NAG J . 5.16 -29.87 13.39
C4 NAG J . 6.17 -29.28 12.41
C5 NAG J . 5.42 -28.51 11.30
C6 NAG J . 6.26 -27.92 10.17
C7 NAG J . 2.39 -32.28 13.62
C8 NAG J . 1.42 -32.51 14.73
N2 NAG J . 3.12 -31.14 13.67
O3 NAG J . 5.79 -30.64 14.40
O4 NAG J . 7.00 -28.38 13.18
O5 NAG J . 4.45 -29.36 10.70
O6 NAG J . 5.46 -26.94 9.46
O7 NAG J . 2.49 -33.09 12.71
C1 NAG J . 8.39 -28.75 13.29
C2 NAG J . 9.19 -27.50 13.66
C3 NAG J . 10.66 -27.83 13.94
C4 NAG J . 10.85 -29.03 14.87
C5 NAG J . 9.97 -30.19 14.36
C6 NAG J . 9.99 -31.43 15.26
C7 NAG J . 8.40 -25.40 12.59
C8 NAG J . 8.38 -24.61 11.31
N2 NAG J . 9.05 -26.57 12.55
O3 NAG J . 11.25 -26.64 14.47
O4 NAG J . 12.20 -29.55 14.91
O5 NAG J . 8.59 -29.79 14.24
O6 NAG J . 9.48 -31.09 16.56
O7 NAG J . 7.86 -24.95 13.59
C1 MAN J . 13.20 -28.89 15.73
C2 MAN J . 13.51 -29.77 16.95
C3 MAN J . 14.38 -29.10 18.03
C4 MAN J . 14.32 -27.56 18.11
C5 MAN J . 13.90 -26.81 16.85
C6 MAN J . 15.11 -26.44 15.96
O2 MAN J . 14.10 -31.00 16.49
O3 MAN J . 15.75 -29.53 17.91
O4 MAN J . 13.39 -27.14 19.11
O5 MAN J . 12.89 -27.55 16.15
O6 MAN J . 14.69 -25.63 14.84
C1 NAG K . 1.64 -56.41 -53.35
C2 NAG K . 1.75 -57.58 -54.34
C3 NAG K . 1.54 -57.18 -55.82
C4 NAG K . 0.55 -56.06 -56.08
C5 NAG K . 0.71 -54.95 -55.03
C6 NAG K . -0.29 -53.81 -55.25
C7 NAG K . 3.49 -59.31 -54.03
C8 NAG K . 4.97 -59.56 -53.94
N2 NAG K . 3.13 -58.05 -54.22
O3 NAG K . 1.10 -58.27 -56.63
O4 NAG K . 0.77 -55.58 -57.43
O5 NAG K . 0.60 -55.49 -53.70
O6 NAG K . -1.31 -53.79 -54.24
O7 NAG K . 2.70 -60.20 -53.92
C1 FUC K . -2.47 -54.51 -54.72
C2 FUC K . -3.18 -55.22 -53.54
C3 FUC K . -4.54 -54.66 -53.11
C4 FUC K . -5.28 -54.08 -54.31
C5 FUC K . -4.39 -53.01 -54.99
C6 FUC K . -5.14 -52.19 -56.04
O2 FUC K . -2.29 -55.24 -52.42
O3 FUC K . -5.37 -55.67 -52.52
O4 FUC K . -5.58 -55.17 -55.20
O5 FUC K . -3.25 -53.65 -55.58
C1 NAG L . 21.00 -24.88 -56.81
C2 NAG L . 21.43 -23.42 -56.90
C3 NAG L . 22.07 -23.17 -58.27
C4 NAG L . 23.25 -24.11 -58.47
C5 NAG L . 22.80 -25.56 -58.26
C6 NAG L . 23.89 -26.62 -58.28
C7 NAG L . 20.23 -21.71 -55.64
C8 NAG L . 19.02 -20.83 -55.57
N2 NAG L . 20.31 -22.52 -56.69
O3 NAG L . 22.43 -21.79 -58.29
O4 NAG L . 23.80 -23.96 -59.79
O5 NAG L . 22.19 -25.63 -56.97
O6 NAG L . 23.33 -27.94 -58.52
O7 NAG L . 21.07 -21.67 -54.78
C1 NAG L . 24.87 -23.00 -59.87
C2 NAG L . 25.71 -23.32 -61.11
C3 NAG L . 26.74 -22.22 -61.40
C4 NAG L . 26.11 -20.82 -61.36
C5 NAG L . 25.42 -20.67 -59.99
C6 NAG L . 24.85 -19.27 -59.76
C7 NAG L . 26.05 -25.77 -61.52
C8 NAG L . 26.89 -26.95 -61.09
N2 NAG L . 26.36 -24.62 -60.88
O3 NAG L . 27.30 -22.39 -62.70
O4 NAG L . 27.09 -19.80 -61.60
O5 NAG L . 24.39 -21.66 -59.90
O6 NAG L . 23.93 -18.92 -60.80
O7 NAG L . 25.18 -25.91 -62.38
C1 NAG M . -9.47 -21.00 -13.06
C2 NAG M . -8.18 -20.28 -12.67
C3 NAG M . -7.36 -21.18 -11.76
C4 NAG M . -8.13 -21.68 -10.58
C5 NAG M . -9.44 -22.28 -11.05
C6 NAG M . -10.33 -22.67 -9.87
C7 NAG M . -7.43 -18.81 -14.50
C8 NAG M . -6.60 -18.74 -15.75
N2 NAG M . -7.43 -19.98 -13.87
O3 NAG M . -6.24 -20.47 -11.26
O4 NAG M . -7.43 -22.77 -9.98
O5 NAG M . -10.16 -21.38 -11.88
O6 NAG M . -10.50 -21.54 -8.99
O7 NAG M . -8.05 -17.85 -14.11
C1 NAG M . -7.14 -22.60 -8.59
C2 NAG M . -6.65 -23.93 -8.00
C3 NAG M . -6.18 -23.74 -6.56
C4 NAG M . -5.25 -22.54 -6.47
C5 NAG M . -5.93 -21.29 -7.05
C6 NAG M . -5.13 -20.02 -6.92
C7 NAG M . -7.81 -26.03 -8.68
C8 NAG M . -9.11 -26.79 -8.54
N2 NAG M . -7.76 -24.86 -8.03
O3 NAG M . -5.53 -24.89 -6.03
O4 NAG M . -4.98 -22.27 -5.11
O5 NAG M . -6.20 -21.55 -8.42
O6 NAG M . -3.78 -20.25 -7.36
O7 NAG M . -6.90 -26.50 -9.34
C1 BMA M . -3.61 -22.50 -4.73
C2 BMA M . -3.38 -21.82 -3.37
C3 BMA M . -1.93 -22.05 -2.94
C4 BMA M . -1.70 -23.56 -2.91
C5 BMA M . -1.92 -24.14 -4.32
C6 BMA M . -1.55 -25.63 -4.45
O2 BMA M . -4.31 -22.41 -2.46
O3 BMA M . -1.61 -21.42 -1.68
O4 BMA M . -0.39 -23.88 -2.47
O5 BMA M . -3.28 -23.91 -4.69
O6 BMA M . -2.12 -26.39 -3.38
C1 FUC M . -11.06 -22.00 -7.73
C2 FUC M . -10.94 -20.89 -6.71
C3 FUC M . -11.76 -19.67 -7.21
C4 FUC M . -13.20 -20.14 -7.38
C5 FUC M . -13.29 -21.35 -8.30
C6 FUC M . -14.70 -21.91 -8.40
O2 FUC M . -9.55 -20.66 -6.49
O3 FUC M . -11.71 -18.54 -6.34
O4 FUC M . -13.73 -20.50 -6.09
O5 FUC M . -12.43 -22.40 -7.83
C1 NAG N . -16.75 11.72 9.38
C2 NAG N . -16.44 10.62 8.36
C3 NAG N . -16.62 11.03 6.88
C4 NAG N . -17.79 11.96 6.63
C5 NAG N . -17.86 13.04 7.71
C6 NAG N . -19.05 13.96 7.50
C7 NAG N . -14.69 8.99 8.54
C8 NAG N . -13.24 8.67 8.67
N2 NAG N . -15.05 10.25 8.49
O3 NAG N . -16.82 9.87 6.05
O4 NAG N . -17.62 12.53 5.33
O5 NAG N . -17.93 12.44 9.02
O6 NAG N . -20.06 13.69 8.48
O7 NAG N . -15.52 8.12 8.48
C1 FUC N . -21.06 12.81 7.93
C2 FUC N . -21.76 12.08 9.08
C3 FUC N . -23.04 12.74 9.61
C4 FUC N . -23.85 13.36 8.49
C5 FUC N . -22.94 14.32 7.70
C6 FUC N . -23.71 15.21 6.72
O2 FUC N . -20.79 11.96 10.11
O3 FUC N . -23.92 11.79 10.24
O4 FUC N . -24.33 12.28 7.69
O5 FUC N . -21.95 13.50 7.04
C1 NAG O . 2.48 42.89 6.20
C2 NAG O . 2.89 44.35 6.05
C3 NAG O . 3.45 44.55 4.65
C4 NAG O . 4.60 43.57 4.39
C5 NAG O . 4.15 42.11 4.64
C6 NAG O . 5.29 41.09 4.62
C7 NAG O . 1.59 46.02 7.35
C8 NAG O . 0.34 46.86 7.35
N2 NAG O . 1.76 45.26 6.26
O3 NAG O . 3.89 45.90 4.58
O4 NAG O . 5.11 43.75 3.05
O5 NAG O . 3.59 42.01 5.94
O6 NAG O . 4.74 39.78 4.41
O7 NAG O . 2.37 46.04 8.28
C1 NAG O . 6.33 44.51 3.05
C2 NAG O . 6.99 44.43 1.68
C3 NAG O . 8.06 45.52 1.45
C4 NAG O . 7.75 46.86 2.13
C5 NAG O . 7.37 46.59 3.58
C6 NAG O . 7.23 47.84 4.45
C7 NAG O . 6.98 42.02 1.08
C8 NAG O . 7.78 40.75 1.13
N2 NAG O . 7.59 43.09 1.60
O3 NAG O . 8.17 45.80 0.04
O4 NAG O . 8.88 47.74 2.07
O5 NAG O . 6.13 45.86 3.49
O6 NAG O . 6.49 48.86 3.77
O7 NAG O . 5.86 42.02 0.58
C1 NAG P . -28.44 46.73 49.75
C2 NAG P . -27.17 47.50 50.11
C3 NAG P . -26.28 46.69 51.05
C4 NAG P . -27.08 46.19 52.22
C5 NAG P . -28.33 45.48 51.75
C6 NAG P . -29.17 45.00 52.95
C7 NAG P . -26.41 48.83 48.18
C8 NAG P . -25.52 48.81 46.97
N2 NAG P . -26.41 47.72 48.90
O3 NAG P . -25.20 47.49 51.56
O4 NAG P . -26.25 45.28 52.97
O5 NAG P . -29.09 46.37 50.94
O6 NAG P . -29.45 46.12 53.79
O7 NAG P . -27.11 49.77 48.49
C1 NAG P . -25.98 45.77 54.30
C2 NAG P . -25.43 44.62 55.12
C3 NAG P . -25.00 45.06 56.51
C4 NAG P . -24.17 46.36 56.47
C5 NAG P . -24.85 47.42 55.60
C6 NAG P . -24.08 48.74 55.47
C7 NAG P . -26.51 42.51 54.48
C8 NAG P . -27.73 41.63 54.64
N2 NAG P . -26.51 43.64 55.17
O3 NAG P . -24.24 44.02 57.12
O4 NAG P . -24.08 46.88 57.82
O5 NAG P . -25.06 46.86 54.29
O6 NAG P . -22.90 48.57 54.68
O7 NAG P . -25.58 42.17 53.75
C1 BMA P . -22.77 46.88 58.41
C2 BMA P . -22.66 48.11 59.33
C3 BMA P . -21.40 48.08 60.20
C4 BMA P . -21.14 46.69 60.80
C5 BMA P . -21.20 45.61 59.72
C6 BMA P . -20.92 44.22 60.28
O2 BMA P . -23.84 48.23 60.14
O3 BMA P . -21.47 49.05 61.25
O4 BMA P . -19.87 46.68 61.46
O5 BMA P . -22.49 45.65 59.12
O6 BMA P . -21.11 43.25 59.25
C1 FUC P . -30.08 45.74 55.03
C2 FUC P . -30.09 46.98 55.91
C3 FUC P . -30.89 48.08 55.20
C4 FUC P . -32.29 47.58 54.91
C5 FUC P . -32.27 46.24 54.17
C6 FUC P . -33.66 45.65 54.04
O2 FUC P . -28.74 47.39 56.15
O3 FUC P . -30.98 49.26 56.01
O4 FUC P . -32.94 47.41 56.17
O5 FUC P . -31.43 45.29 54.86
N GLN Q . 6.75 14.61 -29.94
CA GLN Q . 6.96 14.90 -31.39
C GLN Q . 6.98 16.43 -31.65
O GLN Q . 6.42 17.22 -30.86
CB GLN Q . 5.88 14.21 -32.24
CG GLN Q . 4.46 14.73 -31.96
CD GLN Q . 3.36 14.10 -32.81
OE1 GLN Q . 2.28 13.81 -32.31
NE2 GLN Q . 3.61 13.91 -34.09
N LYS R . 7.64 16.82 -32.74
CA LYS R . 7.64 18.19 -33.28
C LYS R . 6.21 18.66 -33.63
O LYS R . 5.91 19.86 -33.69
CB LYS R . 8.52 18.26 -34.55
CG LYS R . 7.95 17.40 -35.67
CD LYS R . 8.58 17.59 -37.03
CE LYS R . 7.69 16.92 -38.09
NZ LYS R . 6.64 17.76 -38.78
OXT LYS R . 5.32 17.83 -33.88
ZN ZN S . 10.65 14.67 -29.12
CL CL T . 15.04 23.54 -25.89
NA NA U . 2.90 14.74 -41.58
C1 PEG V . 22.31 33.75 -14.00
O1 PEG V . 22.26 33.96 -15.41
C2 PEG V . 21.66 32.41 -13.70
O2 PEG V . 22.07 31.97 -12.41
C3 PEG V . 22.35 30.56 -12.33
C4 PEG V . 23.77 30.23 -12.80
O4 PEG V . 24.71 30.66 -11.81
C1 PEG W . 11.17 -6.81 -37.02
O1 PEG W . 10.39 -7.29 -35.92
C2 PEG W . 10.35 -7.04 -38.27
O2 PEG W . 11.15 -6.80 -39.43
C3 PEG W . 10.40 -6.37 -40.58
C4 PEG W . 9.47 -7.46 -41.11
O4 PEG W . 8.11 -7.06 -40.85
O1 P6G X . 6.22 -10.05 -30.75
C2 P6G X . 5.57 -9.65 -29.55
C3 P6G X . 4.30 -10.45 -29.35
O4 P6G X . 3.19 -9.72 -29.88
C5 P6G X . 2.08 -10.49 -30.38
C6 P6G X . 1.20 -9.62 -31.28
O7 P6G X . 1.15 -10.19 -32.59
C8 P6G X . 2.05 -9.57 -33.53
C9 P6G X . 2.35 -10.51 -34.70
O10 P6G X . 1.87 -9.92 -35.89
C11 P6G X . 0.90 -10.68 -36.59
C12 P6G X . 0.41 -10.02 -37.88
O13 P6G X . 1.14 -8.85 -38.23
C14 P6G X . 0.81 -8.43 -39.56
C15 P6G X . 1.50 -7.10 -39.89
O16 P6G X . 2.85 -7.30 -40.33
C17 P6G X . 3.66 -6.13 -40.33
C18 P6G X . 4.74 -6.19 -39.26
O19 P6G X . 5.99 -6.55 -39.84
C1 PEG Y . 10.70 15.62 -23.77
O1 PEG Y . 9.87 14.57 -23.25
C2 PEG Y . 12.14 15.18 -23.95
O2 PEG Y . 12.70 14.56 -22.79
C3 PEG Y . 12.78 15.41 -21.64
C4 PEG Y . 13.95 15.01 -20.76
O4 PEG Y . 13.97 15.89 -19.62
N GLU Z . -16.06 -19.42 36.37
CA GLU Z . -15.78 -19.12 34.94
C GLU Z . -15.74 -17.60 34.65
O GLU Z . -16.37 -16.82 35.37
CB GLU Z . -16.83 -19.78 34.03
CG GLU Z . -18.25 -19.24 34.20
CD GLU Z . -19.28 -19.87 33.22
OE1 GLU Z . -18.98 -19.95 32.01
OE2 GLU Z . -20.39 -20.24 33.68
N VAL AA . -15.06 -17.23 33.56
CA VAL AA . -15.00 -15.84 33.06
C VAL AA . -16.40 -15.37 32.69
O VAL AA . -16.69 -14.19 32.58
CB VAL AA . -14.10 -15.68 31.81
CG1 VAL AA . -12.66 -16.08 32.12
CG2 VAL AA . -14.60 -16.51 30.63
OXT VAL AA . -17.25 -16.21 32.47
ZN ZN BA . -12.34 -19.34 37.57
CL CL CA . -8.37 -10.36 41.27
CA CA DA . -18.83 -19.16 24.45
C1 PEG EA . -10.20 10.04 29.22
O1 PEG EA . -9.94 11.42 29.52
C2 PEG EA . -11.60 9.59 29.64
O2 PEG EA . -11.54 8.45 30.53
C3 PEG EA . -12.80 8.06 31.08
C4 PEG EA . -12.63 6.76 31.87
O4 PEG EA . -13.82 6.36 32.54
C1 PEG FA . -20.01 -43.64 36.57
O1 PEG FA . -20.93 -44.13 35.58
C2 PEG FA . -18.89 -44.63 36.87
O2 PEG FA . -17.61 -43.96 37.01
C3 PEG FA . -16.64 -44.13 35.95
C4 PEG FA . -16.99 -43.36 34.68
O4 PEG FA . -15.84 -43.19 33.81
O1 P6G GA . -21.76 -43.91 30.45
C2 P6G GA . -21.91 -44.47 29.14
C3 P6G GA . -22.83 -43.65 28.23
O4 P6G GA . -22.23 -43.49 26.93
C5 P6G GA . -22.25 -42.18 26.35
C6 P6G GA . -21.29 -42.11 25.17
O7 P6G GA . -20.69 -40.83 25.05
C8 P6G GA . -19.45 -40.62 25.72
C9 P6G GA . -18.23 -40.83 24.83
O10 P6G GA . -17.05 -41.23 25.58
C11 P6G GA . -16.67 -40.44 26.73
C12 P6G GA . -15.50 -41.08 27.49
O13 P6G GA . -15.92 -41.66 28.74
C14 P6G GA . -15.09 -41.39 29.90
C15 P6G GA . -13.74 -42.09 29.81
O16 P6G GA . -12.78 -41.64 30.82
C17 P6G GA . -11.88 -40.62 30.37
C18 P6G GA . -10.79 -41.11 29.44
O19 P6G GA . -10.86 -40.46 28.16
O1 P6G HA . -17.59 -17.93 51.43
C2 P6G HA . -18.79 -17.96 50.65
C3 P6G HA . -18.72 -19.07 49.63
O4 P6G HA . -18.90 -18.62 48.28
C5 P6G HA . -18.60 -19.65 47.34
C6 P6G HA . -17.23 -19.44 46.71
O7 P6G HA . -17.33 -19.66 45.31
C8 P6G HA . -16.16 -19.28 44.61
C9 P6G HA . -16.54 -18.93 43.18
O10 P6G HA . -16.13 -17.60 42.86
C11 P6G HA . -14.96 -17.51 42.04
C12 P6G HA . -13.71 -17.63 42.90
O13 P6G HA . -13.04 -18.89 42.71
C14 P6G HA . -11.62 -18.79 42.78
C15 P6G HA . -11.14 -19.70 43.90
O16 P6G HA . -10.16 -19.02 44.69
C17 P6G HA . -10.66 -18.28 45.79
C18 P6G HA . -9.57 -18.17 46.84
O19 P6G HA . -10.07 -17.37 47.91
C1 PEG IA . -1.37 -4.03 55.63
O1 PEG IA . -0.31 -3.20 56.17
C2 PEG IA . -2.63 -3.18 55.47
O2 PEG IA . -2.39 -2.19 54.48
C3 PEG IA . -3.16 -0.99 54.60
C4 PEG IA . -2.45 0.12 53.84
O4 PEG IA . -2.56 -0.13 52.44
N GLU JA . 11.73 -31.36 -36.42
CA GLU JA . 10.36 -31.62 -35.88
C GLU JA . 10.08 -33.11 -35.80
O GLU JA . 10.67 -33.89 -36.54
CB GLU JA . 9.29 -30.92 -36.73
CG GLU JA . 9.16 -31.47 -38.16
CD GLU JA . 8.07 -30.77 -39.00
OE1 GLU JA . 6.94 -30.56 -38.45
OE2 GLU JA . 8.35 -30.43 -40.19
N VAL KA . 9.14 -33.48 -34.93
CA VAL KA . 8.66 -34.87 -34.82
C VAL KA . 8.10 -35.32 -36.16
O VAL KA . 7.97 -36.51 -36.40
CB VAL KA . 7.56 -35.08 -33.71
CG1 VAL KA . 8.11 -34.85 -32.31
CG2 VAL KA . 6.31 -34.20 -33.94
OXT VAL KA . 7.75 -34.48 -37.01
ZN ZN LA . 13.56 -31.45 -32.88
CL CL MA . 17.81 -40.39 -29.59
CA CA NA . -0.37 -31.44 -37.10
C1 PEG OA . 33.70 -47.90 -25.02
O1 PEG OA . 33.79 -46.93 -23.98
C2 PEG OA . 32.48 -47.64 -25.91
O2 PEG OA . 31.96 -48.89 -26.39
C3 PEG OA . 30.80 -49.32 -25.71
C4 PEG OA . 30.39 -50.70 -26.19
O4 PEG OA . 30.28 -51.58 -25.07
C1 PEG PA . 7.61 -57.47 -33.20
O1 PEG PA . 8.84 -56.82 -33.49
C2 PEG PA . 7.75 -58.65 -32.23
O2 PEG PA . 6.62 -59.52 -32.39
C3 PEG PA . 5.94 -59.99 -31.21
C4 PEG PA . 6.42 -61.37 -30.75
O4 PEG PA . 5.64 -61.92 -29.68
C1 PEG QA . 21.05 -30.61 -38.85
O1 PEG QA . 19.87 -31.28 -38.41
C2 PEG QA . 21.61 -31.35 -40.06
O2 PEG QA . 23.03 -31.30 -40.02
C3 PEG QA . 23.71 -32.02 -41.06
C4 PEG QA . 25.02 -32.62 -40.53
O4 PEG QA . 26.16 -32.23 -41.32
C1 PEG RA . 22.78 -33.15 -32.50
O1 PEG RA . 24.17 -33.25 -32.10
C2 PEG RA . 22.07 -32.06 -31.71
O2 PEG RA . 21.08 -31.42 -32.53
C3 PEG RA . 19.68 -31.61 -32.27
C4 PEG RA . 19.03 -32.49 -33.33
O4 PEG RA . 18.57 -31.71 -34.44
N GLN SA . -7.11 36.37 26.47
CA GLN SA . -8.49 36.08 27.01
C GLN SA . -8.69 34.54 27.05
O GLN SA . -8.04 33.80 26.28
CB GLN SA . -9.57 36.78 26.16
CG GLN SA . -9.48 36.40 24.65
CD GLN SA . -10.59 36.91 23.71
OE1 GLN SA . -10.33 37.12 22.49
NE2 GLN SA . -11.82 37.03 24.23
N LYS TA . -9.59 34.11 27.96
CA LYS TA . -10.11 32.71 28.04
C LYS TA . -10.67 32.27 26.71
O LYS TA . -10.72 31.05 26.43
CB LYS TA . -11.17 32.58 29.18
CG LYS TA . -12.46 33.41 28.99
CD LYS TA . -13.51 33.23 30.10
CE LYS TA . -14.55 34.39 30.11
NZ LYS TA . -15.78 34.31 31.03
OXT LYS TA . -11.08 33.11 25.89
ZN ZN UA . -5.30 36.27 29.98
CL CL VA . -1.00 27.31 33.26
NA NA WA . -19.17 36.15 25.35
C1 PEG XA . 14.20 18.58 37.09
O1 PEG XA . 14.51 19.81 37.75
C2 PEG XA . 12.89 18.76 36.33
O2 PEG XA . 12.14 17.54 36.38
C3 PEG XA . 11.21 17.50 37.47
C4 PEG XA . 10.48 16.17 37.43
O4 PEG XA . 11.25 15.20 38.16
O1 P6G YA . -42.21 30.37 27.52
C2 P6G YA . -41.36 31.41 27.04
C3 P6G YA . -41.89 32.75 27.49
O4 P6G YA . -40.85 33.56 28.06
C5 P6G YA . -41.25 34.77 28.75
C6 P6G YA . -41.48 34.64 30.26
O7 P6G YA . -40.25 34.60 31.05
C8 P6G YA . -40.39 34.14 32.42
C9 P6G YA . -39.41 34.75 33.42
O10 P6G YA . -38.03 34.31 33.45
C11 P6G YA . -37.76 32.97 33.07
C12 P6G YA . -36.30 32.61 33.32
O13 P6G YA . -35.94 31.25 32.96
C14 P6G YA . -36.54 30.30 33.84
C15 P6G YA . -36.29 28.82 33.57
O16 P6G YA . -37.27 28.04 34.34
C17 P6G YA . -38.60 28.06 33.77
C18 P6G YA . -39.74 27.37 34.46
O19 P6G YA . -40.94 27.84 33.77
C1 PEG ZA . -43.34 32.75 36.22
O1 PEG ZA . -42.34 33.74 36.52
C2 PEG ZA . -43.72 32.88 34.74
O2 PEG ZA . -44.27 31.68 34.19
C3 PEG ZA . -43.32 30.68 33.78
C4 PEG ZA . -43.92 29.68 32.81
O4 PEG ZA . -42.93 28.70 32.49
C1 PEG AB . 0.70 36.24 23.99
O1 PEG AB . 0.04 35.78 25.18
C2 PEG AB . 1.94 37.02 24.41
O2 PEG AB . 2.95 36.93 23.41
C3 PEG AB . 3.71 35.71 23.45
C4 PEG AB . 4.05 35.30 22.02
O4 PEG AB . 5.47 35.43 21.84
C1 PEG BB . 2.97 36.14 31.19
O1 PEG BB . 4.09 35.30 30.91
C2 PEG BB . 2.00 36.07 30.03
O2 PEG BB . 0.65 36.29 30.46
C3 PEG BB . -0.30 35.39 29.86
C4 PEG BB . -0.37 35.52 28.35
O4 PEG BB . -0.23 36.88 27.92
#